data_2L22
#
_entry.id   2L22
#
_entity_poly.entity_id   1
_entity_poly.type   'polypeptide(L)'
_entity_poly.pdbx_seq_one_letter_code
;MGSSHHHHHHSSGLVPRGSHMVADDECAQFLRQSLAAMLYCEPGQIRDGSRFLELGLDSVIAAQWIREINKHYQLKIPAD
GIYTYPVFKAFTQWVGTQLQPTQATAAPVQREPVATAPQPGAQASAQRESIQDYLKQSLGELLFLDPGQLRSGAQFLDLG
MDSVTGTQWMRGVSRHFSIQLAADAIYTWPTLKSLADEVDRRVQLEHHHHHH
;
_entity_poly.pdbx_strand_id   A
#
# COMPACT_ATOMS: atom_id res chain seq x y z
N VAL A 22 5.30 1.89 33.22
CA VAL A 22 6.15 2.62 34.16
C VAL A 22 5.87 4.09 34.07
N ALA A 23 6.39 4.74 33.03
CA ALA A 23 6.25 6.17 32.79
C ALA A 23 7.07 6.56 31.58
N ASP A 24 7.13 7.84 31.28
CA ASP A 24 7.95 8.36 30.15
C ASP A 24 9.43 8.16 30.46
N ASP A 25 9.72 7.96 31.73
CA ASP A 25 11.06 7.76 32.24
C ASP A 25 11.61 6.38 31.87
N GLU A 26 10.73 5.47 31.36
CA GLU A 26 11.14 4.13 31.03
C GLU A 26 12.30 4.12 30.03
N CYS A 27 12.21 4.98 29.02
CA CYS A 27 13.23 5.13 28.01
C CYS A 27 14.59 5.46 28.65
N ALA A 28 14.57 6.36 29.62
CA ALA A 28 15.78 6.78 30.30
C ALA A 28 16.23 5.75 31.33
N GLN A 29 15.27 5.13 32.01
CA GLN A 29 15.54 4.10 33.01
C GLN A 29 16.24 2.92 32.38
N PHE A 30 15.79 2.54 31.19
CA PHE A 30 16.37 1.42 30.45
C PHE A 30 17.85 1.69 30.14
N LEU A 31 18.14 2.93 29.84
CA LEU A 31 19.50 3.36 29.55
C LEU A 31 20.30 3.47 30.85
N ARG A 32 19.64 3.93 31.89
CA ARG A 32 20.19 4.00 33.23
C ARG A 32 20.50 2.58 33.76
N GLN A 33 19.69 1.63 33.35
CA GLN A 33 19.85 0.23 33.73
C GLN A 33 21.18 -0.32 33.22
N SER A 34 21.49 -0.09 31.95
CA SER A 34 22.71 -0.59 31.37
C SER A 34 23.92 0.18 31.89
N LEU A 35 23.69 1.45 32.21
CA LEU A 35 24.72 2.31 32.72
C LEU A 35 25.13 1.79 34.10
N ALA A 36 24.14 1.59 34.95
CA ALA A 36 24.37 1.10 36.29
C ALA A 36 24.87 -0.34 36.29
N ALA A 37 24.53 -1.08 35.25
CA ALA A 37 24.99 -2.46 35.09
C ALA A 37 26.48 -2.50 34.82
N MET A 38 26.99 -1.48 34.16
CA MET A 38 28.44 -1.40 33.90
C MET A 38 29.18 -1.02 35.17
N LEU A 39 28.50 -0.30 36.03
CA LEU A 39 29.07 0.09 37.32
C LEU A 39 28.80 -0.96 38.39
N TYR A 40 27.98 -1.94 38.00
CA TYR A 40 27.52 -3.03 38.88
C TYR A 40 26.85 -2.47 40.10
N CYS A 41 25.98 -1.52 39.85
CA CYS A 41 25.25 -0.79 40.85
C CYS A 41 23.78 -0.94 40.56
N GLU A 42 22.98 -0.62 41.54
CA GLU A 42 21.55 -0.68 41.44
C GLU A 42 21.07 0.65 40.88
N PRO A 43 20.28 0.63 39.80
CA PRO A 43 19.81 1.85 39.13
C PRO A 43 18.79 2.66 39.91
N GLY A 44 18.31 2.11 41.02
CA GLY A 44 17.40 2.83 41.87
C GLY A 44 18.10 3.95 42.61
N GLN A 45 19.28 3.65 43.12
CA GLN A 45 20.08 4.65 43.85
C GLN A 45 20.86 5.47 42.82
N ILE A 46 20.22 6.47 42.27
CA ILE A 46 20.83 7.23 41.21
C ILE A 46 20.46 8.71 41.36
N ARG A 47 21.35 9.55 40.92
CA ARG A 47 21.12 10.95 40.82
C ARG A 47 20.86 11.22 39.34
N ASP A 48 19.68 11.74 39.00
CA ASP A 48 19.31 11.95 37.58
C ASP A 48 20.15 13.03 36.92
N GLY A 49 20.80 13.82 37.74
CA GLY A 49 21.64 14.89 37.26
C GLY A 49 23.10 14.53 37.23
N SER A 50 23.41 13.26 37.49
CA SER A 50 24.79 12.82 37.52
C SER A 50 25.39 12.90 36.11
N ARG A 51 26.57 13.44 36.05
CA ARG A 51 27.25 13.60 34.81
C ARG A 51 27.97 12.33 34.41
N PHE A 52 27.93 11.96 33.13
CA PHE A 52 28.52 10.67 32.64
C PHE A 52 29.93 10.42 33.19
N LEU A 53 30.73 11.48 33.18
CA LEU A 53 32.12 11.45 33.63
C LEU A 53 32.24 11.06 35.12
N GLU A 54 31.24 11.42 35.92
CA GLU A 54 31.21 11.09 37.35
C GLU A 54 30.91 9.62 37.51
N LEU A 55 29.99 9.16 36.69
CA LEU A 55 29.53 7.78 36.71
C LEU A 55 30.59 6.84 36.17
N GLY A 56 31.51 7.39 35.41
CA GLY A 56 32.61 6.61 34.92
C GLY A 56 32.32 5.96 33.62
N LEU A 57 31.47 6.58 32.83
CA LEU A 57 31.20 6.05 31.53
C LEU A 57 32.28 6.56 30.60
N ASP A 58 33.36 5.85 30.57
CA ASP A 58 34.52 6.21 29.77
C ASP A 58 34.22 6.06 28.32
N SER A 59 34.92 6.79 27.46
CA SER A 59 34.64 6.84 26.03
C SER A 59 34.49 5.43 25.40
N VAL A 60 35.36 4.50 25.81
CA VAL A 60 35.32 3.12 25.33
C VAL A 60 33.96 2.47 25.65
N ILE A 61 33.54 2.63 26.89
CA ILE A 61 32.30 2.04 27.37
C ILE A 61 31.12 2.82 26.78
N ALA A 62 31.30 4.13 26.66
CA ALA A 62 30.29 5.03 26.12
C ALA A 62 29.94 4.64 24.69
N ALA A 63 30.95 4.33 23.89
CA ALA A 63 30.77 3.89 22.51
C ALA A 63 29.94 2.61 22.47
N GLN A 64 30.28 1.66 23.32
CA GLN A 64 29.58 0.39 23.44
C GLN A 64 28.11 0.61 23.82
N TRP A 65 27.91 1.48 24.77
CA TRP A 65 26.60 1.89 25.24
C TRP A 65 25.80 2.50 24.09
N ILE A 66 26.42 3.42 23.37
CA ILE A 66 25.81 4.08 22.22
C ILE A 66 25.36 3.05 21.18
N ARG A 67 26.23 2.09 20.89
CA ARG A 67 25.91 1.06 19.90
C ARG A 67 24.70 0.22 20.34
N GLU A 68 24.55 0.06 21.65
CA GLU A 68 23.44 -0.71 22.19
C GLU A 68 22.14 0.07 22.03
N ILE A 69 22.22 1.38 22.23
CA ILE A 69 21.08 2.27 22.03
C ILE A 69 20.64 2.19 20.57
N ASN A 70 21.62 2.35 19.69
CA ASN A 70 21.42 2.29 18.24
C ASN A 70 20.76 0.99 17.80
N LYS A 71 21.11 -0.12 18.42
CA LYS A 71 20.57 -1.40 18.02
C LYS A 71 19.24 -1.74 18.69
N HIS A 72 19.06 -1.38 19.95
CA HIS A 72 17.82 -1.74 20.65
C HIS A 72 16.69 -0.73 20.49
N TYR A 73 17.02 0.51 20.20
CA TYR A 73 15.97 1.51 20.00
C TYR A 73 15.73 1.82 18.50
N GLN A 74 16.64 1.31 17.68
CA GLN A 74 16.63 1.43 16.21
C GLN A 74 16.77 2.89 15.74
N LEU A 75 17.95 3.43 15.92
CA LEU A 75 18.27 4.80 15.51
C LEU A 75 19.78 4.91 15.44
N LYS A 76 20.30 6.02 14.98
CA LYS A 76 21.74 6.20 14.95
C LYS A 76 22.17 7.48 15.72
N ILE A 77 22.75 7.32 16.93
CA ILE A 77 23.22 8.46 17.72
C ILE A 77 24.49 9.07 17.13
N PRO A 78 24.48 10.38 16.84
CA PRO A 78 25.70 11.10 16.53
C PRO A 78 26.50 11.15 17.83
N ALA A 79 27.73 10.71 17.77
CA ALA A 79 28.56 10.47 18.95
C ALA A 79 28.91 11.70 19.79
N ASP A 80 28.41 12.86 19.44
CA ASP A 80 28.65 14.04 20.23
C ASP A 80 27.49 14.32 21.17
N GLY A 81 26.57 13.35 21.28
CA GLY A 81 25.45 13.46 22.20
C GLY A 81 25.90 13.62 23.64
N ILE A 82 26.69 12.66 24.11
CA ILE A 82 27.25 12.66 25.47
C ILE A 82 28.17 13.88 25.69
N TYR A 83 28.77 14.33 24.62
CA TYR A 83 29.65 15.46 24.64
C TYR A 83 28.88 16.77 24.84
N THR A 84 27.71 16.84 24.24
CA THR A 84 26.87 18.00 24.35
C THR A 84 26.01 17.94 25.63
N TYR A 85 25.49 16.78 25.94
CA TYR A 85 24.66 16.58 27.12
C TYR A 85 25.41 15.72 28.10
N PRO A 86 25.98 16.31 29.14
CA PRO A 86 26.76 15.56 30.13
C PRO A 86 25.88 14.91 31.20
N VAL A 87 24.59 15.05 31.04
CA VAL A 87 23.60 14.54 32.00
C VAL A 87 22.67 13.61 31.25
N PHE A 88 22.60 12.34 31.69
CA PHE A 88 21.85 11.29 30.99
C PHE A 88 20.37 11.61 30.83
N LYS A 89 19.81 12.31 31.80
CA LYS A 89 18.43 12.72 31.73
C LYS A 89 18.21 13.68 30.53
N ALA A 90 19.11 14.65 30.38
CA ALA A 90 19.01 15.64 29.30
C ALA A 90 19.34 15.01 27.95
N PHE A 91 20.23 14.04 27.99
CA PHE A 91 20.70 13.31 26.81
C PHE A 91 19.56 12.65 26.02
N THR A 92 18.44 12.37 26.67
CA THR A 92 17.30 11.79 25.97
C THR A 92 16.78 12.70 24.83
N GLN A 93 17.05 14.00 24.94
CA GLN A 93 16.67 14.96 23.89
C GLN A 93 17.45 14.65 22.61
N TRP A 94 18.63 14.12 22.78
CA TRP A 94 19.50 13.76 21.69
C TRP A 94 19.19 12.38 21.20
N VAL A 95 18.62 11.57 22.06
CA VAL A 95 18.28 10.21 21.70
C VAL A 95 16.92 10.16 20.99
N GLY A 96 15.91 10.72 21.63
CA GLY A 96 14.54 10.67 21.14
C GLY A 96 14.33 11.39 19.82
N THR A 97 15.20 12.32 19.50
CA THR A 97 15.08 13.06 18.27
C THR A 97 15.52 12.20 17.06
N GLN A 98 16.26 11.13 17.33
CA GLN A 98 16.79 10.29 16.28
C GLN A 98 15.78 9.26 15.83
N LEU A 99 14.66 9.16 16.55
CA LEU A 99 13.62 8.21 16.18
C LEU A 99 13.06 8.57 14.82
N GLN A 100 13.20 7.65 13.88
CA GLN A 100 12.76 7.85 12.51
C GLN A 100 11.24 7.95 12.45
N PRO A 101 10.71 9.02 11.86
CA PRO A 101 9.27 9.17 11.66
C PRO A 101 8.78 8.39 10.41
N THR A 102 9.24 7.16 10.29
CA THR A 102 8.89 6.27 9.20
C THR A 102 9.01 4.82 9.73
N GLN A 103 8.45 4.59 10.90
CA GLN A 103 8.50 3.30 11.53
C GLN A 103 7.19 2.57 11.39
N ALA A 104 6.11 3.31 11.33
CA ALA A 104 4.80 2.71 11.23
C ALA A 104 4.37 2.62 9.78
N THR A 105 4.26 3.77 9.15
CA THR A 105 3.84 3.85 7.79
C THR A 105 5.07 3.81 6.87
N ALA A 106 5.46 2.61 6.47
CA ALA A 106 6.62 2.44 5.63
C ALA A 106 6.45 1.26 4.67
N ALA A 107 5.25 1.05 4.18
CA ALA A 107 4.98 -0.04 3.27
C ALA A 107 5.03 0.44 1.83
N PRO A 108 5.94 -0.12 1.01
CA PRO A 108 6.06 0.27 -0.39
C PRO A 108 4.93 -0.30 -1.25
N VAL A 109 4.40 -1.43 -0.83
CA VAL A 109 3.33 -2.12 -1.54
C VAL A 109 2.44 -2.79 -0.51
N GLN A 110 1.13 -2.73 -0.71
CA GLN A 110 0.21 -3.40 0.19
C GLN A 110 -0.45 -4.58 -0.49
N ARG A 111 -1.02 -4.35 -1.65
CA ARG A 111 -1.57 -5.41 -2.46
C ARG A 111 -1.02 -5.26 -3.86
N GLU A 112 -0.05 -4.39 -3.98
CA GLU A 112 0.50 -3.98 -5.24
C GLU A 112 1.44 -5.03 -5.79
N PRO A 113 1.15 -5.57 -6.98
CA PRO A 113 2.00 -6.58 -7.60
C PRO A 113 3.18 -5.96 -8.37
N VAL A 114 3.23 -4.64 -8.37
CA VAL A 114 4.25 -3.92 -9.07
C VAL A 114 4.74 -2.74 -8.22
N ALA A 115 6.03 -2.65 -8.01
CA ALA A 115 6.63 -1.60 -7.20
C ALA A 115 7.36 -0.60 -8.09
N THR A 116 6.70 -0.24 -9.17
CA THR A 116 7.19 0.71 -10.11
C THR A 116 6.00 1.11 -10.96
N ALA A 117 6.11 2.16 -11.72
CA ALA A 117 4.99 2.65 -12.51
C ALA A 117 5.41 3.07 -13.90
N PRO A 118 5.42 2.13 -14.85
CA PRO A 118 5.71 2.45 -16.25
C PRO A 118 4.57 3.29 -16.81
N GLN A 119 3.37 2.74 -16.71
CA GLN A 119 2.14 3.42 -17.07
C GLN A 119 0.98 2.72 -16.37
N PRO A 120 0.13 3.46 -15.66
CA PRO A 120 -1.02 2.90 -14.97
C PRO A 120 -2.31 3.00 -15.79
N GLY A 121 -2.22 2.72 -17.07
CA GLY A 121 -3.38 2.83 -17.93
C GLY A 121 -4.15 1.55 -17.97
N ALA A 122 -3.86 0.73 -18.96
CA ALA A 122 -4.53 -0.56 -19.13
C ALA A 122 -4.05 -1.56 -18.08
N GLN A 123 -2.94 -1.22 -17.43
CA GLN A 123 -2.41 -2.00 -16.33
C GLN A 123 -3.38 -1.93 -15.15
N ALA A 124 -4.02 -0.79 -15.01
CA ALA A 124 -4.98 -0.60 -13.96
C ALA A 124 -6.36 -0.92 -14.48
N SER A 125 -6.74 -0.29 -15.57
CA SER A 125 -8.03 -0.49 -16.17
C SER A 125 -7.99 -1.68 -17.15
N ALA A 126 -7.63 -2.84 -16.62
CA ALA A 126 -7.52 -4.04 -17.39
C ALA A 126 -8.88 -4.64 -17.65
N GLN A 127 -9.68 -4.71 -16.61
CA GLN A 127 -11.02 -5.31 -16.68
C GLN A 127 -11.84 -4.68 -17.79
N ARG A 128 -11.78 -3.36 -17.85
CA ARG A 128 -12.50 -2.60 -18.84
C ARG A 128 -12.14 -2.98 -20.27
N GLU A 129 -10.85 -3.09 -20.58
CA GLU A 129 -10.46 -3.43 -21.93
C GLU A 129 -10.68 -4.92 -22.21
N SER A 130 -10.46 -5.75 -21.19
CA SER A 130 -10.66 -7.17 -21.29
C SER A 130 -12.11 -7.48 -21.68
N ILE A 131 -13.07 -6.85 -20.99
CA ILE A 131 -14.48 -7.05 -21.32
C ILE A 131 -14.76 -6.54 -22.72
N GLN A 132 -14.30 -5.33 -23.00
CA GLN A 132 -14.59 -4.64 -24.26
C GLN A 132 -14.25 -5.50 -25.49
N ASP A 133 -13.01 -5.93 -25.58
CA ASP A 133 -12.57 -6.70 -26.73
C ASP A 133 -13.23 -8.05 -26.78
N TYR A 134 -13.43 -8.66 -25.61
CA TYR A 134 -14.05 -9.96 -25.55
C TYR A 134 -15.53 -9.85 -25.95
N LEU A 135 -16.15 -8.74 -25.56
CA LEU A 135 -17.53 -8.48 -25.87
C LEU A 135 -17.67 -8.30 -27.36
N LYS A 136 -16.68 -7.65 -27.95
CA LYS A 136 -16.61 -7.45 -29.38
C LYS A 136 -16.54 -8.77 -30.11
N GLN A 137 -15.71 -9.66 -29.63
CA GLN A 137 -15.57 -10.96 -30.24
C GLN A 137 -16.83 -11.80 -30.02
N SER A 138 -17.49 -11.61 -28.89
CA SER A 138 -18.74 -12.29 -28.60
C SER A 138 -19.82 -11.83 -29.59
N LEU A 139 -20.00 -10.51 -29.72
CA LEU A 139 -20.96 -9.96 -30.67
C LEU A 139 -20.57 -10.31 -32.09
N GLY A 140 -19.29 -10.19 -32.41
CA GLY A 140 -18.78 -10.50 -33.74
C GLY A 140 -19.09 -11.92 -34.17
N GLU A 141 -18.93 -12.87 -33.26
CA GLU A 141 -19.23 -14.28 -33.52
C GLU A 141 -20.71 -14.42 -33.86
N LEU A 142 -21.51 -13.75 -33.09
CA LEU A 142 -22.96 -13.82 -33.22
C LEU A 142 -23.42 -13.11 -34.49
N LEU A 143 -22.88 -11.94 -34.72
CA LEU A 143 -23.22 -11.09 -35.84
C LEU A 143 -22.66 -11.66 -37.15
N PHE A 144 -21.78 -12.65 -37.01
CA PHE A 144 -21.15 -13.43 -38.09
C PHE A 144 -19.90 -12.75 -38.64
N LEU A 145 -19.91 -11.44 -38.65
CA LEU A 145 -18.78 -10.67 -39.12
C LEU A 145 -19.01 -9.24 -38.65
N ASP A 146 -17.95 -8.51 -38.41
CA ASP A 146 -18.10 -7.11 -38.03
C ASP A 146 -18.17 -6.34 -39.33
N PRO A 147 -19.24 -5.57 -39.58
CA PRO A 147 -19.41 -4.80 -40.82
C PRO A 147 -18.45 -3.61 -40.89
N GLY A 148 -17.73 -3.45 -39.82
CA GLY A 148 -16.77 -2.38 -39.70
C GLY A 148 -15.79 -2.67 -38.60
N GLN A 149 -15.96 -1.94 -37.54
CA GLN A 149 -15.14 -1.99 -36.34
C GLN A 149 -16.03 -1.46 -35.23
N LEU A 150 -17.27 -1.95 -35.26
CA LEU A 150 -18.37 -1.47 -34.42
C LEU A 150 -18.69 0.00 -34.71
N ARG A 151 -19.64 0.54 -33.99
CA ARG A 151 -20.01 1.92 -34.10
C ARG A 151 -20.47 2.38 -32.75
N SER A 152 -20.21 3.62 -32.43
CA SER A 152 -20.55 4.16 -31.13
C SER A 152 -22.05 4.42 -31.06
N GLY A 153 -22.75 3.43 -30.59
CA GLY A 153 -24.18 3.50 -30.44
C GLY A 153 -24.74 2.14 -30.66
N ALA A 154 -25.11 1.86 -31.91
CA ALA A 154 -25.64 0.57 -32.38
C ALA A 154 -27.01 0.27 -31.80
N GLN A 155 -27.94 -0.05 -32.67
CA GLN A 155 -29.31 -0.23 -32.28
C GLN A 155 -29.59 -1.72 -32.07
N PHE A 156 -30.85 -2.09 -31.79
CA PHE A 156 -31.19 -3.53 -31.68
C PHE A 156 -31.00 -4.20 -33.04
N LEU A 157 -31.12 -3.40 -34.08
CA LEU A 157 -30.95 -3.83 -35.46
C LEU A 157 -29.53 -4.36 -35.71
N ASP A 158 -28.61 -3.91 -34.89
CA ASP A 158 -27.20 -4.28 -34.98
C ASP A 158 -26.92 -5.52 -34.15
N LEU A 159 -27.92 -5.94 -33.41
CA LEU A 159 -27.76 -7.06 -32.50
C LEU A 159 -28.49 -8.28 -33.05
N GLY A 160 -28.94 -8.17 -34.28
CA GLY A 160 -29.61 -9.25 -34.94
C GLY A 160 -31.00 -8.87 -35.36
N MET A 161 -31.72 -9.82 -35.87
CA MET A 161 -33.11 -9.64 -36.31
C MET A 161 -34.05 -10.31 -35.34
N ASP A 162 -33.49 -11.06 -34.44
CA ASP A 162 -34.24 -11.80 -33.46
C ASP A 162 -33.86 -11.31 -32.10
N SER A 163 -34.71 -11.57 -31.14
CA SER A 163 -34.44 -11.27 -29.76
C SER A 163 -33.57 -12.36 -29.14
N VAL A 164 -33.52 -13.51 -29.84
CA VAL A 164 -32.76 -14.69 -29.42
C VAL A 164 -31.27 -14.40 -29.38
N THR A 165 -30.81 -13.61 -30.32
CA THR A 165 -29.42 -13.26 -30.41
C THR A 165 -28.98 -12.48 -29.17
N GLY A 166 -29.83 -11.55 -28.75
CA GLY A 166 -29.54 -10.73 -27.61
C GLY A 166 -29.57 -11.50 -26.31
N THR A 167 -30.55 -12.39 -26.15
CA THR A 167 -30.67 -13.18 -24.93
C THR A 167 -29.48 -14.13 -24.77
N GLN A 168 -29.14 -14.82 -25.84
CA GLN A 168 -28.03 -15.76 -25.87
C GLN A 168 -26.71 -15.03 -25.54
N TRP A 169 -26.50 -13.92 -26.22
CA TRP A 169 -25.30 -13.12 -26.06
C TRP A 169 -25.18 -12.55 -24.67
N MET A 170 -26.23 -11.89 -24.18
CA MET A 170 -26.16 -11.24 -22.88
C MET A 170 -25.95 -12.26 -21.75
N ARG A 171 -26.58 -13.41 -21.87
CA ARG A 171 -26.37 -14.46 -20.89
C ARG A 171 -24.97 -15.02 -21.01
N GLY A 172 -24.41 -14.98 -22.21
CA GLY A 172 -23.05 -15.39 -22.42
C GLY A 172 -22.08 -14.43 -21.75
N VAL A 173 -22.37 -13.13 -21.88
CA VAL A 173 -21.58 -12.07 -21.23
C VAL A 173 -21.61 -12.31 -19.72
N SER A 174 -22.81 -12.55 -19.24
CA SER A 174 -23.10 -12.82 -17.85
C SER A 174 -22.30 -14.04 -17.36
N ARG A 175 -22.44 -15.13 -18.08
CA ARG A 175 -21.85 -16.40 -17.70
C ARG A 175 -20.31 -16.35 -17.76
N HIS A 176 -19.76 -15.75 -18.81
CA HIS A 176 -18.30 -15.71 -18.99
C HIS A 176 -17.60 -14.88 -17.94
N PHE A 177 -18.20 -13.80 -17.52
CA PHE A 177 -17.59 -12.94 -16.53
C PHE A 177 -18.03 -13.29 -15.13
N SER A 178 -18.73 -14.42 -15.03
CA SER A 178 -19.19 -15.00 -13.78
C SER A 178 -20.07 -14.03 -12.97
N ILE A 179 -20.97 -13.35 -13.65
CA ILE A 179 -21.85 -12.41 -13.00
C ILE A 179 -23.29 -12.81 -13.26
N GLN A 180 -24.17 -12.39 -12.39
CA GLN A 180 -25.57 -12.66 -12.56
C GLN A 180 -26.24 -11.45 -13.17
N LEU A 181 -26.42 -11.49 -14.46
CA LEU A 181 -27.02 -10.40 -15.19
C LEU A 181 -28.37 -10.86 -15.72
N ALA A 182 -29.40 -10.12 -15.40
CA ALA A 182 -30.74 -10.43 -15.83
C ALA A 182 -30.95 -10.09 -17.31
N ALA A 183 -31.59 -10.99 -18.04
CA ALA A 183 -31.84 -10.80 -19.47
C ALA A 183 -33.01 -9.85 -19.69
N ASP A 184 -33.72 -9.58 -18.63
CA ASP A 184 -34.85 -8.64 -18.67
C ASP A 184 -34.31 -7.20 -18.81
N ALA A 185 -33.01 -7.06 -18.62
CA ALA A 185 -32.36 -5.76 -18.64
C ALA A 185 -31.99 -5.39 -20.06
N ILE A 186 -32.13 -6.37 -20.96
CA ILE A 186 -31.92 -6.21 -22.39
C ILE A 186 -32.83 -5.11 -22.93
N TYR A 187 -33.98 -5.00 -22.32
CA TYR A 187 -35.01 -4.12 -22.82
C TYR A 187 -34.77 -2.70 -22.30
N THR A 188 -33.79 -2.58 -21.43
CA THR A 188 -33.40 -1.33 -20.85
C THR A 188 -32.23 -0.73 -21.67
N TRP A 189 -31.57 -1.55 -22.45
CA TRP A 189 -30.41 -1.09 -23.21
C TRP A 189 -30.66 -1.22 -24.70
N PRO A 190 -31.04 -0.12 -25.35
CA PRO A 190 -31.33 -0.12 -26.79
C PRO A 190 -30.07 0.11 -27.63
N THR A 191 -28.95 0.21 -26.95
CA THR A 191 -27.69 0.51 -27.58
C THR A 191 -26.55 -0.32 -26.99
N LEU A 192 -25.64 -0.69 -27.87
CA LEU A 192 -24.47 -1.55 -27.60
C LEU A 192 -23.53 -0.98 -26.54
N LYS A 193 -23.50 0.32 -26.44
CA LYS A 193 -22.59 0.99 -25.51
C LYS A 193 -23.07 0.83 -24.08
N SER A 194 -24.36 0.66 -23.93
CA SER A 194 -25.01 0.66 -22.65
C SER A 194 -24.64 -0.55 -21.78
N LEU A 195 -24.62 -1.74 -22.35
CA LEU A 195 -24.27 -2.91 -21.53
C LEU A 195 -22.78 -2.95 -21.26
N ALA A 196 -22.01 -2.33 -22.16
CA ALA A 196 -20.56 -2.31 -22.05
C ALA A 196 -20.11 -1.51 -20.82
N ASP A 197 -20.80 -0.41 -20.53
CA ASP A 197 -20.45 0.37 -19.34
C ASP A 197 -21.11 -0.23 -18.10
N GLU A 198 -22.23 -0.92 -18.30
CA GLU A 198 -22.93 -1.54 -17.18
C GLU A 198 -22.12 -2.69 -16.59
N VAL A 199 -21.72 -3.65 -17.45
CA VAL A 199 -21.00 -4.87 -17.03
C VAL A 199 -19.79 -4.57 -16.13
N ASP A 200 -19.03 -3.56 -16.50
CA ASP A 200 -17.84 -3.18 -15.76
C ASP A 200 -18.18 -2.67 -14.39
N ARG A 201 -19.22 -1.86 -14.31
CA ARG A 201 -19.66 -1.32 -13.06
C ARG A 201 -20.32 -2.41 -12.19
N ARG A 202 -20.91 -3.40 -12.85
CA ARG A 202 -21.49 -4.54 -12.16
C ARG A 202 -20.41 -5.33 -11.48
N VAL A 203 -19.30 -5.52 -12.15
CA VAL A 203 -18.20 -6.26 -11.60
C VAL A 203 -17.46 -5.45 -10.52
N GLN A 204 -17.07 -4.23 -10.83
CA GLN A 204 -16.34 -3.42 -9.87
C GLN A 204 -17.21 -2.30 -9.28
N VAL A 22 38.24 11.63 29.89
CA VAL A 22 37.10 11.08 29.17
C VAL A 22 36.92 11.77 27.81
N ALA A 23 37.66 11.31 26.82
CA ALA A 23 37.63 11.89 25.49
C ALA A 23 36.35 11.52 24.75
N ASP A 24 36.14 10.24 24.54
CA ASP A 24 34.93 9.74 23.87
C ASP A 24 33.93 9.28 24.88
N ASP A 25 34.43 9.05 26.07
CA ASP A 25 33.63 8.52 27.16
C ASP A 25 32.71 9.60 27.70
N GLU A 26 33.01 10.86 27.37
CA GLU A 26 32.19 11.97 27.84
C GLU A 26 30.75 11.90 27.29
N CYS A 27 30.62 11.56 26.02
CA CYS A 27 29.34 11.39 25.36
C CYS A 27 28.53 10.31 26.06
N ALA A 28 29.19 9.21 26.40
CA ALA A 28 28.53 8.13 27.07
C ALA A 28 28.18 8.49 28.50
N GLN A 29 29.07 9.22 29.16
CA GLN A 29 28.90 9.62 30.55
C GLN A 29 27.74 10.59 30.67
N PHE A 30 27.69 11.54 29.75
CA PHE A 30 26.68 12.58 29.68
C PHE A 30 25.29 11.96 29.67
N LEU A 31 25.15 10.86 28.96
CA LEU A 31 23.88 10.15 28.88
C LEU A 31 23.69 9.24 30.10
N ARG A 32 24.76 8.61 30.54
CA ARG A 32 24.71 7.68 31.69
C ARG A 32 24.33 8.35 32.99
N GLN A 33 24.53 9.65 33.09
CA GLN A 33 24.19 10.39 34.31
C GLN A 33 22.71 10.23 34.67
N SER A 34 21.85 10.43 33.69
CA SER A 34 20.42 10.30 33.91
C SER A 34 20.02 8.83 34.00
N LEU A 35 20.72 8.00 33.23
CA LEU A 35 20.44 6.58 33.18
C LEU A 35 20.71 5.94 34.53
N ALA A 36 21.81 6.34 35.13
CA ALA A 36 22.23 5.85 36.43
C ALA A 36 21.20 6.19 37.49
N ALA A 37 20.60 7.34 37.37
CA ALA A 37 19.61 7.79 38.32
C ALA A 37 18.27 7.08 38.08
N MET A 38 17.88 6.99 36.82
CA MET A 38 16.59 6.40 36.45
C MET A 38 16.57 4.89 36.63
N LEU A 39 17.70 4.24 36.40
CA LEU A 39 17.77 2.79 36.53
C LEU A 39 18.26 2.37 37.91
N TYR A 40 18.83 3.35 38.62
CA TYR A 40 19.41 3.19 39.95
C TYR A 40 20.63 2.25 39.88
N CYS A 41 21.46 2.48 38.90
CA CYS A 41 22.65 1.67 38.66
C CYS A 41 23.87 2.60 38.61
N GLU A 42 25.06 2.05 38.71
CA GLU A 42 26.28 2.85 38.68
C GLU A 42 26.78 3.01 37.25
N PRO A 43 27.02 4.27 36.83
CA PRO A 43 27.41 4.59 35.45
C PRO A 43 28.77 4.04 35.05
N GLY A 44 29.61 3.78 36.01
CA GLY A 44 30.93 3.23 35.74
C GLY A 44 30.93 1.72 35.73
N GLN A 45 29.81 1.11 36.12
CA GLN A 45 29.74 -0.34 36.20
C GLN A 45 29.02 -0.93 35.01
N ILE A 46 28.76 -0.10 34.05
CA ILE A 46 28.16 -0.56 32.84
C ILE A 46 29.28 -1.04 31.91
N ARG A 47 29.23 -2.29 31.56
CA ARG A 47 30.25 -2.87 30.72
C ARG A 47 30.07 -2.41 29.29
N ASP A 48 31.19 -2.21 28.62
CA ASP A 48 31.26 -1.67 27.23
C ASP A 48 30.50 -2.50 26.20
N GLY A 49 30.18 -3.72 26.55
CA GLY A 49 29.41 -4.57 25.66
C GLY A 49 28.02 -4.86 26.19
N SER A 50 27.66 -4.20 27.29
CA SER A 50 26.41 -4.45 27.97
C SER A 50 25.23 -3.91 27.14
N ARG A 51 24.12 -4.59 27.28
CA ARG A 51 22.94 -4.28 26.53
C ARG A 51 21.84 -3.70 27.42
N PHE A 52 21.20 -2.65 26.86
CA PHE A 52 20.13 -1.86 27.49
C PHE A 52 19.04 -2.73 28.10
N LEU A 53 18.63 -3.75 27.38
CA LEU A 53 17.55 -4.62 27.82
C LEU A 53 17.96 -5.45 29.04
N GLU A 54 19.24 -5.76 29.15
CA GLU A 54 19.74 -6.57 30.23
C GLU A 54 19.96 -5.70 31.45
N LEU A 55 20.14 -4.41 31.21
CA LEU A 55 20.28 -3.43 32.27
C LEU A 55 18.96 -3.20 32.95
N GLY A 56 17.91 -3.17 32.15
CA GLY A 56 16.60 -2.95 32.69
C GLY A 56 15.79 -1.96 31.88
N LEU A 57 16.24 -1.68 30.67
CA LEU A 57 15.49 -0.82 29.77
C LEU A 57 14.32 -1.57 29.21
N ASP A 58 13.47 -0.84 28.58
CA ASP A 58 12.27 -1.36 27.99
C ASP A 58 11.95 -0.42 26.87
N SER A 59 11.11 -0.79 25.95
CA SER A 59 10.80 0.10 24.85
C SER A 59 10.02 1.33 25.38
N VAL A 60 9.24 1.11 26.45
CA VAL A 60 8.48 2.18 27.09
C VAL A 60 9.45 3.15 27.78
N ILE A 61 10.43 2.58 28.48
CA ILE A 61 11.43 3.36 29.21
C ILE A 61 12.37 4.07 28.21
N ALA A 62 12.62 3.41 27.09
CA ALA A 62 13.46 3.94 26.04
C ALA A 62 12.84 5.19 25.46
N ALA A 63 11.51 5.16 25.30
CA ALA A 63 10.75 6.30 24.79
C ALA A 63 10.76 7.48 25.78
N GLN A 64 11.02 7.17 27.04
CA GLN A 64 11.12 8.19 28.06
C GLN A 64 12.51 8.83 28.04
N TRP A 65 13.52 7.99 28.05
CA TRP A 65 14.88 8.38 28.08
C TRP A 65 15.31 9.08 26.78
N ILE A 66 14.76 8.62 25.65
CA ILE A 66 15.10 9.22 24.34
C ILE A 66 14.77 10.71 24.33
N ARG A 67 13.65 11.06 24.92
CA ARG A 67 13.22 12.43 24.97
C ARG A 67 14.14 13.24 25.89
N GLU A 68 14.63 12.60 26.93
CA GLU A 68 15.50 13.27 27.85
C GLU A 68 16.92 13.41 27.33
N ILE A 69 17.37 12.49 26.47
CA ILE A 69 18.67 12.67 25.85
C ILE A 69 18.56 13.72 24.75
N ASN A 70 17.37 13.81 24.15
CA ASN A 70 17.03 14.85 23.17
C ASN A 70 17.14 16.20 23.79
N LYS A 71 16.68 16.31 25.02
CA LYS A 71 16.80 17.54 25.77
C LYS A 71 18.27 17.86 26.03
N HIS A 72 18.99 16.87 26.52
CA HIS A 72 20.41 17.03 26.87
C HIS A 72 21.28 17.45 25.69
N TYR A 73 21.09 16.84 24.52
CA TYR A 73 21.88 17.20 23.34
C TYR A 73 21.25 18.27 22.46
N GLN A 74 20.01 18.67 22.81
CA GLN A 74 19.19 19.61 22.02
C GLN A 74 19.03 19.05 20.59
N LEU A 75 18.71 17.79 20.55
CA LEU A 75 18.59 17.04 19.33
C LEU A 75 17.16 16.51 19.25
N LYS A 76 16.72 16.05 18.11
CA LYS A 76 15.38 15.57 17.98
C LYS A 76 15.38 14.16 17.37
N ILE A 77 15.74 13.19 18.18
CA ILE A 77 15.77 11.83 17.75
C ILE A 77 14.41 11.22 18.01
N PRO A 78 13.77 10.62 17.00
CA PRO A 78 12.54 9.87 17.19
C PRO A 78 12.85 8.61 18.01
N ALA A 79 11.84 8.07 18.67
CA ALA A 79 11.99 6.94 19.61
C ALA A 79 12.48 5.64 18.96
N ASP A 80 12.70 5.66 17.65
CA ASP A 80 13.25 4.52 16.95
C ASP A 80 14.76 4.42 17.16
N GLY A 81 15.37 5.49 17.70
CA GLY A 81 16.78 5.48 17.99
C GLY A 81 17.21 4.29 18.84
N ILE A 82 16.47 4.02 19.90
CA ILE A 82 16.82 2.93 20.80
C ILE A 82 15.89 1.72 20.52
N TYR A 83 15.55 1.54 19.25
CA TYR A 83 14.62 0.48 18.92
C TYR A 83 15.33 -0.86 18.74
N THR A 84 16.46 -0.85 18.05
CA THR A 84 17.14 -2.08 17.73
C THR A 84 18.66 -1.97 17.96
N TYR A 85 19.04 -1.08 18.85
CA TYR A 85 20.45 -0.86 19.16
C TYR A 85 20.63 -1.07 20.65
N PRO A 86 20.92 -2.31 21.07
CA PRO A 86 20.98 -2.66 22.47
C PRO A 86 22.32 -2.33 23.17
N VAL A 87 23.31 -1.84 22.47
CA VAL A 87 24.62 -1.63 23.12
C VAL A 87 24.95 -0.15 23.08
N PHE A 88 25.13 0.43 24.28
CA PHE A 88 25.32 1.88 24.44
C PHE A 88 26.58 2.37 23.72
N LYS A 89 27.62 1.54 23.71
CA LYS A 89 28.87 1.88 23.07
C LYS A 89 28.71 1.94 21.54
N ALA A 90 27.79 1.16 21.01
CA ALA A 90 27.52 1.21 19.58
C ALA A 90 26.49 2.30 19.30
N PHE A 91 25.81 2.71 20.34
CA PHE A 91 24.77 3.71 20.25
C PHE A 91 25.32 5.15 20.38
N THR A 92 26.42 5.30 21.08
CA THR A 92 27.07 6.60 21.20
C THR A 92 27.56 7.12 19.83
N GLN A 93 28.05 6.20 19.00
CA GLN A 93 28.49 6.54 17.65
C GLN A 93 27.28 6.77 16.74
N TRP A 94 26.15 6.18 17.13
CA TRP A 94 24.88 6.32 16.42
C TRP A 94 24.46 7.78 16.50
N VAL A 95 24.52 8.33 17.71
CA VAL A 95 24.23 9.67 17.95
C VAL A 95 25.31 10.55 17.33
N GLY A 96 26.55 10.13 17.52
CA GLY A 96 27.71 10.84 17.00
C GLY A 96 27.65 11.07 15.51
N THR A 97 27.25 10.06 14.75
CA THR A 97 27.17 10.17 13.32
C THR A 97 26.05 11.14 12.89
N GLN A 98 24.96 11.20 13.64
CA GLN A 98 23.89 12.07 13.23
C GLN A 98 24.03 13.48 13.80
N LEU A 99 25.06 13.70 14.61
CA LEU A 99 25.36 15.04 15.12
C LEU A 99 25.89 15.92 13.99
N GLN A 100 26.21 15.29 12.88
CA GLN A 100 26.64 15.98 11.69
C GLN A 100 25.38 16.51 11.00
N PRO A 101 25.47 17.74 10.40
CA PRO A 101 24.36 18.51 9.83
C PRO A 101 23.10 17.75 9.40
N THR A 102 23.22 16.91 8.42
CA THR A 102 22.06 16.22 7.91
C THR A 102 22.34 14.71 7.76
N GLN A 103 22.90 14.10 8.79
CA GLN A 103 23.17 12.67 8.73
C GLN A 103 22.20 11.88 9.60
N ALA A 104 21.17 12.55 10.11
CA ALA A 104 20.19 11.91 10.98
C ALA A 104 19.16 11.14 10.17
N THR A 105 18.58 11.79 9.20
CA THR A 105 17.56 11.18 8.38
C THR A 105 18.19 10.78 7.03
N ALA A 106 19.48 10.68 7.04
CA ALA A 106 20.23 10.32 5.86
C ALA A 106 20.30 8.82 5.75
N ALA A 107 19.21 8.24 5.34
CA ALA A 107 19.11 6.82 5.19
C ALA A 107 19.65 6.44 3.82
N PRO A 108 20.70 5.58 3.79
CA PRO A 108 21.32 5.13 2.55
C PRO A 108 20.36 4.31 1.70
N VAL A 109 19.38 3.71 2.34
CA VAL A 109 18.38 2.96 1.63
C VAL A 109 17.09 3.78 1.68
N GLN A 110 17.07 4.83 0.91
CA GLN A 110 15.92 5.69 0.83
C GLN A 110 14.90 5.05 -0.10
N ARG A 111 13.73 4.78 0.40
CA ARG A 111 12.71 4.13 -0.36
C ARG A 111 11.37 4.79 -0.15
N GLU A 112 10.91 5.48 -1.15
CA GLU A 112 9.61 6.08 -1.15
C GLU A 112 8.64 5.07 -1.78
N PRO A 113 7.68 4.56 -1.02
CA PRO A 113 6.75 3.57 -1.52
C PRO A 113 5.82 4.15 -2.61
N VAL A 114 5.58 3.37 -3.63
CA VAL A 114 4.74 3.78 -4.74
C VAL A 114 3.26 3.54 -4.42
N ALA A 115 2.86 3.95 -3.24
CA ALA A 115 1.53 3.72 -2.76
C ALA A 115 0.91 5.00 -2.24
N THR A 116 1.61 6.11 -2.38
CA THR A 116 1.13 7.37 -1.90
C THR A 116 0.06 7.92 -2.84
N ALA A 117 -1.17 7.69 -2.48
CA ALA A 117 -2.28 8.11 -3.29
C ALA A 117 -3.23 8.96 -2.47
N PRO A 118 -3.38 10.23 -2.85
CA PRO A 118 -4.32 11.14 -2.17
C PRO A 118 -5.79 10.77 -2.45
N GLN A 119 -6.01 10.11 -3.57
CA GLN A 119 -7.32 9.70 -3.98
C GLN A 119 -7.23 8.33 -4.66
N PRO A 120 -8.15 7.41 -4.33
CA PRO A 120 -8.18 6.08 -4.92
C PRO A 120 -8.60 6.12 -6.39
N GLY A 121 -7.65 5.86 -7.27
CA GLY A 121 -7.94 5.85 -8.68
C GLY A 121 -8.41 4.48 -9.10
N ALA A 122 -9.65 4.19 -8.80
CA ALA A 122 -10.21 2.89 -9.12
C ALA A 122 -10.80 2.90 -10.51
N GLN A 123 -11.48 3.98 -10.86
CA GLN A 123 -12.05 4.12 -12.17
C GLN A 123 -11.01 4.67 -13.13
N ALA A 124 -10.29 3.80 -13.76
CA ALA A 124 -9.28 4.19 -14.73
C ALA A 124 -9.96 4.32 -16.08
N SER A 125 -10.61 3.26 -16.48
CA SER A 125 -11.35 3.22 -17.70
C SER A 125 -12.83 3.38 -17.34
N ALA A 126 -13.12 4.48 -16.64
CA ALA A 126 -14.43 4.77 -16.06
C ALA A 126 -15.58 4.57 -17.04
N GLN A 127 -15.42 5.06 -18.24
CA GLN A 127 -16.48 5.00 -19.23
C GLN A 127 -16.78 3.56 -19.66
N ARG A 128 -15.75 2.81 -19.95
CA ARG A 128 -15.92 1.43 -20.38
C ARG A 128 -16.28 0.55 -19.19
N GLU A 129 -15.81 0.92 -18.01
CA GLU A 129 -16.07 0.19 -16.78
C GLU A 129 -17.57 0.16 -16.47
N SER A 130 -18.22 1.32 -16.58
CA SER A 130 -19.65 1.45 -16.32
C SER A 130 -20.43 0.48 -17.23
N ILE A 131 -19.95 0.35 -18.46
CA ILE A 131 -20.57 -0.52 -19.42
C ILE A 131 -20.27 -1.97 -19.08
N GLN A 132 -19.00 -2.26 -18.91
CA GLN A 132 -18.51 -3.62 -18.64
C GLN A 132 -19.20 -4.24 -17.44
N ASP A 133 -19.34 -3.46 -16.38
CA ASP A 133 -19.98 -3.92 -15.15
C ASP A 133 -21.45 -4.25 -15.39
N TYR A 134 -22.11 -3.41 -16.17
CA TYR A 134 -23.52 -3.58 -16.49
C TYR A 134 -23.67 -4.73 -17.48
N LEU A 135 -22.73 -4.84 -18.38
CA LEU A 135 -22.67 -5.89 -19.38
C LEU A 135 -22.55 -7.23 -18.67
N LYS A 136 -21.69 -7.27 -17.67
CA LYS A 136 -21.46 -8.45 -16.86
C LYS A 136 -22.73 -8.85 -16.13
N GLN A 137 -23.40 -7.87 -15.56
CA GLN A 137 -24.65 -8.12 -14.87
C GLN A 137 -25.73 -8.60 -15.83
N SER A 138 -25.76 -8.01 -17.02
CA SER A 138 -26.74 -8.38 -18.00
C SER A 138 -26.46 -9.81 -18.55
N LEU A 139 -25.18 -10.15 -18.72
CA LEU A 139 -24.79 -11.49 -19.15
C LEU A 139 -25.18 -12.50 -18.09
N GLY A 140 -24.81 -12.20 -16.84
CA GLY A 140 -25.16 -13.06 -15.73
C GLY A 140 -26.64 -13.27 -15.61
N GLU A 141 -27.38 -12.18 -15.65
CA GLU A 141 -28.82 -12.20 -15.55
C GLU A 141 -29.45 -12.99 -16.71
N LEU A 142 -28.89 -12.84 -17.90
CA LEU A 142 -29.38 -13.52 -19.11
C LEU A 142 -29.16 -15.02 -18.99
N LEU A 143 -28.00 -15.37 -18.51
CA LEU A 143 -27.63 -16.74 -18.34
C LEU A 143 -28.44 -17.38 -17.21
N PHE A 144 -28.25 -16.87 -16.01
CA PHE A 144 -28.91 -17.29 -14.77
C PHE A 144 -28.11 -16.61 -13.65
N LEU A 145 -26.79 -16.71 -13.76
CA LEU A 145 -25.82 -16.09 -12.93
C LEU A 145 -24.53 -16.30 -13.65
N ASP A 146 -23.64 -15.34 -13.61
CA ASP A 146 -22.36 -15.50 -14.29
C ASP A 146 -21.32 -15.94 -13.28
N PRO A 147 -20.48 -16.91 -13.66
CA PRO A 147 -19.40 -17.38 -12.78
C PRO A 147 -18.18 -16.45 -12.82
N GLY A 148 -18.33 -15.32 -13.51
CA GLY A 148 -17.23 -14.35 -13.63
C GLY A 148 -16.11 -14.90 -14.46
N GLN A 149 -16.48 -15.68 -15.43
CA GLN A 149 -15.55 -16.40 -16.26
C GLN A 149 -15.43 -15.69 -17.62
N LEU A 150 -15.81 -14.44 -17.62
CA LEU A 150 -15.73 -13.65 -18.81
C LEU A 150 -14.44 -12.85 -18.78
N ARG A 151 -14.18 -12.10 -19.86
CA ARG A 151 -12.97 -11.24 -20.02
C ARG A 151 -11.75 -12.11 -20.27
N SER A 152 -11.45 -12.99 -19.34
CA SER A 152 -10.40 -13.96 -19.50
C SER A 152 -11.03 -15.21 -20.16
N GLY A 153 -12.30 -15.06 -20.51
CA GLY A 153 -13.05 -16.09 -21.16
C GLY A 153 -14.06 -15.48 -22.08
N ALA A 154 -14.15 -16.02 -23.27
CA ALA A 154 -15.07 -15.57 -24.32
C ALA A 154 -14.85 -16.46 -25.51
N GLN A 155 -15.90 -16.87 -26.15
CA GLN A 155 -15.82 -17.78 -27.27
C GLN A 155 -17.17 -17.88 -27.94
N PHE A 156 -17.28 -18.56 -29.06
CA PHE A 156 -18.58 -18.59 -29.78
C PHE A 156 -19.70 -19.24 -28.97
N LEU A 157 -19.30 -19.99 -27.98
CA LEU A 157 -20.19 -20.68 -27.10
C LEU A 157 -20.76 -19.77 -25.99
N ASP A 158 -20.22 -18.56 -25.84
CA ASP A 158 -20.61 -17.71 -24.71
C ASP A 158 -22.03 -17.19 -24.84
N LEU A 159 -22.28 -16.38 -25.81
CA LEU A 159 -23.64 -15.93 -26.11
C LEU A 159 -24.30 -16.94 -27.04
N GLY A 160 -23.49 -17.85 -27.53
CA GLY A 160 -23.95 -18.84 -28.46
C GLY A 160 -24.60 -20.03 -27.81
N MET A 161 -25.77 -19.81 -27.28
CA MET A 161 -26.60 -20.89 -26.77
C MET A 161 -27.75 -21.04 -27.70
N ASP A 162 -28.56 -20.02 -27.76
CA ASP A 162 -29.62 -19.92 -28.70
C ASP A 162 -29.64 -18.50 -29.15
N SER A 163 -29.98 -18.32 -30.40
CA SER A 163 -29.97 -17.03 -31.00
C SER A 163 -31.12 -16.14 -30.54
N VAL A 164 -32.14 -16.73 -29.93
CA VAL A 164 -33.28 -15.97 -29.45
C VAL A 164 -32.84 -15.11 -28.27
N THR A 165 -32.23 -15.74 -27.28
CA THR A 165 -31.75 -15.05 -26.11
C THR A 165 -30.67 -14.03 -26.45
N GLY A 166 -29.86 -14.31 -27.48
CA GLY A 166 -28.83 -13.37 -27.86
C GLY A 166 -29.45 -12.13 -28.47
N THR A 167 -30.53 -12.33 -29.22
CA THR A 167 -31.28 -11.23 -29.82
C THR A 167 -31.85 -10.34 -28.70
N GLN A 168 -32.42 -11.01 -27.68
CA GLN A 168 -32.98 -10.33 -26.50
C GLN A 168 -31.93 -9.50 -25.76
N TRP A 169 -30.75 -10.06 -25.66
CA TRP A 169 -29.64 -9.44 -24.97
C TRP A 169 -29.19 -8.18 -25.71
N MET A 170 -29.03 -8.28 -27.02
CA MET A 170 -28.61 -7.12 -27.79
C MET A 170 -29.70 -6.07 -27.86
N ARG A 171 -30.94 -6.51 -27.75
CA ARG A 171 -32.10 -5.62 -27.65
C ARG A 171 -31.91 -4.73 -26.41
N GLY A 172 -31.50 -5.35 -25.32
CA GLY A 172 -31.25 -4.64 -24.10
C GLY A 172 -30.07 -3.70 -24.23
N VAL A 173 -28.94 -4.26 -24.64
CA VAL A 173 -27.69 -3.52 -24.83
C VAL A 173 -27.88 -2.27 -25.72
N SER A 174 -28.56 -2.44 -26.83
CA SER A 174 -28.74 -1.35 -27.77
C SER A 174 -29.56 -0.21 -27.17
N ARG A 175 -30.73 -0.54 -26.63
CA ARG A 175 -31.63 0.47 -26.12
C ARG A 175 -31.11 1.09 -24.81
N HIS A 176 -30.52 0.27 -23.96
CA HIS A 176 -30.03 0.75 -22.66
C HIS A 176 -28.84 1.69 -22.78
N PHE A 177 -28.02 1.49 -23.79
CA PHE A 177 -26.88 2.35 -24.01
C PHE A 177 -27.13 3.37 -25.11
N SER A 178 -28.34 3.34 -25.66
CA SER A 178 -28.81 4.26 -26.69
C SER A 178 -27.95 4.18 -27.97
N ILE A 179 -27.53 2.98 -28.30
CA ILE A 179 -26.73 2.75 -29.48
C ILE A 179 -27.46 1.80 -30.39
N GLN A 180 -27.45 2.07 -31.65
CA GLN A 180 -28.19 1.28 -32.57
C GLN A 180 -27.36 0.12 -33.07
N LEU A 181 -27.54 -1.00 -32.43
CA LEU A 181 -26.88 -2.21 -32.81
C LEU A 181 -27.90 -3.11 -33.45
N ALA A 182 -27.57 -3.63 -34.61
CA ALA A 182 -28.45 -4.52 -35.33
C ALA A 182 -28.62 -5.81 -34.56
N ALA A 183 -29.84 -6.28 -34.48
CA ALA A 183 -30.18 -7.47 -33.71
C ALA A 183 -29.61 -8.72 -34.35
N ASP A 184 -29.35 -8.65 -35.64
CA ASP A 184 -28.77 -9.76 -36.39
C ASP A 184 -27.26 -9.77 -36.23
N ALA A 185 -26.72 -8.76 -35.54
CA ALA A 185 -25.29 -8.67 -35.32
C ALA A 185 -24.81 -9.68 -34.27
N ILE A 186 -25.74 -10.49 -33.73
CA ILE A 186 -25.39 -11.62 -32.83
C ILE A 186 -24.55 -12.66 -33.61
N TYR A 187 -24.58 -12.53 -34.92
CA TYR A 187 -23.83 -13.39 -35.81
C TYR A 187 -22.61 -12.66 -36.33
N THR A 188 -22.49 -11.41 -35.95
CA THR A 188 -21.38 -10.59 -36.35
C THR A 188 -20.37 -10.53 -35.22
N TRP A 189 -20.86 -10.42 -33.99
CA TRP A 189 -20.02 -10.40 -32.81
C TRP A 189 -20.42 -11.57 -31.90
N PRO A 190 -20.17 -12.84 -32.30
CA PRO A 190 -20.63 -14.01 -31.57
C PRO A 190 -19.68 -14.46 -30.47
N THR A 191 -19.14 -13.49 -29.76
CA THR A 191 -18.26 -13.67 -28.62
C THR A 191 -18.43 -12.42 -27.77
N LEU A 192 -18.39 -12.56 -26.46
CA LEU A 192 -18.62 -11.45 -25.55
C LEU A 192 -17.52 -10.39 -25.64
N LYS A 193 -16.36 -10.77 -26.20
CA LYS A 193 -15.26 -9.83 -26.34
C LYS A 193 -15.56 -8.80 -27.40
N SER A 194 -16.08 -9.26 -28.52
CA SER A 194 -16.39 -8.39 -29.63
C SER A 194 -17.49 -7.41 -29.23
N LEU A 195 -18.50 -7.90 -28.54
CA LEU A 195 -19.64 -7.09 -28.12
C LEU A 195 -19.17 -6.05 -27.08
N ALA A 196 -18.42 -6.50 -26.08
CA ALA A 196 -17.94 -5.61 -25.01
C ALA A 196 -16.97 -4.55 -25.52
N ASP A 197 -16.20 -4.87 -26.56
CA ASP A 197 -15.27 -3.89 -27.13
C ASP A 197 -15.97 -2.97 -28.11
N GLU A 198 -17.01 -3.50 -28.76
CA GLU A 198 -17.78 -2.77 -29.78
C GLU A 198 -18.34 -1.48 -29.20
N VAL A 199 -18.98 -1.60 -28.04
CA VAL A 199 -19.61 -0.47 -27.37
C VAL A 199 -18.60 0.67 -27.11
N ASP A 200 -17.37 0.30 -26.80
CA ASP A 200 -16.30 1.25 -26.50
C ASP A 200 -15.95 2.06 -27.75
N ARG A 201 -16.04 1.39 -28.89
CA ARG A 201 -15.75 1.99 -30.19
C ARG A 201 -16.91 2.90 -30.56
N ARG A 202 -18.10 2.39 -30.32
CA ARG A 202 -19.34 3.05 -30.68
C ARG A 202 -19.51 4.36 -29.90
N VAL A 203 -19.17 4.34 -28.61
CA VAL A 203 -19.33 5.52 -27.78
C VAL A 203 -18.15 6.50 -27.89
N GLN A 204 -16.94 5.99 -27.96
CA GLN A 204 -15.77 6.85 -28.06
C GLN A 204 -15.06 6.66 -29.38
N VAL A 22 8.66 14.26 35.58
CA VAL A 22 8.60 14.59 34.15
C VAL A 22 9.13 13.40 33.35
N ALA A 23 8.23 12.67 32.69
CA ALA A 23 8.55 11.48 31.90
C ALA A 23 9.61 11.75 30.85
N ASP A 24 9.56 12.94 30.25
CA ASP A 24 10.58 13.36 29.25
C ASP A 24 11.99 13.26 29.83
N ASP A 25 12.18 13.88 30.97
CA ASP A 25 13.48 13.91 31.62
C ASP A 25 13.77 12.61 32.32
N GLU A 26 12.73 11.93 32.78
CA GLU A 26 12.85 10.69 33.47
C GLU A 26 13.50 9.64 32.57
N CYS A 27 13.18 9.69 31.28
CA CYS A 27 13.78 8.79 30.29
C CYS A 27 15.31 8.92 30.29
N ALA A 28 15.79 10.15 30.38
CA ALA A 28 17.22 10.41 30.40
C ALA A 28 17.80 9.92 31.70
N GLN A 29 17.14 10.27 32.80
CA GLN A 29 17.60 9.90 34.14
C GLN A 29 17.66 8.38 34.33
N PHE A 30 16.69 7.69 33.76
CA PHE A 30 16.63 6.24 33.86
C PHE A 30 17.79 5.60 33.07
N LEU A 31 18.00 6.08 31.86
CA LEU A 31 19.06 5.54 31.02
C LEU A 31 20.45 5.85 31.57
N ARG A 32 20.60 7.03 32.17
CA ARG A 32 21.86 7.40 32.85
C ARG A 32 22.09 6.43 34.00
N GLN A 33 21.01 6.13 34.71
CA GLN A 33 21.03 5.26 35.86
C GLN A 33 21.50 3.87 35.46
N SER A 34 20.88 3.32 34.44
CA SER A 34 21.21 2.01 33.90
C SER A 34 22.69 1.93 33.51
N LEU A 35 23.11 2.91 32.71
CA LEU A 35 24.48 3.00 32.21
C LEU A 35 25.47 3.09 33.36
N ALA A 36 25.23 4.03 34.25
CA ALA A 36 26.15 4.25 35.34
C ALA A 36 26.20 3.10 36.31
N ALA A 37 25.08 2.42 36.51
CA ALA A 37 25.04 1.29 37.43
C ALA A 37 25.93 0.16 36.96
N MET A 38 25.81 -0.20 35.68
CA MET A 38 26.62 -1.29 35.13
C MET A 38 28.10 -0.89 35.00
N LEU A 39 28.36 0.39 34.89
CA LEU A 39 29.73 0.89 34.81
C LEU A 39 30.27 1.29 36.18
N TYR A 40 29.43 1.12 37.21
CA TYR A 40 29.75 1.44 38.61
C TYR A 40 30.15 2.92 38.77
N CYS A 41 29.42 3.76 38.10
CA CYS A 41 29.67 5.17 38.06
C CYS A 41 28.48 5.92 38.65
N GLU A 42 28.63 7.22 38.78
CA GLU A 42 27.60 8.09 39.27
C GLU A 42 26.80 8.69 38.12
N PRO A 43 25.46 8.51 38.14
CA PRO A 43 24.55 9.01 37.09
C PRO A 43 24.29 10.51 37.20
N GLY A 44 24.56 11.09 38.35
CA GLY A 44 24.40 12.52 38.52
C GLY A 44 25.52 13.25 37.83
N GLN A 45 26.68 12.66 37.92
CA GLN A 45 27.88 13.21 37.32
C GLN A 45 28.02 12.69 35.89
N ILE A 46 27.14 13.14 35.03
CA ILE A 46 27.09 12.68 33.66
C ILE A 46 27.29 13.86 32.70
N ARG A 47 27.79 13.59 31.51
CA ARG A 47 27.94 14.62 30.51
C ARG A 47 27.17 14.15 29.29
N ASP A 48 25.90 14.47 29.27
CA ASP A 48 24.91 14.03 28.26
C ASP A 48 25.31 14.41 26.84
N GLY A 49 26.06 15.46 26.70
CA GLY A 49 26.47 15.91 25.38
C GLY A 49 27.68 15.16 24.86
N SER A 50 28.32 14.42 25.73
CA SER A 50 29.45 13.65 25.32
C SER A 50 28.99 12.34 24.69
N ARG A 51 29.75 11.91 23.69
CA ARG A 51 29.45 10.71 22.96
C ARG A 51 29.71 9.49 23.82
N PHE A 52 28.88 8.46 23.57
CA PHE A 52 28.83 7.19 24.31
C PHE A 52 30.19 6.56 24.52
N LEU A 53 31.06 6.72 23.53
CA LEU A 53 32.44 6.26 23.56
C LEU A 53 33.17 6.86 24.79
N GLU A 54 32.86 8.11 25.09
CA GLU A 54 33.48 8.85 26.18
C GLU A 54 32.64 8.75 27.45
N LEU A 55 31.57 8.00 27.38
CA LEU A 55 30.76 7.74 28.55
C LEU A 55 31.22 6.46 29.21
N GLY A 56 32.24 5.84 28.62
CA GLY A 56 32.80 4.62 29.15
C GLY A 56 32.26 3.41 28.44
N LEU A 57 31.58 3.63 27.34
CA LEU A 57 30.99 2.55 26.58
C LEU A 57 31.83 2.20 25.40
N ASP A 58 31.37 1.18 24.75
CA ASP A 58 31.95 0.66 23.52
C ASP A 58 30.81 0.25 22.66
N SER A 59 31.01 0.12 21.37
CA SER A 59 29.95 -0.32 20.46
C SER A 59 29.37 -1.68 20.91
N VAL A 60 30.28 -2.58 21.29
CA VAL A 60 29.95 -3.93 21.77
C VAL A 60 29.00 -3.85 22.97
N ILE A 61 29.40 -3.06 23.95
CA ILE A 61 28.60 -2.86 25.16
C ILE A 61 27.27 -2.18 24.83
N ALA A 62 27.34 -1.20 23.94
CA ALA A 62 26.17 -0.43 23.52
C ALA A 62 25.12 -1.32 22.87
N ALA A 63 25.58 -2.28 22.08
CA ALA A 63 24.71 -3.23 21.39
C ALA A 63 23.95 -4.12 22.39
N GLN A 64 24.58 -4.37 23.51
CA GLN A 64 23.96 -5.16 24.55
C GLN A 64 23.03 -4.31 25.41
N TRP A 65 23.50 -3.15 25.74
CA TRP A 65 22.78 -2.15 26.48
C TRP A 65 21.47 -1.77 25.78
N ILE A 66 21.52 -1.57 24.46
CA ILE A 66 20.33 -1.18 23.70
C ILE A 66 19.25 -2.27 23.80
N ARG A 67 19.65 -3.54 23.94
CA ARG A 67 18.72 -4.64 24.10
C ARG A 67 17.90 -4.47 25.39
N GLU A 68 18.56 -4.02 26.45
CA GLU A 68 17.89 -3.78 27.72
C GLU A 68 16.95 -2.60 27.61
N ILE A 69 17.39 -1.59 26.87
CA ILE A 69 16.57 -0.42 26.59
C ILE A 69 15.29 -0.87 25.86
N ASN A 70 15.46 -1.79 24.91
CA ASN A 70 14.36 -2.35 24.13
C ASN A 70 13.38 -3.09 25.01
N LYS A 71 13.89 -3.74 26.03
CA LYS A 71 13.04 -4.53 26.92
C LYS A 71 12.32 -3.64 27.91
N HIS A 72 13.07 -2.76 28.56
CA HIS A 72 12.51 -1.87 29.59
C HIS A 72 11.51 -0.88 29.00
N TYR A 73 11.83 -0.32 27.85
CA TYR A 73 10.94 0.64 27.21
C TYR A 73 9.89 -0.04 26.35
N GLN A 74 10.12 -1.35 26.10
CA GLN A 74 9.23 -2.22 25.33
C GLN A 74 9.01 -1.63 23.93
N LEU A 75 10.07 -1.09 23.38
CA LEU A 75 9.98 -0.40 22.12
C LEU A 75 10.94 -1.03 21.13
N LYS A 76 10.45 -1.16 19.90
CA LYS A 76 11.15 -1.77 18.77
C LYS A 76 12.33 -0.91 18.26
N ILE A 77 13.26 -0.61 19.12
CA ILE A 77 14.37 0.22 18.75
C ILE A 77 15.52 -0.60 18.19
N PRO A 78 15.96 -0.33 16.97
CA PRO A 78 17.14 -0.95 16.40
C PRO A 78 18.37 -0.23 16.95
N ALA A 79 19.53 -0.88 16.82
CA ALA A 79 20.81 -0.32 17.31
C ALA A 79 21.19 0.92 16.50
N ASP A 80 20.41 1.16 15.47
CA ASP A 80 20.53 2.32 14.59
C ASP A 80 20.36 3.63 15.35
N GLY A 81 19.58 3.63 16.46
CA GLY A 81 19.44 4.83 17.25
C GLY A 81 20.77 5.41 17.71
N ILE A 82 21.61 4.56 18.27
CA ILE A 82 22.92 4.96 18.77
C ILE A 82 23.88 5.16 17.59
N TYR A 83 23.61 4.45 16.54
CA TYR A 83 24.38 4.49 15.33
C TYR A 83 24.31 5.88 14.68
N THR A 84 23.12 6.46 14.67
CA THR A 84 22.95 7.76 14.07
C THR A 84 23.05 8.91 15.11
N TYR A 85 22.90 8.58 16.40
CA TYR A 85 23.07 9.58 17.46
C TYR A 85 24.03 9.08 18.52
N PRO A 86 25.31 9.46 18.44
CA PRO A 86 26.32 9.05 19.41
C PRO A 86 26.33 9.96 20.64
N VAL A 87 25.41 10.90 20.69
CA VAL A 87 25.30 11.87 21.78
C VAL A 87 24.04 11.54 22.56
N PHE A 88 24.20 11.30 23.86
CA PHE A 88 23.13 10.85 24.75
C PHE A 88 21.99 11.86 24.84
N LYS A 89 22.33 13.13 24.89
CA LYS A 89 21.33 14.19 24.97
C LYS A 89 20.53 14.27 23.66
N ALA A 90 21.13 13.87 22.56
CA ALA A 90 20.43 13.87 21.29
C ALA A 90 19.67 12.56 21.13
N PHE A 91 20.22 11.51 21.70
CA PHE A 91 19.64 10.19 21.64
C PHE A 91 18.36 10.08 22.47
N THR A 92 18.27 10.83 23.55
CA THR A 92 17.04 10.87 24.31
C THR A 92 15.89 11.46 23.48
N GLN A 93 16.23 12.32 22.53
CA GLN A 93 15.26 12.93 21.63
C GLN A 93 14.81 11.92 20.60
N TRP A 94 15.66 10.92 20.34
CA TRP A 94 15.36 9.84 19.42
C TRP A 94 14.19 9.05 19.99
N VAL A 95 14.31 8.71 21.26
CA VAL A 95 13.34 7.99 21.97
C VAL A 95 12.06 8.83 22.08
N GLY A 96 12.23 10.11 22.39
CA GLY A 96 11.12 11.04 22.47
C GLY A 96 10.34 11.12 21.17
N THR A 97 11.05 11.15 20.05
CA THR A 97 10.42 11.24 18.75
C THR A 97 9.81 9.89 18.29
N GLN A 98 10.08 8.84 19.02
CA GLN A 98 9.42 7.57 18.76
C GLN A 98 8.19 7.44 19.64
N LEU A 99 8.29 7.96 20.86
CA LEU A 99 7.15 7.98 21.76
C LEU A 99 6.11 8.95 21.20
N GLN A 100 6.60 10.06 20.71
CA GLN A 100 5.79 11.07 20.08
C GLN A 100 6.41 11.42 18.71
N PRO A 101 5.94 10.77 17.64
CA PRO A 101 6.47 10.98 16.28
C PRO A 101 6.04 12.32 15.64
N THR A 102 6.58 13.39 16.16
CA THR A 102 6.33 14.70 15.63
C THR A 102 7.13 14.90 14.34
N GLN A 103 6.44 14.97 13.21
CA GLN A 103 7.10 15.19 11.94
C GLN A 103 7.36 16.67 11.77
N ALA A 104 8.40 17.16 12.40
CA ALA A 104 8.78 18.56 12.28
C ALA A 104 9.46 18.79 10.94
N THR A 105 9.99 17.73 10.40
CA THR A 105 10.66 17.75 9.12
C THR A 105 9.63 17.56 7.98
N ALA A 106 8.55 18.29 8.06
CA ALA A 106 7.49 18.19 7.08
C ALA A 106 7.70 19.20 5.98
N ALA A 107 7.58 18.75 4.76
CA ALA A 107 7.73 19.59 3.61
C ALA A 107 6.38 20.23 3.28
N PRO A 108 6.32 21.60 3.30
CA PRO A 108 5.08 22.36 3.03
C PRO A 108 4.44 21.99 1.69
N VAL A 109 5.28 21.69 0.72
CA VAL A 109 4.83 21.20 -0.54
C VAL A 109 5.47 19.85 -0.76
N GLN A 110 4.68 18.83 -0.74
CA GLN A 110 5.18 17.49 -0.93
C GLN A 110 5.53 17.27 -2.39
N ARG A 111 6.79 17.01 -2.63
CA ARG A 111 7.32 16.73 -3.95
C ARG A 111 8.00 15.37 -3.90
N GLU A 112 7.28 14.43 -3.31
CA GLU A 112 7.76 13.09 -3.04
C GLU A 112 8.20 12.36 -4.32
N PRO A 113 9.48 11.96 -4.43
CA PRO A 113 9.98 11.23 -5.57
C PRO A 113 9.73 9.74 -5.38
N VAL A 114 8.48 9.35 -5.45
CA VAL A 114 8.10 7.96 -5.30
C VAL A 114 8.20 7.27 -6.66
N ALA A 115 8.78 6.08 -6.68
CA ALA A 115 8.96 5.35 -7.93
C ALA A 115 7.71 4.53 -8.25
N THR A 116 6.70 5.20 -8.74
CA THR A 116 5.48 4.56 -9.12
C THR A 116 5.52 4.10 -10.58
N ALA A 117 4.78 3.07 -10.88
CA ALA A 117 4.73 2.50 -12.21
C ALA A 117 3.30 2.57 -12.72
N PRO A 118 3.10 3.11 -13.94
CA PRO A 118 1.77 3.24 -14.53
C PRO A 118 1.12 1.90 -14.85
N GLN A 119 1.93 0.92 -15.20
CA GLN A 119 1.45 -0.41 -15.50
C GLN A 119 2.00 -1.39 -14.48
N PRO A 120 1.16 -1.88 -13.55
CA PRO A 120 1.58 -2.81 -12.51
C PRO A 120 1.76 -4.24 -13.03
N GLY A 121 1.44 -4.44 -14.27
CA GLY A 121 1.58 -5.71 -14.90
C GLY A 121 0.79 -5.74 -16.16
N ALA A 122 0.75 -6.88 -16.80
CA ALA A 122 -0.01 -7.05 -18.02
C ALA A 122 -1.36 -7.65 -17.71
N GLN A 123 -1.66 -7.79 -16.42
CA GLN A 123 -2.93 -8.39 -15.98
C GLN A 123 -4.11 -7.52 -16.36
N ALA A 124 -3.87 -6.23 -16.47
CA ALA A 124 -4.91 -5.30 -16.91
C ALA A 124 -5.38 -5.69 -18.33
N SER A 125 -4.42 -5.98 -19.18
CA SER A 125 -4.68 -6.37 -20.55
C SER A 125 -5.20 -7.82 -20.60
N ALA A 126 -4.61 -8.68 -19.75
CA ALA A 126 -4.99 -10.09 -19.66
C ALA A 126 -6.44 -10.22 -19.25
N GLN A 127 -6.88 -9.35 -18.33
CA GLN A 127 -8.25 -9.29 -17.87
C GLN A 127 -9.18 -9.12 -19.06
N ARG A 128 -8.86 -8.14 -19.88
CA ARG A 128 -9.64 -7.82 -21.05
C ARG A 128 -9.66 -8.96 -22.05
N GLU A 129 -8.50 -9.55 -22.30
CA GLU A 129 -8.38 -10.66 -23.24
C GLU A 129 -9.19 -11.88 -22.78
N SER A 130 -9.19 -12.13 -21.49
CA SER A 130 -9.90 -13.25 -20.92
C SER A 130 -11.40 -13.01 -21.02
N ILE A 131 -11.84 -11.85 -20.55
CA ILE A 131 -13.26 -11.55 -20.53
C ILE A 131 -13.80 -11.33 -21.95
N GLN A 132 -12.95 -10.89 -22.86
CA GLN A 132 -13.34 -10.70 -24.27
C GLN A 132 -13.84 -12.02 -24.85
N ASP A 133 -13.18 -13.10 -24.46
CA ASP A 133 -13.52 -14.44 -24.93
C ASP A 133 -14.82 -14.91 -24.29
N TYR A 134 -15.09 -14.46 -23.08
CA TYR A 134 -16.35 -14.78 -22.41
C TYR A 134 -17.47 -13.93 -22.97
N LEU A 135 -17.16 -12.69 -23.31
CA LEU A 135 -18.09 -11.78 -23.98
C LEU A 135 -18.54 -12.41 -25.28
N LYS A 136 -17.56 -12.91 -26.01
CA LYS A 136 -17.76 -13.62 -27.27
C LYS A 136 -18.79 -14.74 -27.06
N GLN A 137 -18.50 -15.60 -26.10
CA GLN A 137 -19.34 -16.74 -25.76
C GLN A 137 -20.72 -16.33 -25.27
N SER A 138 -20.77 -15.35 -24.40
CA SER A 138 -22.01 -14.87 -23.83
C SER A 138 -22.91 -14.29 -24.93
N LEU A 139 -22.31 -13.50 -25.81
CA LEU A 139 -23.03 -12.91 -26.92
C LEU A 139 -23.44 -14.01 -27.87
N GLY A 140 -22.53 -14.94 -28.13
CA GLY A 140 -22.80 -16.06 -29.02
C GLY A 140 -23.85 -17.00 -28.48
N GLU A 141 -24.08 -16.93 -27.20
CA GLU A 141 -25.08 -17.73 -26.54
C GLU A 141 -26.45 -17.11 -26.79
N LEU A 142 -26.50 -15.79 -26.76
CA LEU A 142 -27.73 -15.03 -26.96
C LEU A 142 -28.05 -14.91 -28.45
N LEU A 143 -27.05 -14.58 -29.21
CA LEU A 143 -27.17 -14.30 -30.61
C LEU A 143 -27.17 -15.58 -31.41
N PHE A 144 -26.65 -16.64 -30.78
CA PHE A 144 -26.54 -18.00 -31.31
C PHE A 144 -25.43 -18.11 -32.38
N LEU A 145 -25.36 -17.15 -33.26
CA LEU A 145 -24.40 -17.13 -34.34
C LEU A 145 -24.24 -15.72 -34.85
N ASP A 146 -23.03 -15.35 -35.20
CA ASP A 146 -22.76 -14.04 -35.77
C ASP A 146 -22.08 -14.18 -37.10
N PRO A 147 -22.76 -13.80 -38.19
CA PRO A 147 -22.22 -13.90 -39.56
C PRO A 147 -21.20 -12.80 -39.85
N GLY A 148 -21.11 -11.84 -38.94
CA GLY A 148 -20.15 -10.74 -39.10
C GLY A 148 -18.77 -11.17 -38.70
N GLN A 149 -18.72 -12.25 -37.90
CA GLN A 149 -17.50 -12.87 -37.43
C GLN A 149 -16.91 -12.10 -36.29
N LEU A 150 -17.82 -11.40 -35.59
CA LEU A 150 -17.52 -10.66 -34.39
C LEU A 150 -16.45 -9.61 -34.60
N ARG A 151 -16.84 -8.59 -35.29
CA ARG A 151 -15.96 -7.51 -35.66
C ARG A 151 -15.89 -6.47 -34.56
N SER A 152 -14.75 -5.80 -34.50
CA SER A 152 -14.49 -4.79 -33.52
C SER A 152 -15.28 -3.54 -33.82
N GLY A 153 -15.42 -3.23 -35.09
CA GLY A 153 -16.19 -2.06 -35.52
C GLY A 153 -17.66 -2.39 -35.57
N ALA A 154 -18.19 -2.71 -34.43
CA ALA A 154 -19.57 -3.08 -34.29
C ALA A 154 -20.35 -1.88 -33.80
N GLN A 155 -21.57 -1.75 -34.28
CA GLN A 155 -22.40 -0.62 -33.93
C GLN A 155 -23.81 -1.11 -33.67
N PHE A 156 -24.45 -0.55 -32.65
CA PHE A 156 -25.82 -0.92 -32.22
C PHE A 156 -26.87 -0.65 -33.28
N LEU A 157 -26.48 0.01 -34.37
CA LEU A 157 -27.36 0.31 -35.48
C LEU A 157 -27.92 -0.98 -36.05
N ASP A 158 -27.06 -1.82 -36.53
CA ASP A 158 -27.50 -3.05 -37.16
C ASP A 158 -27.62 -4.15 -36.14
N LEU A 159 -26.93 -3.97 -35.02
CA LEU A 159 -26.95 -4.95 -33.94
C LEU A 159 -28.04 -4.63 -32.93
N GLY A 160 -28.95 -3.75 -33.30
CA GLY A 160 -30.04 -3.39 -32.42
C GLY A 160 -31.17 -4.38 -32.54
N MET A 161 -30.88 -5.61 -32.23
CA MET A 161 -31.80 -6.70 -32.32
C MET A 161 -31.66 -7.51 -31.06
N ASP A 162 -32.72 -8.19 -30.65
CA ASP A 162 -32.73 -9.02 -29.44
C ASP A 162 -32.43 -8.19 -28.22
N SER A 163 -32.98 -7.00 -28.19
CA SER A 163 -32.76 -6.07 -27.13
C SER A 163 -33.56 -6.40 -25.87
N VAL A 164 -34.75 -6.98 -26.06
CA VAL A 164 -35.61 -7.34 -24.92
C VAL A 164 -34.92 -8.44 -24.15
N THR A 165 -34.52 -9.46 -24.86
CA THR A 165 -33.80 -10.56 -24.28
C THR A 165 -32.35 -10.14 -23.92
N GLY A 166 -31.87 -9.02 -24.48
CA GLY A 166 -30.54 -8.57 -24.21
C GLY A 166 -30.40 -8.07 -22.79
N THR A 167 -31.51 -7.69 -22.19
CA THR A 167 -31.51 -7.30 -20.80
C THR A 167 -31.18 -8.53 -19.96
N GLN A 168 -31.84 -9.64 -20.29
CA GLN A 168 -31.64 -10.93 -19.65
C GLN A 168 -30.20 -11.40 -19.86
N TRP A 169 -29.67 -11.15 -21.04
CA TRP A 169 -28.28 -11.42 -21.38
C TRP A 169 -27.37 -10.71 -20.39
N MET A 170 -27.55 -9.40 -20.25
CA MET A 170 -26.74 -8.61 -19.34
C MET A 170 -27.00 -9.00 -17.88
N ARG A 171 -28.22 -9.42 -17.59
CA ARG A 171 -28.55 -9.97 -16.29
C ARG A 171 -27.67 -11.17 -16.01
N GLY A 172 -27.61 -12.08 -16.97
CA GLY A 172 -26.75 -13.24 -16.86
C GLY A 172 -25.30 -12.85 -16.71
N VAL A 173 -24.85 -11.89 -17.52
CA VAL A 173 -23.48 -11.37 -17.48
C VAL A 173 -23.14 -10.83 -16.07
N SER A 174 -24.03 -10.01 -15.53
CA SER A 174 -23.79 -9.40 -14.25
C SER A 174 -23.87 -10.42 -13.11
N ARG A 175 -24.71 -11.43 -13.29
CA ARG A 175 -24.83 -12.51 -12.32
C ARG A 175 -23.59 -13.40 -12.37
N HIS A 176 -23.16 -13.74 -13.58
CA HIS A 176 -22.00 -14.60 -13.77
C HIS A 176 -20.71 -13.97 -13.31
N PHE A 177 -20.49 -12.74 -13.71
CA PHE A 177 -19.27 -12.06 -13.33
C PHE A 177 -19.38 -11.40 -11.96
N SER A 178 -20.56 -11.55 -11.33
CA SER A 178 -20.88 -10.99 -10.01
C SER A 178 -20.66 -9.47 -9.93
N ILE A 179 -20.88 -8.81 -11.05
CA ILE A 179 -20.62 -7.39 -11.16
C ILE A 179 -21.91 -6.62 -11.25
N GLN A 180 -21.88 -5.40 -10.84
CA GLN A 180 -23.05 -4.59 -10.81
C GLN A 180 -23.22 -3.84 -12.12
N LEU A 181 -23.99 -4.39 -13.01
CA LEU A 181 -24.29 -3.76 -14.28
C LEU A 181 -25.76 -3.75 -14.49
N ALA A 182 -26.31 -2.58 -14.63
CA ALA A 182 -27.73 -2.41 -14.85
C ALA A 182 -28.03 -2.74 -16.30
N ALA A 183 -29.09 -3.51 -16.53
CA ALA A 183 -29.50 -3.97 -17.88
C ALA A 183 -29.95 -2.80 -18.76
N ASP A 184 -30.07 -1.65 -18.13
CA ASP A 184 -30.37 -0.38 -18.81
C ASP A 184 -29.23 0.00 -19.72
N ALA A 185 -28.06 -0.59 -19.45
CA ALA A 185 -26.84 -0.30 -20.18
C ALA A 185 -26.94 -0.61 -21.68
N ILE A 186 -27.90 -1.46 -22.09
CA ILE A 186 -28.04 -1.83 -23.50
C ILE A 186 -28.52 -0.65 -24.37
N TYR A 187 -28.78 0.47 -23.74
CA TYR A 187 -29.22 1.66 -24.44
C TYR A 187 -28.27 2.82 -24.15
N THR A 188 -27.04 2.52 -23.79
CA THR A 188 -26.06 3.55 -23.54
C THR A 188 -24.64 3.09 -23.93
N TRP A 189 -24.57 2.08 -24.78
CA TRP A 189 -23.32 1.57 -25.26
C TRP A 189 -23.42 1.36 -26.78
N PRO A 190 -22.84 2.25 -27.58
CA PRO A 190 -22.90 2.16 -29.05
C PRO A 190 -22.11 0.99 -29.63
N THR A 191 -21.03 0.67 -28.98
CA THR A 191 -20.14 -0.38 -29.39
C THR A 191 -20.43 -1.67 -28.64
N LEU A 192 -20.04 -2.77 -29.26
CA LEU A 192 -20.32 -4.12 -28.77
C LEU A 192 -19.32 -4.55 -27.69
N LYS A 193 -18.10 -4.08 -27.81
CA LYS A 193 -17.03 -4.41 -26.86
C LYS A 193 -17.13 -3.62 -25.56
N SER A 194 -18.06 -2.69 -25.51
CA SER A 194 -18.27 -1.81 -24.36
C SER A 194 -18.45 -2.58 -23.04
N LEU A 195 -19.11 -3.73 -23.12
CA LEU A 195 -19.37 -4.59 -21.98
C LEU A 195 -18.04 -5.05 -21.35
N ALA A 196 -17.02 -5.17 -22.17
CA ALA A 196 -15.73 -5.61 -21.69
C ALA A 196 -15.05 -4.48 -20.93
N ASP A 197 -15.44 -3.25 -21.19
CA ASP A 197 -14.91 -2.10 -20.44
C ASP A 197 -15.65 -1.97 -19.11
N GLU A 198 -16.93 -2.37 -19.10
CA GLU A 198 -17.76 -2.35 -17.90
C GLU A 198 -17.10 -3.19 -16.81
N VAL A 199 -16.91 -4.44 -17.13
CA VAL A 199 -16.31 -5.40 -16.23
C VAL A 199 -14.84 -5.04 -15.90
N ASP A 200 -14.11 -4.52 -16.88
CA ASP A 200 -12.71 -4.09 -16.72
C ASP A 200 -12.61 -3.01 -15.66
N ARG A 201 -13.57 -2.12 -15.67
CA ARG A 201 -13.65 -1.01 -14.76
C ARG A 201 -14.08 -1.50 -13.38
N ARG A 202 -15.04 -2.43 -13.37
CA ARG A 202 -15.58 -2.97 -12.12
C ARG A 202 -14.56 -3.84 -11.39
N VAL A 203 -13.99 -4.81 -12.06
CA VAL A 203 -13.03 -5.70 -11.43
C VAL A 203 -11.72 -4.96 -11.22
N GLN A 204 -11.08 -4.61 -12.33
CA GLN A 204 -9.85 -3.82 -12.37
C GLN A 204 -8.71 -4.48 -11.60
N VAL A 22 17.98 -9.71 9.02
CA VAL A 22 17.04 -9.52 10.14
C VAL A 22 15.73 -8.92 9.64
N ALA A 23 14.64 -9.25 10.32
CA ALA A 23 13.33 -8.75 9.98
C ALA A 23 12.78 -7.90 11.10
N ASP A 24 12.73 -8.47 12.32
CA ASP A 24 12.23 -7.72 13.48
C ASP A 24 13.28 -6.75 13.90
N ASP A 25 14.48 -7.28 14.00
CA ASP A 25 15.66 -6.55 14.46
C ASP A 25 16.09 -5.48 13.44
N GLU A 26 15.57 -5.60 12.22
CA GLU A 26 15.91 -4.69 11.15
C GLU A 26 15.35 -3.29 11.46
N CYS A 27 14.20 -3.29 12.12
CA CYS A 27 13.55 -2.06 12.55
C CYS A 27 14.45 -1.28 13.51
N ALA A 28 15.21 -2.01 14.33
CA ALA A 28 16.12 -1.39 15.27
C ALA A 28 17.22 -0.66 14.54
N GLN A 29 17.83 -1.34 13.56
CA GLN A 29 18.87 -0.74 12.72
C GLN A 29 18.36 0.46 11.97
N PHE A 30 17.16 0.34 11.42
CA PHE A 30 16.54 1.41 10.65
C PHE A 30 16.30 2.64 11.52
N LEU A 31 15.76 2.43 12.69
CA LEU A 31 15.46 3.52 13.59
C LEU A 31 16.73 4.13 14.15
N ARG A 32 17.63 3.30 14.65
CA ARG A 32 18.83 3.83 15.29
C ARG A 32 19.75 4.49 14.27
N GLN A 33 19.53 4.19 12.99
CA GLN A 33 20.26 4.80 11.91
C GLN A 33 20.05 6.30 11.92
N SER A 34 18.80 6.71 12.00
CA SER A 34 18.49 8.13 11.97
C SER A 34 18.75 8.75 13.33
N LEU A 35 18.56 7.96 14.38
CA LEU A 35 18.80 8.39 15.74
C LEU A 35 20.27 8.77 15.88
N ALA A 36 21.14 7.86 15.49
CA ALA A 36 22.56 8.09 15.59
C ALA A 36 23.03 9.12 14.58
N ALA A 37 22.31 9.28 13.49
CA ALA A 37 22.68 10.26 12.49
C ALA A 37 22.37 11.68 12.99
N MET A 38 21.35 11.80 13.81
CA MET A 38 20.98 13.10 14.35
C MET A 38 21.79 13.43 15.59
N LEU A 39 22.16 12.40 16.33
CA LEU A 39 22.91 12.58 17.57
C LEU A 39 24.40 12.41 17.34
N TYR A 40 24.76 12.08 16.10
CA TYR A 40 26.14 11.90 15.62
C TYR A 40 26.87 10.80 16.40
N CYS A 41 26.15 9.73 16.65
CA CYS A 41 26.64 8.61 17.43
C CYS A 41 26.92 7.43 16.47
N GLU A 42 27.35 6.32 17.02
CA GLU A 42 27.74 5.15 16.23
C GLU A 42 26.59 4.13 16.17
N PRO A 43 25.88 4.08 15.00
CA PRO A 43 24.66 3.25 14.80
C PRO A 43 24.82 1.78 15.14
N GLY A 44 25.94 1.20 14.79
CA GLY A 44 26.11 -0.23 14.99
C GLY A 44 26.43 -0.61 16.42
N GLN A 45 26.76 0.36 17.24
CA GLN A 45 27.17 0.10 18.59
C GLN A 45 26.66 1.11 19.60
N ILE A 46 25.34 1.24 19.68
CA ILE A 46 24.74 2.10 20.70
C ILE A 46 24.31 1.28 21.88
N ARG A 47 24.32 -0.06 21.69
CA ARG A 47 23.93 -1.06 22.67
C ARG A 47 22.40 -1.10 22.82
N ASP A 48 21.85 -2.28 22.69
CA ASP A 48 20.39 -2.49 22.67
C ASP A 48 19.68 -2.17 23.98
N GLY A 49 20.40 -2.22 25.08
CA GLY A 49 19.77 -1.96 26.36
C GLY A 49 19.91 -0.52 26.81
N SER A 50 20.46 0.30 25.95
CA SER A 50 20.69 1.69 26.27
C SER A 50 19.39 2.50 26.36
N ARG A 51 19.46 3.53 27.17
CA ARG A 51 18.38 4.42 27.41
C ARG A 51 18.40 5.57 26.44
N PHE A 52 17.26 5.88 25.85
CA PHE A 52 17.17 6.93 24.80
C PHE A 52 17.88 8.21 25.19
N LEU A 53 17.54 8.72 26.36
CA LEU A 53 18.08 9.97 26.91
C LEU A 53 19.62 9.92 26.99
N GLU A 54 20.15 8.75 27.33
CA GLU A 54 21.58 8.56 27.52
C GLU A 54 22.32 8.59 26.18
N LEU A 55 21.59 8.28 25.11
CA LEU A 55 22.17 8.26 23.77
C LEU A 55 22.30 9.67 23.22
N GLY A 56 21.64 10.61 23.87
CA GLY A 56 21.68 11.97 23.41
C GLY A 56 20.31 12.45 23.02
N LEU A 57 19.36 11.52 22.99
CA LEU A 57 18.00 11.85 22.64
C LEU A 57 17.38 12.67 23.76
N ASP A 58 16.71 13.71 23.37
CA ASP A 58 16.07 14.63 24.29
C ASP A 58 14.59 14.53 24.10
N SER A 59 13.80 14.97 25.04
CA SER A 59 12.36 14.89 24.91
C SER A 59 11.86 15.68 23.66
N VAL A 60 12.53 16.78 23.34
CA VAL A 60 12.16 17.56 22.15
C VAL A 60 12.54 16.79 20.89
N ILE A 61 13.70 16.17 20.94
CA ILE A 61 14.25 15.42 19.81
C ILE A 61 13.40 14.15 19.57
N ALA A 62 12.79 13.65 20.64
CA ALA A 62 11.93 12.50 20.58
C ALA A 62 10.75 12.76 19.68
N ALA A 63 10.10 13.90 19.89
CA ALA A 63 8.94 14.30 19.09
C ALA A 63 9.33 14.43 17.63
N GLN A 64 10.50 15.02 17.42
CA GLN A 64 11.06 15.23 16.08
C GLN A 64 11.24 13.91 15.33
N TRP A 65 11.79 12.94 16.03
CA TRP A 65 12.05 11.64 15.53
C TRP A 65 10.73 10.86 15.38
N ILE A 66 9.84 10.99 16.36
CA ILE A 66 8.51 10.33 16.36
C ILE A 66 7.75 10.59 15.08
N ARG A 67 7.72 11.85 14.66
CA ARG A 67 7.01 12.22 13.44
C ARG A 67 7.55 11.45 12.24
N GLU A 68 8.87 11.28 12.19
CA GLU A 68 9.46 10.55 11.11
C GLU A 68 9.22 9.06 11.23
N ILE A 69 9.21 8.54 12.45
CA ILE A 69 8.89 7.12 12.67
C ILE A 69 7.48 6.84 12.13
N ASN A 70 6.56 7.73 12.48
CA ASN A 70 5.16 7.64 12.07
C ASN A 70 5.05 7.67 10.56
N LYS A 71 5.85 8.49 9.92
CA LYS A 71 5.82 8.67 8.49
C LYS A 71 6.55 7.55 7.74
N HIS A 72 7.72 7.17 8.23
CA HIS A 72 8.56 6.18 7.55
C HIS A 72 7.93 4.81 7.50
N TYR A 73 7.34 4.38 8.59
CA TYR A 73 6.72 3.07 8.61
C TYR A 73 5.23 3.12 8.34
N GLN A 74 4.67 4.34 8.35
CA GLN A 74 3.22 4.58 8.22
C GLN A 74 2.54 3.85 9.37
N LEU A 75 3.02 4.12 10.55
CA LEU A 75 2.60 3.42 11.73
C LEU A 75 2.15 4.39 12.81
N LYS A 76 1.04 4.09 13.44
CA LYS A 76 0.50 4.90 14.50
C LYS A 76 1.28 4.68 15.81
N ILE A 77 2.49 5.13 15.84
CA ILE A 77 3.28 5.08 17.04
C ILE A 77 2.94 6.26 17.93
N PRO A 78 2.45 5.99 19.14
CA PRO A 78 2.19 7.02 20.12
C PRO A 78 3.50 7.59 20.63
N ALA A 79 3.54 8.92 20.74
CA ALA A 79 4.73 9.65 21.13
C ALA A 79 5.20 9.28 22.53
N ASP A 80 4.29 8.71 23.33
CA ASP A 80 4.63 8.27 24.67
C ASP A 80 5.55 7.05 24.66
N GLY A 81 5.70 6.42 23.49
CA GLY A 81 6.60 5.28 23.33
C GLY A 81 8.06 5.59 23.72
N ILE A 82 8.45 6.85 23.69
CA ILE A 82 9.81 7.24 24.07
C ILE A 82 9.73 8.12 25.32
N TYR A 83 8.53 8.37 25.76
CA TYR A 83 8.32 9.20 26.91
C TYR A 83 8.30 8.35 28.16
N THR A 84 7.56 7.27 28.12
CA THR A 84 7.46 6.43 29.29
C THR A 84 8.46 5.24 29.22
N TYR A 85 8.87 4.87 28.02
CA TYR A 85 9.80 3.77 27.87
C TYR A 85 11.20 4.29 27.66
N PRO A 86 12.12 3.98 28.57
CA PRO A 86 13.49 4.43 28.46
C PRO A 86 14.42 3.41 27.79
N VAL A 87 13.92 2.27 27.41
CA VAL A 87 14.77 1.19 26.87
C VAL A 87 14.46 0.96 25.40
N PHE A 88 15.50 1.09 24.56
CA PHE A 88 15.40 1.02 23.10
C PHE A 88 14.97 -0.37 22.65
N LYS A 89 15.44 -1.37 23.33
CA LYS A 89 15.15 -2.76 23.05
C LYS A 89 13.65 -3.05 23.24
N ALA A 90 13.06 -2.47 24.26
CA ALA A 90 11.65 -2.66 24.54
C ALA A 90 10.81 -1.99 23.45
N PHE A 91 11.17 -0.78 23.11
CA PHE A 91 10.45 -0.01 22.11
C PHE A 91 10.59 -0.60 20.70
N THR A 92 11.74 -1.13 20.36
CA THR A 92 11.91 -1.70 19.03
C THR A 92 11.01 -2.93 18.80
N GLN A 93 10.80 -3.71 19.84
CA GLN A 93 9.89 -4.84 19.74
C GLN A 93 8.44 -4.32 19.68
N TRP A 94 8.21 -3.22 20.38
CA TRP A 94 6.93 -2.52 20.38
C TRP A 94 6.59 -2.07 18.96
N VAL A 95 7.59 -1.62 18.24
CA VAL A 95 7.38 -1.17 16.87
C VAL A 95 7.12 -2.39 15.99
N GLY A 96 7.97 -3.40 16.14
CA GLY A 96 7.89 -4.63 15.34
C GLY A 96 6.55 -5.33 15.47
N THR A 97 6.04 -5.42 16.69
CA THR A 97 4.78 -6.09 16.94
C THR A 97 3.58 -5.37 16.28
N GLN A 98 3.67 -4.06 16.12
CA GLN A 98 2.59 -3.32 15.47
C GLN A 98 2.75 -3.33 13.97
N LEU A 99 3.97 -3.54 13.50
CA LEU A 99 4.25 -3.59 12.09
C LEU A 99 3.72 -4.86 11.47
N GLN A 100 2.93 -4.69 10.47
CA GLN A 100 2.40 -5.79 9.72
C GLN A 100 3.16 -5.86 8.41
N PRO A 101 4.06 -6.84 8.27
CA PRO A 101 4.88 -6.98 7.08
C PRO A 101 4.05 -7.32 5.83
N THR A 102 4.18 -6.50 4.83
CA THR A 102 3.54 -6.74 3.57
C THR A 102 4.47 -7.57 2.71
N GLN A 103 3.92 -8.44 1.88
CA GLN A 103 4.75 -9.27 1.06
C GLN A 103 5.21 -8.52 -0.17
N ALA A 104 6.32 -7.83 -0.02
CA ALA A 104 6.92 -7.07 -1.09
C ALA A 104 7.70 -8.01 -1.99
N THR A 105 8.17 -9.09 -1.41
CA THR A 105 8.89 -10.10 -2.14
C THR A 105 7.87 -11.05 -2.80
N ALA A 106 7.23 -10.53 -3.83
CA ALA A 106 6.25 -11.27 -4.58
C ALA A 106 6.92 -11.96 -5.76
N ALA A 107 6.13 -12.42 -6.71
CA ALA A 107 6.63 -13.10 -7.90
C ALA A 107 7.66 -12.23 -8.62
N PRO A 108 8.82 -12.81 -8.99
CA PRO A 108 9.86 -12.08 -9.70
C PRO A 108 9.41 -11.70 -11.11
N VAL A 109 8.96 -10.48 -11.23
CA VAL A 109 8.58 -9.94 -12.51
C VAL A 109 9.80 -9.29 -13.10
N GLN A 110 10.26 -9.81 -14.21
CA GLN A 110 11.45 -9.28 -14.81
C GLN A 110 11.12 -8.09 -15.69
N ARG A 111 10.66 -7.06 -15.07
CA ARG A 111 10.35 -5.83 -15.73
C ARG A 111 10.71 -4.73 -14.78
N GLU A 112 11.33 -3.72 -15.30
CA GLU A 112 11.74 -2.58 -14.52
C GLU A 112 10.54 -1.64 -14.41
N PRO A 113 10.11 -1.25 -13.18
CA PRO A 113 8.99 -0.32 -12.97
C PRO A 113 9.37 1.13 -13.34
N VAL A 114 9.90 1.29 -14.52
CA VAL A 114 10.36 2.55 -15.02
C VAL A 114 9.25 3.24 -15.81
N ALA A 115 8.33 2.47 -16.33
CA ALA A 115 7.26 3.01 -17.14
C ALA A 115 5.93 2.97 -16.42
N THR A 116 5.98 2.76 -15.11
CA THR A 116 4.78 2.73 -14.32
C THR A 116 4.21 4.15 -14.21
N ALA A 117 5.09 5.10 -14.01
CA ALA A 117 4.71 6.48 -13.88
C ALA A 117 5.65 7.37 -14.68
N PRO A 118 5.40 7.56 -15.99
CA PRO A 118 6.18 8.49 -16.82
C PRO A 118 5.76 9.98 -16.58
N GLN A 119 5.58 10.32 -15.32
CA GLN A 119 5.17 11.63 -14.85
C GLN A 119 5.20 11.49 -13.32
N PRO A 120 5.41 12.56 -12.54
CA PRO A 120 5.37 12.47 -11.07
C PRO A 120 4.02 11.94 -10.56
N GLY A 121 4.09 10.88 -9.78
CA GLY A 121 2.90 10.27 -9.22
C GLY A 121 2.09 9.52 -10.25
N ALA A 122 0.83 9.28 -9.96
CA ALA A 122 -0.05 8.58 -10.87
C ALA A 122 -0.73 9.55 -11.82
N GLN A 123 -0.15 10.75 -11.90
CA GLN A 123 -0.63 11.82 -12.76
C GLN A 123 -0.30 11.50 -14.20
N ALA A 124 0.44 10.43 -14.40
CA ALA A 124 0.78 9.96 -15.72
C ALA A 124 -0.45 9.54 -16.47
N SER A 125 -1.38 8.92 -15.71
CA SER A 125 -2.69 8.45 -16.16
C SER A 125 -2.55 7.49 -17.36
N ALA A 126 -1.37 6.89 -17.47
CA ALA A 126 -1.04 6.03 -18.58
C ALA A 126 -1.69 4.69 -18.40
N GLN A 127 -1.53 4.12 -17.20
CA GLN A 127 -2.17 2.85 -16.88
C GLN A 127 -3.67 3.04 -16.90
N ARG A 128 -4.11 4.15 -16.30
CA ARG A 128 -5.51 4.57 -16.27
C ARG A 128 -6.15 4.54 -17.68
N GLU A 129 -5.56 5.29 -18.61
CA GLU A 129 -6.10 5.39 -19.95
C GLU A 129 -6.02 4.06 -20.69
N SER A 130 -4.91 3.35 -20.53
CA SER A 130 -4.73 2.05 -21.14
C SER A 130 -5.84 1.09 -20.67
N ILE A 131 -6.04 1.01 -19.35
CA ILE A 131 -7.07 0.16 -18.76
C ILE A 131 -8.45 0.59 -19.25
N GLN A 132 -8.65 1.89 -19.35
CA GLN A 132 -9.91 2.48 -19.81
C GLN A 132 -10.26 1.99 -21.22
N ASP A 133 -9.26 1.98 -22.09
CA ASP A 133 -9.45 1.55 -23.46
C ASP A 133 -9.66 0.03 -23.53
N TYR A 134 -8.87 -0.70 -22.74
CA TYR A 134 -9.05 -2.16 -22.66
C TYR A 134 -10.41 -2.51 -22.10
N LEU A 135 -10.83 -1.77 -21.10
CA LEU A 135 -12.15 -1.91 -20.49
C LEU A 135 -13.21 -1.83 -21.53
N LYS A 136 -13.10 -0.79 -22.33
CA LYS A 136 -14.03 -0.50 -23.38
C LYS A 136 -14.10 -1.67 -24.39
N GLN A 137 -12.95 -2.16 -24.80
CA GLN A 137 -12.89 -3.23 -25.78
C GLN A 137 -13.37 -4.55 -25.19
N SER A 138 -12.89 -4.85 -23.99
CA SER A 138 -13.19 -6.09 -23.30
C SER A 138 -14.68 -6.19 -22.96
N LEU A 139 -15.25 -5.09 -22.46
CA LEU A 139 -16.65 -5.10 -22.12
C LEU A 139 -17.48 -5.20 -23.38
N GLY A 140 -17.07 -4.48 -24.41
CA GLY A 140 -17.77 -4.49 -25.69
C GLY A 140 -17.82 -5.89 -26.29
N GLU A 141 -16.73 -6.62 -26.12
CA GLU A 141 -16.59 -8.01 -26.55
C GLU A 141 -17.73 -8.88 -25.95
N LEU A 142 -17.94 -8.71 -24.66
CA LEU A 142 -18.92 -9.50 -23.92
C LEU A 142 -20.33 -8.91 -23.97
N LEU A 143 -20.42 -7.64 -24.22
CA LEU A 143 -21.70 -6.98 -24.27
C LEU A 143 -22.35 -7.14 -25.65
N PHE A 144 -21.49 -7.28 -26.68
CA PHE A 144 -21.88 -7.56 -28.09
C PHE A 144 -22.60 -6.38 -28.77
N LEU A 145 -22.75 -5.30 -28.07
CA LEU A 145 -23.41 -4.11 -28.56
C LEU A 145 -23.02 -2.97 -27.65
N ASP A 146 -23.07 -1.75 -28.14
CA ASP A 146 -22.80 -0.59 -27.29
C ASP A 146 -24.07 0.19 -27.08
N PRO A 147 -24.77 -0.04 -25.96
CA PRO A 147 -25.95 0.75 -25.58
C PRO A 147 -25.53 2.13 -25.07
N GLY A 148 -24.24 2.25 -24.74
CA GLY A 148 -23.66 3.53 -24.36
C GLY A 148 -23.78 3.81 -22.89
N GLN A 149 -23.44 2.84 -22.07
CA GLN A 149 -23.60 3.00 -20.63
C GLN A 149 -22.29 2.85 -19.89
N LEU A 150 -21.19 2.86 -20.63
CA LEU A 150 -19.84 2.61 -20.09
C LEU A 150 -19.52 3.56 -18.95
N ARG A 151 -19.98 4.74 -19.11
CA ARG A 151 -19.70 5.80 -18.19
C ARG A 151 -20.84 6.00 -17.19
N SER A 152 -20.81 5.20 -16.13
CA SER A 152 -21.73 5.29 -14.98
C SER A 152 -23.17 4.82 -15.26
N GLY A 153 -23.48 4.49 -16.50
CA GLY A 153 -24.83 4.01 -16.80
C GLY A 153 -24.95 2.54 -16.50
N ALA A 154 -23.87 1.85 -16.73
CA ALA A 154 -23.74 0.44 -16.49
C ALA A 154 -23.60 0.18 -15.01
N GLN A 155 -24.69 -0.12 -14.38
CA GLN A 155 -24.68 -0.46 -12.98
C GLN A 155 -24.42 -1.95 -12.84
N PHE A 156 -24.32 -2.48 -11.63
CA PHE A 156 -24.16 -3.94 -11.48
C PHE A 156 -25.37 -4.67 -12.09
N LEU A 157 -26.48 -3.94 -12.17
CA LEU A 157 -27.72 -4.41 -12.77
C LEU A 157 -27.50 -4.74 -14.25
N ASP A 158 -26.58 -4.03 -14.87
CA ASP A 158 -26.32 -4.17 -16.30
C ASP A 158 -25.25 -5.21 -16.54
N LEU A 159 -24.25 -5.23 -15.68
CA LEU A 159 -23.17 -6.22 -15.79
C LEU A 159 -23.67 -7.61 -15.38
N GLY A 160 -24.65 -7.64 -14.52
CA GLY A 160 -25.18 -8.90 -14.02
C GLY A 160 -26.23 -9.51 -14.91
N MET A 161 -26.17 -9.25 -16.20
CA MET A 161 -27.12 -9.85 -17.13
C MET A 161 -26.78 -11.31 -17.36
N ASP A 162 -25.51 -11.64 -17.26
CA ASP A 162 -25.07 -12.99 -17.47
C ASP A 162 -23.84 -13.30 -16.63
N SER A 163 -23.98 -14.27 -15.78
CA SER A 163 -22.95 -14.65 -14.85
C SER A 163 -21.78 -15.42 -15.49
N VAL A 164 -22.01 -16.13 -16.61
CA VAL A 164 -20.91 -16.85 -17.24
C VAL A 164 -19.99 -15.84 -17.87
N THR A 165 -20.61 -14.79 -18.37
CA THR A 165 -19.89 -13.63 -18.84
C THR A 165 -19.10 -13.02 -17.68
N GLY A 166 -19.79 -12.80 -16.54
CA GLY A 166 -19.16 -12.23 -15.36
C GLY A 166 -17.89 -12.96 -14.93
N THR A 167 -18.00 -14.27 -14.72
CA THR A 167 -16.84 -15.04 -14.28
C THR A 167 -15.70 -15.04 -15.30
N GLN A 168 -16.03 -15.24 -16.57
CA GLN A 168 -15.06 -15.32 -17.65
C GLN A 168 -14.35 -13.97 -17.83
N TRP A 169 -15.15 -12.93 -17.92
CA TRP A 169 -14.66 -11.59 -18.14
C TRP A 169 -13.82 -11.13 -16.97
N MET A 170 -14.25 -11.44 -15.76
CA MET A 170 -13.55 -11.05 -14.55
C MET A 170 -12.14 -11.61 -14.54
N ARG A 171 -12.01 -12.91 -14.69
CA ARG A 171 -10.70 -13.56 -14.68
C ARG A 171 -9.84 -13.10 -15.85
N GLY A 172 -10.46 -12.91 -17.01
CA GLY A 172 -9.76 -12.47 -18.19
C GLY A 172 -9.13 -11.11 -18.00
N VAL A 173 -9.92 -10.14 -17.59
CA VAL A 173 -9.44 -8.76 -17.38
C VAL A 173 -8.38 -8.71 -16.28
N SER A 174 -8.61 -9.44 -15.21
CA SER A 174 -7.71 -9.46 -14.08
C SER A 174 -6.31 -9.96 -14.49
N ARG A 175 -6.28 -11.14 -15.07
CA ARG A 175 -5.04 -11.79 -15.47
C ARG A 175 -4.37 -11.06 -16.61
N HIS A 176 -5.17 -10.36 -17.39
CA HIS A 176 -4.68 -9.61 -18.53
C HIS A 176 -3.75 -8.49 -18.08
N PHE A 177 -3.98 -7.94 -16.90
CA PHE A 177 -3.11 -6.92 -16.40
C PHE A 177 -2.09 -7.48 -15.45
N SER A 178 -2.54 -7.92 -14.26
CA SER A 178 -1.63 -8.45 -13.21
C SER A 178 -2.38 -8.67 -11.90
N ILE A 179 -3.69 -8.72 -11.91
CA ILE A 179 -4.43 -8.81 -10.66
C ILE A 179 -5.31 -10.03 -10.68
N GLN A 180 -5.86 -10.37 -9.55
CA GLN A 180 -6.82 -11.44 -9.50
C GLN A 180 -8.06 -11.02 -8.75
N LEU A 181 -9.16 -11.04 -9.43
CA LEU A 181 -10.43 -10.69 -8.87
C LEU A 181 -11.37 -11.88 -8.96
N ALA A 182 -12.14 -12.06 -7.93
CA ALA A 182 -13.08 -13.16 -7.81
C ALA A 182 -14.30 -12.90 -8.68
N ALA A 183 -14.90 -13.98 -9.17
CA ALA A 183 -16.04 -13.95 -10.09
C ALA A 183 -17.28 -13.30 -9.47
N ASP A 184 -17.26 -13.17 -8.17
CA ASP A 184 -18.37 -12.57 -7.44
C ASP A 184 -18.16 -11.08 -7.24
N ALA A 185 -17.05 -10.56 -7.76
CA ALA A 185 -16.74 -9.14 -7.59
C ALA A 185 -17.73 -8.22 -8.30
N ILE A 186 -18.51 -8.75 -9.25
CA ILE A 186 -19.49 -7.93 -9.94
C ILE A 186 -20.74 -7.65 -9.08
N TYR A 187 -20.69 -8.05 -7.82
CA TYR A 187 -21.72 -7.72 -6.84
C TYR A 187 -21.30 -6.53 -5.99
N THR A 188 -20.01 -6.20 -6.00
CA THR A 188 -19.51 -5.15 -5.13
C THR A 188 -19.28 -3.84 -5.88
N TRP A 189 -19.85 -3.71 -7.07
CA TRP A 189 -19.65 -2.51 -7.87
C TRP A 189 -20.98 -1.89 -8.22
N PRO A 190 -21.21 -0.64 -7.77
CA PRO A 190 -22.42 0.09 -8.10
C PRO A 190 -22.50 0.34 -9.59
N THR A 191 -21.35 0.60 -10.20
CA THR A 191 -21.25 0.80 -11.62
C THR A 191 -19.94 0.23 -12.15
N LEU A 192 -19.80 0.14 -13.46
CA LEU A 192 -18.58 -0.34 -14.11
C LEU A 192 -17.32 0.40 -13.61
N LYS A 193 -17.46 1.71 -13.46
CA LYS A 193 -16.35 2.60 -13.09
C LYS A 193 -15.67 2.22 -11.76
N SER A 194 -16.38 1.51 -10.90
CA SER A 194 -15.84 1.10 -9.62
C SER A 194 -14.72 0.04 -9.81
N LEU A 195 -14.80 -0.70 -10.91
CA LEU A 195 -13.76 -1.65 -11.28
C LEU A 195 -12.50 -0.88 -11.63
N ALA A 196 -12.70 0.16 -12.43
CA ALA A 196 -11.62 1.06 -12.83
C ALA A 196 -10.97 1.72 -11.62
N ASP A 197 -11.72 1.89 -10.54
CA ASP A 197 -11.19 2.46 -9.32
C ASP A 197 -10.32 1.47 -8.57
N GLU A 198 -10.74 0.20 -8.51
CA GLU A 198 -9.94 -0.78 -7.79
C GLU A 198 -8.69 -1.18 -8.52
N VAL A 199 -8.74 -1.23 -9.84
CA VAL A 199 -7.57 -1.58 -10.60
C VAL A 199 -6.55 -0.43 -10.55
N ASP A 200 -7.05 0.82 -10.50
CA ASP A 200 -6.20 2.01 -10.40
C ASP A 200 -5.37 1.94 -9.14
N ARG A 201 -6.05 1.68 -8.03
CA ARG A 201 -5.43 1.61 -6.71
C ARG A 201 -4.42 0.47 -6.61
N ARG A 202 -4.66 -0.59 -7.36
CA ARG A 202 -3.81 -1.74 -7.30
C ARG A 202 -2.59 -1.62 -8.22
N VAL A 203 -2.84 -1.30 -9.49
CA VAL A 203 -1.77 -1.21 -10.49
C VAL A 203 -0.93 0.05 -10.28
N GLN A 204 -1.58 1.11 -9.90
CA GLN A 204 -0.91 2.34 -9.57
C GLN A 204 -0.79 2.46 -8.06
N VAL A 22 7.30 -1.99 5.39
CA VAL A 22 6.83 -0.78 6.02
C VAL A 22 7.98 -0.20 6.81
N ALA A 23 8.79 0.65 6.16
CA ALA A 23 10.02 1.22 6.74
C ALA A 23 9.80 1.84 8.12
N ASP A 24 8.68 2.51 8.30
CA ASP A 24 8.33 3.15 9.58
C ASP A 24 8.20 2.12 10.69
N ASP A 25 7.31 1.16 10.48
CA ASP A 25 7.08 0.11 11.46
C ASP A 25 8.30 -0.74 11.63
N GLU A 26 9.06 -0.91 10.56
CA GLU A 26 10.29 -1.66 10.55
C GLU A 26 11.32 -1.03 11.50
N CYS A 27 11.38 0.30 11.51
CA CYS A 27 12.24 1.01 12.42
C CYS A 27 11.77 0.76 13.88
N ALA A 28 10.46 0.65 14.06
CA ALA A 28 9.89 0.39 15.36
C ALA A 28 10.06 -1.08 15.74
N GLN A 29 10.05 -1.98 14.75
CA GLN A 29 10.21 -3.44 14.94
C GLN A 29 11.41 -3.75 15.76
N PHE A 30 12.55 -3.19 15.39
CA PHE A 30 13.78 -3.44 16.11
C PHE A 30 13.66 -2.98 17.56
N LEU A 31 13.08 -1.84 17.78
CA LEU A 31 12.95 -1.29 19.10
C LEU A 31 11.92 -2.07 19.91
N ARG A 32 10.88 -2.50 19.25
CA ARG A 32 9.81 -3.30 19.82
C ARG A 32 10.38 -4.66 20.23
N GLN A 33 11.14 -5.26 19.33
CA GLN A 33 11.77 -6.56 19.52
C GLN A 33 12.80 -6.52 20.66
N SER A 34 13.64 -5.50 20.64
CA SER A 34 14.70 -5.39 21.62
C SER A 34 14.19 -5.02 23.00
N LEU A 35 13.19 -4.12 23.05
CA LEU A 35 12.61 -3.69 24.33
C LEU A 35 11.99 -4.92 25.00
N ALA A 36 11.24 -5.68 24.20
CA ALA A 36 10.60 -6.88 24.67
C ALA A 36 11.62 -7.90 25.15
N ALA A 37 12.67 -8.09 24.38
CA ALA A 37 13.72 -9.04 24.71
C ALA A 37 14.49 -8.64 25.96
N MET A 38 14.79 -7.37 26.09
CA MET A 38 15.56 -6.89 27.22
C MET A 38 14.75 -6.87 28.50
N LEU A 39 13.54 -6.38 28.42
CA LEU A 39 12.72 -6.22 29.62
C LEU A 39 11.91 -7.48 29.92
N TYR A 40 11.92 -8.41 28.97
CA TYR A 40 11.21 -9.68 29.05
C TYR A 40 9.69 -9.40 29.05
N CYS A 41 9.32 -8.41 28.29
CA CYS A 41 7.94 -8.03 28.17
C CYS A 41 7.46 -8.44 26.80
N GLU A 42 6.18 -8.49 26.58
CA GLU A 42 5.67 -8.88 25.29
C GLU A 42 5.47 -7.69 24.39
N PRO A 43 5.89 -7.81 23.10
CA PRO A 43 5.81 -6.73 22.12
C PRO A 43 4.38 -6.46 21.62
N GLY A 44 3.45 -7.13 22.22
CA GLY A 44 2.06 -6.92 21.90
C GLY A 44 1.48 -5.80 22.71
N GLN A 45 1.99 -5.62 23.91
CA GLN A 45 1.48 -4.62 24.82
C GLN A 45 2.29 -3.32 24.72
N ILE A 46 2.50 -2.90 23.50
CA ILE A 46 3.18 -1.68 23.20
C ILE A 46 2.28 -0.89 22.27
N ARG A 47 2.09 0.37 22.55
CA ARG A 47 1.23 1.21 21.76
C ARG A 47 1.86 2.56 21.52
N ASP A 48 1.24 3.36 20.70
CA ASP A 48 1.77 4.69 20.37
C ASP A 48 1.74 5.62 21.58
N GLY A 49 0.63 5.60 22.26
CA GLY A 49 0.40 6.47 23.42
C GLY A 49 0.93 5.91 24.72
N SER A 50 1.66 4.82 24.66
CA SER A 50 2.23 4.19 25.85
C SER A 50 3.17 5.12 26.63
N ARG A 51 3.15 4.99 27.94
CA ARG A 51 4.01 5.75 28.81
C ARG A 51 5.33 5.01 28.80
N PHE A 52 6.27 5.55 28.05
CA PHE A 52 7.54 4.89 27.71
C PHE A 52 8.24 4.22 28.89
N LEU A 53 8.54 4.97 29.91
CA LEU A 53 9.31 4.44 31.03
C LEU A 53 8.42 3.62 31.95
N GLU A 54 7.15 3.98 32.01
CA GLU A 54 6.17 3.29 32.85
C GLU A 54 5.89 1.87 32.36
N LEU A 55 6.42 1.55 31.19
CA LEU A 55 6.31 0.22 30.64
C LEU A 55 7.19 -0.78 31.38
N GLY A 56 7.98 -0.29 32.32
CA GLY A 56 8.75 -1.16 33.15
C GLY A 56 10.24 -0.89 33.11
N LEU A 57 10.64 0.23 32.56
CA LEU A 57 12.05 0.51 32.47
C LEU A 57 12.46 1.72 33.29
N ASP A 58 13.69 1.71 33.71
CA ASP A 58 14.24 2.73 34.59
C ASP A 58 15.49 3.32 33.98
N SER A 59 15.97 4.44 34.53
CA SER A 59 17.12 5.22 34.02
C SER A 59 18.29 4.38 33.46
N VAL A 60 18.78 3.43 34.25
CA VAL A 60 19.91 2.59 33.83
C VAL A 60 19.57 1.77 32.58
N ILE A 61 18.40 1.16 32.59
CA ILE A 61 17.94 0.31 31.50
C ILE A 61 17.71 1.16 30.25
N ALA A 62 17.17 2.35 30.46
CA ALA A 62 16.90 3.30 29.37
C ALA A 62 18.20 3.73 28.71
N ALA A 63 19.21 4.00 29.52
CA ALA A 63 20.53 4.39 29.06
C ALA A 63 21.16 3.28 28.23
N GLN A 64 20.98 2.06 28.68
CA GLN A 64 21.49 0.88 27.99
C GLN A 64 20.82 0.69 26.63
N TRP A 65 19.55 0.95 26.60
CA TRP A 65 18.73 0.83 25.44
C TRP A 65 19.10 1.89 24.37
N ILE A 66 19.13 3.16 24.77
CA ILE A 66 19.48 4.26 23.83
C ILE A 66 20.92 4.07 23.30
N ARG A 67 21.75 3.46 24.12
CA ARG A 67 23.14 3.15 23.81
C ARG A 67 23.19 2.18 22.60
N GLU A 68 22.14 1.38 22.47
CA GLU A 68 22.00 0.44 21.37
C GLU A 68 21.36 1.10 20.15
N ILE A 69 20.46 2.02 20.40
CA ILE A 69 19.79 2.78 19.35
C ILE A 69 20.84 3.56 18.55
N ASN A 70 21.73 4.22 19.28
CA ASN A 70 22.83 5.00 18.71
C ASN A 70 23.64 4.18 17.73
N LYS A 71 23.85 2.91 18.08
CA LYS A 71 24.69 2.04 17.28
C LYS A 71 23.94 1.55 16.05
N HIS A 72 22.80 0.91 16.29
CA HIS A 72 22.04 0.22 15.24
C HIS A 72 21.46 1.14 14.22
N TYR A 73 21.17 2.36 14.63
CA TYR A 73 20.62 3.30 13.70
C TYR A 73 21.64 4.31 13.23
N GLN A 74 22.87 4.16 13.74
CA GLN A 74 24.04 4.95 13.36
C GLN A 74 23.76 6.45 13.55
N LEU A 75 23.20 6.77 14.69
CA LEU A 75 22.78 8.11 14.97
C LEU A 75 23.40 8.59 16.25
N LYS A 76 23.77 9.82 16.27
CA LYS A 76 24.30 10.47 17.45
C LYS A 76 23.15 11.23 18.09
N ILE A 77 22.00 10.60 17.99
CA ILE A 77 20.73 11.07 18.49
C ILE A 77 20.80 11.35 19.99
N PRO A 78 20.29 12.52 20.43
CA PRO A 78 20.22 12.89 21.84
C PRO A 78 19.50 11.84 22.67
N ALA A 79 20.14 11.41 23.75
CA ALA A 79 19.58 10.39 24.64
C ALA A 79 18.43 10.95 25.43
N ASP A 80 18.41 12.27 25.52
CA ASP A 80 17.35 12.99 26.18
C ASP A 80 16.04 12.90 25.40
N GLY A 81 16.09 12.32 24.18
CA GLY A 81 14.91 12.09 23.37
C GLY A 81 13.93 11.14 24.06
N ILE A 82 14.42 10.38 25.03
CA ILE A 82 13.58 9.48 25.80
C ILE A 82 13.23 10.17 27.11
N TYR A 83 14.25 10.78 27.68
CA TYR A 83 14.24 11.40 29.00
C TYR A 83 13.09 12.41 29.14
N THR A 84 12.97 13.28 28.18
CA THR A 84 11.97 14.30 28.25
C THR A 84 10.83 14.07 27.23
N TYR A 85 10.78 12.88 26.65
CA TYR A 85 9.72 12.51 25.70
C TYR A 85 9.29 11.07 25.94
N PRO A 86 8.53 10.83 27.01
CA PRO A 86 8.14 9.48 27.43
C PRO A 86 6.92 8.95 26.67
N VAL A 87 6.84 9.25 25.41
CA VAL A 87 5.74 8.83 24.56
C VAL A 87 6.36 8.03 23.42
N PHE A 88 5.91 6.77 23.32
CA PHE A 88 6.46 5.81 22.35
C PHE A 88 6.35 6.31 20.92
N LYS A 89 5.21 6.89 20.58
CA LYS A 89 5.01 7.43 19.25
C LYS A 89 5.94 8.60 19.01
N ALA A 90 6.03 9.49 19.99
CA ALA A 90 6.83 10.69 19.88
C ALA A 90 8.29 10.38 19.64
N PHE A 91 8.78 9.38 20.34
CA PHE A 91 10.18 8.99 20.22
C PHE A 91 10.43 8.21 18.92
N THR A 92 9.48 7.43 18.47
CA THR A 92 9.65 6.73 17.21
C THR A 92 9.58 7.71 16.04
N GLN A 93 8.77 8.75 16.18
CA GLN A 93 8.72 9.83 15.20
C GLN A 93 10.01 10.62 15.28
N TRP A 94 10.54 10.71 16.49
CA TRP A 94 11.78 11.39 16.77
C TRP A 94 12.92 10.72 16.03
N VAL A 95 13.03 9.40 16.14
CA VAL A 95 14.01 8.66 15.44
C VAL A 95 13.79 8.80 13.93
N GLY A 96 12.54 8.65 13.52
CA GLY A 96 12.17 8.74 12.12
C GLY A 96 12.49 10.09 11.49
N THR A 97 12.41 11.14 12.27
CA THR A 97 12.68 12.47 11.75
C THR A 97 14.19 12.78 11.85
N GLN A 98 14.92 11.96 12.59
CA GLN A 98 16.37 12.14 12.71
C GLN A 98 17.08 11.39 11.60
N LEU A 99 16.70 10.13 11.39
CA LEU A 99 17.29 9.37 10.31
C LEU A 99 16.66 9.68 8.96
N GLN A 100 17.10 10.76 8.39
CA GLN A 100 16.60 11.23 7.13
C GLN A 100 17.71 11.26 6.09
N PRO A 101 17.85 10.17 5.33
CA PRO A 101 18.80 10.09 4.24
C PRO A 101 18.19 10.68 2.97
N THR A 102 18.91 10.62 1.89
CA THR A 102 18.45 11.15 0.64
C THR A 102 17.59 10.09 -0.09
N GLN A 103 16.36 9.94 0.37
CA GLN A 103 15.43 8.97 -0.19
C GLN A 103 14.50 9.64 -1.18
N ALA A 104 13.66 10.51 -0.66
CA ALA A 104 12.67 11.19 -1.44
C ALA A 104 13.33 12.28 -2.24
N THR A 105 14.45 12.75 -1.74
CA THR A 105 15.21 13.78 -2.38
C THR A 105 16.17 13.20 -3.42
N ALA A 106 15.86 11.99 -3.82
CA ALA A 106 16.59 11.25 -4.81
C ALA A 106 15.59 10.65 -5.78
N ALA A 107 15.57 11.18 -6.97
CA ALA A 107 14.66 10.72 -7.98
C ALA A 107 15.17 9.44 -8.60
N PRO A 108 14.41 8.35 -8.52
CA PRO A 108 14.78 7.08 -9.10
C PRO A 108 14.56 7.09 -10.62
N VAL A 109 15.63 7.32 -11.33
CA VAL A 109 15.58 7.38 -12.79
C VAL A 109 16.73 6.56 -13.31
N GLN A 110 16.52 5.93 -14.44
CA GLN A 110 17.54 5.05 -14.99
C GLN A 110 17.85 5.45 -16.41
N ARG A 111 18.90 4.88 -16.96
CA ARG A 111 19.34 5.21 -18.28
C ARG A 111 19.99 3.99 -18.93
N GLU A 112 19.21 3.23 -19.64
CA GLU A 112 19.72 2.09 -20.34
C GLU A 112 20.06 2.49 -21.77
N PRO A 113 21.27 2.18 -22.23
CA PRO A 113 21.73 2.51 -23.58
C PRO A 113 21.16 1.56 -24.65
N VAL A 114 19.88 1.45 -24.68
CA VAL A 114 19.20 0.60 -25.61
C VAL A 114 18.11 1.39 -26.32
N ALA A 115 17.95 1.16 -27.59
CA ALA A 115 16.91 1.81 -28.36
C ALA A 115 15.62 1.01 -28.25
N THR A 116 14.78 1.43 -27.35
CA THR A 116 13.50 0.82 -27.12
C THR A 116 12.57 1.92 -26.64
N ALA A 117 11.31 1.84 -26.97
CA ALA A 117 10.36 2.83 -26.58
C ALA A 117 9.65 2.39 -25.31
N PRO A 118 9.78 3.15 -24.22
CA PRO A 118 9.16 2.83 -22.93
C PRO A 118 7.70 3.30 -22.90
N GLN A 119 7.04 3.20 -24.03
CA GLN A 119 5.68 3.65 -24.21
C GLN A 119 4.88 2.53 -24.83
N PRO A 120 3.75 2.16 -24.23
CA PRO A 120 2.90 1.11 -24.76
C PRO A 120 2.00 1.62 -25.90
N GLY A 121 1.69 0.73 -26.84
CA GLY A 121 0.88 1.07 -27.99
C GLY A 121 -0.60 1.02 -27.69
N ALA A 122 -0.92 0.74 -26.44
CA ALA A 122 -2.29 0.69 -25.93
C ALA A 122 -2.96 2.06 -26.04
N GLN A 123 -2.14 3.08 -26.22
CA GLN A 123 -2.59 4.47 -26.32
C GLN A 123 -3.37 4.74 -27.62
N ALA A 124 -3.38 3.77 -28.52
CA ALA A 124 -4.14 3.90 -29.75
C ALA A 124 -5.59 3.45 -29.52
N SER A 125 -5.78 2.76 -28.38
CA SER A 125 -7.08 2.27 -27.91
C SER A 125 -7.71 1.26 -28.88
N ALA A 126 -6.86 0.53 -29.60
CA ALA A 126 -7.32 -0.43 -30.58
C ALA A 126 -7.92 -1.65 -29.89
N GLN A 127 -7.38 -1.99 -28.75
CA GLN A 127 -7.86 -3.13 -28.00
C GLN A 127 -9.11 -2.71 -27.26
N ARG A 128 -9.07 -1.49 -26.72
CA ARG A 128 -10.17 -0.89 -25.96
C ARG A 128 -11.46 -0.89 -26.77
N GLU A 129 -11.35 -0.57 -28.06
CA GLU A 129 -12.48 -0.54 -28.96
C GLU A 129 -13.15 -1.92 -29.02
N SER A 130 -12.35 -2.93 -29.32
CA SER A 130 -12.78 -4.31 -29.36
C SER A 130 -13.40 -4.71 -28.02
N ILE A 131 -12.67 -4.41 -26.93
CA ILE A 131 -13.11 -4.69 -25.57
C ILE A 131 -14.48 -4.10 -25.32
N GLN A 132 -14.64 -2.82 -25.69
CA GLN A 132 -15.85 -2.04 -25.47
C GLN A 132 -17.10 -2.80 -25.88
N ASP A 133 -17.07 -3.45 -27.02
CA ASP A 133 -18.22 -4.21 -27.49
C ASP A 133 -18.44 -5.46 -26.65
N TYR A 134 -17.37 -6.24 -26.45
CA TYR A 134 -17.46 -7.49 -25.68
C TYR A 134 -17.84 -7.22 -24.22
N LEU A 135 -17.42 -6.09 -23.74
CA LEU A 135 -17.70 -5.63 -22.41
C LEU A 135 -19.16 -5.21 -22.31
N LYS A 136 -19.63 -4.56 -23.33
CA LYS A 136 -20.98 -4.07 -23.35
C LYS A 136 -21.98 -5.20 -23.45
N GLN A 137 -21.73 -6.11 -24.38
CA GLN A 137 -22.62 -7.23 -24.61
C GLN A 137 -22.66 -8.16 -23.39
N SER A 138 -21.54 -8.29 -22.68
CA SER A 138 -21.52 -9.14 -21.52
C SER A 138 -22.33 -8.53 -20.38
N LEU A 139 -22.27 -7.20 -20.26
CA LEU A 139 -23.07 -6.52 -19.27
C LEU A 139 -24.54 -6.62 -19.66
N GLY A 140 -24.84 -6.38 -20.94
CA GLY A 140 -26.20 -6.47 -21.45
C GLY A 140 -26.79 -7.86 -21.26
N GLU A 141 -25.94 -8.86 -21.36
CA GLU A 141 -26.31 -10.25 -21.17
C GLU A 141 -26.77 -10.46 -19.73
N LEU A 142 -25.94 -10.00 -18.80
CA LEU A 142 -26.17 -10.17 -17.37
C LEU A 142 -27.35 -9.33 -16.89
N LEU A 143 -27.41 -8.11 -17.34
CA LEU A 143 -28.40 -7.18 -16.84
C LEU A 143 -29.76 -7.45 -17.40
N PHE A 144 -29.78 -8.08 -18.58
CA PHE A 144 -31.01 -8.37 -19.33
C PHE A 144 -31.65 -7.08 -19.87
N LEU A 145 -31.01 -5.93 -19.61
CA LEU A 145 -31.59 -4.66 -19.98
C LEU A 145 -30.50 -3.60 -20.13
N ASP A 146 -30.79 -2.59 -20.90
CA ASP A 146 -29.93 -1.43 -21.07
C ASP A 146 -30.51 -0.30 -20.24
N PRO A 147 -29.82 0.16 -19.19
CA PRO A 147 -30.30 1.30 -18.39
C PRO A 147 -30.14 2.61 -19.16
N GLY A 148 -29.28 2.57 -20.14
CA GLY A 148 -29.01 3.72 -20.99
C GLY A 148 -28.27 3.24 -22.20
N GLN A 149 -27.00 3.51 -22.24
CA GLN A 149 -26.15 3.04 -23.32
C GLN A 149 -24.72 2.79 -22.86
N LEU A 150 -24.57 2.81 -21.53
CA LEU A 150 -23.32 2.66 -20.84
C LEU A 150 -22.36 3.80 -21.02
N ARG A 151 -22.03 4.43 -19.92
CA ARG A 151 -21.17 5.57 -19.91
C ARG A 151 -20.62 5.82 -18.51
N SER A 152 -21.46 6.30 -17.61
CA SER A 152 -21.01 6.64 -16.27
C SER A 152 -21.87 6.00 -15.19
N GLY A 153 -23.15 5.88 -15.43
CA GLY A 153 -24.06 5.27 -14.46
C GLY A 153 -24.02 3.76 -14.53
N ALA A 154 -23.01 3.19 -13.91
CA ALA A 154 -22.79 1.77 -13.95
C ALA A 154 -22.18 1.28 -12.64
N GLN A 155 -22.88 1.51 -11.56
CA GLN A 155 -22.48 1.04 -10.22
C GLN A 155 -22.69 -0.46 -10.21
N PHE A 156 -21.70 -1.17 -9.65
CA PHE A 156 -21.66 -2.61 -9.62
C PHE A 156 -22.89 -3.20 -8.95
N LEU A 157 -23.47 -2.48 -8.00
CA LEU A 157 -24.68 -2.93 -7.30
C LEU A 157 -25.87 -2.99 -8.25
N ASP A 158 -25.88 -2.12 -9.21
CA ASP A 158 -26.98 -2.06 -10.15
C ASP A 158 -26.80 -3.09 -11.22
N LEU A 159 -25.57 -3.51 -11.42
CA LEU A 159 -25.26 -4.45 -12.47
C LEU A 159 -25.31 -5.88 -11.93
N GLY A 160 -25.04 -6.02 -10.66
CA GLY A 160 -25.02 -7.32 -10.00
C GLY A 160 -24.56 -7.16 -8.58
N MET A 161 -25.49 -6.87 -7.70
CA MET A 161 -25.19 -6.55 -6.30
C MET A 161 -24.74 -7.75 -5.47
N ASP A 162 -25.01 -8.93 -5.94
CA ASP A 162 -24.64 -10.11 -5.20
C ASP A 162 -23.38 -10.73 -5.76
N SER A 163 -22.60 -11.39 -4.92
CA SER A 163 -21.33 -11.96 -5.33
C SER A 163 -21.48 -12.87 -6.56
N VAL A 164 -22.51 -13.72 -6.56
CA VAL A 164 -22.70 -14.68 -7.64
C VAL A 164 -22.94 -13.99 -8.97
N THR A 165 -23.84 -13.02 -8.98
CA THR A 165 -24.15 -12.27 -10.18
C THR A 165 -22.92 -11.52 -10.73
N GLY A 166 -22.11 -10.99 -9.84
CA GLY A 166 -20.95 -10.25 -10.28
C GLY A 166 -19.83 -11.17 -10.71
N THR A 167 -19.64 -12.25 -9.98
CA THR A 167 -18.59 -13.21 -10.27
C THR A 167 -18.85 -13.92 -11.62
N GLN A 168 -20.13 -14.10 -11.96
CA GLN A 168 -20.50 -14.71 -13.23
C GLN A 168 -19.99 -13.87 -14.40
N TRP A 169 -20.25 -12.58 -14.32
CA TRP A 169 -19.83 -11.66 -15.36
C TRP A 169 -18.32 -11.42 -15.31
N MET A 170 -17.76 -11.44 -14.12
CA MET A 170 -16.31 -11.29 -13.92
C MET A 170 -15.62 -12.46 -14.66
N ARG A 171 -16.17 -13.64 -14.46
CA ARG A 171 -15.71 -14.85 -15.12
C ARG A 171 -15.91 -14.72 -16.63
N GLY A 172 -17.07 -14.20 -17.01
CA GLY A 172 -17.43 -14.02 -18.41
C GLY A 172 -16.43 -13.16 -19.16
N VAL A 173 -16.06 -12.02 -18.61
CA VAL A 173 -15.08 -11.16 -19.27
C VAL A 173 -13.68 -11.77 -19.26
N SER A 174 -13.33 -12.44 -18.15
CA SER A 174 -12.05 -13.11 -18.05
C SER A 174 -11.89 -14.18 -19.15
N ARG A 175 -12.95 -14.96 -19.37
CA ARG A 175 -12.95 -15.99 -20.42
C ARG A 175 -12.82 -15.34 -21.80
N HIS A 176 -13.59 -14.27 -22.01
CA HIS A 176 -13.61 -13.53 -23.30
C HIS A 176 -12.25 -13.09 -23.77
N PHE A 177 -11.46 -12.57 -22.86
CA PHE A 177 -10.19 -12.06 -23.24
C PHE A 177 -9.06 -13.02 -22.87
N SER A 178 -9.46 -14.20 -22.37
CA SER A 178 -8.55 -15.25 -21.93
C SER A 178 -7.53 -14.72 -20.91
N ILE A 179 -8.02 -13.95 -19.97
CA ILE A 179 -7.20 -13.32 -18.97
C ILE A 179 -7.61 -13.84 -17.61
N GLN A 180 -6.76 -13.68 -16.63
CA GLN A 180 -7.04 -14.17 -15.32
C GLN A 180 -7.21 -13.01 -14.36
N LEU A 181 -8.42 -12.63 -14.13
CA LEU A 181 -8.73 -11.59 -13.18
C LEU A 181 -9.34 -12.23 -11.94
N ALA A 182 -9.12 -11.61 -10.81
CA ALA A 182 -9.52 -12.13 -9.53
C ALA A 182 -11.02 -11.98 -9.31
N ALA A 183 -11.63 -13.05 -8.81
CA ALA A 183 -13.06 -13.10 -8.53
C ALA A 183 -13.37 -12.22 -7.33
N ASP A 184 -12.36 -11.98 -6.51
CA ASP A 184 -12.46 -11.07 -5.36
C ASP A 184 -12.52 -9.64 -5.82
N ALA A 185 -12.11 -9.41 -7.06
CA ALA A 185 -12.03 -8.06 -7.60
C ALA A 185 -13.41 -7.48 -7.89
N ILE A 186 -14.47 -8.26 -7.68
CA ILE A 186 -15.83 -7.75 -7.80
C ILE A 186 -16.11 -6.75 -6.66
N TYR A 187 -15.21 -6.75 -5.69
CA TYR A 187 -15.29 -5.84 -4.56
C TYR A 187 -14.16 -4.84 -4.64
N THR A 188 -13.41 -4.92 -5.70
CA THR A 188 -12.30 -4.05 -5.94
C THR A 188 -12.77 -2.92 -6.87
N TRP A 189 -13.60 -3.28 -7.83
CA TRP A 189 -14.11 -2.32 -8.79
C TRP A 189 -15.52 -1.93 -8.42
N PRO A 190 -15.76 -0.65 -8.07
CA PRO A 190 -17.08 -0.19 -7.67
C PRO A 190 -18.03 0.04 -8.84
N THR A 191 -17.48 0.42 -9.98
CA THR A 191 -18.28 0.65 -11.14
C THR A 191 -17.72 -0.13 -12.30
N LEU A 192 -18.44 -0.18 -13.38
CA LEU A 192 -17.98 -0.82 -14.60
C LEU A 192 -16.78 -0.06 -15.19
N LYS A 193 -16.65 1.21 -14.86
CA LYS A 193 -15.59 2.08 -15.38
C LYS A 193 -14.24 1.54 -14.99
N SER A 194 -14.13 1.15 -13.72
CA SER A 194 -12.90 0.64 -13.17
C SER A 194 -12.46 -0.63 -13.91
N LEU A 195 -13.43 -1.45 -14.28
CA LEU A 195 -13.18 -2.69 -15.01
C LEU A 195 -12.83 -2.40 -16.47
N ALA A 196 -13.56 -1.46 -17.07
CA ALA A 196 -13.36 -1.06 -18.46
C ALA A 196 -11.94 -0.52 -18.69
N ASP A 197 -11.44 0.22 -17.74
CA ASP A 197 -10.06 0.74 -17.84
C ASP A 197 -9.07 -0.35 -17.46
N GLU A 198 -9.45 -1.19 -16.52
CA GLU A 198 -8.58 -2.25 -15.99
C GLU A 198 -8.19 -3.23 -17.08
N VAL A 199 -9.19 -3.72 -17.80
CA VAL A 199 -8.98 -4.68 -18.87
C VAL A 199 -8.01 -4.13 -19.94
N ASP A 200 -8.19 -2.85 -20.28
CA ASP A 200 -7.32 -2.17 -21.26
C ASP A 200 -5.88 -2.14 -20.77
N ARG A 201 -5.72 -1.87 -19.47
CA ARG A 201 -4.40 -1.81 -18.84
C ARG A 201 -3.76 -3.20 -18.77
N ARG A 202 -4.60 -4.22 -18.64
CA ARG A 202 -4.12 -5.58 -18.52
C ARG A 202 -3.72 -6.12 -19.89
N VAL A 203 -4.47 -5.74 -20.90
CA VAL A 203 -4.13 -6.09 -22.26
C VAL A 203 -2.84 -5.40 -22.66
N GLN A 204 -2.85 -4.06 -22.61
CA GLN A 204 -1.71 -3.24 -22.96
C GLN A 204 -1.25 -3.51 -24.40
N VAL A 22 1.86 -7.59 15.14
CA VAL A 22 2.93 -6.61 15.24
C VAL A 22 3.25 -6.01 13.87
N ALA A 23 3.52 -4.72 13.84
CA ALA A 23 3.88 -4.03 12.63
C ALA A 23 4.57 -2.71 12.95
N ASP A 24 3.88 -1.85 13.68
CA ASP A 24 4.38 -0.51 13.97
C ASP A 24 4.95 -0.43 15.39
N ASP A 25 4.07 -0.62 16.37
CA ASP A 25 4.41 -0.55 17.83
C ASP A 25 5.58 -1.46 18.22
N GLU A 26 5.77 -2.52 17.45
CA GLU A 26 6.83 -3.45 17.72
C GLU A 26 8.22 -2.80 17.70
N CYS A 27 8.41 -1.76 16.86
CA CYS A 27 9.71 -1.08 16.83
C CYS A 27 9.98 -0.41 18.16
N ALA A 28 8.94 0.14 18.77
CA ALA A 28 9.06 0.80 20.06
C ALA A 28 9.29 -0.22 21.16
N GLN A 29 8.94 -1.45 20.88
CA GLN A 29 9.15 -2.52 21.81
C GLN A 29 10.60 -3.00 21.72
N PHE A 30 11.02 -3.32 20.50
CA PHE A 30 12.36 -3.82 20.23
C PHE A 30 13.43 -2.84 20.56
N LEU A 31 13.27 -1.65 20.07
CA LEU A 31 14.32 -0.67 20.20
C LEU A 31 14.44 -0.18 21.64
N ARG A 32 13.35 -0.26 22.39
CA ARG A 32 13.33 0.14 23.79
C ARG A 32 14.13 -0.88 24.60
N GLN A 33 13.95 -2.15 24.25
CA GLN A 33 14.66 -3.23 24.90
C GLN A 33 16.15 -3.10 24.60
N SER A 34 16.47 -2.83 23.35
CA SER A 34 17.84 -2.66 22.89
C SER A 34 18.49 -1.42 23.56
N LEU A 35 17.68 -0.40 23.80
CA LEU A 35 18.14 0.86 24.39
C LEU A 35 18.62 0.56 25.80
N ALA A 36 17.76 -0.07 26.57
CA ALA A 36 18.06 -0.42 27.94
C ALA A 36 19.19 -1.43 28.02
N ALA A 37 19.26 -2.31 27.04
CA ALA A 37 20.25 -3.35 27.01
C ALA A 37 21.66 -2.81 26.80
N MET A 38 21.79 -1.74 26.04
CA MET A 38 23.11 -1.18 25.79
C MET A 38 23.58 -0.31 26.94
N LEU A 39 22.64 0.16 27.72
CA LEU A 39 22.97 1.00 28.86
C LEU A 39 22.98 0.18 30.16
N TYR A 40 22.53 -1.08 30.02
CA TYR A 40 22.45 -2.07 31.10
C TYR A 40 21.46 -1.65 32.18
N CYS A 41 20.33 -1.18 31.74
CA CYS A 41 19.30 -0.69 32.63
C CYS A 41 17.96 -1.36 32.35
N GLU A 42 17.00 -1.16 33.23
CA GLU A 42 15.67 -1.74 33.13
C GLU A 42 14.80 -0.97 32.13
N PRO A 43 14.19 -1.69 31.15
CA PRO A 43 13.23 -1.09 30.19
C PRO A 43 11.96 -0.59 30.87
N GLY A 44 11.79 -0.95 32.13
CA GLY A 44 10.72 -0.42 32.91
C GLY A 44 10.96 1.04 33.22
N GLN A 45 12.23 1.39 33.45
CA GLN A 45 12.63 2.77 33.72
C GLN A 45 12.78 3.52 32.42
N ILE A 46 13.29 2.82 31.42
CA ILE A 46 13.46 3.38 30.10
C ILE A 46 12.11 3.40 29.43
N ARG A 47 11.44 4.49 29.58
CA ARG A 47 10.12 4.68 29.09
C ARG A 47 10.14 5.00 27.60
N ASP A 48 9.04 4.70 26.97
CA ASP A 48 8.87 4.85 25.51
C ASP A 48 8.88 6.31 25.10
N GLY A 49 8.67 7.19 26.04
CA GLY A 49 8.65 8.62 25.73
C GLY A 49 9.89 9.34 26.23
N SER A 50 10.85 8.58 26.72
CA SER A 50 12.06 9.13 27.27
C SER A 50 12.98 9.79 26.22
N ARG A 51 13.87 10.63 26.70
CA ARG A 51 14.79 11.37 25.90
C ARG A 51 16.14 10.66 25.88
N PHE A 52 16.51 10.14 24.69
CA PHE A 52 17.74 9.30 24.47
C PHE A 52 18.95 9.76 25.27
N LEU A 53 19.39 10.98 25.01
CA LEU A 53 20.61 11.53 25.59
C LEU A 53 20.53 11.60 27.13
N GLU A 54 19.33 11.83 27.63
CA GLU A 54 19.09 12.00 29.06
C GLU A 54 19.16 10.65 29.79
N LEU A 55 19.07 9.58 29.04
CA LEU A 55 19.08 8.24 29.59
C LEU A 55 20.50 7.75 29.80
N GLY A 56 21.46 8.62 29.62
CA GLY A 56 22.83 8.24 29.76
C GLY A 56 23.38 7.75 28.45
N LEU A 57 22.87 8.30 27.39
CA LEU A 57 23.30 7.95 26.06
C LEU A 57 24.07 9.12 25.49
N ASP A 58 25.18 8.81 24.87
CA ASP A 58 26.07 9.79 24.29
C ASP A 58 26.22 9.47 22.82
N SER A 59 26.72 10.40 22.03
CA SER A 59 26.87 10.22 20.57
C SER A 59 27.58 8.88 20.24
N VAL A 60 28.62 8.56 21.01
CA VAL A 60 29.37 7.32 20.84
C VAL A 60 28.46 6.10 20.98
N ILE A 61 27.68 6.08 22.03
CA ILE A 61 26.75 4.99 22.30
C ILE A 61 25.63 4.98 21.24
N ALA A 62 25.22 6.16 20.80
CA ALA A 62 24.17 6.30 19.80
C ALA A 62 24.54 5.63 18.49
N ALA A 63 25.77 5.87 18.04
CA ALA A 63 26.27 5.28 16.80
C ALA A 63 26.36 3.75 16.91
N GLN A 64 26.67 3.29 18.10
CA GLN A 64 26.75 1.85 18.39
C GLN A 64 25.36 1.22 18.40
N TRP A 65 24.42 1.94 18.97
CA TRP A 65 23.03 1.57 19.00
C TRP A 65 22.50 1.37 17.58
N ILE A 66 22.85 2.32 16.71
CA ILE A 66 22.47 2.31 15.30
C ILE A 66 22.92 1.00 14.65
N ARG A 67 24.10 0.55 15.04
CA ARG A 67 24.70 -0.66 14.51
C ARG A 67 23.80 -1.89 14.71
N GLU A 68 23.09 -1.93 15.83
CA GLU A 68 22.25 -3.07 16.10
C GLU A 68 20.88 -2.90 15.42
N ILE A 69 20.36 -1.68 15.37
CA ILE A 69 19.02 -1.47 14.79
C ILE A 69 19.04 -1.73 13.29
N ASN A 70 20.19 -1.46 12.67
CA ASN A 70 20.43 -1.74 11.25
C ASN A 70 20.36 -3.23 10.98
N LYS A 71 20.66 -4.01 11.99
CA LYS A 71 20.60 -5.45 11.92
C LYS A 71 19.16 -5.91 12.07
N HIS A 72 18.49 -5.34 13.08
CA HIS A 72 17.09 -5.66 13.41
C HIS A 72 16.16 -5.58 12.21
N TYR A 73 16.13 -4.44 11.57
CA TYR A 73 15.17 -4.22 10.50
C TYR A 73 15.83 -4.21 9.13
N GLN A 74 17.06 -4.74 9.07
CA GLN A 74 17.90 -4.79 7.84
C GLN A 74 17.84 -3.50 7.04
N LEU A 75 17.92 -2.39 7.74
CA LEU A 75 17.76 -1.10 7.12
C LEU A 75 18.98 -0.27 7.39
N LYS A 76 19.41 0.48 6.40
CA LYS A 76 20.56 1.34 6.50
C LYS A 76 20.19 2.65 7.20
N ILE A 77 19.95 2.57 8.51
CA ILE A 77 19.61 3.71 9.31
C ILE A 77 20.73 4.74 9.30
N PRO A 78 20.39 5.97 8.95
CA PRO A 78 21.28 7.09 9.12
C PRO A 78 21.27 7.51 10.60
N ALA A 79 22.45 7.56 11.19
CA ALA A 79 22.63 7.85 12.62
C ALA A 79 22.04 9.19 13.03
N ASP A 80 21.84 10.06 12.06
CA ASP A 80 21.31 11.40 12.30
C ASP A 80 19.90 11.41 12.89
N GLY A 81 19.18 10.26 12.80
CA GLY A 81 17.84 10.18 13.33
C GLY A 81 17.72 10.57 14.81
N ILE A 82 18.63 10.07 15.65
CA ILE A 82 18.58 10.28 17.11
C ILE A 82 18.81 11.75 17.46
N TYR A 83 19.63 12.40 16.69
CA TYR A 83 19.97 13.79 16.95
C TYR A 83 18.79 14.68 16.56
N THR A 84 18.01 14.20 15.60
CA THR A 84 16.87 14.90 15.10
C THR A 84 15.65 14.67 16.03
N TYR A 85 15.46 13.42 16.44
CA TYR A 85 14.38 13.05 17.33
C TYR A 85 14.94 12.39 18.58
N PRO A 86 15.14 13.18 19.65
CA PRO A 86 15.70 12.69 20.90
C PRO A 86 14.65 12.05 21.81
N VAL A 87 13.43 11.96 21.32
CA VAL A 87 12.32 11.35 22.07
C VAL A 87 11.99 10.07 21.36
N PHE A 88 12.09 8.97 22.09
CA PHE A 88 11.96 7.63 21.58
C PHE A 88 10.63 7.38 20.86
N LYS A 89 9.53 7.83 21.46
CA LYS A 89 8.21 7.62 20.88
C LYS A 89 8.03 8.48 19.64
N ALA A 90 8.80 9.54 19.52
CA ALA A 90 8.74 10.36 18.35
C ALA A 90 9.66 9.78 17.28
N PHE A 91 10.73 9.16 17.72
CA PHE A 91 11.71 8.56 16.84
C PHE A 91 11.17 7.31 16.18
N THR A 92 10.36 6.57 16.85
CA THR A 92 9.75 5.39 16.29
C THR A 92 8.80 5.75 15.12
N GLN A 93 8.29 6.99 15.14
CA GLN A 93 7.47 7.51 14.06
C GLN A 93 8.39 7.80 12.86
N TRP A 94 9.57 8.34 13.18
CA TRP A 94 10.63 8.65 12.22
C TRP A 94 11.06 7.36 11.52
N VAL A 95 11.25 6.32 12.31
CA VAL A 95 11.72 5.02 11.80
C VAL A 95 10.58 4.31 11.04
N GLY A 96 9.40 4.33 11.65
CA GLY A 96 8.22 3.66 11.10
C GLY A 96 7.85 4.11 9.70
N THR A 97 7.98 5.39 9.43
CA THR A 97 7.61 5.95 8.13
C THR A 97 8.60 5.53 7.03
N GLN A 98 9.76 5.06 7.42
CA GLN A 98 10.71 4.54 6.47
C GLN A 98 10.55 3.05 6.30
N LEU A 99 10.03 2.40 7.35
CA LEU A 99 9.78 0.98 7.32
C LEU A 99 8.67 0.67 6.33
N GLN A 100 7.66 1.49 6.31
CA GLN A 100 6.62 1.36 5.35
C GLN A 100 6.33 2.70 4.73
N PRO A 101 6.50 2.82 3.41
CA PRO A 101 6.13 4.03 2.68
C PRO A 101 4.59 4.15 2.65
N THR A 102 4.04 4.73 3.69
CA THR A 102 2.62 4.87 3.84
C THR A 102 2.07 5.92 2.84
N GLN A 103 2.98 6.70 2.26
CA GLN A 103 2.62 7.70 1.25
C GLN A 103 2.75 7.14 -0.16
N ALA A 104 2.87 5.81 -0.28
CA ALA A 104 2.94 5.16 -1.60
C ALA A 104 1.57 5.21 -2.28
N THR A 105 0.56 5.35 -1.47
CA THR A 105 -0.78 5.53 -1.91
C THR A 105 -1.51 6.20 -0.77
N ALA A 106 -2.61 6.88 -1.09
CA ALA A 106 -3.42 7.60 -0.10
C ALA A 106 -2.62 8.74 0.51
N ALA A 107 -1.86 9.42 -0.31
CA ALA A 107 -1.09 10.53 0.16
C ALA A 107 -1.98 11.73 0.31
N PRO A 108 -1.93 12.41 1.44
CA PRO A 108 -2.81 13.56 1.73
C PRO A 108 -2.38 14.84 1.00
N VAL A 109 -2.03 14.71 -0.24
CA VAL A 109 -1.57 15.82 -1.03
C VAL A 109 -2.01 15.64 -2.49
N GLN A 110 -3.34 15.50 -2.65
CA GLN A 110 -4.03 15.33 -3.95
C GLN A 110 -3.84 13.93 -4.53
N ARG A 111 -2.61 13.58 -4.74
CA ARG A 111 -2.24 12.34 -5.35
C ARG A 111 -1.08 11.78 -4.59
N GLU A 112 -0.91 10.48 -4.69
CA GLU A 112 0.24 9.86 -4.14
C GLU A 112 1.38 9.98 -5.14
N PRO A 113 2.62 10.22 -4.65
CA PRO A 113 3.79 10.33 -5.50
C PRO A 113 4.21 8.97 -6.06
N VAL A 114 3.36 8.46 -6.93
CA VAL A 114 3.59 7.21 -7.57
C VAL A 114 3.98 7.45 -9.03
N ALA A 115 5.10 6.90 -9.40
CA ALA A 115 5.59 7.00 -10.75
C ALA A 115 5.83 5.60 -11.24
N THR A 116 4.74 4.84 -11.26
CA THR A 116 4.69 3.43 -11.61
C THR A 116 5.28 2.59 -10.47
N ALA A 117 4.59 1.56 -10.12
CA ALA A 117 4.99 0.68 -9.05
C ALA A 117 6.09 -0.26 -9.53
N PRO A 118 7.24 -0.29 -8.80
CA PRO A 118 8.36 -1.21 -9.09
C PRO A 118 7.91 -2.65 -9.02
N GLN A 119 7.03 -2.91 -8.10
CA GLN A 119 6.38 -4.18 -7.96
C GLN A 119 4.88 -3.89 -8.02
N PRO A 120 4.11 -4.57 -8.89
CA PRO A 120 2.67 -4.30 -9.07
C PRO A 120 1.80 -4.86 -7.93
N GLY A 121 2.34 -4.86 -6.74
CA GLY A 121 1.63 -5.33 -5.59
C GLY A 121 1.44 -4.22 -4.61
N ALA A 122 1.46 -2.99 -5.12
CA ALA A 122 1.34 -1.81 -4.29
C ALA A 122 -0.09 -1.64 -3.81
N GLN A 123 -1.02 -2.20 -4.56
CA GLN A 123 -2.42 -2.18 -4.20
C GLN A 123 -2.63 -3.08 -3.00
N ALA A 124 -3.04 -2.48 -1.90
CA ALA A 124 -3.28 -3.21 -0.66
C ALA A 124 -4.59 -3.95 -0.76
N SER A 125 -5.48 -3.43 -1.56
CA SER A 125 -6.73 -4.09 -1.84
C SER A 125 -6.53 -5.00 -3.05
N ALA A 126 -5.99 -6.18 -2.79
CA ALA A 126 -5.61 -7.15 -3.81
C ALA A 126 -6.81 -7.68 -4.59
N GLN A 127 -7.99 -7.70 -3.94
CA GLN A 127 -9.21 -8.24 -4.52
C GLN A 127 -9.63 -7.47 -5.80
N ARG A 128 -9.12 -6.24 -5.94
CA ARG A 128 -9.44 -5.41 -7.11
C ARG A 128 -8.69 -5.89 -8.36
N GLU A 129 -7.50 -6.42 -8.16
CA GLU A 129 -6.67 -6.86 -9.26
C GLU A 129 -7.25 -8.11 -9.90
N SER A 130 -7.68 -9.04 -9.07
CA SER A 130 -8.28 -10.25 -9.52
C SER A 130 -9.60 -9.99 -10.30
N ILE A 131 -10.21 -8.82 -10.07
CA ILE A 131 -11.40 -8.44 -10.82
C ILE A 131 -11.01 -8.22 -12.26
N GLN A 132 -10.02 -7.34 -12.47
CA GLN A 132 -9.62 -6.97 -13.82
C GLN A 132 -9.06 -8.14 -14.59
N ASP A 133 -8.45 -9.11 -13.89
CA ASP A 133 -7.96 -10.33 -14.54
C ASP A 133 -9.13 -11.09 -15.14
N TYR A 134 -10.14 -11.34 -14.32
CA TYR A 134 -11.29 -12.11 -14.74
C TYR A 134 -12.12 -11.32 -15.76
N LEU A 135 -12.20 -10.02 -15.54
CA LEU A 135 -12.92 -9.10 -16.42
C LEU A 135 -12.26 -9.15 -17.80
N LYS A 136 -10.93 -9.17 -17.82
CA LYS A 136 -10.14 -9.30 -19.03
C LYS A 136 -10.47 -10.63 -19.70
N GLN A 137 -10.49 -11.69 -18.91
CA GLN A 137 -10.80 -13.03 -19.37
C GLN A 137 -12.18 -13.09 -20.03
N SER A 138 -13.18 -12.57 -19.35
CA SER A 138 -14.52 -12.59 -19.89
C SER A 138 -14.66 -11.65 -21.11
N LEU A 139 -13.89 -10.56 -21.15
CA LEU A 139 -13.92 -9.67 -22.30
C LEU A 139 -13.31 -10.40 -23.49
N GLY A 140 -12.14 -10.98 -23.30
CA GLY A 140 -11.50 -11.74 -24.37
C GLY A 140 -12.30 -12.99 -24.76
N GLU A 141 -13.14 -13.46 -23.86
CA GLU A 141 -13.98 -14.61 -24.13
C GLU A 141 -15.18 -14.23 -24.99
N LEU A 142 -15.92 -13.21 -24.56
CA LEU A 142 -17.14 -12.80 -25.26
C LEU A 142 -16.86 -11.84 -26.40
N LEU A 143 -15.71 -11.23 -26.39
CA LEU A 143 -15.35 -10.25 -27.43
C LEU A 143 -14.21 -10.76 -28.28
N PHE A 144 -13.79 -11.98 -27.99
CA PHE A 144 -12.81 -12.76 -28.77
C PHE A 144 -11.34 -12.25 -28.70
N LEU A 145 -11.13 -10.97 -28.51
CA LEU A 145 -9.78 -10.40 -28.53
C LEU A 145 -9.59 -9.41 -27.38
N ASP A 146 -8.35 -9.34 -26.89
CA ASP A 146 -7.96 -8.33 -25.91
C ASP A 146 -7.61 -7.08 -26.66
N PRO A 147 -8.24 -5.94 -26.36
CA PRO A 147 -7.96 -4.69 -27.06
C PRO A 147 -6.68 -4.01 -26.57
N GLY A 148 -6.21 -4.42 -25.41
CA GLY A 148 -5.03 -3.79 -24.80
C GLY A 148 -5.41 -2.48 -24.14
N GLN A 149 -6.70 -2.22 -24.11
CA GLN A 149 -7.25 -0.96 -23.62
C GLN A 149 -7.75 -1.11 -22.20
N LEU A 150 -7.07 -1.96 -21.48
CA LEU A 150 -7.40 -2.25 -20.11
C LEU A 150 -7.02 -1.06 -19.25
N ARG A 151 -8.04 -0.29 -18.87
CA ARG A 151 -7.93 0.96 -18.10
C ARG A 151 -7.52 2.13 -19.01
N SER A 152 -7.37 1.85 -20.30
CA SER A 152 -7.01 2.86 -21.26
C SER A 152 -8.28 3.52 -21.81
N GLY A 153 -9.37 2.77 -21.76
CA GLY A 153 -10.66 3.27 -22.23
C GLY A 153 -11.56 2.14 -22.56
N ALA A 154 -11.50 1.74 -23.83
CA ALA A 154 -12.26 0.63 -24.39
C ALA A 154 -13.75 0.86 -24.33
N GLN A 155 -14.28 1.46 -25.37
CA GLN A 155 -15.69 1.66 -25.48
C GLN A 155 -16.28 0.54 -26.33
N PHE A 156 -17.42 0.02 -25.88
CA PHE A 156 -18.07 -1.19 -26.42
C PHE A 156 -18.19 -1.20 -27.95
N LEU A 157 -18.44 -0.04 -28.54
CA LEU A 157 -18.63 0.10 -29.98
C LEU A 157 -17.38 -0.32 -30.74
N ASP A 158 -16.23 0.06 -30.22
CA ASP A 158 -14.96 -0.19 -30.89
C ASP A 158 -14.64 -1.66 -30.87
N LEU A 159 -15.01 -2.32 -29.78
CA LEU A 159 -14.81 -3.75 -29.61
C LEU A 159 -15.77 -4.56 -30.46
N GLY A 160 -16.83 -3.93 -30.89
CA GLY A 160 -17.82 -4.61 -31.67
C GLY A 160 -18.77 -5.35 -30.79
N MET A 161 -19.03 -4.78 -29.64
CA MET A 161 -19.92 -5.37 -28.68
C MET A 161 -21.33 -4.96 -29.02
N ASP A 162 -22.21 -5.92 -29.10
CA ASP A 162 -23.59 -5.64 -29.33
C ASP A 162 -24.27 -5.47 -28.00
N SER A 163 -25.52 -5.14 -27.99
CA SER A 163 -26.19 -4.99 -26.75
C SER A 163 -26.45 -6.37 -26.14
N VAL A 164 -26.98 -7.29 -26.95
CA VAL A 164 -27.34 -8.63 -26.49
C VAL A 164 -26.13 -9.39 -25.92
N THR A 165 -25.03 -9.39 -26.64
CA THR A 165 -23.83 -10.08 -26.21
C THR A 165 -23.22 -9.43 -24.96
N GLY A 166 -23.34 -8.12 -24.87
CA GLY A 166 -22.78 -7.43 -23.74
C GLY A 166 -23.67 -7.56 -22.53
N THR A 167 -24.96 -7.79 -22.76
CA THR A 167 -25.93 -8.01 -21.69
C THR A 167 -25.57 -9.32 -20.97
N GLN A 168 -25.34 -10.36 -21.79
CA GLN A 168 -24.92 -11.67 -21.30
C GLN A 168 -23.63 -11.53 -20.51
N TRP A 169 -22.63 -10.91 -21.13
CA TRP A 169 -21.36 -10.63 -20.53
C TRP A 169 -21.48 -9.88 -19.18
N MET A 170 -22.20 -8.76 -19.20
CA MET A 170 -22.39 -7.90 -18.02
C MET A 170 -22.95 -8.70 -16.84
N ARG A 171 -24.07 -9.37 -17.08
CA ARG A 171 -24.73 -10.14 -16.04
C ARG A 171 -23.83 -11.30 -15.58
N GLY A 172 -23.13 -11.89 -16.54
CA GLY A 172 -22.25 -13.00 -16.29
C GLY A 172 -21.11 -12.64 -15.36
N VAL A 173 -20.35 -11.61 -15.72
CA VAL A 173 -19.20 -11.16 -14.91
C VAL A 173 -19.63 -10.79 -13.50
N SER A 174 -20.74 -10.10 -13.40
CA SER A 174 -21.28 -9.67 -12.12
C SER A 174 -21.54 -10.88 -11.20
N ARG A 175 -22.36 -11.81 -11.69
CA ARG A 175 -22.75 -13.00 -10.94
C ARG A 175 -21.56 -13.90 -10.65
N HIS A 176 -20.63 -13.96 -11.60
CA HIS A 176 -19.46 -14.82 -11.44
C HIS A 176 -18.43 -14.22 -10.50
N PHE A 177 -18.56 -12.95 -10.20
CA PHE A 177 -17.64 -12.36 -9.28
C PHE A 177 -18.20 -12.35 -7.86
N SER A 178 -19.22 -11.52 -7.60
CA SER A 178 -19.78 -11.33 -6.23
C SER A 178 -20.95 -10.36 -6.21
N ILE A 179 -20.89 -9.33 -7.04
CA ILE A 179 -21.88 -8.25 -6.96
C ILE A 179 -22.96 -8.41 -8.00
N GLN A 180 -24.16 -8.08 -7.61
CA GLN A 180 -25.29 -8.19 -8.48
C GLN A 180 -25.49 -6.88 -9.23
N LEU A 181 -24.96 -6.83 -10.41
CA LEU A 181 -25.12 -5.69 -11.25
C LEU A 181 -26.17 -5.98 -12.28
N ALA A 182 -26.81 -4.93 -12.70
CA ALA A 182 -27.86 -4.97 -13.67
C ALA A 182 -27.25 -5.25 -15.02
N ALA A 183 -27.87 -6.15 -15.77
CA ALA A 183 -27.41 -6.51 -17.10
C ALA A 183 -27.57 -5.32 -18.04
N ASP A 184 -28.44 -4.41 -17.66
CA ASP A 184 -28.70 -3.20 -18.40
C ASP A 184 -27.65 -2.13 -18.09
N ALA A 185 -26.66 -2.47 -17.26
CA ALA A 185 -25.59 -1.50 -16.92
C ALA A 185 -24.71 -1.17 -18.14
N ILE A 186 -24.85 -1.97 -19.20
CA ILE A 186 -24.14 -1.72 -20.47
C ILE A 186 -24.65 -0.44 -21.14
N TYR A 187 -25.75 0.07 -20.62
CA TYR A 187 -26.36 1.26 -21.16
C TYR A 187 -26.11 2.42 -20.23
N THR A 188 -25.42 2.14 -19.13
CA THR A 188 -25.11 3.13 -18.13
C THR A 188 -23.78 3.79 -18.48
N TRP A 189 -22.80 2.97 -18.80
CA TRP A 189 -21.49 3.43 -19.22
C TRP A 189 -21.00 2.55 -20.36
N PRO A 190 -20.34 3.13 -21.36
CA PRO A 190 -19.91 2.38 -22.54
C PRO A 190 -18.44 1.92 -22.49
N THR A 191 -17.75 2.19 -21.41
CA THR A 191 -16.34 1.92 -21.31
C THR A 191 -15.98 0.95 -20.18
N LEU A 192 -14.97 0.13 -20.47
CA LEU A 192 -14.45 -0.90 -19.56
C LEU A 192 -13.86 -0.31 -18.30
N LYS A 193 -13.33 0.89 -18.43
CA LYS A 193 -12.80 1.64 -17.29
C LYS A 193 -13.86 1.86 -16.24
N SER A 194 -15.04 2.14 -16.70
CA SER A 194 -16.16 2.45 -15.85
C SER A 194 -16.55 1.23 -15.00
N LEU A 195 -16.51 0.04 -15.61
CA LEU A 195 -16.86 -1.19 -14.90
C LEU A 195 -15.82 -1.41 -13.78
N ALA A 196 -14.54 -1.35 -14.15
CA ALA A 196 -13.44 -1.50 -13.21
C ALA A 196 -13.46 -0.46 -12.08
N ASP A 197 -13.94 0.72 -12.38
CA ASP A 197 -14.03 1.76 -11.36
C ASP A 197 -15.28 1.58 -10.49
N GLU A 198 -16.36 1.09 -11.12
CA GLU A 198 -17.65 0.88 -10.47
C GLU A 198 -17.55 -0.25 -9.44
N VAL A 199 -16.94 -1.36 -9.88
CA VAL A 199 -16.82 -2.58 -9.08
C VAL A 199 -16.13 -2.32 -7.73
N ASP A 200 -15.03 -1.56 -7.74
CA ASP A 200 -14.27 -1.24 -6.51
C ASP A 200 -15.13 -0.57 -5.48
N ARG A 201 -15.99 0.30 -5.93
CA ARG A 201 -16.81 1.07 -5.02
C ARG A 201 -18.01 0.26 -4.56
N ARG A 202 -18.39 -0.72 -5.37
CA ARG A 202 -19.58 -1.52 -5.09
C ARG A 202 -19.25 -2.65 -4.12
N VAL A 203 -18.07 -3.24 -4.29
CA VAL A 203 -17.61 -4.35 -3.45
C VAL A 203 -17.46 -3.92 -2.00
N GLN A 204 -16.93 -2.75 -1.78
CA GLN A 204 -16.70 -2.29 -0.43
C GLN A 204 -17.94 -1.62 0.14
N VAL A 22 30.84 -6.38 20.59
CA VAL A 22 29.80 -5.57 21.21
C VAL A 22 29.48 -4.34 20.35
N ALA A 23 28.23 -4.20 19.92
CA ALA A 23 27.81 -3.07 19.12
C ALA A 23 26.79 -2.25 19.87
N ASP A 24 25.68 -2.89 20.23
CA ASP A 24 24.61 -2.22 20.98
C ASP A 24 25.06 -1.95 22.39
N ASP A 25 25.58 -3.00 23.01
CA ASP A 25 26.02 -2.97 24.40
C ASP A 25 27.26 -2.13 24.59
N GLU A 26 27.97 -1.90 23.48
CA GLU A 26 29.23 -1.15 23.46
C GLU A 26 29.11 0.20 24.15
N CYS A 27 28.09 0.96 23.80
CA CYS A 27 27.90 2.28 24.33
C CYS A 27 27.73 2.26 25.84
N ALA A 28 26.86 1.38 26.33
CA ALA A 28 26.61 1.25 27.77
C ALA A 28 27.87 0.82 28.49
N GLN A 29 28.57 -0.17 27.95
CA GLN A 29 29.79 -0.69 28.55
C GLN A 29 30.87 0.38 28.63
N PHE A 30 31.07 1.10 27.53
CA PHE A 30 32.08 2.14 27.48
C PHE A 30 31.72 3.30 28.41
N LEU A 31 30.43 3.58 28.53
CA LEU A 31 30.00 4.63 29.45
C LEU A 31 30.21 4.17 30.88
N ARG A 32 29.91 2.90 31.16
CA ARG A 32 30.17 2.30 32.49
C ARG A 32 31.65 2.38 32.81
N GLN A 33 32.46 2.03 31.82
CA GLN A 33 33.91 2.04 31.89
C GLN A 33 34.43 3.44 32.23
N SER A 34 34.03 4.43 31.45
CA SER A 34 34.50 5.78 31.63
C SER A 34 33.96 6.38 32.94
N LEU A 35 32.75 6.02 33.28
CA LEU A 35 32.09 6.47 34.50
C LEU A 35 32.88 5.96 35.69
N ALA A 36 33.13 4.66 35.71
CA ALA A 36 33.88 4.04 36.78
C ALA A 36 35.27 4.63 36.89
N ALA A 37 35.90 4.85 35.75
CA ALA A 37 37.24 5.41 35.69
C ALA A 37 37.30 6.85 36.23
N MET A 38 36.42 7.69 35.77
CA MET A 38 36.44 9.11 36.13
C MET A 38 35.90 9.36 37.54
N LEU A 39 34.88 8.62 37.92
CA LEU A 39 34.26 8.81 39.24
C LEU A 39 34.97 7.97 40.31
N TYR A 40 35.91 7.15 39.86
CA TYR A 40 36.69 6.24 40.71
C TYR A 40 35.78 5.25 41.41
N CYS A 41 34.82 4.81 40.66
CA CYS A 41 33.80 3.93 41.09
C CYS A 41 34.01 2.58 40.38
N GLU A 42 33.10 1.66 40.54
CA GLU A 42 33.16 0.36 39.92
C GLU A 42 31.87 0.13 39.15
N PRO A 43 31.97 -0.42 37.92
CA PRO A 43 30.80 -0.63 37.06
C PRO A 43 29.91 -1.79 37.51
N GLY A 44 30.45 -2.69 38.31
CA GLY A 44 29.69 -3.78 38.84
C GLY A 44 29.05 -3.40 40.15
N GLN A 45 29.84 -2.78 41.01
CA GLN A 45 29.36 -2.33 42.31
C GLN A 45 28.75 -0.95 42.21
N ILE A 46 27.57 -0.89 41.68
CA ILE A 46 26.88 0.36 41.49
C ILE A 46 25.37 0.10 41.63
N ARG A 47 24.64 1.06 42.18
CA ARG A 47 23.20 0.93 42.30
C ARG A 47 22.58 1.48 41.02
N ASP A 48 21.67 0.74 40.42
CA ASP A 48 21.09 1.11 39.09
C ASP A 48 20.20 2.34 39.17
N GLY A 49 19.80 2.69 40.36
CA GLY A 49 18.93 3.81 40.57
C GLY A 49 19.69 5.03 41.07
N SER A 50 21.01 4.93 41.09
CA SER A 50 21.82 6.01 41.60
C SER A 50 21.78 7.22 40.67
N ARG A 51 21.59 8.36 41.26
CA ARG A 51 21.57 9.60 40.55
C ARG A 51 22.98 10.11 40.35
N PHE A 52 23.26 10.66 39.18
CA PHE A 52 24.60 11.11 38.79
C PHE A 52 25.35 11.86 39.90
N LEU A 53 24.68 12.82 40.51
CA LEU A 53 25.27 13.67 41.53
C LEU A 53 25.55 12.90 42.85
N GLU A 54 24.97 11.74 42.99
CA GLU A 54 25.15 10.93 44.18
C GLU A 54 26.20 9.91 43.87
N LEU A 55 26.10 9.42 42.67
CA LEU A 55 26.96 8.45 42.09
C LEU A 55 28.42 8.95 42.03
N GLY A 56 28.61 10.25 41.92
CA GLY A 56 29.95 10.76 41.95
C GLY A 56 30.21 11.84 40.94
N LEU A 57 29.19 12.28 40.25
CA LEU A 57 29.39 13.37 39.33
C LEU A 57 29.30 14.69 39.98
N ASP A 58 30.01 15.56 39.38
CA ASP A 58 30.12 16.96 39.75
C ASP A 58 30.24 17.69 38.47
N SER A 59 29.95 18.98 38.46
CA SER A 59 29.93 19.77 37.22
C SER A 59 31.20 19.60 36.37
N VAL A 60 32.37 19.73 36.99
CA VAL A 60 33.65 19.58 36.28
C VAL A 60 33.76 18.18 35.65
N ILE A 61 33.44 17.18 36.44
CA ILE A 61 33.58 15.79 36.01
C ILE A 61 32.51 15.46 34.94
N ALA A 62 31.32 16.01 35.13
CA ALA A 62 30.19 15.78 34.24
C ALA A 62 30.45 16.38 32.88
N ALA A 63 31.01 17.59 32.91
CA ALA A 63 31.34 18.32 31.70
C ALA A 63 32.38 17.59 30.88
N GLN A 64 33.31 16.96 31.57
CA GLN A 64 34.35 16.16 30.96
C GLN A 64 33.76 14.93 30.25
N TRP A 65 32.89 14.25 30.96
CA TRP A 65 32.25 13.05 30.52
C TRP A 65 31.30 13.31 29.34
N ILE A 66 30.40 14.28 29.48
CA ILE A 66 29.38 14.56 28.46
C ILE A 66 30.00 14.95 27.11
N ARG A 67 31.10 15.69 27.16
CA ARG A 67 31.76 16.10 25.94
C ARG A 67 32.34 14.87 25.22
N GLU A 68 32.91 13.95 26.00
CA GLU A 68 33.47 12.75 25.43
C GLU A 68 32.38 11.83 24.88
N ILE A 69 31.17 11.95 25.39
CA ILE A 69 30.03 11.21 24.88
C ILE A 69 29.72 11.68 23.46
N ASN A 70 29.51 12.97 23.32
CA ASN A 70 29.17 13.58 22.03
C ASN A 70 30.27 13.42 21.01
N LYS A 71 31.50 13.46 21.47
CA LYS A 71 32.64 13.37 20.59
C LYS A 71 32.90 11.92 20.15
N HIS A 72 32.91 10.99 21.10
CA HIS A 72 33.20 9.58 20.80
C HIS A 72 32.09 8.91 20.03
N TYR A 73 30.86 9.21 20.39
CA TYR A 73 29.75 8.53 19.75
C TYR A 73 29.23 9.27 18.55
N GLN A 74 29.74 10.49 18.37
CA GLN A 74 29.43 11.37 17.25
C GLN A 74 27.91 11.57 17.17
N LEU A 75 27.29 11.73 18.31
CA LEU A 75 25.86 11.70 18.40
C LEU A 75 25.33 13.04 18.85
N LYS A 76 24.19 13.42 18.29
CA LYS A 76 23.49 14.63 18.64
C LYS A 76 22.89 14.53 20.08
N ILE A 77 23.73 14.65 21.08
CA ILE A 77 23.28 14.61 22.46
C ILE A 77 23.13 16.01 23.01
N PRO A 78 21.90 16.41 23.31
CA PRO A 78 21.62 17.66 23.98
C PRO A 78 22.32 17.70 25.33
N ALA A 79 22.87 18.85 25.68
CA ALA A 79 23.66 19.01 26.89
C ALA A 79 22.84 18.86 28.19
N ASP A 80 21.57 18.55 28.06
CA ASP A 80 20.71 18.39 29.21
C ASP A 80 20.51 16.92 29.57
N GLY A 81 21.14 15.99 28.81
CA GLY A 81 21.00 14.55 29.08
C GLY A 81 21.09 14.15 30.55
N ILE A 82 22.22 14.44 31.15
CA ILE A 82 22.54 14.13 32.56
C ILE A 82 21.60 14.87 33.54
N TYR A 83 21.00 15.94 33.07
CA TYR A 83 20.22 16.81 33.93
C TYR A 83 18.74 16.42 33.89
N THR A 84 18.25 16.06 32.72
CA THR A 84 16.88 15.65 32.56
C THR A 84 16.67 14.23 33.13
N TYR A 85 17.62 13.36 32.89
CA TYR A 85 17.58 12.04 33.47
C TYR A 85 18.70 11.94 34.46
N PRO A 86 18.40 12.03 35.76
CA PRO A 86 19.41 12.00 36.80
C PRO A 86 19.89 10.59 37.11
N VAL A 87 19.33 9.62 36.43
CA VAL A 87 19.65 8.21 36.67
C VAL A 87 20.37 7.70 35.44
N PHE A 88 21.61 7.25 35.65
CA PHE A 88 22.51 6.82 34.56
C PHE A 88 21.91 5.71 33.71
N LYS A 89 21.16 4.82 34.35
CA LYS A 89 20.51 3.70 33.69
C LYS A 89 19.45 4.20 32.69
N ALA A 90 18.86 5.33 32.99
CA ALA A 90 17.84 5.91 32.13
C ALA A 90 18.50 6.73 31.02
N PHE A 91 19.67 7.25 31.31
CA PHE A 91 20.41 8.05 30.35
C PHE A 91 21.11 7.15 29.31
N THR A 92 21.49 5.96 29.70
CA THR A 92 22.04 5.02 28.75
C THR A 92 20.97 4.59 27.74
N GLN A 93 19.71 4.68 28.17
CA GLN A 93 18.59 4.37 27.31
C GLN A 93 18.36 5.55 26.35
N TRP A 94 18.72 6.76 26.78
CA TRP A 94 18.63 7.97 25.95
C TRP A 94 19.43 7.75 24.69
N VAL A 95 20.69 7.41 24.87
CA VAL A 95 21.59 7.21 23.83
C VAL A 95 21.18 6.00 22.99
N GLY A 96 20.78 4.92 23.68
CA GLY A 96 20.34 3.71 23.02
C GLY A 96 19.17 3.96 22.08
N THR A 97 18.30 4.87 22.47
CA THR A 97 17.16 5.25 21.67
C THR A 97 17.58 6.09 20.46
N GLN A 98 18.57 6.95 20.63
CA GLN A 98 19.05 7.77 19.53
C GLN A 98 19.91 6.99 18.55
N LEU A 99 20.33 5.82 18.97
CA LEU A 99 21.04 4.91 18.10
C LEU A 99 20.03 3.97 17.49
N GLN A 100 20.17 3.71 16.22
CA GLN A 100 19.27 2.81 15.54
C GLN A 100 19.73 1.40 15.73
N PRO A 101 18.81 0.47 15.95
CA PRO A 101 19.14 -0.93 15.99
C PRO A 101 19.60 -1.38 14.60
N THR A 102 20.90 -1.57 14.44
CA THR A 102 21.46 -1.90 13.16
C THR A 102 21.27 -3.39 12.83
N GLN A 103 20.04 -3.73 12.59
CA GLN A 103 19.67 -5.05 12.25
C GLN A 103 19.83 -5.20 10.76
N ALA A 104 20.55 -6.23 10.37
CA ALA A 104 20.84 -6.47 8.96
C ALA A 104 19.57 -6.89 8.24
N THR A 105 18.66 -7.43 8.99
CA THR A 105 17.39 -7.88 8.49
C THR A 105 16.31 -6.80 8.72
N ALA A 106 16.70 -5.56 8.60
CA ALA A 106 15.79 -4.45 8.77
C ALA A 106 15.91 -3.51 7.60
N ALA A 107 16.12 -4.09 6.44
CA ALA A 107 16.24 -3.32 5.22
C ALA A 107 14.89 -2.71 4.86
N PRO A 108 14.89 -1.44 4.41
CA PRO A 108 13.67 -0.73 4.08
C PRO A 108 13.05 -1.19 2.74
N VAL A 109 12.58 -2.41 2.74
CA VAL A 109 11.86 -2.94 1.60
C VAL A 109 10.39 -2.54 1.75
N GLN A 110 10.05 -1.46 1.14
CA GLN A 110 8.76 -0.86 1.34
C GLN A 110 8.03 -0.74 0.01
N ARG A 111 6.85 -0.12 0.07
CA ARG A 111 6.00 0.17 -1.08
C ARG A 111 5.43 -1.09 -1.69
N GLU A 112 4.25 -1.43 -1.27
CA GLU A 112 3.55 -2.54 -1.81
C GLU A 112 2.87 -2.10 -3.12
N PRO A 113 3.05 -2.85 -4.22
CA PRO A 113 2.42 -2.53 -5.50
C PRO A 113 0.89 -2.57 -5.37
N VAL A 114 0.23 -1.57 -5.88
CA VAL A 114 -1.22 -1.53 -5.84
C VAL A 114 -1.79 -1.62 -7.25
N ALA A 115 -2.71 -2.54 -7.45
CA ALA A 115 -3.36 -2.73 -8.75
C ALA A 115 -4.79 -3.19 -8.50
N THR A 116 -5.53 -2.37 -7.84
CA THR A 116 -6.89 -2.67 -7.52
C THR A 116 -7.81 -1.95 -8.52
N ALA A 117 -8.95 -2.60 -8.84
CA ALA A 117 -9.93 -2.11 -9.82
C ALA A 117 -9.43 -2.25 -11.25
N PRO A 118 -9.83 -3.35 -11.93
CA PRO A 118 -9.51 -3.61 -13.36
C PRO A 118 -9.95 -2.45 -14.24
N GLN A 119 -11.16 -1.96 -14.01
CA GLN A 119 -11.65 -0.80 -14.71
C GLN A 119 -11.86 0.30 -13.67
N PRO A 120 -10.84 1.10 -13.38
CA PRO A 120 -10.94 2.14 -12.39
C PRO A 120 -11.64 3.36 -12.95
N GLY A 121 -12.20 4.16 -12.09
CA GLY A 121 -12.84 5.36 -12.50
C GLY A 121 -14.26 5.42 -11.99
N ALA A 122 -14.98 6.42 -12.44
CA ALA A 122 -16.36 6.62 -12.04
C ALA A 122 -17.26 5.64 -12.78
N GLN A 123 -16.78 5.17 -13.91
CA GLN A 123 -17.47 4.20 -14.71
C GLN A 123 -17.16 2.82 -14.12
N ALA A 124 -17.90 2.49 -13.09
CA ALA A 124 -17.67 1.29 -12.32
C ALA A 124 -18.46 0.12 -12.86
N SER A 125 -19.31 0.36 -13.84
CA SER A 125 -20.06 -0.71 -14.48
C SER A 125 -19.17 -1.49 -15.45
N ALA A 126 -18.11 -2.04 -14.89
CA ALA A 126 -17.06 -2.72 -15.60
C ALA A 126 -17.57 -3.84 -16.48
N GLN A 127 -18.42 -4.69 -15.92
CA GLN A 127 -18.96 -5.82 -16.68
C GLN A 127 -19.71 -5.32 -17.89
N ARG A 128 -20.73 -4.51 -17.63
CA ARG A 128 -21.59 -3.98 -18.67
C ARG A 128 -20.81 -3.25 -19.76
N GLU A 129 -19.94 -2.33 -19.34
CA GLU A 129 -19.18 -1.51 -20.26
C GLU A 129 -18.19 -2.34 -21.10
N SER A 130 -17.53 -3.32 -20.48
CA SER A 130 -16.59 -4.16 -21.22
C SER A 130 -17.33 -5.08 -22.18
N ILE A 131 -18.44 -5.68 -21.72
CA ILE A 131 -19.25 -6.54 -22.58
C ILE A 131 -19.71 -5.77 -23.79
N GLN A 132 -20.33 -4.63 -23.52
CA GLN A 132 -20.94 -3.78 -24.52
C GLN A 132 -20.02 -3.49 -25.69
N ASP A 133 -18.79 -3.10 -25.39
CA ASP A 133 -17.85 -2.75 -26.45
C ASP A 133 -17.43 -3.98 -27.26
N TYR A 134 -17.13 -5.09 -26.59
CA TYR A 134 -16.73 -6.33 -27.28
C TYR A 134 -17.91 -6.97 -28.01
N LEU A 135 -19.08 -6.86 -27.43
CA LEU A 135 -20.33 -7.35 -28.01
C LEU A 135 -20.61 -6.61 -29.30
N LYS A 136 -20.38 -5.30 -29.26
CA LYS A 136 -20.49 -4.43 -30.42
C LYS A 136 -19.50 -4.90 -31.49
N GLN A 137 -18.26 -5.15 -31.07
CA GLN A 137 -17.20 -5.64 -31.95
C GLN A 137 -17.61 -6.94 -32.61
N SER A 138 -18.07 -7.87 -31.78
CA SER A 138 -18.48 -9.19 -32.19
C SER A 138 -19.59 -9.12 -33.25
N LEU A 139 -20.58 -8.26 -33.02
CA LEU A 139 -21.67 -8.09 -33.98
C LEU A 139 -21.13 -7.62 -35.33
N GLY A 140 -20.33 -6.57 -35.31
CA GLY A 140 -19.75 -6.04 -36.54
C GLY A 140 -18.93 -7.07 -37.28
N GLU A 141 -18.13 -7.81 -36.53
CA GLU A 141 -17.27 -8.86 -37.03
C GLU A 141 -18.08 -9.98 -37.70
N LEU A 142 -19.12 -10.39 -37.03
CA LEU A 142 -19.97 -11.48 -37.46
C LEU A 142 -20.83 -11.08 -38.66
N LEU A 143 -21.39 -9.88 -38.59
CA LEU A 143 -22.31 -9.38 -39.59
C LEU A 143 -21.58 -8.81 -40.79
N PHE A 144 -20.27 -8.63 -40.62
CA PHE A 144 -19.35 -8.05 -41.64
C PHE A 144 -19.69 -6.58 -41.86
N LEU A 145 -20.13 -5.95 -40.82
CA LEU A 145 -20.52 -4.57 -40.85
C LEU A 145 -19.39 -3.74 -40.30
N ASP A 146 -19.16 -2.59 -40.92
CA ASP A 146 -18.10 -1.67 -40.50
C ASP A 146 -18.43 -1.16 -39.12
N PRO A 147 -17.49 -1.33 -38.17
CA PRO A 147 -17.67 -0.94 -36.76
C PRO A 147 -18.04 0.53 -36.57
N GLY A 148 -17.78 1.36 -37.58
CA GLY A 148 -18.12 2.80 -37.48
C GLY A 148 -19.61 3.03 -37.63
N GLN A 149 -20.33 2.00 -38.10
CA GLN A 149 -21.77 2.10 -38.24
C GLN A 149 -22.43 1.73 -36.94
N LEU A 150 -21.69 1.00 -36.13
CA LEU A 150 -22.15 0.53 -34.83
C LEU A 150 -22.06 1.63 -33.81
N ARG A 151 -22.92 2.57 -33.98
CA ARG A 151 -23.04 3.70 -33.13
C ARG A 151 -24.42 4.28 -33.39
N SER A 152 -24.64 4.69 -34.61
CA SER A 152 -25.95 5.15 -35.02
C SER A 152 -26.81 3.94 -35.40
N GLY A 153 -26.14 2.92 -35.92
CA GLY A 153 -26.81 1.69 -36.28
C GLY A 153 -26.63 0.65 -35.21
N ALA A 154 -26.98 1.01 -34.00
CA ALA A 154 -26.91 0.11 -32.88
C ALA A 154 -28.34 -0.35 -32.58
N GLN A 155 -29.07 -0.47 -33.65
CA GLN A 155 -30.46 -0.81 -33.63
C GLN A 155 -30.64 -2.05 -34.49
N PHE A 156 -31.21 -3.09 -33.87
CA PHE A 156 -31.45 -4.38 -34.52
C PHE A 156 -32.31 -4.22 -35.75
N LEU A 157 -33.23 -3.28 -35.66
CA LEU A 157 -34.18 -3.00 -36.74
C LEU A 157 -33.47 -2.38 -37.95
N ASP A 158 -32.40 -1.68 -37.70
CA ASP A 158 -31.67 -0.97 -38.77
C ASP A 158 -30.69 -1.91 -39.46
N LEU A 159 -30.27 -2.92 -38.74
CA LEU A 159 -29.31 -3.89 -39.23
C LEU A 159 -29.98 -4.91 -40.15
N GLY A 160 -31.28 -4.89 -40.16
CA GLY A 160 -32.02 -5.80 -40.96
C GLY A 160 -32.94 -6.57 -40.10
N MET A 161 -33.00 -7.87 -40.31
CA MET A 161 -33.82 -8.76 -39.49
C MET A 161 -33.59 -10.19 -39.94
N ASP A 162 -32.65 -10.85 -39.31
CA ASP A 162 -32.32 -12.23 -39.66
C ASP A 162 -32.18 -13.09 -38.42
N SER A 163 -32.91 -14.18 -38.41
CA SER A 163 -32.89 -15.09 -37.29
C SER A 163 -31.67 -16.02 -37.34
N VAL A 164 -31.08 -16.20 -38.52
CA VAL A 164 -29.96 -17.13 -38.70
C VAL A 164 -28.75 -16.68 -37.90
N THR A 165 -28.28 -15.49 -38.19
CA THR A 165 -27.11 -14.95 -37.52
C THR A 165 -27.47 -14.57 -36.07
N GLY A 166 -28.74 -14.23 -35.89
CA GLY A 166 -29.22 -13.81 -34.58
C GLY A 166 -29.21 -14.92 -33.58
N THR A 167 -29.67 -16.10 -33.98
CA THR A 167 -29.67 -17.25 -33.11
C THR A 167 -28.23 -17.61 -32.72
N GLN A 168 -27.35 -17.61 -33.72
CA GLN A 168 -25.94 -17.92 -33.54
C GLN A 168 -25.28 -16.92 -32.60
N TRP A 169 -25.47 -15.65 -32.88
CA TRP A 169 -24.89 -14.58 -32.12
C TRP A 169 -25.41 -14.57 -30.69
N MET A 170 -26.72 -14.59 -30.53
CA MET A 170 -27.33 -14.50 -29.21
C MET A 170 -26.93 -15.70 -28.36
N ARG A 171 -26.92 -16.89 -28.97
CA ARG A 171 -26.48 -18.10 -28.27
C ARG A 171 -25.03 -17.92 -27.82
N GLY A 172 -24.22 -17.36 -28.69
CA GLY A 172 -22.83 -17.11 -28.40
C GLY A 172 -22.66 -16.17 -27.22
N VAL A 173 -23.42 -15.08 -27.23
CA VAL A 173 -23.39 -14.09 -26.15
C VAL A 173 -23.83 -14.75 -24.83
N SER A 174 -24.89 -15.53 -24.90
CA SER A 174 -25.44 -16.24 -23.76
C SER A 174 -24.41 -17.22 -23.20
N ARG A 175 -23.87 -18.05 -24.06
CA ARG A 175 -22.93 -19.08 -23.69
C ARG A 175 -21.63 -18.47 -23.16
N HIS A 176 -21.19 -17.40 -23.80
CA HIS A 176 -19.94 -16.71 -23.47
C HIS A 176 -19.91 -16.31 -22.00
N PHE A 177 -20.99 -15.71 -21.54
CA PHE A 177 -21.03 -15.23 -20.19
C PHE A 177 -21.80 -16.16 -19.28
N SER A 178 -22.08 -17.36 -19.80
CA SER A 178 -22.83 -18.42 -19.11
C SER A 178 -24.17 -17.93 -18.52
N ILE A 179 -24.96 -17.27 -19.35
CA ILE A 179 -26.24 -16.71 -18.95
C ILE A 179 -27.34 -17.19 -19.91
N GLN A 180 -28.57 -16.98 -19.54
CA GLN A 180 -29.69 -17.39 -20.34
C GLN A 180 -30.31 -16.19 -21.07
N LEU A 181 -30.17 -16.17 -22.38
CA LEU A 181 -30.80 -15.18 -23.24
C LEU A 181 -31.49 -15.95 -24.35
N ALA A 182 -32.52 -15.36 -24.92
CA ALA A 182 -33.30 -16.01 -25.94
C ALA A 182 -32.83 -15.61 -27.32
N ALA A 183 -32.79 -16.59 -28.20
CA ALA A 183 -32.34 -16.42 -29.56
C ALA A 183 -33.28 -15.52 -30.36
N ASP A 184 -34.53 -15.44 -29.93
CA ASP A 184 -35.54 -14.62 -30.60
C ASP A 184 -35.55 -13.22 -30.02
N ALA A 185 -34.49 -12.85 -29.33
CA ALA A 185 -34.41 -11.56 -28.68
C ALA A 185 -34.22 -10.39 -29.65
N ILE A 186 -34.09 -10.70 -30.94
CA ILE A 186 -34.01 -9.66 -31.98
C ILE A 186 -35.35 -8.95 -32.11
N TYR A 187 -36.35 -9.53 -31.49
CA TYR A 187 -37.70 -8.99 -31.49
C TYR A 187 -38.00 -8.44 -30.10
N THR A 188 -37.06 -8.60 -29.21
CA THR A 188 -37.21 -8.21 -27.82
C THR A 188 -36.48 -6.89 -27.56
N TRP A 189 -35.27 -6.78 -28.06
CA TRP A 189 -34.51 -5.57 -27.87
C TRP A 189 -34.37 -4.88 -29.20
N PRO A 190 -34.90 -3.66 -29.33
CA PRO A 190 -34.81 -2.90 -30.57
C PRO A 190 -33.40 -2.34 -30.80
N THR A 191 -32.70 -2.05 -29.72
CA THR A 191 -31.39 -1.47 -29.79
C THR A 191 -30.44 -2.20 -28.83
N LEU A 192 -29.15 -2.15 -29.17
CA LEU A 192 -28.08 -2.81 -28.42
C LEU A 192 -27.93 -2.28 -27.00
N LYS A 193 -28.51 -1.13 -26.71
CA LYS A 193 -28.44 -0.54 -25.38
C LYS A 193 -29.15 -1.45 -24.39
N SER A 194 -30.32 -1.94 -24.81
CA SER A 194 -31.14 -2.81 -24.01
C SER A 194 -30.39 -4.12 -23.71
N LEU A 195 -29.70 -4.66 -24.72
CA LEU A 195 -28.92 -5.89 -24.57
C LEU A 195 -27.71 -5.65 -23.67
N ALA A 196 -27.03 -4.55 -23.90
CA ALA A 196 -25.84 -4.18 -23.15
C ALA A 196 -26.13 -4.09 -21.66
N ASP A 197 -27.28 -3.56 -21.31
CA ASP A 197 -27.63 -3.46 -19.92
C ASP A 197 -28.14 -4.81 -19.39
N GLU A 198 -28.86 -5.53 -20.26
CA GLU A 198 -29.49 -6.80 -19.88
C GLU A 198 -28.46 -7.85 -19.52
N VAL A 199 -27.41 -7.95 -20.35
CA VAL A 199 -26.36 -8.94 -20.15
C VAL A 199 -25.74 -8.84 -18.75
N ASP A 200 -25.55 -7.62 -18.28
CA ASP A 200 -24.97 -7.37 -16.96
C ASP A 200 -25.92 -7.79 -15.86
N ARG A 201 -27.21 -7.62 -16.11
CA ARG A 201 -28.26 -7.97 -15.15
C ARG A 201 -28.39 -9.48 -15.06
N ARG A 202 -27.98 -10.16 -16.11
CA ARG A 202 -28.02 -11.61 -16.16
C ARG A 202 -26.77 -12.17 -15.49
N VAL A 203 -25.67 -11.45 -15.61
CA VAL A 203 -24.41 -11.85 -15.00
C VAL A 203 -24.42 -11.61 -13.49
N GLN A 204 -24.79 -10.40 -13.06
CA GLN A 204 -24.81 -10.07 -11.66
C GLN A 204 -25.57 -8.76 -11.41
N VAL A 22 -0.15 16.06 20.27
CA VAL A 22 0.84 15.22 19.63
C VAL A 22 0.17 14.07 18.85
N ALA A 23 0.34 14.02 17.54
CA ALA A 23 -0.20 12.94 16.74
C ALA A 23 0.91 11.95 16.42
N ASP A 24 1.71 12.27 15.41
CA ASP A 24 2.83 11.39 15.01
C ASP A 24 3.94 11.50 16.03
N ASP A 25 3.90 12.56 16.83
CA ASP A 25 4.81 12.73 17.95
C ASP A 25 4.48 11.74 19.05
N GLU A 26 3.22 11.32 19.12
CA GLU A 26 2.83 10.39 20.13
C GLU A 26 3.28 9.00 19.73
N CYS A 27 3.29 8.74 18.43
CA CYS A 27 3.79 7.49 17.91
C CYS A 27 5.25 7.29 18.35
N ALA A 28 6.01 8.39 18.42
CA ALA A 28 7.37 8.35 18.94
C ALA A 28 7.34 7.92 20.40
N GLN A 29 6.46 8.57 21.18
CA GLN A 29 6.26 8.28 22.61
C GLN A 29 5.93 6.81 22.84
N PHE A 30 5.02 6.29 22.01
CA PHE A 30 4.58 4.92 22.10
C PHE A 30 5.73 3.96 21.83
N LEU A 31 6.61 4.33 20.94
CA LEU A 31 7.75 3.51 20.63
C LEU A 31 8.75 3.56 21.79
N ARG A 32 8.89 4.72 22.41
CA ARG A 32 9.81 4.90 23.56
C ARG A 32 9.35 4.04 24.73
N GLN A 33 8.05 4.15 25.06
CA GLN A 33 7.47 3.44 26.20
C GLN A 33 7.49 1.92 25.99
N SER A 34 7.47 1.50 24.74
CA SER A 34 7.52 0.10 24.42
C SER A 34 8.96 -0.41 24.43
N LEU A 35 9.84 0.37 23.83
CA LEU A 35 11.25 0.02 23.72
C LEU A 35 11.92 -0.02 25.10
N ALA A 36 11.59 0.94 25.93
CA ALA A 36 12.18 1.03 27.27
C ALA A 36 11.83 -0.18 28.12
N ALA A 37 10.68 -0.77 27.86
CA ALA A 37 10.26 -1.96 28.59
C ALA A 37 11.14 -3.14 28.21
N MET A 38 11.63 -3.11 26.98
CA MET A 38 12.49 -4.16 26.46
C MET A 38 13.92 -3.92 26.89
N LEU A 39 14.29 -2.65 26.97
CA LEU A 39 15.64 -2.26 27.36
C LEU A 39 15.78 -2.18 28.87
N TYR A 40 14.67 -2.48 29.55
CA TYR A 40 14.56 -2.53 31.01
C TYR A 40 14.91 -1.17 31.63
N CYS A 41 14.36 -0.15 31.07
CA CYS A 41 14.61 1.20 31.51
C CYS A 41 13.31 2.00 31.44
N GLU A 42 13.39 3.26 31.75
CA GLU A 42 12.26 4.15 31.65
C GLU A 42 12.52 5.10 30.50
N PRO A 43 11.45 5.40 29.72
CA PRO A 43 11.54 6.22 28.50
C PRO A 43 12.08 7.62 28.74
N GLY A 44 11.96 8.11 29.95
CA GLY A 44 12.48 9.41 30.26
C GLY A 44 13.99 9.42 30.43
N GLN A 45 14.60 8.25 30.41
CA GLN A 45 16.04 8.15 30.59
C GLN A 45 16.77 7.74 29.31
N ILE A 46 16.12 7.86 28.17
CA ILE A 46 16.80 7.55 26.93
C ILE A 46 17.12 8.82 26.19
N ARG A 47 18.10 8.77 25.32
CA ARG A 47 18.51 9.93 24.58
C ARG A 47 17.94 9.86 23.17
N ASP A 48 16.79 10.49 22.99
CA ASP A 48 16.02 10.48 21.71
C ASP A 48 16.81 11.01 20.53
N GLY A 49 17.82 11.81 20.80
CA GLY A 49 18.59 12.41 19.73
C GLY A 49 19.80 11.60 19.35
N SER A 50 19.93 10.42 19.91
CA SER A 50 21.06 9.59 19.60
C SER A 50 20.67 8.30 18.88
N ARG A 51 21.66 7.56 18.40
CA ARG A 51 21.47 6.30 17.71
C ARG A 51 20.82 5.24 18.62
N PHE A 52 20.02 4.36 17.99
CA PHE A 52 19.32 3.24 18.65
C PHE A 52 20.30 2.33 19.35
N LEU A 53 21.47 2.20 18.78
CA LEU A 53 22.52 1.40 19.35
C LEU A 53 22.99 1.98 20.70
N GLU A 54 22.79 3.28 20.87
CA GLU A 54 23.13 3.96 22.11
C GLU A 54 21.98 3.79 23.12
N LEU A 55 20.76 3.67 22.60
CA LEU A 55 19.57 3.49 23.43
C LEU A 55 19.64 2.20 24.22
N GLY A 56 20.29 1.20 23.66
CA GLY A 56 20.45 -0.06 24.36
C GLY A 56 20.10 -1.26 23.53
N LEU A 57 19.70 -1.06 22.30
CA LEU A 57 19.38 -2.18 21.45
C LEU A 57 20.51 -2.50 20.50
N ASP A 58 20.41 -3.63 19.86
CA ASP A 58 21.40 -4.11 18.92
C ASP A 58 20.70 -4.47 17.64
N SER A 59 21.41 -4.56 16.52
CA SER A 59 20.79 -4.81 15.22
C SER A 59 19.84 -6.04 15.20
N VAL A 60 20.24 -7.14 15.85
CA VAL A 60 19.41 -8.34 15.92
C VAL A 60 18.10 -8.06 16.68
N ILE A 61 18.21 -7.30 17.75
CA ILE A 61 17.05 -6.92 18.58
C ILE A 61 16.12 -5.97 17.79
N ALA A 62 16.74 -5.11 17.01
CA ALA A 62 16.03 -4.13 16.20
C ALA A 62 15.12 -4.82 15.18
N ALA A 63 15.57 -5.98 14.73
CA ALA A 63 14.86 -6.79 13.75
C ALA A 63 13.52 -7.28 14.29
N GLN A 64 13.43 -7.51 15.58
CA GLN A 64 12.18 -7.95 16.19
C GLN A 64 11.26 -6.77 16.40
N TRP A 65 11.84 -5.69 16.82
CA TRP A 65 11.16 -4.47 17.10
C TRP A 65 10.49 -3.90 15.85
N ILE A 66 11.22 -3.88 14.73
CA ILE A 66 10.68 -3.36 13.47
C ILE A 66 9.41 -4.13 13.03
N ARG A 67 9.36 -5.43 13.34
CA ARG A 67 8.21 -6.26 12.95
C ARG A 67 6.93 -5.73 13.55
N GLU A 68 6.96 -5.48 14.85
CA GLU A 68 5.78 -5.00 15.52
C GLU A 68 5.45 -3.57 15.13
N ILE A 69 6.45 -2.80 14.74
CA ILE A 69 6.22 -1.46 14.23
C ILE A 69 5.40 -1.58 12.95
N ASN A 70 5.84 -2.49 12.08
CA ASN A 70 5.18 -2.77 10.81
C ASN A 70 3.74 -3.19 11.03
N LYS A 71 3.50 -3.97 12.07
CA LYS A 71 2.20 -4.53 12.31
C LYS A 71 1.30 -3.55 13.07
N HIS A 72 1.82 -2.95 14.12
CA HIS A 72 1.03 -2.06 14.99
C HIS A 72 0.65 -0.79 14.27
N TYR A 73 1.54 -0.30 13.44
CA TYR A 73 1.27 0.92 12.73
C TYR A 73 0.78 0.66 11.31
N GLN A 74 0.75 -0.64 10.98
CA GLN A 74 0.36 -1.17 9.67
C GLN A 74 1.09 -0.42 8.55
N LEU A 75 2.37 -0.28 8.74
CA LEU A 75 3.19 0.49 7.86
C LEU A 75 4.33 -0.37 7.36
N LYS A 76 4.48 -0.42 6.06
CA LYS A 76 5.42 -1.30 5.40
C LYS A 76 6.85 -0.74 5.35
N ILE A 77 7.37 -0.36 6.50
CA ILE A 77 8.75 0.06 6.62
C ILE A 77 9.66 -1.16 6.44
N PRO A 78 10.52 -1.16 5.41
CA PRO A 78 11.50 -2.20 5.24
C PRO A 78 12.58 -2.06 6.33
N ALA A 79 13.18 -3.19 6.69
CA ALA A 79 14.13 -3.30 7.80
C ALA A 79 15.32 -2.35 7.66
N ASP A 80 15.56 -1.90 6.45
CA ASP A 80 16.64 -0.98 6.17
C ASP A 80 16.37 0.43 6.72
N GLY A 81 15.12 0.73 7.13
CA GLY A 81 14.80 2.02 7.70
C GLY A 81 15.66 2.35 8.91
N ILE A 82 15.70 1.44 9.87
CA ILE A 82 16.46 1.64 11.11
C ILE A 82 17.96 1.46 10.83
N TYR A 83 18.25 0.61 9.88
CA TYR A 83 19.62 0.29 9.53
C TYR A 83 20.30 1.48 8.84
N THR A 84 19.56 2.21 8.05
CA THR A 84 20.11 3.33 7.34
C THR A 84 20.03 4.62 8.19
N TYR A 85 18.98 4.75 8.98
CA TYR A 85 18.81 5.92 9.81
C TYR A 85 18.74 5.50 11.26
N PRO A 86 19.89 5.50 11.95
CA PRO A 86 20.03 4.99 13.30
C PRO A 86 19.64 5.99 14.39
N VAL A 87 19.20 7.15 14.02
CA VAL A 87 18.85 8.18 15.02
C VAL A 87 17.35 8.12 15.24
N PHE A 88 16.97 8.12 16.53
CA PHE A 88 15.61 7.89 16.97
C PHE A 88 14.66 8.96 16.48
N LYS A 89 15.06 10.23 16.59
CA LYS A 89 14.23 11.33 16.12
C LYS A 89 14.13 11.36 14.60
N ALA A 90 15.11 10.80 13.93
CA ALA A 90 15.09 10.76 12.50
C ALA A 90 14.11 9.69 12.04
N PHE A 91 14.13 8.56 12.73
CA PHE A 91 13.29 7.44 12.36
C PHE A 91 11.83 7.67 12.77
N THR A 92 11.60 8.28 13.90
CA THR A 92 10.24 8.61 14.32
C THR A 92 9.59 9.55 13.31
N GLN A 93 10.39 10.42 12.72
CA GLN A 93 9.94 11.33 11.68
C GLN A 93 9.62 10.52 10.43
N TRP A 94 10.53 9.59 10.11
CA TRP A 94 10.41 8.68 8.98
C TRP A 94 9.09 7.90 9.05
N VAL A 95 8.78 7.40 10.22
CA VAL A 95 7.56 6.65 10.44
C VAL A 95 6.35 7.58 10.51
N GLY A 96 6.50 8.67 11.26
CA GLY A 96 5.43 9.62 11.47
C GLY A 96 4.88 10.22 10.19
N THR A 97 5.74 10.59 9.29
CA THR A 97 5.33 11.19 8.04
C THR A 97 4.61 10.20 7.12
N GLN A 98 4.88 8.92 7.31
CA GLN A 98 4.28 7.89 6.48
C GLN A 98 2.97 7.37 7.05
N LEU A 99 2.55 7.85 8.21
CA LEU A 99 1.27 7.45 8.79
C LEU A 99 0.15 7.94 7.88
N GLN A 100 0.21 9.20 7.59
CA GLN A 100 -0.67 9.85 6.66
C GLN A 100 0.18 10.87 5.92
N PRO A 101 0.77 10.48 4.77
CA PRO A 101 1.73 11.30 4.04
C PRO A 101 1.11 12.52 3.31
N THR A 102 0.50 13.40 4.06
CA THR A 102 -0.10 14.60 3.52
C THR A 102 1.00 15.52 2.97
N GLN A 103 2.13 15.55 3.65
CA GLN A 103 3.29 16.36 3.25
C GLN A 103 3.89 15.81 1.94
N ALA A 104 3.65 14.54 1.68
CA ALA A 104 4.17 13.90 0.47
C ALA A 104 3.13 13.96 -0.65
N THR A 105 1.90 14.27 -0.30
CA THR A 105 0.84 14.41 -1.27
C THR A 105 0.91 15.83 -1.84
N ALA A 106 1.11 15.92 -3.15
CA ALA A 106 1.31 17.18 -3.87
C ALA A 106 2.53 17.86 -3.29
N ALA A 107 3.60 17.10 -3.19
CA ALA A 107 4.84 17.54 -2.61
C ALA A 107 5.41 18.75 -3.33
N PRO A 108 5.77 19.81 -2.57
CA PRO A 108 6.37 21.03 -3.13
C PRO A 108 7.87 20.87 -3.39
N VAL A 109 8.33 19.65 -3.25
CA VAL A 109 9.70 19.28 -3.47
C VAL A 109 9.72 17.85 -3.96
N GLN A 110 10.38 17.60 -5.07
CA GLN A 110 10.49 16.25 -5.58
C GLN A 110 11.61 15.51 -4.88
N ARG A 111 11.35 15.12 -3.66
CA ARG A 111 12.30 14.38 -2.86
C ARG A 111 12.22 12.91 -3.23
N GLU A 112 11.06 12.53 -3.70
CA GLU A 112 10.82 11.18 -4.13
C GLU A 112 11.41 11.01 -5.51
N PRO A 113 11.98 9.83 -5.79
CA PRO A 113 12.53 9.54 -7.10
C PRO A 113 11.42 9.25 -8.11
N VAL A 114 10.73 10.30 -8.52
CA VAL A 114 9.64 10.20 -9.45
C VAL A 114 10.17 9.94 -10.86
N ALA A 115 10.27 8.68 -11.16
CA ALA A 115 10.73 8.22 -12.44
C ALA A 115 9.74 7.21 -12.95
N THR A 116 8.49 7.60 -12.89
CA THR A 116 7.40 6.75 -13.29
C THR A 116 7.52 6.42 -14.78
N ALA A 117 7.58 5.18 -15.07
CA ALA A 117 7.73 4.70 -16.43
C ALA A 117 6.36 4.31 -16.95
N PRO A 118 6.12 4.49 -18.28
CA PRO A 118 4.84 4.15 -18.94
C PRO A 118 4.56 2.63 -18.96
N GLN A 119 5.48 1.89 -18.41
CA GLN A 119 5.34 0.49 -18.21
C GLN A 119 5.53 0.20 -16.72
N PRO A 120 4.45 -0.14 -16.02
CA PRO A 120 4.51 -0.43 -14.57
C PRO A 120 5.36 -1.66 -14.28
N GLY A 121 5.44 -2.56 -15.25
CA GLY A 121 6.23 -3.72 -15.12
C GLY A 121 5.39 -4.96 -15.19
N ALA A 122 5.70 -5.81 -16.13
CA ALA A 122 4.96 -7.04 -16.33
C ALA A 122 5.23 -8.01 -15.20
N GLN A 123 6.43 -7.94 -14.67
CA GLN A 123 6.83 -8.80 -13.57
C GLN A 123 6.42 -8.19 -12.23
N ALA A 124 6.42 -6.86 -12.16
CA ALA A 124 6.04 -6.15 -10.95
C ALA A 124 4.55 -6.26 -10.71
N SER A 125 3.79 -6.13 -11.77
CA SER A 125 2.36 -6.24 -11.69
C SER A 125 1.91 -7.55 -12.35
N ALA A 126 2.64 -8.63 -12.04
CA ALA A 126 2.38 -9.96 -12.58
C ALA A 126 0.98 -10.44 -12.24
N GLN A 127 0.57 -10.21 -11.00
CA GLN A 127 -0.75 -10.61 -10.54
C GLN A 127 -1.82 -9.85 -11.30
N ARG A 128 -1.63 -8.53 -11.37
CA ARG A 128 -2.54 -7.63 -12.08
C ARG A 128 -2.70 -8.05 -13.53
N GLU A 129 -1.57 -8.35 -14.16
CA GLU A 129 -1.55 -8.81 -15.55
C GLU A 129 -2.40 -10.06 -15.74
N SER A 130 -2.15 -11.06 -14.91
CA SER A 130 -2.88 -12.31 -14.93
C SER A 130 -4.38 -12.09 -14.72
N ILE A 131 -4.72 -11.24 -13.74
CA ILE A 131 -6.10 -10.92 -13.46
C ILE A 131 -6.73 -10.21 -14.65
N GLN A 132 -6.03 -9.19 -15.15
CA GLN A 132 -6.49 -8.37 -16.25
C GLN A 132 -6.78 -9.17 -17.50
N ASP A 133 -5.89 -10.11 -17.85
CA ASP A 133 -6.12 -10.94 -19.06
C ASP A 133 -7.39 -11.76 -18.91
N TYR A 134 -7.56 -12.33 -17.72
CA TYR A 134 -8.75 -13.12 -17.39
C TYR A 134 -10.00 -12.22 -17.40
N LEU A 135 -9.86 -11.07 -16.81
CA LEU A 135 -10.94 -10.11 -16.68
C LEU A 135 -11.32 -9.59 -18.08
N LYS A 136 -10.32 -9.48 -18.96
CA LYS A 136 -10.51 -9.10 -20.35
C LYS A 136 -11.38 -10.14 -21.06
N GLN A 137 -11.15 -11.41 -20.74
CA GLN A 137 -11.94 -12.49 -21.32
C GLN A 137 -13.36 -12.35 -20.82
N SER A 138 -13.45 -12.17 -19.51
CA SER A 138 -14.69 -12.03 -18.79
C SER A 138 -15.54 -10.87 -19.34
N LEU A 139 -14.97 -9.67 -19.44
CA LEU A 139 -15.73 -8.52 -19.90
C LEU A 139 -16.11 -8.64 -21.37
N GLY A 140 -15.18 -9.15 -22.18
CA GLY A 140 -15.41 -9.28 -23.60
C GLY A 140 -16.51 -10.26 -23.90
N GLU A 141 -16.52 -11.35 -23.15
CA GLU A 141 -17.52 -12.37 -23.31
C GLU A 141 -18.89 -11.85 -22.88
N LEU A 142 -18.93 -11.16 -21.76
CA LEU A 142 -20.19 -10.64 -21.22
C LEU A 142 -20.75 -9.54 -22.11
N LEU A 143 -19.88 -8.61 -22.48
CA LEU A 143 -20.25 -7.45 -23.25
C LEU A 143 -20.56 -7.81 -24.70
N PHE A 144 -20.07 -8.97 -25.13
CA PHE A 144 -20.33 -9.56 -26.46
C PHE A 144 -19.41 -9.00 -27.56
N LEU A 145 -18.99 -7.77 -27.41
CA LEU A 145 -18.12 -7.14 -28.40
C LEU A 145 -17.10 -6.25 -27.72
N ASP A 146 -16.05 -5.93 -28.44
CA ASP A 146 -15.01 -5.03 -27.99
C ASP A 146 -15.25 -3.64 -28.55
N PRO A 147 -15.69 -2.71 -27.71
CA PRO A 147 -16.02 -1.35 -28.15
C PRO A 147 -14.86 -0.38 -28.04
N GLY A 148 -13.68 -0.92 -27.81
CA GLY A 148 -12.49 -0.08 -27.68
C GLY A 148 -12.41 0.53 -26.32
N GLN A 149 -12.53 -0.30 -25.31
CA GLN A 149 -12.52 0.19 -23.94
C GLN A 149 -11.23 -0.15 -23.21
N LEU A 150 -10.47 -1.07 -23.77
CA LEU A 150 -9.26 -1.56 -23.14
C LEU A 150 -8.16 -0.50 -23.16
N ARG A 151 -8.04 0.20 -22.02
CA ARG A 151 -7.02 1.24 -21.77
C ARG A 151 -7.24 2.54 -22.55
N SER A 152 -7.99 2.47 -23.62
CA SER A 152 -8.32 3.59 -24.45
C SER A 152 -9.39 4.47 -23.78
N GLY A 153 -10.22 3.85 -22.98
CA GLY A 153 -11.28 4.56 -22.31
C GLY A 153 -12.40 3.62 -21.98
N ALA A 154 -12.48 3.22 -20.74
CA ALA A 154 -13.46 2.25 -20.33
C ALA A 154 -14.55 2.88 -19.47
N GLN A 155 -15.56 3.41 -20.11
CA GLN A 155 -16.69 3.98 -19.41
C GLN A 155 -17.89 3.08 -19.61
N PHE A 156 -18.32 2.45 -18.53
CA PHE A 156 -19.45 1.51 -18.55
C PHE A 156 -20.76 2.21 -18.97
N LEU A 157 -20.78 3.52 -18.82
CA LEU A 157 -21.93 4.36 -19.14
C LEU A 157 -22.21 4.36 -20.64
N ASP A 158 -21.18 4.20 -21.43
CA ASP A 158 -21.32 4.24 -22.88
C ASP A 158 -21.85 2.92 -23.41
N LEU A 159 -21.60 1.87 -22.68
CA LEU A 159 -22.05 0.55 -23.07
C LEU A 159 -23.34 0.18 -22.37
N GLY A 160 -23.85 1.09 -21.59
CA GLY A 160 -25.06 0.84 -20.86
C GLY A 160 -24.78 0.12 -19.57
N MET A 161 -24.30 -1.11 -19.71
CA MET A 161 -23.94 -1.99 -18.60
C MET A 161 -25.16 -2.29 -17.76
N ASP A 162 -25.90 -3.33 -18.16
CA ASP A 162 -27.09 -3.76 -17.42
C ASP A 162 -26.66 -4.09 -16.04
N SER A 163 -27.22 -3.37 -15.10
CA SER A 163 -26.85 -3.42 -13.71
C SER A 163 -26.96 -4.84 -13.16
N VAL A 164 -27.96 -5.59 -13.61
CA VAL A 164 -28.12 -6.96 -13.15
C VAL A 164 -27.03 -7.85 -13.76
N THR A 165 -26.78 -7.67 -15.02
CA THR A 165 -25.80 -8.42 -15.73
C THR A 165 -24.38 -8.10 -15.22
N GLY A 166 -24.15 -6.85 -14.90
CA GLY A 166 -22.87 -6.40 -14.44
C GLY A 166 -22.60 -6.81 -13.00
N THR A 167 -23.64 -6.86 -12.19
CA THR A 167 -23.48 -7.29 -10.82
C THR A 167 -23.16 -8.78 -10.75
N GLN A 168 -23.82 -9.56 -11.63
CA GLN A 168 -23.54 -10.99 -11.77
C GLN A 168 -22.07 -11.20 -12.11
N TRP A 169 -21.64 -10.41 -13.05
CA TRP A 169 -20.29 -10.40 -13.53
C TRP A 169 -19.30 -10.02 -12.42
N MET A 170 -19.52 -8.89 -11.78
CA MET A 170 -18.68 -8.40 -10.69
C MET A 170 -18.61 -9.44 -9.57
N ARG A 171 -19.76 -10.03 -9.25
CA ARG A 171 -19.85 -11.08 -8.27
C ARG A 171 -18.96 -12.27 -8.65
N GLY A 172 -19.04 -12.67 -9.91
CA GLY A 172 -18.26 -13.80 -10.39
C GLY A 172 -16.76 -13.55 -10.32
N VAL A 173 -16.33 -12.37 -10.74
CA VAL A 173 -14.93 -12.00 -10.71
C VAL A 173 -14.40 -12.00 -9.27
N SER A 174 -15.12 -11.34 -8.39
CA SER A 174 -14.71 -11.24 -7.01
C SER A 174 -14.73 -12.61 -6.31
N ARG A 175 -15.74 -13.41 -6.63
CA ARG A 175 -15.87 -14.75 -6.09
C ARG A 175 -14.70 -15.65 -6.52
N HIS A 176 -14.38 -15.62 -7.80
CA HIS A 176 -13.33 -16.50 -8.32
C HIS A 176 -11.95 -16.09 -7.77
N PHE A 177 -11.75 -14.81 -7.51
CA PHE A 177 -10.48 -14.36 -6.95
C PHE A 177 -10.47 -14.34 -5.42
N SER A 178 -11.55 -14.85 -4.81
CA SER A 178 -11.67 -14.97 -3.35
C SER A 178 -11.59 -13.61 -2.64
N ILE A 179 -12.08 -12.59 -3.28
CA ILE A 179 -12.05 -11.26 -2.71
C ILE A 179 -13.48 -10.78 -2.51
N GLN A 180 -13.73 -10.23 -1.37
CA GLN A 180 -15.06 -9.81 -1.03
C GLN A 180 -15.31 -8.39 -1.51
N LEU A 181 -15.89 -8.29 -2.66
CA LEU A 181 -16.25 -7.02 -3.27
C LEU A 181 -17.73 -7.03 -3.51
N ALA A 182 -18.32 -5.88 -3.43
CA ALA A 182 -19.74 -5.74 -3.68
C ALA A 182 -19.96 -5.89 -5.17
N ALA A 183 -21.06 -6.50 -5.52
CA ALA A 183 -21.40 -6.75 -6.91
C ALA A 183 -21.82 -5.45 -7.58
N ASP A 184 -22.30 -4.53 -6.77
CA ASP A 184 -22.72 -3.21 -7.25
C ASP A 184 -21.55 -2.24 -7.25
N ALA A 185 -20.33 -2.77 -7.15
CA ALA A 185 -19.12 -1.94 -7.10
C ALA A 185 -18.80 -1.32 -8.44
N ILE A 186 -19.50 -1.74 -9.49
CA ILE A 186 -19.25 -1.21 -10.82
C ILE A 186 -19.83 0.22 -10.99
N TYR A 187 -20.26 0.80 -9.87
CA TYR A 187 -20.71 2.19 -9.81
C TYR A 187 -19.71 3.02 -9.02
N THR A 188 -18.74 2.35 -8.42
CA THR A 188 -17.76 3.01 -7.58
C THR A 188 -16.68 3.70 -8.42
N TRP A 189 -16.46 3.18 -9.60
CA TRP A 189 -15.37 3.65 -10.42
C TRP A 189 -15.90 4.34 -11.66
N PRO A 190 -15.30 5.48 -12.04
CA PRO A 190 -15.70 6.25 -13.23
C PRO A 190 -15.23 5.59 -14.52
N THR A 191 -14.27 4.68 -14.39
CA THR A 191 -13.76 3.93 -15.48
C THR A 191 -13.65 2.50 -15.02
N LEU A 192 -13.94 1.59 -15.92
CA LEU A 192 -13.98 0.16 -15.64
C LEU A 192 -12.58 -0.39 -15.41
N LYS A 193 -11.59 0.28 -15.99
CA LYS A 193 -10.18 -0.09 -15.84
C LYS A 193 -9.75 0.00 -14.37
N SER A 194 -10.48 0.79 -13.59
CA SER A 194 -10.20 0.99 -12.20
C SER A 194 -10.40 -0.29 -11.40
N LEU A 195 -11.13 -1.25 -11.96
CA LEU A 195 -11.31 -2.54 -11.33
C LEU A 195 -9.98 -3.30 -11.35
N ALA A 196 -9.32 -3.31 -12.49
CA ALA A 196 -8.02 -3.93 -12.63
C ALA A 196 -6.98 -3.22 -11.78
N ASP A 197 -7.12 -1.92 -11.63
CA ASP A 197 -6.19 -1.16 -10.81
C ASP A 197 -6.47 -1.41 -9.33
N GLU A 198 -7.74 -1.67 -9.00
CA GLU A 198 -8.19 -1.91 -7.64
C GLU A 198 -7.81 -3.30 -7.19
N VAL A 199 -7.98 -4.28 -8.08
CA VAL A 199 -7.67 -5.66 -7.73
C VAL A 199 -6.17 -5.83 -7.45
N ASP A 200 -5.39 -5.00 -8.13
CA ASP A 200 -3.94 -4.94 -7.99
C ASP A 200 -3.56 -4.44 -6.60
N ARG A 201 -4.43 -3.64 -6.02
CA ARG A 201 -4.27 -3.11 -4.67
C ARG A 201 -4.80 -4.14 -3.66
N ARG A 202 -5.93 -4.75 -4.00
CA ARG A 202 -6.66 -5.66 -3.13
C ARG A 202 -5.87 -6.95 -2.87
N VAL A 203 -5.41 -7.58 -3.93
CA VAL A 203 -4.72 -8.86 -3.80
C VAL A 203 -3.27 -8.66 -3.36
N GLN A 204 -2.68 -7.59 -3.82
CA GLN A 204 -1.31 -7.30 -3.50
C GLN A 204 -1.26 -6.21 -2.45
N VAL A 22 27.03 21.63 21.82
CA VAL A 22 27.33 20.27 21.39
C VAL A 22 26.05 19.47 21.07
N ALA A 23 25.57 19.58 19.84
CA ALA A 23 24.33 18.93 19.39
C ALA A 23 24.40 17.42 19.50
N ASP A 24 25.60 16.88 19.27
CA ASP A 24 25.84 15.42 19.34
C ASP A 24 25.72 14.94 20.78
N ASP A 25 25.87 15.86 21.71
CA ASP A 25 25.74 15.54 23.10
C ASP A 25 24.36 15.89 23.60
N GLU A 26 23.71 16.88 22.96
CA GLU A 26 22.38 17.30 23.31
C GLU A 26 21.39 16.14 23.14
N CYS A 27 21.47 15.47 22.00
CA CYS A 27 20.62 14.33 21.74
C CYS A 27 20.87 13.20 22.74
N ALA A 28 22.12 13.01 23.15
CA ALA A 28 22.46 12.00 24.14
C ALA A 28 21.96 12.43 25.51
N GLN A 29 22.15 13.70 25.84
CA GLN A 29 21.74 14.27 27.12
C GLN A 29 20.26 14.14 27.31
N PHE A 30 19.51 14.53 26.29
CA PHE A 30 18.05 14.46 26.32
C PHE A 30 17.59 13.04 26.62
N LEU A 31 18.24 12.08 26.01
CA LEU A 31 17.91 10.68 26.23
C LEU A 31 18.35 10.21 27.62
N ARG A 32 19.56 10.58 28.02
CA ARG A 32 20.10 10.21 29.36
C ARG A 32 19.22 10.79 30.48
N GLN A 33 18.76 12.02 30.29
CA GLN A 33 17.91 12.67 31.27
C GLN A 33 16.54 11.99 31.33
N SER A 34 15.98 11.70 30.17
CA SER A 34 14.67 11.07 30.11
C SER A 34 14.73 9.60 30.57
N LEU A 35 15.90 9.00 30.45
CA LEU A 35 16.12 7.61 30.87
C LEU A 35 16.04 7.60 32.39
N ALA A 36 16.87 8.42 32.99
CA ALA A 36 16.96 8.51 34.43
C ALA A 36 15.68 9.07 35.04
N ALA A 37 14.92 9.81 34.25
CA ALA A 37 13.67 10.39 34.70
C ALA A 37 12.62 9.30 34.98
N MET A 38 12.61 8.28 34.15
CA MET A 38 11.63 7.19 34.30
C MET A 38 12.07 6.21 35.36
N LEU A 39 13.37 6.12 35.58
CA LEU A 39 13.93 5.21 36.57
C LEU A 39 14.18 5.89 37.90
N TYR A 40 13.94 7.20 37.92
CA TYR A 40 14.07 8.07 39.09
C TYR A 40 15.50 8.13 39.61
N CYS A 41 16.40 8.37 38.70
CA CYS A 41 17.82 8.50 38.97
C CYS A 41 18.29 9.88 38.50
N GLU A 42 19.43 10.32 38.98
CA GLU A 42 20.00 11.59 38.57
C GLU A 42 20.96 11.41 37.40
N PRO A 43 20.64 12.00 36.23
CA PRO A 43 21.44 11.85 35.00
C PRO A 43 22.74 12.66 35.01
N GLY A 44 22.91 13.49 36.04
CA GLY A 44 24.12 14.27 36.16
C GLY A 44 25.31 13.41 36.53
N GLN A 45 25.01 12.26 37.08
CA GLN A 45 26.02 11.30 37.44
C GLN A 45 25.65 9.94 36.85
N ILE A 46 25.78 9.83 35.57
CA ILE A 46 25.47 8.59 34.91
C ILE A 46 26.67 8.20 34.04
N ARG A 47 27.05 6.96 34.10
CA ARG A 47 28.15 6.47 33.29
C ARG A 47 27.60 6.00 31.97
N ASP A 48 28.09 6.61 30.91
CA ASP A 48 27.61 6.35 29.54
C ASP A 48 27.84 4.92 29.11
N GLY A 49 28.83 4.30 29.71
CA GLY A 49 29.18 2.95 29.33
C GLY A 49 28.39 1.88 30.07
N SER A 50 27.43 2.29 30.89
CA SER A 50 26.64 1.32 31.60
C SER A 50 25.57 0.74 30.69
N ARG A 51 25.34 -0.55 30.82
CA ARG A 51 24.35 -1.22 30.02
C ARG A 51 22.95 -0.88 30.52
N PHE A 52 21.95 -0.81 29.65
CA PHE A 52 20.55 -0.44 30.07
C PHE A 52 20.10 -1.27 31.27
N LEU A 53 20.46 -2.54 31.22
CA LEU A 53 20.09 -3.52 32.22
C LEU A 53 20.74 -3.24 33.59
N GLU A 54 21.85 -2.51 33.61
CA GLU A 54 22.55 -2.21 34.86
C GLU A 54 21.81 -1.12 35.59
N LEU A 55 21.15 -0.28 34.84
CA LEU A 55 20.37 0.79 35.39
C LEU A 55 19.01 0.24 35.78
N GLY A 56 18.58 -0.74 35.03
CA GLY A 56 17.34 -1.40 35.31
C GLY A 56 16.25 -1.00 34.35
N LEU A 57 16.62 -0.72 33.11
CA LEU A 57 15.62 -0.37 32.14
C LEU A 57 14.99 -1.64 31.60
N ASP A 58 13.86 -1.95 32.14
CA ASP A 58 13.08 -3.11 31.74
C ASP A 58 12.48 -2.81 30.41
N SER A 59 12.33 -3.85 29.60
CA SER A 59 11.82 -3.75 28.25
C SER A 59 10.42 -3.13 28.21
N VAL A 60 9.70 -3.23 29.34
CA VAL A 60 8.40 -2.61 29.49
C VAL A 60 8.56 -1.08 29.51
N ILE A 61 9.47 -0.60 30.36
CA ILE A 61 9.74 0.84 30.48
C ILE A 61 10.41 1.32 29.19
N ALA A 62 11.26 0.46 28.63
CA ALA A 62 11.96 0.71 27.37
C ALA A 62 10.97 1.00 26.25
N ALA A 63 9.84 0.29 26.27
CA ALA A 63 8.78 0.49 25.29
C ALA A 63 8.20 1.90 25.43
N GLN A 64 7.94 2.30 26.66
CA GLN A 64 7.44 3.65 26.96
C GLN A 64 8.44 4.71 26.50
N TRP A 65 9.69 4.46 26.84
CA TRP A 65 10.82 5.29 26.54
C TRP A 65 11.00 5.48 25.03
N ILE A 66 11.03 4.38 24.28
CA ILE A 66 11.28 4.44 22.84
C ILE A 66 10.16 5.19 22.10
N ARG A 67 8.94 5.11 22.63
CA ARG A 67 7.80 5.82 22.06
C ARG A 67 7.99 7.33 22.21
N GLU A 68 8.60 7.74 23.31
CA GLU A 68 8.87 9.15 23.57
C GLU A 68 10.01 9.65 22.68
N ILE A 69 10.96 8.77 22.45
CA ILE A 69 12.10 9.02 21.56
C ILE A 69 11.61 9.27 20.14
N ASN A 70 10.76 8.37 19.68
CA ASN A 70 10.19 8.41 18.32
C ASN A 70 9.44 9.70 18.04
N LYS A 71 8.96 10.34 19.08
CA LYS A 71 8.22 11.57 18.96
C LYS A 71 9.16 12.72 18.69
N HIS A 72 10.06 12.99 19.61
CA HIS A 72 10.89 14.19 19.51
C HIS A 72 11.97 14.04 18.44
N TYR A 73 12.36 12.82 18.15
CA TYR A 73 13.40 12.61 17.18
C TYR A 73 12.87 12.33 15.79
N GLN A 74 11.53 12.18 15.73
CA GLN A 74 10.76 11.89 14.54
C GLN A 74 11.36 10.73 13.74
N LEU A 75 11.37 9.57 14.35
CA LEU A 75 11.91 8.36 13.76
C LEU A 75 10.96 7.22 14.06
N LYS A 76 11.15 6.12 13.41
CA LYS A 76 10.38 4.94 13.69
C LYS A 76 11.34 3.87 14.21
N ILE A 77 11.83 4.08 15.42
CA ILE A 77 12.74 3.16 16.00
C ILE A 77 11.98 2.16 16.83
N PRO A 78 12.08 0.89 16.51
CA PRO A 78 11.53 -0.14 17.33
C PRO A 78 12.56 -0.55 18.39
N ALA A 79 12.11 -1.31 19.37
CA ALA A 79 12.91 -1.73 20.51
C ALA A 79 14.16 -2.55 20.14
N ASP A 80 14.26 -2.95 18.87
CA ASP A 80 15.41 -3.72 18.39
C ASP A 80 16.69 -2.90 18.40
N GLY A 81 16.57 -1.57 18.41
CA GLY A 81 17.74 -0.74 18.60
C GLY A 81 18.36 -1.00 19.97
N ILE A 82 17.49 -1.07 20.97
CA ILE A 82 17.87 -1.33 22.36
C ILE A 82 18.35 -2.78 22.54
N TYR A 83 17.85 -3.68 21.70
CA TYR A 83 18.27 -5.06 21.78
C TYR A 83 19.64 -5.29 21.15
N THR A 84 20.00 -4.52 20.14
CA THR A 84 21.30 -4.70 19.53
C THR A 84 22.35 -3.84 20.26
N TYR A 85 21.95 -2.70 20.77
CA TYR A 85 22.84 -1.86 21.53
C TYR A 85 22.45 -1.90 22.99
N PRO A 86 23.16 -2.68 23.82
CA PRO A 86 22.86 -2.81 25.24
C PRO A 86 23.44 -1.66 26.07
N VAL A 87 24.12 -0.76 25.39
CA VAL A 87 24.79 0.38 26.02
C VAL A 87 24.20 1.63 25.37
N PHE A 88 23.60 2.51 26.20
CA PHE A 88 22.91 3.71 25.70
C PHE A 88 23.82 4.63 24.91
N LYS A 89 25.08 4.66 25.29
CA LYS A 89 26.13 5.43 24.60
C LYS A 89 26.30 4.96 23.14
N ALA A 90 26.08 3.69 22.88
CA ALA A 90 26.19 3.15 21.54
C ALA A 90 24.87 3.33 20.79
N PHE A 91 23.80 3.30 21.55
CA PHE A 91 22.45 3.48 21.01
C PHE A 91 22.21 4.93 20.57
N THR A 92 22.83 5.88 21.23
CA THR A 92 22.73 7.25 20.80
C THR A 92 23.42 7.42 19.45
N GLN A 93 24.41 6.57 19.20
CA GLN A 93 25.13 6.56 17.95
C GLN A 93 24.23 6.01 16.86
N TRP A 94 23.35 5.07 17.23
CA TRP A 94 22.32 4.55 16.31
C TRP A 94 21.52 5.72 15.76
N VAL A 95 20.97 6.51 16.67
CA VAL A 95 20.17 7.62 16.36
C VAL A 95 20.95 8.65 15.52
N GLY A 96 22.19 8.91 15.93
CA GLY A 96 23.05 9.85 15.20
C GLY A 96 23.40 9.37 13.80
N THR A 97 23.44 8.07 13.61
CA THR A 97 23.76 7.51 12.32
C THR A 97 22.54 7.52 11.37
N GLN A 98 21.35 7.39 11.94
CA GLN A 98 20.14 7.39 11.10
C GLN A 98 19.60 8.79 10.88
N LEU A 99 19.94 9.71 11.76
CA LEU A 99 19.57 11.11 11.58
C LEU A 99 20.48 11.77 10.58
N GLN A 100 19.90 12.17 9.47
CA GLN A 100 20.61 12.81 8.35
C GLN A 100 21.72 11.87 7.85
N PRO A 101 21.34 10.68 7.33
CA PRO A 101 22.30 9.66 6.94
C PRO A 101 22.93 9.91 5.58
N THR A 102 24.13 9.38 5.39
CA THR A 102 24.88 9.52 4.16
C THR A 102 24.35 8.55 3.09
N GLN A 103 23.06 8.55 2.89
CA GLN A 103 22.41 7.68 1.95
C GLN A 103 22.37 8.39 0.60
N ALA A 104 23.01 7.82 -0.36
CA ALA A 104 23.05 8.40 -1.68
C ALA A 104 21.97 7.80 -2.55
N THR A 105 21.81 6.49 -2.49
CA THR A 105 20.84 5.77 -3.30
C THR A 105 21.07 6.06 -4.79
N ALA A 106 22.16 5.54 -5.31
CA ALA A 106 22.54 5.73 -6.68
C ALA A 106 21.83 4.70 -7.56
N ALA A 107 20.53 4.70 -7.48
CA ALA A 107 19.72 3.80 -8.25
C ALA A 107 19.33 4.47 -9.55
N PRO A 108 19.59 3.83 -10.68
CA PRO A 108 19.25 4.36 -11.99
C PRO A 108 17.79 4.06 -12.36
N VAL A 109 16.90 4.44 -11.49
CA VAL A 109 15.49 4.20 -11.69
C VAL A 109 14.85 5.46 -12.20
N GLN A 110 14.73 5.58 -13.50
CA GLN A 110 14.10 6.74 -14.06
C GLN A 110 12.62 6.45 -14.16
N ARG A 111 11.98 6.47 -13.04
CA ARG A 111 10.58 6.24 -12.93
C ARG A 111 10.11 7.07 -11.76
N GLU A 112 9.21 7.96 -12.02
CA GLU A 112 8.75 8.85 -11.00
C GLU A 112 7.60 8.24 -10.23
N PRO A 113 7.50 8.53 -8.93
CA PRO A 113 6.37 8.09 -8.10
C PRO A 113 5.15 9.01 -8.32
N VAL A 114 4.87 9.28 -9.60
CA VAL A 114 3.82 10.19 -10.06
C VAL A 114 4.04 11.58 -9.45
N ALA A 115 5.01 12.26 -10.00
CA ALA A 115 5.40 13.56 -9.49
C ALA A 115 4.82 14.65 -10.36
N THR A 116 4.63 14.35 -11.62
CA THR A 116 4.04 15.31 -12.51
C THR A 116 2.75 14.74 -13.08
N ALA A 117 1.91 15.61 -13.57
CA ALA A 117 0.64 15.23 -14.16
C ALA A 117 0.20 16.27 -15.19
N PRO A 118 0.91 16.38 -16.34
CA PRO A 118 0.55 17.31 -17.40
C PRO A 118 -0.77 16.91 -18.04
N GLN A 119 -0.86 15.65 -18.39
CA GLN A 119 -2.04 15.09 -18.95
C GLN A 119 -2.59 14.11 -17.92
N PRO A 120 -3.83 14.33 -17.44
CA PRO A 120 -4.44 13.45 -16.42
C PRO A 120 -4.92 12.11 -17.02
N GLY A 121 -4.01 11.46 -17.70
CA GLY A 121 -4.28 10.21 -18.34
C GLY A 121 -3.13 9.28 -18.14
N ALA A 122 -2.63 9.25 -16.91
CA ALA A 122 -1.54 8.37 -16.55
C ALA A 122 -2.08 6.97 -16.40
N GLN A 123 -3.37 6.91 -16.09
CA GLN A 123 -4.10 5.68 -15.97
C GLN A 123 -4.41 5.16 -17.37
N ALA A 124 -3.68 4.17 -17.79
CA ALA A 124 -3.83 3.58 -19.09
C ALA A 124 -4.93 2.54 -19.05
N SER A 125 -5.07 1.87 -17.91
CA SER A 125 -6.06 0.81 -17.74
C SER A 125 -5.90 -0.26 -18.82
N ALA A 126 -4.68 -0.77 -18.91
CA ALA A 126 -4.29 -1.76 -19.88
C ALA A 126 -4.93 -3.09 -19.55
N GLN A 127 -5.03 -3.34 -18.26
CA GLN A 127 -5.63 -4.55 -17.74
C GLN A 127 -7.08 -4.65 -18.17
N ARG A 128 -7.80 -3.53 -18.07
CA ARG A 128 -9.19 -3.50 -18.44
C ARG A 128 -9.36 -3.40 -19.96
N GLU A 129 -8.37 -2.81 -20.63
CA GLU A 129 -8.42 -2.64 -22.09
C GLU A 129 -8.41 -4.00 -22.79
N SER A 130 -7.66 -4.93 -22.24
CA SER A 130 -7.61 -6.28 -22.76
C SER A 130 -9.00 -6.92 -22.58
N ILE A 131 -9.59 -6.67 -21.41
CA ILE A 131 -10.94 -7.11 -21.08
C ILE A 131 -11.93 -6.59 -22.10
N GLN A 132 -11.76 -5.33 -22.50
CA GLN A 132 -12.62 -4.67 -23.48
C GLN A 132 -12.68 -5.44 -24.81
N ASP A 133 -11.54 -5.97 -25.24
CA ASP A 133 -11.49 -6.79 -26.47
C ASP A 133 -12.25 -8.08 -26.32
N TYR A 134 -12.12 -8.69 -25.16
CA TYR A 134 -12.81 -9.93 -24.89
C TYR A 134 -14.30 -9.71 -24.63
N LEU A 135 -14.62 -8.59 -24.00
CA LEU A 135 -16.02 -8.19 -23.72
C LEU A 135 -16.73 -8.03 -25.06
N LYS A 136 -16.01 -7.41 -26.00
CA LYS A 136 -16.46 -7.22 -27.37
C LYS A 136 -16.84 -8.56 -27.98
N GLN A 137 -15.97 -9.53 -27.85
CA GLN A 137 -16.20 -10.86 -28.40
C GLN A 137 -17.31 -11.59 -27.67
N SER A 138 -17.33 -11.42 -26.37
CA SER A 138 -18.30 -12.03 -25.50
C SER A 138 -19.72 -11.61 -25.90
N LEU A 139 -19.94 -10.31 -26.02
CA LEU A 139 -21.23 -9.75 -26.39
C LEU A 139 -21.48 -9.94 -27.89
N GLY A 140 -20.43 -9.77 -28.69
CA GLY A 140 -20.54 -9.91 -30.13
C GLY A 140 -20.95 -11.30 -30.55
N GLU A 141 -20.63 -12.27 -29.71
CA GLU A 141 -20.97 -13.67 -29.93
C GLU A 141 -22.50 -13.86 -29.92
N LEU A 142 -23.18 -13.04 -29.11
CA LEU A 142 -24.65 -13.11 -28.97
C LEU A 142 -25.31 -12.52 -30.21
N LEU A 143 -24.62 -11.56 -30.79
CA LEU A 143 -25.06 -10.85 -32.00
C LEU A 143 -24.47 -11.51 -33.24
N PHE A 144 -23.84 -12.60 -32.98
CA PHE A 144 -23.23 -13.53 -33.93
C PHE A 144 -21.85 -13.06 -34.40
N LEU A 145 -21.74 -11.83 -34.82
CA LEU A 145 -20.48 -11.33 -35.34
C LEU A 145 -20.39 -9.84 -35.15
N ASP A 146 -19.18 -9.35 -35.04
CA ASP A 146 -18.90 -7.94 -34.89
C ASP A 146 -18.65 -7.33 -36.28
N PRO A 147 -19.55 -6.44 -36.74
CA PRO A 147 -19.39 -5.78 -38.03
C PRO A 147 -18.36 -4.66 -37.97
N GLY A 148 -18.32 -3.95 -36.87
CA GLY A 148 -17.36 -2.89 -36.70
C GLY A 148 -16.42 -3.20 -35.58
N GLN A 149 -16.51 -2.44 -34.53
CA GLN A 149 -15.66 -2.64 -33.36
C GLN A 149 -16.45 -2.46 -32.08
N LEU A 150 -17.76 -2.22 -32.22
CA LEU A 150 -18.66 -1.94 -31.13
C LEU A 150 -18.27 -0.68 -30.37
N ARG A 151 -19.03 -0.39 -29.34
CA ARG A 151 -18.82 0.77 -28.53
C ARG A 151 -19.30 0.40 -27.15
N SER A 152 -18.67 0.99 -26.17
CA SER A 152 -18.95 0.68 -24.79
C SER A 152 -20.26 1.28 -24.34
N GLY A 153 -20.66 2.36 -24.99
CA GLY A 153 -21.92 3.00 -24.67
C GLY A 153 -23.04 2.44 -25.50
N ALA A 154 -23.26 1.17 -25.34
CA ALA A 154 -24.32 0.48 -26.01
C ALA A 154 -25.28 -0.03 -24.97
N GLN A 155 -26.44 0.58 -24.90
CA GLN A 155 -27.43 0.19 -23.92
C GLN A 155 -28.07 -1.12 -24.30
N PHE A 156 -27.90 -2.11 -23.43
CA PHE A 156 -28.45 -3.45 -23.65
C PHE A 156 -29.96 -3.40 -23.58
N LEU A 157 -30.46 -2.45 -22.84
CA LEU A 157 -31.90 -2.25 -22.66
C LEU A 157 -32.59 -1.84 -23.96
N ASP A 158 -31.82 -1.33 -24.90
CA ASP A 158 -32.38 -0.89 -26.17
C ASP A 158 -32.46 -2.01 -27.19
N LEU A 159 -31.36 -2.70 -27.41
CA LEU A 159 -31.31 -3.71 -28.49
C LEU A 159 -31.44 -5.14 -27.97
N GLY A 160 -31.38 -5.31 -26.67
CA GLY A 160 -31.38 -6.63 -26.14
C GLY A 160 -32.57 -6.90 -25.27
N MET A 161 -33.12 -8.08 -25.39
CA MET A 161 -34.22 -8.54 -24.57
C MET A 161 -33.87 -9.92 -24.11
N ASP A 162 -32.59 -10.15 -24.07
CA ASP A 162 -31.97 -11.43 -23.79
C ASP A 162 -32.08 -11.81 -22.33
N SER A 163 -33.26 -12.12 -21.90
CA SER A 163 -33.50 -12.52 -20.54
C SER A 163 -32.86 -13.89 -20.28
N VAL A 164 -33.04 -14.81 -21.19
CA VAL A 164 -32.52 -16.15 -21.03
C VAL A 164 -31.08 -16.24 -21.53
N THR A 165 -30.87 -15.89 -22.78
CA THR A 165 -29.54 -16.02 -23.37
C THR A 165 -28.56 -15.02 -22.77
N GLY A 166 -29.06 -13.94 -22.18
CA GLY A 166 -28.19 -12.98 -21.57
C GLY A 166 -27.73 -13.48 -20.22
N THR A 167 -28.53 -14.37 -19.63
CA THR A 167 -28.15 -15.02 -18.39
C THR A 167 -27.04 -16.03 -18.69
N GLN A 168 -27.18 -16.72 -19.84
CA GLN A 168 -26.14 -17.63 -20.32
C GLN A 168 -24.84 -16.86 -20.53
N TRP A 169 -24.99 -15.65 -21.05
CA TRP A 169 -23.87 -14.74 -21.22
C TRP A 169 -23.28 -14.33 -19.87
N MET A 170 -24.15 -13.96 -18.90
CA MET A 170 -23.69 -13.62 -17.53
C MET A 170 -22.87 -14.74 -16.94
N ARG A 171 -23.41 -15.94 -17.07
CA ARG A 171 -22.77 -17.15 -16.58
C ARG A 171 -21.42 -17.36 -17.26
N GLY A 172 -21.38 -17.09 -18.56
CA GLY A 172 -20.17 -17.22 -19.33
C GLY A 172 -19.11 -16.25 -18.88
N VAL A 173 -19.47 -14.97 -18.82
CA VAL A 173 -18.57 -13.91 -18.36
C VAL A 173 -18.07 -14.20 -16.95
N SER A 174 -18.98 -14.70 -16.12
CA SER A 174 -18.70 -15.03 -14.75
C SER A 174 -17.62 -16.12 -14.65
N ARG A 175 -17.81 -17.21 -15.37
CA ARG A 175 -16.87 -18.32 -15.30
C ARG A 175 -15.58 -18.05 -16.07
N HIS A 176 -15.69 -17.43 -17.23
CA HIS A 176 -14.53 -17.21 -18.09
C HIS A 176 -13.56 -16.19 -17.50
N PHE A 177 -14.09 -15.21 -16.79
CA PHE A 177 -13.24 -14.19 -16.20
C PHE A 177 -12.99 -14.45 -14.72
N SER A 178 -13.53 -15.57 -14.22
CA SER A 178 -13.36 -16.02 -12.84
C SER A 178 -13.92 -14.98 -11.84
N ILE A 179 -15.01 -14.35 -12.20
CA ILE A 179 -15.61 -13.32 -11.36
C ILE A 179 -17.00 -13.76 -10.91
N GLN A 180 -17.40 -13.33 -9.74
CA GLN A 180 -18.72 -13.64 -9.23
C GLN A 180 -19.74 -12.66 -9.78
N LEU A 181 -20.40 -13.04 -10.84
CA LEU A 181 -21.38 -12.20 -11.47
C LEU A 181 -22.76 -12.79 -11.21
N ALA A 182 -23.68 -11.95 -10.82
CA ALA A 182 -25.03 -12.37 -10.51
C ALA A 182 -25.84 -12.49 -11.78
N ALA A 183 -26.76 -13.45 -11.78
CA ALA A 183 -27.59 -13.76 -12.94
C ALA A 183 -28.62 -12.67 -13.22
N ASP A 184 -28.86 -11.83 -12.23
CA ASP A 184 -29.82 -10.74 -12.36
C ASP A 184 -29.13 -9.47 -12.80
N ALA A 185 -27.82 -9.55 -13.04
CA ALA A 185 -27.03 -8.39 -13.41
C ALA A 185 -27.49 -7.76 -14.75
N ILE A 186 -28.17 -8.55 -15.59
CA ILE A 186 -28.68 -8.05 -16.88
C ILE A 186 -29.78 -7.03 -16.68
N TYR A 187 -30.28 -6.95 -15.47
CA TYR A 187 -31.37 -6.06 -15.17
C TYR A 187 -30.87 -4.83 -14.43
N THR A 188 -29.56 -4.71 -14.25
CA THR A 188 -29.05 -3.57 -13.52
C THR A 188 -27.75 -2.99 -14.15
N TRP A 189 -27.43 -3.37 -15.38
CA TRP A 189 -26.25 -2.82 -16.05
C TRP A 189 -26.68 -2.33 -17.43
N PRO A 190 -26.60 -1.01 -17.66
CA PRO A 190 -27.05 -0.41 -18.91
C PRO A 190 -26.12 -0.65 -20.11
N THR A 191 -24.80 -0.52 -19.95
CA THR A 191 -23.90 -0.58 -21.09
C THR A 191 -22.73 -1.55 -20.87
N LEU A 192 -21.80 -1.60 -21.81
CA LEU A 192 -20.60 -2.42 -21.65
C LEU A 192 -19.72 -1.83 -20.56
N LYS A 193 -19.84 -0.51 -20.33
CA LYS A 193 -19.07 0.18 -19.29
C LYS A 193 -19.39 -0.43 -17.94
N SER A 194 -20.65 -0.57 -17.64
CA SER A 194 -21.10 -1.16 -16.41
C SER A 194 -20.77 -2.66 -16.30
N LEU A 195 -20.59 -3.31 -17.44
CA LEU A 195 -20.24 -4.73 -17.45
C LEU A 195 -18.75 -4.84 -17.09
N ALA A 196 -17.93 -4.02 -17.75
CA ALA A 196 -16.50 -3.97 -17.47
C ALA A 196 -16.24 -3.51 -16.05
N ASP A 197 -17.12 -2.68 -15.54
CA ASP A 197 -17.06 -2.18 -14.17
C ASP A 197 -17.03 -3.32 -13.13
N GLU A 198 -17.73 -4.41 -13.42
CA GLU A 198 -17.75 -5.58 -12.54
C GLU A 198 -16.36 -6.16 -12.39
N VAL A 199 -15.78 -6.52 -13.50
CA VAL A 199 -14.48 -7.14 -13.54
C VAL A 199 -13.37 -6.14 -13.14
N ASP A 200 -13.58 -4.87 -13.47
CA ASP A 200 -12.66 -3.78 -13.14
C ASP A 200 -12.47 -3.69 -11.64
N ARG A 201 -13.56 -3.79 -10.90
CA ARG A 201 -13.50 -3.74 -9.46
C ARG A 201 -13.16 -5.10 -8.85
N ARG A 202 -13.68 -6.17 -9.43
CA ARG A 202 -13.47 -7.51 -8.90
C ARG A 202 -12.02 -7.96 -8.99
N VAL A 203 -11.41 -7.76 -10.13
CA VAL A 203 -10.05 -8.23 -10.34
C VAL A 203 -9.02 -7.22 -9.79
N GLN A 204 -9.24 -5.96 -10.05
CA GLN A 204 -8.33 -4.94 -9.61
C GLN A 204 -8.81 -4.33 -8.31
N VAL A 22 12.81 18.32 17.05
CA VAL A 22 13.30 17.12 16.37
C VAL A 22 12.29 15.97 16.53
N ALA A 23 11.86 15.35 15.43
CA ALA A 23 10.87 14.28 15.49
C ALA A 23 11.49 12.91 15.27
N ASP A 24 12.68 12.90 14.72
CA ASP A 24 13.41 11.67 14.48
C ASP A 24 14.39 11.40 15.60
N ASP A 25 14.99 12.46 16.07
CA ASP A 25 16.01 12.40 17.12
C ASP A 25 15.34 12.60 18.49
N GLU A 26 14.02 12.40 18.53
CA GLU A 26 13.26 12.64 19.75
C GLU A 26 13.68 11.73 20.92
N CYS A 27 13.92 10.46 20.62
CA CYS A 27 14.44 9.49 21.60
C CYS A 27 15.68 10.05 22.30
N ALA A 28 16.70 10.38 21.50
CA ALA A 28 17.97 10.89 22.02
C ALA A 28 17.77 12.14 22.85
N GLN A 29 16.97 13.06 22.33
CA GLN A 29 16.65 14.30 23.01
C GLN A 29 16.00 14.05 24.37
N PHE A 30 15.01 13.18 24.42
CA PHE A 30 14.31 12.92 25.67
C PHE A 30 15.23 12.22 26.67
N LEU A 31 16.09 11.38 26.16
CA LEU A 31 17.03 10.68 26.99
C LEU A 31 18.06 11.66 27.56
N ARG A 32 18.44 12.64 26.76
CA ARG A 32 19.32 13.74 27.22
C ARG A 32 18.63 14.50 28.36
N GLN A 33 17.36 14.85 28.13
CA GLN A 33 16.55 15.56 29.12
C GLN A 33 16.44 14.77 30.44
N SER A 34 16.22 13.47 30.32
CA SER A 34 16.04 12.62 31.48
C SER A 34 17.35 12.37 32.24
N LEU A 35 18.44 12.10 31.52
CA LEU A 35 19.73 11.82 32.16
C LEU A 35 20.22 13.06 32.90
N ALA A 36 20.01 14.22 32.29
CA ALA A 36 20.39 15.49 32.89
C ALA A 36 19.60 15.73 34.17
N ALA A 37 18.36 15.29 34.17
CA ALA A 37 17.49 15.46 35.32
C ALA A 37 17.90 14.54 36.46
N MET A 38 18.51 13.43 36.12
CA MET A 38 18.95 12.47 37.11
C MET A 38 20.32 12.82 37.68
N LEU A 39 21.25 13.18 36.82
CA LEU A 39 22.62 13.45 37.27
C LEU A 39 22.87 14.93 37.56
N TYR A 40 21.88 15.76 37.25
CA TYR A 40 21.95 17.22 37.46
C TYR A 40 22.97 17.88 36.55
N CYS A 41 23.17 17.28 35.41
CA CYS A 41 24.04 17.78 34.39
C CYS A 41 23.20 18.53 33.37
N GLU A 42 23.80 18.98 32.30
CA GLU A 42 23.05 19.72 31.32
C GLU A 42 22.77 18.87 30.09
N PRO A 43 21.56 18.97 29.54
CA PRO A 43 21.18 18.21 28.36
C PRO A 43 21.72 18.86 27.08
N GLY A 44 22.27 20.06 27.23
CA GLY A 44 22.83 20.79 26.10
C GLY A 44 24.19 20.26 25.74
N GLN A 45 25.19 20.61 26.52
CA GLN A 45 26.54 20.15 26.31
C GLN A 45 26.75 18.79 26.97
N ILE A 46 25.91 17.87 26.61
CA ILE A 46 26.01 16.53 27.13
C ILE A 46 27.11 15.81 26.35
N ARG A 47 27.88 15.03 27.04
CA ARG A 47 28.95 14.29 26.41
C ARG A 47 28.39 13.02 25.77
N ASP A 48 28.19 13.08 24.48
CA ASP A 48 27.57 11.99 23.72
C ASP A 48 28.52 10.83 23.47
N GLY A 49 29.80 11.11 23.56
CA GLY A 49 30.82 10.10 23.31
C GLY A 49 31.33 9.45 24.58
N SER A 50 30.70 9.76 25.69
CA SER A 50 31.15 9.25 26.97
C SER A 50 30.43 7.94 27.31
N ARG A 51 30.95 7.26 28.31
CA ARG A 51 30.41 6.02 28.77
C ARG A 51 29.40 6.23 29.87
N PHE A 52 28.32 5.47 29.90
CA PHE A 52 27.24 5.68 30.89
C PHE A 52 27.71 5.79 32.34
N LEU A 53 28.56 4.85 32.78
CA LEU A 53 29.09 4.87 34.15
C LEU A 53 30.00 6.08 34.38
N GLU A 54 30.52 6.61 33.30
CA GLU A 54 31.43 7.74 33.30
C GLU A 54 30.61 9.05 33.41
N LEU A 55 29.34 8.95 33.05
CA LEU A 55 28.37 10.03 33.23
C LEU A 55 27.75 9.92 34.61
N GLY A 56 28.15 8.90 35.34
CA GLY A 56 27.66 8.70 36.67
C GLY A 56 26.37 7.91 36.69
N LEU A 57 26.00 7.35 35.56
CA LEU A 57 24.79 6.57 35.46
C LEU A 57 25.09 5.17 35.97
N ASP A 58 25.04 5.05 37.27
CA ASP A 58 25.28 3.80 37.99
C ASP A 58 24.18 2.80 37.68
N SER A 59 24.38 1.54 37.99
CA SER A 59 23.37 0.54 37.74
C SER A 59 22.04 0.90 38.39
N VAL A 60 22.09 1.49 39.60
CA VAL A 60 20.86 1.92 40.28
C VAL A 60 20.03 2.89 39.44
N ILE A 61 20.69 3.90 38.99
CA ILE A 61 20.09 4.91 38.16
C ILE A 61 19.71 4.32 36.77
N ALA A 62 20.66 3.58 36.18
CA ALA A 62 20.51 2.99 34.85
C ALA A 62 19.33 2.03 34.76
N ALA A 63 19.13 1.23 35.81
CA ALA A 63 18.04 0.27 35.88
C ALA A 63 16.69 0.95 35.78
N GLN A 64 16.57 2.08 36.45
CA GLN A 64 15.34 2.84 36.45
C GLN A 64 15.12 3.51 35.09
N TRP A 65 16.19 4.05 34.56
CA TRP A 65 16.26 4.68 33.28
C TRP A 65 15.82 3.71 32.17
N ILE A 66 16.44 2.52 32.14
CA ILE A 66 16.15 1.53 31.11
C ILE A 66 14.72 1.00 31.24
N ARG A 67 14.23 0.92 32.48
CA ARG A 67 12.89 0.45 32.74
C ARG A 67 11.85 1.34 32.05
N GLU A 68 12.13 2.64 31.98
CA GLU A 68 11.23 3.55 31.30
C GLU A 68 11.41 3.39 29.79
N ILE A 69 12.66 3.24 29.36
CA ILE A 69 13.00 3.09 27.95
C ILE A 69 12.21 1.94 27.32
N ASN A 70 12.20 0.81 27.99
CA ASN A 70 11.47 -0.38 27.52
C ASN A 70 10.00 -0.10 27.34
N LYS A 71 9.43 0.71 28.20
CA LYS A 71 8.01 0.98 28.17
C LYS A 71 7.69 2.11 27.21
N HIS A 72 8.32 3.24 27.43
CA HIS A 72 8.08 4.47 26.68
C HIS A 72 8.41 4.30 25.19
N TYR A 73 9.38 3.49 24.89
CA TYR A 73 9.74 3.26 23.49
C TYR A 73 9.28 1.89 23.02
N GLN A 74 8.60 1.19 23.94
CA GLN A 74 8.03 -0.17 23.80
C GLN A 74 8.93 -1.14 23.02
N LEU A 75 10.14 -1.30 23.52
CA LEU A 75 11.13 -2.16 22.90
C LEU A 75 11.51 -3.28 23.85
N LYS A 76 12.06 -4.35 23.31
CA LYS A 76 12.44 -5.54 24.08
C LYS A 76 13.91 -5.47 24.45
N ILE A 77 14.41 -4.26 24.55
CA ILE A 77 15.78 -4.00 24.92
C ILE A 77 16.13 -4.68 26.23
N PRO A 78 17.15 -5.53 26.21
CA PRO A 78 17.62 -6.17 27.41
C PRO A 78 18.22 -5.11 28.32
N ALA A 79 17.94 -5.21 29.60
CA ALA A 79 18.39 -4.25 30.61
C ALA A 79 19.90 -4.11 30.64
N ASP A 80 20.58 -5.11 30.11
CA ASP A 80 22.03 -5.11 30.06
C ASP A 80 22.56 -4.48 28.77
N GLY A 81 21.66 -4.05 27.85
CA GLY A 81 22.09 -3.46 26.58
C GLY A 81 22.93 -2.21 26.78
N ILE A 82 22.65 -1.50 27.86
CA ILE A 82 23.39 -0.29 28.24
C ILE A 82 24.89 -0.58 28.43
N TYR A 83 25.22 -1.81 28.77
CA TYR A 83 26.58 -2.16 29.03
C TYR A 83 27.22 -2.92 27.88
N THR A 84 26.43 -3.21 26.84
CA THR A 84 26.93 -3.90 25.67
C THR A 84 27.89 -2.97 24.93
N TYR A 85 27.39 -1.81 24.55
CA TYR A 85 28.21 -0.78 23.97
C TYR A 85 27.82 0.50 24.73
N PRO A 86 28.43 0.75 25.89
CA PRO A 86 28.01 1.84 26.78
C PRO A 86 28.45 3.24 26.35
N VAL A 87 28.09 3.61 25.14
CA VAL A 87 28.40 4.95 24.64
C VAL A 87 27.08 5.67 24.42
N PHE A 88 26.93 6.86 25.00
CA PHE A 88 25.66 7.57 25.02
C PHE A 88 25.00 7.68 23.64
N LYS A 89 25.73 8.23 22.66
CA LYS A 89 25.18 8.45 21.33
C LYS A 89 24.86 7.14 20.63
N ALA A 90 25.64 6.13 20.91
CA ALA A 90 25.47 4.85 20.27
C ALA A 90 24.18 4.19 20.74
N PHE A 91 23.87 4.32 22.00
CA PHE A 91 22.69 3.72 22.55
C PHE A 91 21.43 4.57 22.22
N THR A 92 21.58 5.87 22.12
CA THR A 92 20.47 6.70 21.72
C THR A 92 20.07 6.42 20.26
N GLN A 93 21.06 6.15 19.41
CA GLN A 93 20.80 5.77 18.03
C GLN A 93 20.32 4.32 17.95
N TRP A 94 20.75 3.51 18.92
CA TRP A 94 20.36 2.10 19.06
C TRP A 94 18.84 1.99 19.09
N VAL A 95 18.21 2.82 19.91
CA VAL A 95 16.81 2.88 20.07
C VAL A 95 16.16 3.31 18.74
N GLY A 96 16.76 4.28 18.09
CA GLY A 96 16.24 4.78 16.84
C GLY A 96 16.28 3.76 15.73
N THR A 97 17.33 2.96 15.70
CA THR A 97 17.47 1.92 14.71
C THR A 97 16.55 0.72 15.02
N GLN A 98 16.17 0.58 16.29
CA GLN A 98 15.23 -0.46 16.68
C GLN A 98 13.81 -0.05 16.32
N LEU A 99 13.62 1.22 16.07
CA LEU A 99 12.33 1.74 15.64
C LEU A 99 12.21 1.62 14.13
N GLN A 100 12.23 0.39 13.70
CA GLN A 100 12.17 0.04 12.31
C GLN A 100 10.74 -0.44 11.97
N PRO A 101 9.95 0.42 11.31
CA PRO A 101 8.58 0.11 10.96
C PRO A 101 8.49 -0.75 9.70
N THR A 102 8.72 -2.02 9.89
CA THR A 102 8.70 -3.02 8.85
C THR A 102 7.31 -3.16 8.19
N GLN A 103 7.12 -2.49 7.08
CA GLN A 103 5.88 -2.55 6.35
C GLN A 103 6.02 -3.49 5.16
N ALA A 104 5.19 -4.51 5.13
CA ALA A 104 5.23 -5.51 4.08
C ALA A 104 4.50 -5.03 2.84
N THR A 105 3.49 -4.23 3.03
CA THR A 105 2.67 -3.75 1.95
C THR A 105 3.10 -2.34 1.50
N ALA A 106 2.24 -1.71 0.68
CA ALA A 106 2.45 -0.36 0.12
C ALA A 106 3.48 -0.40 -0.99
N ALA A 107 3.02 -0.77 -2.16
CA ALA A 107 3.85 -0.85 -3.34
C ALA A 107 4.09 0.55 -3.89
N PRO A 108 5.33 0.88 -4.27
CA PRO A 108 5.69 2.23 -4.75
C PRO A 108 5.36 2.45 -6.24
N VAL A 109 4.21 1.92 -6.66
CA VAL A 109 3.72 1.98 -8.05
C VAL A 109 4.69 1.27 -9.01
N GLN A 110 4.37 0.04 -9.33
CA GLN A 110 5.22 -0.77 -10.18
C GLN A 110 4.76 -0.75 -11.62
N ARG A 111 4.00 0.25 -11.96
CA ARG A 111 3.56 0.40 -13.30
C ARG A 111 4.07 1.70 -13.88
N GLU A 112 4.56 1.63 -15.07
CA GLU A 112 4.95 2.79 -15.82
C GLU A 112 3.76 3.19 -16.70
N PRO A 113 3.42 4.48 -16.75
CA PRO A 113 2.30 4.97 -17.54
C PRO A 113 2.56 4.78 -19.03
N VAL A 114 1.51 4.47 -19.77
CA VAL A 114 1.63 4.24 -21.18
C VAL A 114 1.76 5.55 -21.96
N ALA A 115 2.69 5.61 -22.87
CA ALA A 115 2.93 6.82 -23.62
C ALA A 115 2.03 6.85 -24.85
N THR A 116 0.82 7.30 -24.65
CA THR A 116 -0.16 7.44 -25.70
C THR A 116 0.32 8.49 -26.71
N ALA A 117 0.22 8.17 -27.99
CA ALA A 117 0.67 9.08 -29.03
C ALA A 117 -0.20 10.34 -29.07
N PRO A 118 0.43 11.52 -29.05
CA PRO A 118 -0.28 12.80 -29.11
C PRO A 118 -0.67 13.16 -30.55
N GLN A 119 -1.36 12.25 -31.18
CA GLN A 119 -1.84 12.42 -32.52
C GLN A 119 -3.35 12.48 -32.48
N PRO A 120 -3.98 13.42 -33.18
CA PRO A 120 -5.43 13.48 -33.28
C PRO A 120 -5.96 12.34 -34.15
N GLY A 121 -6.87 11.60 -33.62
CA GLY A 121 -7.45 10.50 -34.33
C GLY A 121 -7.88 9.43 -33.39
N ALA A 122 -8.68 8.51 -33.87
CA ALA A 122 -9.24 7.46 -33.02
C ALA A 122 -8.19 6.40 -32.67
N GLN A 123 -7.17 6.28 -33.52
CA GLN A 123 -6.13 5.28 -33.32
C GLN A 123 -5.04 5.77 -32.37
N ALA A 124 -5.31 6.85 -31.68
CA ALA A 124 -4.41 7.35 -30.67
C ALA A 124 -4.79 6.74 -29.33
N SER A 125 -5.91 6.05 -29.31
CA SER A 125 -6.39 5.38 -28.13
C SER A 125 -6.19 3.88 -28.27
N ALA A 126 -4.94 3.45 -28.23
CA ALA A 126 -4.59 2.03 -28.41
C ALA A 126 -5.09 1.18 -27.25
N GLN A 127 -5.15 1.79 -26.08
CA GLN A 127 -5.58 1.09 -24.89
C GLN A 127 -7.07 0.82 -24.99
N ARG A 128 -7.82 1.85 -25.36
CA ARG A 128 -9.25 1.71 -25.48
C ARG A 128 -9.62 0.81 -26.64
N GLU A 129 -8.91 0.97 -27.75
CA GLU A 129 -9.15 0.21 -28.97
C GLU A 129 -9.00 -1.29 -28.69
N SER A 130 -7.97 -1.65 -27.92
CA SER A 130 -7.78 -3.04 -27.54
C SER A 130 -8.93 -3.53 -26.66
N ILE A 131 -9.43 -2.65 -25.77
CA ILE A 131 -10.57 -2.99 -24.92
C ILE A 131 -11.78 -3.35 -25.78
N GLN A 132 -12.07 -2.47 -26.75
CA GLN A 132 -13.21 -2.64 -27.64
C GLN A 132 -13.08 -3.93 -28.43
N ASP A 133 -11.84 -4.26 -28.76
CA ASP A 133 -11.51 -5.47 -29.50
C ASP A 133 -11.88 -6.71 -28.68
N TYR A 134 -11.39 -6.76 -27.44
CA TYR A 134 -11.68 -7.89 -26.54
C TYR A 134 -13.19 -7.95 -26.28
N LEU A 135 -13.77 -6.80 -26.00
CA LEU A 135 -15.20 -6.65 -25.75
C LEU A 135 -16.03 -7.19 -26.91
N LYS A 136 -15.63 -6.79 -28.12
CA LYS A 136 -16.32 -7.18 -29.32
C LYS A 136 -16.30 -8.69 -29.47
N GLN A 137 -15.12 -9.27 -29.29
CA GLN A 137 -14.95 -10.71 -29.40
C GLN A 137 -15.71 -11.42 -28.29
N SER A 138 -15.62 -10.89 -27.09
CA SER A 138 -16.25 -11.46 -25.91
C SER A 138 -17.78 -11.57 -26.09
N LEU A 139 -18.43 -10.46 -26.47
CA LEU A 139 -19.87 -10.46 -26.61
C LEU A 139 -20.28 -11.24 -27.86
N GLY A 140 -19.51 -11.06 -28.93
CA GLY A 140 -19.80 -11.74 -30.19
C GLY A 140 -19.66 -13.24 -30.08
N GLU A 141 -18.81 -13.68 -29.18
CA GLU A 141 -18.58 -15.09 -28.93
C GLU A 141 -19.79 -15.70 -28.22
N LEU A 142 -20.37 -14.92 -27.31
CA LEU A 142 -21.53 -15.36 -26.52
C LEU A 142 -22.79 -15.32 -27.37
N LEU A 143 -22.90 -14.30 -28.18
CA LEU A 143 -24.03 -14.13 -29.05
C LEU A 143 -23.89 -15.01 -30.30
N PHE A 144 -22.67 -15.48 -30.53
CA PHE A 144 -22.29 -16.42 -31.63
C PHE A 144 -22.30 -15.73 -33.00
N LEU A 145 -22.45 -14.44 -32.99
CA LEU A 145 -22.50 -13.63 -34.17
C LEU A 145 -22.33 -12.18 -33.79
N ASP A 146 -22.02 -11.37 -34.75
CA ASP A 146 -21.90 -9.96 -34.56
C ASP A 146 -23.05 -9.30 -35.27
N PRO A 147 -23.83 -8.47 -34.57
CA PRO A 147 -24.96 -7.75 -35.18
C PRO A 147 -24.50 -6.67 -36.18
N GLY A 148 -23.20 -6.44 -36.23
CA GLY A 148 -22.66 -5.48 -37.17
C GLY A 148 -21.54 -4.68 -36.58
N GLN A 149 -21.88 -3.78 -35.71
CA GLN A 149 -20.93 -2.88 -35.12
C GLN A 149 -20.97 -2.97 -33.59
N LEU A 150 -22.10 -3.44 -33.06
CA LEU A 150 -22.32 -3.60 -31.64
C LEU A 150 -22.30 -2.24 -30.94
N ARG A 151 -21.99 -2.23 -29.63
CA ARG A 151 -21.98 -1.01 -28.79
C ARG A 151 -23.41 -0.48 -28.58
N SER A 152 -23.93 0.20 -29.57
CA SER A 152 -25.26 0.71 -29.54
C SER A 152 -26.17 -0.28 -30.28
N GLY A 153 -27.43 -0.34 -29.90
CA GLY A 153 -28.35 -1.29 -30.55
C GLY A 153 -28.10 -2.68 -30.04
N ALA A 154 -27.59 -2.74 -28.84
CA ALA A 154 -27.28 -3.97 -28.17
C ALA A 154 -27.78 -3.84 -26.75
N GLN A 155 -29.04 -4.09 -26.61
CA GLN A 155 -29.73 -3.92 -25.37
C GLN A 155 -30.00 -5.26 -24.70
N PHE A 156 -29.53 -5.37 -23.47
CA PHE A 156 -29.65 -6.59 -22.65
C PHE A 156 -31.07 -6.77 -22.14
N LEU A 157 -31.91 -5.78 -22.36
CA LEU A 157 -33.30 -5.89 -22.02
C LEU A 157 -33.93 -6.91 -22.98
N ASP A 158 -33.40 -6.93 -24.19
CA ASP A 158 -33.86 -7.82 -25.24
C ASP A 158 -32.97 -9.04 -25.33
N LEU A 159 -31.67 -8.81 -25.44
CA LEU A 159 -30.68 -9.90 -25.55
C LEU A 159 -30.29 -10.49 -24.19
N GLY A 160 -31.08 -10.19 -23.20
CA GLY A 160 -30.84 -10.68 -21.88
C GLY A 160 -31.96 -11.57 -21.46
N MET A 161 -32.15 -12.63 -22.20
CA MET A 161 -33.20 -13.59 -21.93
C MET A 161 -32.88 -14.41 -20.71
N ASP A 162 -31.62 -14.73 -20.57
CA ASP A 162 -31.18 -15.62 -19.53
C ASP A 162 -30.21 -14.90 -18.61
N SER A 163 -30.30 -15.22 -17.34
CA SER A 163 -29.46 -14.65 -16.34
C SER A 163 -28.08 -15.35 -16.26
N VAL A 164 -28.04 -16.62 -16.64
CA VAL A 164 -26.84 -17.45 -16.53
C VAL A 164 -25.81 -17.02 -17.57
N THR A 165 -26.30 -16.64 -18.73
CA THR A 165 -25.47 -16.11 -19.79
C THR A 165 -24.73 -14.85 -19.32
N GLY A 166 -25.49 -13.93 -18.70
CA GLY A 166 -24.96 -12.67 -18.28
C GLY A 166 -23.95 -12.80 -17.17
N THR A 167 -24.25 -13.64 -16.19
CA THR A 167 -23.38 -13.78 -15.05
C THR A 167 -22.00 -14.37 -15.47
N GLN A 168 -22.02 -15.37 -16.36
CA GLN A 168 -20.79 -16.00 -16.84
C GLN A 168 -19.97 -15.03 -17.66
N TRP A 169 -20.63 -14.34 -18.57
CA TRP A 169 -19.98 -13.39 -19.43
C TRP A 169 -19.39 -12.22 -18.64
N MET A 170 -20.20 -11.63 -17.77
CA MET A 170 -19.74 -10.50 -16.97
C MET A 170 -18.58 -10.85 -16.10
N ARG A 171 -18.65 -12.00 -15.42
CA ARG A 171 -17.53 -12.47 -14.59
C ARG A 171 -16.28 -12.69 -15.43
N GLY A 172 -16.47 -13.19 -16.64
CA GLY A 172 -15.35 -13.39 -17.56
C GLY A 172 -14.68 -12.09 -17.93
N VAL A 173 -15.49 -11.10 -18.31
CA VAL A 173 -15.00 -9.77 -18.65
C VAL A 173 -14.27 -9.14 -17.45
N SER A 174 -14.87 -9.30 -16.29
CA SER A 174 -14.32 -8.77 -15.06
C SER A 174 -12.98 -9.39 -14.73
N ARG A 175 -12.88 -10.67 -14.94
CA ARG A 175 -11.66 -11.42 -14.67
C ARG A 175 -10.59 -11.02 -15.69
N HIS A 176 -11.01 -10.89 -16.94
CA HIS A 176 -10.12 -10.52 -18.05
C HIS A 176 -9.49 -9.15 -17.79
N PHE A 177 -10.30 -8.20 -17.36
CA PHE A 177 -9.80 -6.85 -17.10
C PHE A 177 -9.37 -6.65 -15.65
N SER A 178 -9.39 -7.74 -14.89
CA SER A 178 -8.94 -7.78 -13.48
C SER A 178 -9.69 -6.77 -12.60
N ILE A 179 -10.98 -6.63 -12.83
CA ILE A 179 -11.79 -5.68 -12.08
C ILE A 179 -12.82 -6.39 -11.22
N GLN A 180 -13.14 -5.76 -10.11
CA GLN A 180 -14.12 -6.27 -9.18
C GLN A 180 -15.47 -5.70 -9.57
N LEU A 181 -16.24 -6.50 -10.25
CA LEU A 181 -17.53 -6.07 -10.77
C LEU A 181 -18.66 -6.63 -9.91
N ALA A 182 -19.63 -5.78 -9.60
CA ALA A 182 -20.77 -6.16 -8.77
C ALA A 182 -21.76 -7.00 -9.57
N ALA A 183 -22.19 -8.09 -8.97
CA ALA A 183 -23.08 -9.04 -9.61
C ALA A 183 -24.47 -8.45 -9.84
N ASP A 184 -24.79 -7.45 -9.05
CA ASP A 184 -26.07 -6.77 -9.15
C ASP A 184 -26.02 -5.67 -10.20
N ALA A 185 -24.84 -5.44 -10.75
CA ALA A 185 -24.64 -4.37 -11.72
C ALA A 185 -24.96 -4.87 -13.12
N ILE A 186 -25.17 -6.19 -13.20
CA ILE A 186 -25.60 -6.89 -14.40
C ILE A 186 -26.94 -6.32 -14.90
N TYR A 187 -27.66 -5.74 -13.98
CA TYR A 187 -28.98 -5.25 -14.25
C TYR A 187 -29.00 -3.73 -14.16
N THR A 188 -27.82 -3.14 -14.20
CA THR A 188 -27.68 -1.70 -14.16
C THR A 188 -27.40 -1.18 -15.57
N TRP A 189 -26.67 -1.95 -16.36
CA TRP A 189 -26.33 -1.53 -17.70
C TRP A 189 -27.20 -2.25 -18.71
N PRO A 190 -28.15 -1.55 -19.32
CA PRO A 190 -29.05 -2.15 -20.29
C PRO A 190 -28.46 -2.25 -21.68
N THR A 191 -27.37 -1.57 -21.92
CA THR A 191 -26.73 -1.58 -23.22
C THR A 191 -25.24 -1.88 -23.11
N LEU A 192 -24.74 -2.59 -24.12
CA LEU A 192 -23.35 -3.03 -24.22
C LEU A 192 -22.37 -1.86 -24.19
N LYS A 193 -22.78 -0.76 -24.77
CA LYS A 193 -21.98 0.47 -24.80
C LYS A 193 -21.68 0.98 -23.38
N SER A 194 -22.52 0.63 -22.43
CA SER A 194 -22.37 1.06 -21.06
C SER A 194 -21.26 0.28 -20.37
N LEU A 195 -20.92 -0.89 -20.92
CA LEU A 195 -19.85 -1.68 -20.38
C LEU A 195 -18.52 -1.07 -20.81
N ALA A 196 -18.54 -0.42 -21.96
CA ALA A 196 -17.40 0.36 -22.43
C ALA A 196 -17.18 1.54 -21.48
N ASP A 197 -18.26 2.22 -21.08
CA ASP A 197 -18.16 3.34 -20.13
C ASP A 197 -17.62 2.89 -18.77
N GLU A 198 -17.92 1.64 -18.44
CA GLU A 198 -17.49 1.03 -17.20
C GLU A 198 -15.95 0.94 -17.19
N VAL A 199 -15.43 0.23 -18.19
CA VAL A 199 -14.01 -0.01 -18.32
C VAL A 199 -13.22 1.29 -18.58
N ASP A 200 -13.83 2.24 -19.33
CA ASP A 200 -13.19 3.53 -19.62
C ASP A 200 -12.83 4.26 -18.35
N ARG A 201 -13.72 4.19 -17.40
CA ARG A 201 -13.56 4.91 -16.17
C ARG A 201 -12.66 4.14 -15.21
N ARG A 202 -12.99 2.88 -14.95
CA ARG A 202 -12.27 2.12 -13.93
C ARG A 202 -10.88 1.65 -14.34
N VAL A 203 -10.75 1.10 -15.53
CA VAL A 203 -9.45 0.62 -15.96
C VAL A 203 -8.59 1.80 -16.36
N GLN A 204 -9.27 2.83 -16.88
CA GLN A 204 -8.68 4.13 -17.19
C GLN A 204 -7.72 4.03 -18.37
N VAL A 22 8.86 15.67 3.76
CA VAL A 22 10.10 14.96 4.04
C VAL A 22 9.72 13.60 4.62
N ALA A 23 10.25 12.53 4.02
CA ALA A 23 9.89 11.16 4.40
C ALA A 23 10.41 10.83 5.77
N ASP A 24 11.55 11.42 6.11
CA ASP A 24 12.20 11.25 7.41
C ASP A 24 11.23 11.56 8.54
N ASP A 25 10.63 12.72 8.49
CA ASP A 25 9.71 13.12 9.53
C ASP A 25 8.35 12.48 9.33
N GLU A 26 8.00 12.17 8.08
CA GLU A 26 6.74 11.55 7.81
C GLU A 26 6.67 10.16 8.45
N CYS A 27 7.72 9.36 8.28
CA CYS A 27 7.77 8.04 8.91
C CYS A 27 7.69 8.15 10.42
N ALA A 28 8.41 9.12 10.99
CA ALA A 28 8.41 9.34 12.43
C ALA A 28 7.02 9.72 12.92
N GLN A 29 6.40 10.67 12.23
CA GLN A 29 5.09 11.16 12.57
C GLN A 29 4.02 10.07 12.35
N PHE A 30 4.18 9.30 11.28
CA PHE A 30 3.30 8.18 10.95
C PHE A 30 3.33 7.15 12.06
N LEU A 31 4.52 6.77 12.48
CA LEU A 31 4.68 5.79 13.55
C LEU A 31 4.18 6.35 14.87
N ARG A 32 4.44 7.62 15.10
CA ARG A 32 3.98 8.32 16.30
C ARG A 32 2.45 8.27 16.38
N GLN A 33 1.81 8.52 15.25
CA GLN A 33 0.37 8.52 15.16
C GLN A 33 -0.17 7.09 15.30
N SER A 34 0.51 6.17 14.64
CA SER A 34 0.17 4.75 14.64
C SER A 34 0.15 4.19 16.08
N LEU A 35 1.18 4.53 16.85
CA LEU A 35 1.32 4.07 18.23
C LEU A 35 0.09 4.51 19.04
N ALA A 36 -0.25 5.77 18.90
CA ALA A 36 -1.37 6.35 19.63
C ALA A 36 -2.70 5.77 19.17
N ALA A 37 -2.83 5.52 17.87
CA ALA A 37 -4.04 4.97 17.28
C ALA A 37 -4.35 3.59 17.81
N MET A 38 -3.31 2.81 18.03
CA MET A 38 -3.48 1.43 18.48
C MET A 38 -3.79 1.36 19.94
N LEU A 39 -3.11 2.15 20.73
CA LEU A 39 -3.31 2.09 22.16
C LEU A 39 -4.41 3.03 22.63
N TYR A 40 -5.05 3.69 21.66
CA TYR A 40 -6.14 4.65 21.88
C TYR A 40 -5.68 5.74 22.84
N CYS A 41 -4.51 6.25 22.57
CA CYS A 41 -3.88 7.24 23.40
C CYS A 41 -3.56 8.48 22.59
N GLU A 42 -2.96 9.44 23.22
CA GLU A 42 -2.48 10.63 22.59
C GLU A 42 -1.04 10.38 22.27
N PRO A 43 -0.51 10.92 21.17
CA PRO A 43 0.91 10.84 20.88
C PRO A 43 1.65 11.93 21.66
N GLY A 44 1.32 11.93 22.96
CA GLY A 44 1.69 12.89 23.95
C GLY A 44 3.13 13.16 24.02
N GLN A 45 3.48 14.18 23.28
CA GLN A 45 4.83 14.78 23.20
C GLN A 45 5.99 13.79 23.09
N ILE A 46 5.74 12.64 22.50
CA ILE A 46 6.80 11.66 22.28
C ILE A 46 7.77 12.24 21.25
N ARG A 47 9.05 12.21 21.54
CA ARG A 47 10.04 12.85 20.71
C ARG A 47 11.39 12.15 20.93
N ASP A 48 12.49 12.85 20.77
CA ASP A 48 13.79 12.25 21.02
C ASP A 48 14.02 12.06 22.53
N GLY A 49 13.42 12.92 23.33
CA GLY A 49 13.58 12.80 24.77
C GLY A 49 12.54 11.91 25.36
N SER A 50 11.29 12.21 25.08
CA SER A 50 10.18 11.39 25.49
C SER A 50 10.17 10.14 24.60
N ARG A 51 10.52 9.02 25.17
CA ARG A 51 10.75 7.80 24.41
C ARG A 51 9.50 6.93 24.22
N PHE A 52 9.61 5.81 23.47
CA PHE A 52 8.43 4.92 23.17
C PHE A 52 7.65 4.54 24.42
N LEU A 53 8.38 4.25 25.47
CA LEU A 53 7.84 3.81 26.74
C LEU A 53 6.88 4.84 27.35
N GLU A 54 7.07 6.11 26.98
CA GLU A 54 6.32 7.22 27.54
C GLU A 54 4.82 7.08 27.23
N LEU A 55 4.51 6.58 26.06
CA LEU A 55 3.12 6.46 25.64
C LEU A 55 2.50 5.14 26.09
N GLY A 56 3.24 4.37 26.84
CA GLY A 56 2.73 3.12 27.32
C GLY A 56 3.12 1.95 26.46
N LEU A 57 4.07 2.16 25.56
CA LEU A 57 4.56 1.07 24.77
C LEU A 57 5.45 0.21 25.63
N ASP A 58 5.13 -1.05 25.68
CA ASP A 58 5.89 -2.02 26.43
C ASP A 58 6.44 -3.02 25.49
N SER A 59 7.43 -3.78 25.88
CA SER A 59 8.05 -4.78 25.04
C SER A 59 7.01 -5.72 24.37
N VAL A 60 6.01 -6.13 25.15
CA VAL A 60 4.94 -6.99 24.66
C VAL A 60 4.20 -6.32 23.49
N ILE A 61 3.85 -5.06 23.68
CA ILE A 61 3.14 -4.28 22.67
C ILE A 61 4.04 -4.03 21.44
N ALA A 62 5.34 -3.89 21.70
CA ALA A 62 6.34 -3.64 20.67
C ALA A 62 6.36 -4.77 19.66
N ALA A 63 6.10 -5.99 20.13
CA ALA A 63 6.09 -7.17 19.28
C ALA A 63 4.96 -7.11 18.24
N GLN A 64 3.84 -6.49 18.61
CA GLN A 64 2.73 -6.36 17.68
C GLN A 64 2.97 -5.18 16.76
N TRP A 65 3.39 -4.09 17.37
CA TRP A 65 3.65 -2.84 16.70
C TRP A 65 4.72 -2.98 15.61
N ILE A 66 5.77 -3.75 15.90
CA ILE A 66 6.87 -3.95 14.94
C ILE A 66 6.37 -4.63 13.66
N ARG A 67 5.34 -5.46 13.80
CA ARG A 67 4.75 -6.16 12.67
C ARG A 67 4.10 -5.16 11.70
N GLU A 68 3.44 -4.15 12.26
CA GLU A 68 2.79 -3.12 11.46
C GLU A 68 3.82 -2.25 10.74
N ILE A 69 4.96 -2.09 11.38
CA ILE A 69 6.09 -1.39 10.78
C ILE A 69 6.59 -2.22 9.61
N ASN A 70 6.81 -3.50 9.88
CA ASN A 70 7.32 -4.45 8.91
C ASN A 70 6.40 -4.65 7.74
N LYS A 71 5.10 -4.53 7.94
CA LYS A 71 4.17 -4.68 6.85
C LYS A 71 4.26 -3.49 5.90
N HIS A 72 4.35 -2.30 6.47
CA HIS A 72 4.34 -1.07 5.71
C HIS A 72 5.64 -0.80 4.99
N TYR A 73 6.74 -0.97 5.66
CA TYR A 73 8.02 -0.64 5.05
C TYR A 73 8.76 -1.88 4.57
N GLN A 74 8.14 -3.02 4.80
CA GLN A 74 8.62 -4.36 4.39
C GLN A 74 10.08 -4.70 4.73
N LEU A 75 10.50 -4.34 5.91
CA LEU A 75 11.80 -4.76 6.40
C LEU A 75 11.59 -6.01 7.22
N LYS A 76 12.66 -6.65 7.61
CA LYS A 76 12.58 -7.84 8.42
C LYS A 76 13.19 -7.53 9.78
N ILE A 77 12.60 -6.58 10.45
CA ILE A 77 13.09 -6.13 11.71
C ILE A 77 12.35 -6.80 12.87
N PRO A 78 13.09 -7.42 13.78
CA PRO A 78 12.51 -7.97 15.00
C PRO A 78 12.24 -6.82 15.99
N ALA A 79 11.52 -7.12 17.06
CA ALA A 79 11.17 -6.13 18.09
C ALA A 79 12.43 -5.59 18.77
N ASP A 80 13.54 -6.27 18.52
CA ASP A 80 14.86 -5.88 18.99
C ASP A 80 15.29 -4.53 18.45
N GLY A 81 14.68 -4.07 17.35
CA GLY A 81 14.96 -2.73 16.88
C GLY A 81 14.55 -1.71 17.93
N ILE A 82 13.39 -1.92 18.53
CA ILE A 82 12.85 -1.06 19.57
C ILE A 82 13.60 -1.32 20.90
N TYR A 83 14.11 -2.53 21.07
CA TYR A 83 14.89 -2.85 22.27
C TYR A 83 16.26 -2.21 22.18
N THR A 84 16.70 -1.94 20.99
CA THR A 84 17.96 -1.28 20.75
C THR A 84 17.76 0.24 20.78
N TYR A 85 16.72 0.71 20.11
CA TYR A 85 16.44 2.13 20.08
C TYR A 85 15.13 2.43 20.75
N PRO A 86 15.16 2.98 21.96
CA PRO A 86 13.95 3.39 22.66
C PRO A 86 13.51 4.78 22.21
N VAL A 87 14.24 5.33 21.25
CA VAL A 87 14.02 6.67 20.72
C VAL A 87 13.72 6.51 19.23
N PHE A 88 12.54 6.96 18.79
CA PHE A 88 12.10 6.73 17.41
C PHE A 88 12.98 7.40 16.38
N LYS A 89 13.58 8.50 16.75
CA LYS A 89 14.44 9.26 15.86
C LYS A 89 15.69 8.45 15.44
N ALA A 90 16.19 7.64 16.35
CA ALA A 90 17.35 6.82 16.05
C ALA A 90 16.91 5.55 15.32
N PHE A 91 15.71 5.14 15.61
CA PHE A 91 15.14 3.94 15.02
C PHE A 91 14.69 4.20 13.57
N THR A 92 14.19 5.40 13.27
CA THR A 92 13.85 5.75 11.90
C THR A 92 15.11 5.77 11.05
N GLN A 93 16.22 6.11 11.68
CA GLN A 93 17.52 6.14 11.04
C GLN A 93 17.97 4.70 10.74
N TRP A 94 17.66 3.78 11.64
CA TRP A 94 17.91 2.37 11.43
C TRP A 94 17.13 1.85 10.23
N VAL A 95 15.89 2.26 10.10
CA VAL A 95 15.10 1.90 9.01
C VAL A 95 15.63 2.57 7.71
N GLY A 96 15.94 3.85 7.81
CA GLY A 96 16.44 4.62 6.69
C GLY A 96 17.76 4.11 6.14
N THR A 97 18.61 3.59 7.01
CA THR A 97 19.89 3.06 6.60
C THR A 97 19.74 1.72 5.88
N GLN A 98 18.72 0.96 6.23
CA GLN A 98 18.48 -0.32 5.59
C GLN A 98 17.73 -0.11 4.28
N LEU A 99 17.10 1.02 4.16
CA LEU A 99 16.43 1.40 2.94
C LEU A 99 17.45 1.93 1.96
N GLN A 100 17.07 2.00 0.73
CA GLN A 100 17.91 2.52 -0.32
C GLN A 100 17.34 3.84 -0.79
N PRO A 101 17.91 4.95 -0.33
CA PRO A 101 17.42 6.29 -0.64
C PRO A 101 18.01 6.83 -1.93
N THR A 102 17.62 8.06 -2.28
CA THR A 102 18.07 8.75 -3.47
C THR A 102 17.96 7.90 -4.73
N GLN A 103 16.73 7.53 -5.04
CA GLN A 103 16.42 6.70 -6.18
C GLN A 103 16.59 7.48 -7.48
N ALA A 104 17.65 7.17 -8.18
CA ALA A 104 17.92 7.77 -9.46
C ALA A 104 17.09 7.07 -10.51
N THR A 105 16.84 5.82 -10.26
CA THR A 105 15.99 5.05 -11.09
C THR A 105 14.58 5.19 -10.52
N ALA A 106 13.65 5.66 -11.35
CA ALA A 106 12.26 5.88 -10.95
C ALA A 106 12.16 6.90 -9.82
N ALA A 107 12.37 8.14 -10.17
CA ALA A 107 12.30 9.26 -9.25
C ALA A 107 10.94 9.31 -8.53
N PRO A 108 10.93 9.46 -7.18
CA PRO A 108 9.68 9.56 -6.40
C PRO A 108 8.96 10.89 -6.60
N VAL A 109 8.43 11.07 -7.80
CA VAL A 109 7.67 12.25 -8.16
C VAL A 109 6.43 11.78 -8.91
N GLN A 110 5.30 12.35 -8.61
CA GLN A 110 4.07 11.92 -9.24
C GLN A 110 3.87 12.64 -10.56
N ARG A 111 4.56 12.17 -11.57
CA ARG A 111 4.44 12.72 -12.89
C ARG A 111 4.03 11.63 -13.84
N GLU A 112 2.82 11.73 -14.34
CA GLU A 112 2.28 10.75 -15.26
C GLU A 112 2.94 10.96 -16.63
N PRO A 113 3.37 9.87 -17.29
CA PRO A 113 3.99 9.93 -18.63
C PRO A 113 2.94 10.13 -19.74
N VAL A 114 2.00 11.01 -19.49
CA VAL A 114 0.94 11.32 -20.42
C VAL A 114 1.53 12.02 -21.65
N ALA A 115 1.12 11.60 -22.80
CA ALA A 115 1.66 12.12 -24.03
C ALA A 115 0.56 12.50 -24.98
N THR A 116 0.86 13.44 -25.82
CA THR A 116 -0.03 13.83 -26.88
C THR A 116 0.22 12.92 -28.05
N ALA A 117 -0.62 11.94 -28.23
CA ALA A 117 -0.44 10.94 -29.24
C ALA A 117 -1.20 11.29 -30.49
N PRO A 118 -0.50 11.58 -31.60
CA PRO A 118 -1.14 11.85 -32.90
C PRO A 118 -1.61 10.54 -33.53
N GLN A 119 -1.02 9.46 -33.08
CA GLN A 119 -1.31 8.16 -33.54
C GLN A 119 -1.52 7.31 -32.29
N PRO A 120 -2.68 6.66 -32.15
CA PRO A 120 -3.00 5.83 -30.98
C PRO A 120 -2.21 4.50 -30.94
N GLY A 121 -0.92 4.60 -30.84
CA GLY A 121 -0.08 3.43 -30.72
C GLY A 121 1.09 3.73 -29.83
N ALA A 122 0.90 4.66 -28.92
CA ALA A 122 1.94 5.09 -28.01
C ALA A 122 2.04 4.11 -26.86
N GLN A 123 0.90 3.72 -26.36
CA GLN A 123 0.85 2.77 -25.28
C GLN A 123 0.88 1.37 -25.82
N ALA A 124 1.63 0.51 -25.17
CA ALA A 124 1.65 -0.89 -25.51
C ALA A 124 0.57 -1.61 -24.71
N SER A 125 -0.06 -0.86 -23.83
CA SER A 125 -1.15 -1.31 -23.04
C SER A 125 -2.48 -0.89 -23.68
N ALA A 126 -2.50 -0.85 -25.01
CA ALA A 126 -3.67 -0.39 -25.76
C ALA A 126 -4.85 -1.32 -25.58
N GLN A 127 -4.61 -2.62 -25.72
CA GLN A 127 -5.66 -3.61 -25.53
C GLN A 127 -6.12 -3.61 -24.07
N ARG A 128 -5.16 -3.49 -23.17
CA ARG A 128 -5.43 -3.47 -21.76
C ARG A 128 -6.21 -2.24 -21.33
N GLU A 129 -5.93 -1.08 -21.94
CA GLU A 129 -6.63 0.15 -21.60
C GLU A 129 -8.12 0.03 -21.91
N SER A 130 -8.44 -0.63 -23.02
CA SER A 130 -9.82 -0.85 -23.42
C SER A 130 -10.58 -1.59 -22.29
N ILE A 131 -9.99 -2.65 -21.74
CA ILE A 131 -10.61 -3.37 -20.63
C ILE A 131 -10.57 -2.49 -19.38
N GLN A 132 -9.39 -1.99 -19.08
CA GLN A 132 -9.09 -1.22 -17.87
C GLN A 132 -10.03 -0.03 -17.72
N ASP A 133 -10.32 0.65 -18.80
CA ASP A 133 -11.22 1.82 -18.78
C ASP A 133 -12.62 1.43 -18.35
N TYR A 134 -13.16 0.40 -18.97
CA TYR A 134 -14.51 -0.03 -18.65
C TYR A 134 -14.55 -0.68 -17.27
N LEU A 135 -13.51 -1.40 -16.95
CA LEU A 135 -13.37 -2.04 -15.65
C LEU A 135 -13.27 -0.95 -14.57
N LYS A 136 -12.61 0.15 -14.93
CA LYS A 136 -12.51 1.33 -14.10
C LYS A 136 -13.89 1.92 -13.87
N GLN A 137 -14.67 2.01 -14.95
CA GLN A 137 -16.04 2.48 -14.90
C GLN A 137 -16.83 1.64 -13.92
N SER A 138 -16.68 0.34 -14.05
CA SER A 138 -17.38 -0.62 -13.24
C SER A 138 -16.98 -0.51 -11.75
N LEU A 139 -15.67 -0.53 -11.44
CA LEU A 139 -15.24 -0.43 -10.04
C LEU A 139 -15.60 0.92 -9.42
N GLY A 140 -15.55 1.97 -10.23
CA GLY A 140 -15.90 3.29 -9.78
C GLY A 140 -17.36 3.38 -9.44
N GLU A 141 -18.18 2.89 -10.35
CA GLU A 141 -19.63 2.85 -10.21
C GLU A 141 -20.02 1.99 -9.00
N LEU A 142 -19.30 0.91 -8.81
CA LEU A 142 -19.48 -0.01 -7.69
C LEU A 142 -19.34 0.75 -6.38
N LEU A 143 -18.33 1.59 -6.31
CA LEU A 143 -18.07 2.39 -5.13
C LEU A 143 -19.12 3.48 -5.05
N PHE A 144 -19.11 4.35 -6.05
CA PHE A 144 -20.10 5.40 -6.25
C PHE A 144 -19.78 6.19 -7.52
N LEU A 145 -18.52 6.61 -7.68
CA LEU A 145 -18.12 7.35 -8.89
C LEU A 145 -16.61 7.32 -9.03
N ASP A 146 -16.16 7.48 -10.26
CA ASP A 146 -14.75 7.54 -10.58
C ASP A 146 -14.43 8.81 -11.38
N PRO A 147 -13.43 9.59 -10.91
CA PRO A 147 -12.99 10.81 -11.59
C PRO A 147 -12.08 10.52 -12.78
N GLY A 148 -11.78 9.25 -12.98
CA GLY A 148 -11.03 8.84 -14.16
C GLY A 148 -9.56 8.76 -13.90
N GLN A 149 -9.18 8.24 -12.76
CA GLN A 149 -7.80 8.22 -12.42
C GLN A 149 -7.36 6.92 -11.74
N LEU A 150 -7.76 6.78 -10.47
CA LEU A 150 -7.21 5.77 -9.55
C LEU A 150 -5.76 6.05 -9.19
N ARG A 151 -5.45 5.82 -7.95
CA ARG A 151 -4.15 6.09 -7.39
C ARG A 151 -3.24 4.93 -7.74
N SER A 152 -1.93 5.16 -7.65
CA SER A 152 -0.95 4.16 -8.05
C SER A 152 -0.75 3.04 -6.98
N GLY A 153 -1.70 2.93 -6.09
CA GLY A 153 -1.67 1.90 -5.08
C GLY A 153 -2.91 1.08 -5.20
N ALA A 154 -4.02 1.66 -4.74
CA ALA A 154 -5.35 1.07 -4.86
C ALA A 154 -5.46 -0.24 -4.10
N GLN A 155 -5.27 -0.18 -2.81
CA GLN A 155 -5.33 -1.35 -1.98
C GLN A 155 -6.79 -1.71 -1.67
N PHE A 156 -7.27 -2.74 -2.33
CA PHE A 156 -8.60 -3.24 -2.19
C PHE A 156 -8.79 -3.82 -0.80
N LEU A 157 -7.70 -4.27 -0.21
CA LEU A 157 -7.72 -4.83 1.13
C LEU A 157 -8.11 -3.77 2.15
N ASP A 158 -7.89 -2.52 1.81
CA ASP A 158 -8.25 -1.43 2.69
C ASP A 158 -9.59 -0.86 2.29
N LEU A 159 -9.74 -0.63 1.00
CA LEU A 159 -10.94 0.00 0.44
C LEU A 159 -12.17 -0.92 0.48
N GLY A 160 -11.94 -2.21 0.48
CA GLY A 160 -13.03 -3.18 0.49
C GLY A 160 -13.71 -3.25 1.83
N MET A 161 -14.99 -2.95 1.86
CA MET A 161 -15.75 -2.96 3.10
C MET A 161 -16.66 -4.17 3.15
N ASP A 162 -17.00 -4.69 2.00
CA ASP A 162 -17.92 -5.79 1.93
C ASP A 162 -17.49 -6.77 0.85
N SER A 163 -17.38 -8.02 1.25
CA SER A 163 -16.96 -9.10 0.40
C SER A 163 -18.00 -9.34 -0.70
N VAL A 164 -19.27 -9.22 -0.35
CA VAL A 164 -20.35 -9.48 -1.29
C VAL A 164 -20.38 -8.42 -2.41
N THR A 165 -20.14 -7.16 -2.05
CA THR A 165 -20.09 -6.09 -3.04
C THR A 165 -19.02 -6.38 -4.11
N GLY A 166 -17.92 -6.98 -3.71
CA GLY A 166 -16.87 -7.27 -4.64
C GLY A 166 -17.12 -8.56 -5.41
N THR A 167 -17.77 -9.54 -4.78
CA THR A 167 -18.09 -10.78 -5.47
C THR A 167 -19.14 -10.55 -6.56
N GLN A 168 -20.06 -9.64 -6.30
CA GLN A 168 -21.05 -9.23 -7.30
C GLN A 168 -20.35 -8.55 -8.48
N TRP A 169 -19.35 -7.76 -8.18
CA TRP A 169 -18.52 -7.11 -9.17
C TRP A 169 -17.79 -8.16 -10.02
N MET A 170 -17.25 -9.18 -9.36
CA MET A 170 -16.60 -10.29 -10.05
C MET A 170 -17.58 -11.00 -10.96
N ARG A 171 -18.81 -11.09 -10.52
CA ARG A 171 -19.85 -11.72 -11.30
C ARG A 171 -20.15 -10.91 -12.55
N GLY A 172 -20.24 -9.60 -12.39
CA GLY A 172 -20.51 -8.70 -13.49
C GLY A 172 -19.42 -8.70 -14.56
N VAL A 173 -18.17 -8.56 -14.11
CA VAL A 173 -17.03 -8.56 -15.01
C VAL A 173 -16.93 -9.91 -15.77
N SER A 174 -17.32 -11.01 -15.11
CA SER A 174 -17.35 -12.33 -15.73
C SER A 174 -18.29 -12.33 -16.94
N ARG A 175 -19.48 -11.78 -16.74
CA ARG A 175 -20.51 -11.77 -17.77
C ARG A 175 -20.13 -10.86 -18.91
N HIS A 176 -19.75 -9.63 -18.59
CA HIS A 176 -19.48 -8.64 -19.62
C HIS A 176 -18.27 -9.00 -20.48
N PHE A 177 -17.27 -9.62 -19.89
CA PHE A 177 -16.08 -9.95 -20.65
C PHE A 177 -16.04 -11.41 -21.07
N SER A 178 -17.13 -12.11 -20.80
CA SER A 178 -17.32 -13.54 -21.14
C SER A 178 -16.17 -14.44 -20.64
N ILE A 179 -15.79 -14.22 -19.41
CA ILE A 179 -14.72 -14.98 -18.77
C ILE A 179 -15.24 -15.59 -17.50
N GLN A 180 -14.72 -16.71 -17.13
CA GLN A 180 -15.15 -17.36 -15.91
C GLN A 180 -14.18 -16.98 -14.80
N LEU A 181 -14.54 -15.98 -14.05
CA LEU A 181 -13.68 -15.48 -13.00
C LEU A 181 -14.24 -15.90 -11.65
N ALA A 182 -13.38 -16.34 -10.76
CA ALA A 182 -13.80 -16.70 -9.43
C ALA A 182 -14.08 -15.44 -8.62
N ALA A 183 -15.19 -15.45 -7.92
CA ALA A 183 -15.62 -14.32 -7.13
C ALA A 183 -14.79 -14.20 -5.87
N ASP A 184 -14.26 -15.33 -5.42
CA ASP A 184 -13.40 -15.39 -4.22
C ASP A 184 -12.01 -14.84 -4.54
N ALA A 185 -11.74 -14.63 -5.83
CA ALA A 185 -10.44 -14.15 -6.28
C ALA A 185 -10.15 -12.73 -5.77
N ILE A 186 -11.17 -12.06 -5.22
CA ILE A 186 -11.03 -10.72 -4.62
C ILE A 186 -10.00 -10.72 -3.48
N TYR A 187 -9.68 -11.89 -2.99
CA TYR A 187 -8.76 -12.03 -1.88
C TYR A 187 -7.35 -12.26 -2.34
N THR A 188 -7.13 -12.44 -3.63
CA THR A 188 -5.80 -12.68 -4.11
C THR A 188 -5.20 -11.42 -4.75
N TRP A 189 -5.89 -10.29 -4.62
CA TRP A 189 -5.42 -9.05 -5.19
C TRP A 189 -5.46 -7.98 -4.13
N PRO A 190 -4.32 -7.67 -3.51
CA PRO A 190 -4.26 -6.61 -2.51
C PRO A 190 -4.48 -5.24 -3.15
N THR A 191 -4.11 -5.14 -4.41
CA THR A 191 -4.26 -3.92 -5.17
C THR A 191 -5.13 -4.19 -6.40
N LEU A 192 -5.96 -3.20 -6.73
CA LEU A 192 -6.93 -3.27 -7.85
C LEU A 192 -6.23 -3.41 -9.18
N LYS A 193 -5.04 -2.84 -9.26
CA LYS A 193 -4.20 -2.85 -10.46
C LYS A 193 -3.93 -4.29 -10.95
N SER A 194 -3.98 -5.24 -10.04
CA SER A 194 -3.69 -6.62 -10.33
C SER A 194 -4.80 -7.29 -11.16
N LEU A 195 -6.00 -6.71 -11.15
CA LEU A 195 -7.08 -7.29 -11.93
C LEU A 195 -6.89 -6.97 -13.41
N ALA A 196 -6.26 -5.82 -13.68
CA ALA A 196 -5.98 -5.37 -15.04
C ALA A 196 -5.06 -6.35 -15.77
N ASP A 197 -4.06 -6.86 -15.07
CA ASP A 197 -3.16 -7.83 -15.68
C ASP A 197 -3.77 -9.21 -15.65
N GLU A 198 -4.65 -9.44 -14.69
CA GLU A 198 -5.27 -10.75 -14.52
C GLU A 198 -6.18 -11.07 -15.71
N VAL A 199 -7.03 -10.09 -16.06
CA VAL A 199 -7.95 -10.26 -17.18
C VAL A 199 -7.17 -10.52 -18.47
N ASP A 200 -6.05 -9.81 -18.62
CA ASP A 200 -5.22 -9.88 -19.81
C ASP A 200 -4.62 -11.27 -19.98
N ARG A 201 -4.12 -11.84 -18.90
CA ARG A 201 -3.53 -13.19 -18.93
C ARG A 201 -4.61 -14.27 -19.12
N ARG A 202 -5.82 -13.98 -18.67
CA ARG A 202 -6.90 -14.95 -18.79
C ARG A 202 -7.47 -14.93 -20.19
N VAL A 203 -7.65 -13.75 -20.77
CA VAL A 203 -8.19 -13.66 -22.11
C VAL A 203 -7.15 -14.00 -23.18
N GLN A 204 -5.89 -13.64 -22.93
CA GLN A 204 -4.83 -13.93 -23.86
C GLN A 204 -4.04 -15.15 -23.36
N VAL A 22 27.87 -3.84 16.28
CA VAL A 22 26.84 -3.86 17.32
C VAL A 22 26.75 -2.50 17.95
N ALA A 23 25.56 -2.08 18.31
CA ALA A 23 25.41 -0.76 18.87
C ALA A 23 24.94 -0.79 20.31
N ASP A 24 24.23 -1.87 20.67
CA ASP A 24 23.60 -2.02 22.00
C ASP A 24 24.55 -1.74 23.15
N ASP A 25 25.46 -2.64 23.43
CA ASP A 25 26.38 -2.43 24.55
C ASP A 25 27.62 -1.69 24.07
N GLU A 26 27.80 -1.57 22.77
CA GLU A 26 28.97 -0.94 22.25
C GLU A 26 28.97 0.58 22.49
N CYS A 27 27.81 1.21 22.37
CA CYS A 27 27.71 2.62 22.77
C CYS A 27 27.93 2.74 24.30
N ALA A 28 27.45 1.74 25.04
CA ALA A 28 27.64 1.71 26.49
C ALA A 28 29.12 1.59 26.84
N GLN A 29 29.86 0.84 26.01
CA GLN A 29 31.32 0.69 26.17
C GLN A 29 31.99 2.02 26.25
N PHE A 30 31.61 2.93 25.36
CA PHE A 30 32.21 4.24 25.27
C PHE A 30 31.99 5.02 26.55
N LEU A 31 30.78 5.00 27.03
CA LEU A 31 30.43 5.72 28.24
C LEU A 31 31.05 5.06 29.46
N ARG A 32 31.10 3.74 29.45
CA ARG A 32 31.70 2.93 30.51
C ARG A 32 33.21 3.23 30.60
N GLN A 33 33.85 3.25 29.43
CA GLN A 33 35.27 3.52 29.31
C GLN A 33 35.61 4.90 29.84
N SER A 34 34.78 5.87 29.47
CA SER A 34 34.97 7.25 29.85
C SER A 34 34.72 7.43 31.37
N LEU A 35 33.68 6.75 31.87
CA LEU A 35 33.30 6.79 33.29
C LEU A 35 34.48 6.31 34.12
N ALA A 36 35.01 5.17 33.74
CA ALA A 36 36.12 4.55 34.43
C ALA A 36 37.36 5.44 34.37
N ALA A 37 37.59 6.06 33.23
CA ALA A 37 38.74 6.92 33.04
C ALA A 37 38.67 8.16 33.93
N MET A 38 37.47 8.70 34.08
CA MET A 38 37.27 9.91 34.88
C MET A 38 37.43 9.64 36.37
N LEU A 39 36.98 8.49 36.80
CA LEU A 39 37.05 8.15 38.22
C LEU A 39 38.30 7.35 38.55
N TYR A 40 39.09 7.04 37.51
CA TYR A 40 40.32 6.23 37.59
C TYR A 40 40.04 4.86 38.15
N CYS A 41 38.91 4.33 37.79
CA CYS A 41 38.44 3.07 38.27
C CYS A 41 38.44 2.08 37.12
N GLU A 42 38.33 0.81 37.43
CA GLU A 42 38.27 -0.20 36.40
C GLU A 42 36.81 -0.46 36.05
N PRO A 43 36.45 -0.43 34.76
CA PRO A 43 35.06 -0.54 34.30
C PRO A 43 34.40 -1.89 34.62
N GLY A 44 35.18 -2.87 34.99
CA GLY A 44 34.64 -4.17 35.31
C GLY A 44 34.21 -4.27 36.77
N GLN A 45 34.60 -3.30 37.60
CA GLN A 45 34.26 -3.35 39.02
C GLN A 45 32.83 -2.88 39.24
N ILE A 46 32.30 -2.15 38.29
CA ILE A 46 30.93 -1.70 38.35
C ILE A 46 30.07 -2.73 37.64
N ARG A 47 28.77 -2.64 37.76
CA ARG A 47 27.90 -3.64 37.18
C ARG A 47 26.73 -2.99 36.47
N ASP A 48 26.02 -3.76 35.66
CA ASP A 48 24.88 -3.24 34.87
C ASP A 48 23.83 -2.60 35.78
N GLY A 49 23.42 -3.32 36.79
CA GLY A 49 22.34 -2.86 37.67
C GLY A 49 22.80 -1.92 38.77
N SER A 50 24.04 -1.52 38.72
CA SER A 50 24.61 -0.66 39.73
C SER A 50 24.14 0.80 39.55
N ARG A 51 23.80 1.40 40.68
CA ARG A 51 23.33 2.79 40.76
C ARG A 51 24.53 3.72 40.64
N PHE A 52 24.31 4.89 40.03
CA PHE A 52 25.37 5.91 39.83
C PHE A 52 26.00 6.39 41.12
N LEU A 53 25.26 6.27 42.20
CA LEU A 53 25.77 6.64 43.51
C LEU A 53 26.74 5.56 44.01
N GLU A 54 26.61 4.36 43.45
CA GLU A 54 27.44 3.21 43.79
C GLU A 54 28.59 3.10 42.77
N LEU A 55 28.40 3.75 41.62
CA LEU A 55 29.43 3.78 40.58
C LEU A 55 30.55 4.72 40.98
N GLY A 56 30.23 5.63 41.89
CA GLY A 56 31.20 6.56 42.37
C GLY A 56 31.07 7.93 41.74
N LEU A 57 29.88 8.26 41.25
CA LEU A 57 29.67 9.55 40.64
C LEU A 57 29.30 10.62 41.64
N ASP A 58 29.43 11.83 41.20
CA ASP A 58 29.13 13.02 41.96
C ASP A 58 28.37 13.94 41.07
N SER A 59 27.54 14.80 41.63
CA SER A 59 26.70 15.71 40.84
C SER A 59 27.50 16.48 39.76
N VAL A 60 28.55 17.18 40.20
CA VAL A 60 29.38 17.96 39.29
C VAL A 60 30.03 17.05 38.24
N ILE A 61 30.57 15.93 38.69
CA ILE A 61 31.26 14.98 37.80
C ILE A 61 30.29 14.40 36.76
N ALA A 62 29.06 14.16 37.20
CA ALA A 62 28.03 13.62 36.33
C ALA A 62 27.64 14.63 35.27
N ALA A 63 27.59 15.89 35.67
CA ALA A 63 27.28 16.99 34.76
C ALA A 63 28.42 17.15 33.75
N GLN A 64 29.65 17.04 34.23
CA GLN A 64 30.86 17.11 33.38
C GLN A 64 30.84 16.01 32.30
N TRP A 65 30.44 14.84 32.75
CA TRP A 65 30.26 13.67 31.94
C TRP A 65 29.20 13.94 30.87
N ILE A 66 28.01 14.35 31.32
CA ILE A 66 26.89 14.69 30.45
C ILE A 66 27.28 15.74 29.42
N ARG A 67 28.07 16.70 29.84
CA ARG A 67 28.43 17.78 28.99
C ARG A 67 29.41 17.34 27.89
N GLU A 68 30.15 16.25 28.10
CA GLU A 68 31.04 15.75 27.05
C GLU A 68 30.25 14.81 26.12
N ILE A 69 29.28 14.09 26.72
CA ILE A 69 28.34 13.24 26.00
C ILE A 69 27.62 14.07 24.93
N ASN A 70 27.37 15.33 25.29
CA ASN A 70 26.72 16.32 24.40
C ASN A 70 27.44 16.45 23.07
N LYS A 71 28.77 16.40 23.09
CA LYS A 71 29.53 16.55 21.86
C LYS A 71 29.65 15.21 21.19
N HIS A 72 29.95 14.19 21.99
CA HIS A 72 30.20 12.86 21.47
C HIS A 72 29.00 12.25 20.76
N TYR A 73 27.81 12.50 21.26
CA TYR A 73 26.62 11.95 20.65
C TYR A 73 25.79 12.99 19.91
N GLN A 74 26.37 14.21 19.84
CA GLN A 74 25.77 15.40 19.19
C GLN A 74 24.33 15.59 19.66
N LEU A 75 24.14 15.62 20.94
CA LEU A 75 22.83 15.69 21.50
C LEU A 75 22.89 16.55 22.73
N LYS A 76 21.92 17.43 22.90
CA LYS A 76 21.88 18.32 24.06
C LYS A 76 21.18 17.62 25.21
N ILE A 77 21.59 16.40 25.41
CA ILE A 77 21.09 15.55 26.47
C ILE A 77 21.21 16.25 27.85
N PRO A 78 20.11 16.30 28.63
CA PRO A 78 20.11 16.93 29.94
C PRO A 78 20.64 16.00 31.03
N ALA A 79 21.29 16.61 32.01
CA ALA A 79 21.92 15.90 33.12
C ALA A 79 20.89 15.25 34.03
N ASP A 80 19.66 15.71 33.93
CA ASP A 80 18.58 15.17 34.72
C ASP A 80 18.21 13.77 34.27
N GLY A 81 18.76 13.30 33.14
CA GLY A 81 18.53 11.94 32.69
C GLY A 81 19.07 10.94 33.71
N ILE A 82 20.11 11.35 34.42
CA ILE A 82 20.76 10.50 35.41
C ILE A 82 19.89 10.46 36.67
N TYR A 83 19.11 11.48 36.88
CA TYR A 83 18.33 11.56 38.10
C TYR A 83 17.00 10.83 37.96
N THR A 84 16.64 10.51 36.74
CA THR A 84 15.45 9.74 36.50
C THR A 84 15.82 8.24 36.34
N TYR A 85 16.96 7.97 35.75
CA TYR A 85 17.46 6.60 35.60
C TYR A 85 18.91 6.52 36.08
N PRO A 86 19.13 6.44 37.40
CA PRO A 86 20.46 6.42 37.99
C PRO A 86 21.03 5.01 38.12
N VAL A 87 20.74 4.19 37.16
CA VAL A 87 21.25 2.82 37.10
C VAL A 87 21.95 2.67 35.78
N PHE A 88 23.20 2.23 35.76
CA PHE A 88 24.00 2.26 34.53
C PHE A 88 23.30 1.62 33.33
N LYS A 89 22.78 0.42 33.54
CA LYS A 89 22.14 -0.33 32.47
C LYS A 89 20.80 0.30 32.07
N ALA A 90 20.23 1.08 32.94
CA ALA A 90 18.98 1.75 32.66
C ALA A 90 19.25 3.05 31.92
N PHE A 91 20.39 3.63 32.20
CA PHE A 91 20.78 4.89 31.63
C PHE A 91 21.38 4.71 30.24
N THR A 92 21.96 3.58 30.01
CA THR A 92 22.45 3.26 28.71
C THR A 92 21.28 3.07 27.73
N GLN A 93 20.17 2.56 28.25
CA GLN A 93 18.94 2.41 27.46
C GLN A 93 18.33 3.79 27.22
N TRP A 94 18.57 4.69 28.18
CA TRP A 94 18.09 6.07 28.13
C TRP A 94 18.62 6.71 26.87
N VAL A 95 19.93 6.65 26.71
CA VAL A 95 20.62 7.21 25.62
C VAL A 95 20.34 6.42 24.33
N GLY A 96 20.28 5.10 24.45
CA GLY A 96 20.03 4.23 23.31
C GLY A 96 18.71 4.54 22.62
N THR A 97 17.68 4.81 23.39
CA THR A 97 16.38 5.12 22.83
C THR A 97 16.33 6.57 22.27
N GLN A 98 17.34 7.39 22.61
CA GLN A 98 17.41 8.76 22.08
C GLN A 98 18.06 8.72 20.72
N LEU A 99 18.75 7.63 20.46
CA LEU A 99 19.39 7.39 19.19
C LEU A 99 18.33 6.87 18.22
N GLN A 100 17.41 7.73 17.91
CA GLN A 100 16.30 7.42 17.07
C GLN A 100 16.49 8.08 15.70
N PRO A 101 16.65 7.27 14.65
CA PRO A 101 16.85 7.77 13.29
C PRO A 101 15.65 8.57 12.78
N THR A 102 15.94 9.70 12.17
CA THR A 102 14.93 10.59 11.65
C THR A 102 14.41 10.11 10.29
N GLN A 103 14.85 8.92 9.89
CA GLN A 103 14.35 8.27 8.70
C GLN A 103 13.09 7.51 9.04
N ALA A 104 12.99 7.09 10.28
CA ALA A 104 11.82 6.42 10.75
C ALA A 104 10.89 7.44 11.38
N THR A 105 11.46 8.29 12.20
CA THR A 105 10.72 9.29 12.87
C THR A 105 10.68 10.60 12.05
N ALA A 106 9.57 10.77 11.32
CA ALA A 106 9.29 11.96 10.50
C ALA A 106 10.29 12.14 9.35
N ALA A 107 10.20 11.27 8.37
CA ALA A 107 11.05 11.34 7.21
C ALA A 107 10.36 12.13 6.12
N PRO A 108 11.07 13.03 5.46
CA PRO A 108 10.51 13.84 4.37
C PRO A 108 10.48 13.10 3.03
N VAL A 109 9.96 11.90 3.05
CA VAL A 109 9.85 11.11 1.84
C VAL A 109 8.36 10.81 1.67
N GLN A 110 7.59 11.86 1.53
CA GLN A 110 6.15 11.73 1.45
C GLN A 110 5.67 11.90 0.01
N ARG A 111 6.42 12.64 -0.75
CA ARG A 111 6.09 12.90 -2.13
C ARG A 111 6.77 11.90 -3.02
N GLU A 112 6.10 10.79 -3.23
CA GLU A 112 6.63 9.74 -4.06
C GLU A 112 6.19 9.96 -5.50
N PRO A 113 7.12 9.91 -6.46
CA PRO A 113 6.82 10.03 -7.88
C PRO A 113 6.14 8.75 -8.38
N VAL A 114 4.86 8.68 -8.19
CA VAL A 114 4.08 7.54 -8.56
C VAL A 114 3.71 7.60 -10.04
N ALA A 115 4.15 6.61 -10.76
CA ALA A 115 3.79 6.47 -12.15
C ALA A 115 3.14 5.13 -12.30
N THR A 116 2.12 5.07 -13.08
CA THR A 116 1.41 3.85 -13.26
C THR A 116 1.23 3.61 -14.74
N ALA A 117 0.93 2.36 -15.09
CA ALA A 117 0.62 1.90 -16.46
C ALA A 117 1.54 2.49 -17.53
N PRO A 118 2.74 1.91 -17.74
CA PRO A 118 3.66 2.36 -18.80
C PRO A 118 3.01 2.24 -20.18
N GLN A 119 2.19 1.22 -20.34
CA GLN A 119 1.51 0.94 -21.59
C GLN A 119 0.27 1.84 -21.74
N PRO A 120 0.17 2.57 -22.87
CA PRO A 120 -1.02 3.38 -23.17
C PRO A 120 -2.20 2.47 -23.50
N GLY A 121 -3.09 2.32 -22.55
CA GLY A 121 -4.24 1.49 -22.77
C GLY A 121 -3.96 0.07 -22.36
N ALA A 122 -3.75 -0.13 -21.07
CA ALA A 122 -3.44 -1.44 -20.52
C ALA A 122 -4.68 -2.33 -20.55
N GLN A 123 -5.83 -1.70 -20.58
CA GLN A 123 -7.10 -2.40 -20.58
C GLN A 123 -7.42 -2.90 -21.99
N ALA A 124 -6.79 -3.99 -22.38
CA ALA A 124 -6.97 -4.58 -23.71
C ALA A 124 -8.31 -5.30 -23.82
N SER A 125 -8.83 -5.67 -22.65
CA SER A 125 -10.13 -6.30 -22.47
C SER A 125 -10.23 -7.65 -23.19
N ALA A 126 -9.12 -8.38 -23.27
CA ALA A 126 -9.01 -9.64 -24.03
C ALA A 126 -10.09 -10.68 -23.65
N GLN A 127 -10.41 -10.75 -22.37
CA GLN A 127 -11.41 -11.72 -21.88
C GLN A 127 -12.80 -11.36 -22.40
N ARG A 128 -13.11 -10.09 -22.39
CA ARG A 128 -14.43 -9.62 -22.79
C ARG A 128 -14.51 -9.47 -24.31
N GLU A 129 -13.40 -9.11 -24.91
CA GLU A 129 -13.25 -8.94 -26.34
C GLU A 129 -13.48 -10.26 -27.06
N SER A 130 -13.08 -11.36 -26.42
CA SER A 130 -13.26 -12.68 -26.95
C SER A 130 -14.75 -12.97 -27.15
N ILE A 131 -15.59 -12.66 -26.12
CA ILE A 131 -17.03 -12.85 -26.23
C ILE A 131 -17.56 -11.97 -27.35
N GLN A 132 -17.11 -10.73 -27.35
CA GLN A 132 -17.52 -9.75 -28.31
C GLN A 132 -17.25 -10.23 -29.74
N ASP A 133 -16.16 -10.96 -29.93
CA ASP A 133 -15.81 -11.49 -31.26
C ASP A 133 -16.89 -12.45 -31.78
N TYR A 134 -17.45 -13.25 -30.89
CA TYR A 134 -18.50 -14.19 -31.26
C TYR A 134 -19.80 -13.45 -31.46
N LEU A 135 -20.06 -12.54 -30.53
CA LEU A 135 -21.25 -11.70 -30.52
C LEU A 135 -21.32 -10.87 -31.82
N LYS A 136 -20.18 -10.37 -32.22
CA LYS A 136 -19.97 -9.61 -33.45
C LYS A 136 -20.46 -10.43 -34.66
N GLN A 137 -20.15 -11.71 -34.67
CA GLN A 137 -20.55 -12.56 -35.76
C GLN A 137 -22.00 -13.03 -35.62
N SER A 138 -22.45 -13.24 -34.38
CA SER A 138 -23.81 -13.68 -34.13
C SER A 138 -24.82 -12.67 -34.66
N LEU A 139 -24.57 -11.38 -34.40
CA LEU A 139 -25.47 -10.35 -34.88
C LEU A 139 -25.27 -10.13 -36.38
N GLY A 140 -24.04 -10.32 -36.85
CA GLY A 140 -23.72 -10.15 -38.25
C GLY A 140 -24.55 -11.04 -39.15
N GLU A 141 -24.51 -12.33 -38.86
CA GLU A 141 -25.27 -13.34 -39.60
C GLU A 141 -26.78 -13.06 -39.51
N LEU A 142 -27.20 -12.74 -38.32
CA LEU A 142 -28.60 -12.57 -37.98
C LEU A 142 -29.20 -11.34 -38.66
N LEU A 143 -28.49 -10.25 -38.62
CA LEU A 143 -29.00 -9.00 -39.13
C LEU A 143 -28.65 -8.78 -40.58
N PHE A 144 -27.69 -9.59 -41.04
CA PHE A 144 -27.18 -9.59 -42.43
C PHE A 144 -26.46 -8.23 -42.64
N LEU A 145 -25.85 -7.77 -41.56
CA LEU A 145 -25.21 -6.50 -41.46
C LEU A 145 -23.73 -6.72 -41.30
N ASP A 146 -22.95 -5.80 -41.81
CA ASP A 146 -21.51 -5.82 -41.66
C ASP A 146 -21.15 -5.59 -40.19
N PRO A 147 -20.46 -6.54 -39.52
CA PRO A 147 -20.12 -6.46 -38.07
C PRO A 147 -19.04 -5.40 -37.73
N GLY A 148 -19.03 -4.34 -38.47
CA GLY A 148 -18.13 -3.24 -38.21
C GLY A 148 -18.93 -1.99 -38.04
N GLN A 149 -20.24 -2.19 -38.07
CA GLN A 149 -21.20 -1.12 -37.94
C GLN A 149 -21.83 -1.22 -36.58
N LEU A 150 -20.99 -1.50 -35.61
CA LEU A 150 -21.38 -1.73 -34.21
C LEU A 150 -21.74 -0.44 -33.46
N ARG A 151 -22.56 0.32 -34.11
CA ARG A 151 -23.12 1.56 -33.60
C ARG A 151 -24.36 1.89 -34.42
N SER A 152 -24.21 1.73 -35.73
CA SER A 152 -25.28 1.96 -36.67
C SER A 152 -26.38 0.94 -36.42
N GLY A 153 -25.99 -0.31 -36.25
CA GLY A 153 -26.93 -1.37 -35.96
C GLY A 153 -26.91 -1.74 -34.50
N ALA A 154 -26.61 -0.76 -33.66
CA ALA A 154 -26.58 -0.99 -32.21
C ALA A 154 -27.92 -0.64 -31.62
N GLN A 155 -28.67 0.11 -32.38
CA GLN A 155 -29.99 0.51 -31.99
C GLN A 155 -30.96 -0.55 -32.44
N PHE A 156 -31.59 -1.25 -31.50
CA PHE A 156 -32.50 -2.35 -31.83
C PHE A 156 -33.74 -1.86 -32.60
N LEU A 157 -33.97 -0.56 -32.57
CA LEU A 157 -35.06 0.04 -33.31
C LEU A 157 -34.72 0.13 -34.80
N ASP A 158 -33.44 0.15 -35.10
CA ASP A 158 -32.98 0.31 -36.49
C ASP A 158 -33.10 -1.00 -37.23
N LEU A 159 -33.02 -2.06 -36.46
CA LEU A 159 -33.09 -3.43 -36.95
C LEU A 159 -34.44 -3.74 -37.57
N GLY A 160 -35.46 -2.97 -37.21
CA GLY A 160 -36.80 -3.17 -37.71
C GLY A 160 -37.52 -4.23 -36.91
N MET A 161 -36.88 -5.35 -36.79
CA MET A 161 -37.35 -6.46 -36.02
C MET A 161 -36.64 -6.42 -34.69
N ASP A 162 -37.30 -6.83 -33.65
CA ASP A 162 -36.76 -6.71 -32.32
C ASP A 162 -36.96 -7.94 -31.46
N SER A 163 -38.18 -8.22 -31.10
CA SER A 163 -38.49 -9.30 -30.19
C SER A 163 -38.27 -10.68 -30.85
N VAL A 164 -38.64 -10.84 -32.12
CA VAL A 164 -38.48 -12.12 -32.80
C VAL A 164 -37.01 -12.43 -33.00
N THR A 165 -36.31 -11.47 -33.54
CA THR A 165 -34.90 -11.53 -33.76
C THR A 165 -34.14 -11.69 -32.44
N GLY A 166 -34.64 -11.01 -31.41
CA GLY A 166 -34.06 -11.08 -30.08
C GLY A 166 -34.17 -12.47 -29.51
N THR A 167 -35.33 -13.10 -29.73
CA THR A 167 -35.59 -14.47 -29.28
C THR A 167 -34.52 -15.41 -29.83
N GLN A 168 -34.34 -15.39 -31.15
CA GLN A 168 -33.38 -16.28 -31.81
C GLN A 168 -31.94 -15.98 -31.39
N TRP A 169 -31.63 -14.71 -31.23
CA TRP A 169 -30.28 -14.30 -30.89
C TRP A 169 -29.94 -14.76 -29.49
N MET A 170 -30.82 -14.45 -28.56
CA MET A 170 -30.65 -14.81 -27.16
C MET A 170 -30.71 -16.29 -26.95
N ARG A 171 -31.41 -16.94 -27.83
CA ARG A 171 -31.51 -18.39 -27.82
C ARG A 171 -30.10 -18.97 -28.07
N GLY A 172 -29.39 -18.38 -29.04
CA GLY A 172 -28.03 -18.78 -29.34
C GLY A 172 -27.08 -18.43 -28.19
N VAL A 173 -27.31 -17.27 -27.59
CA VAL A 173 -26.57 -16.82 -26.43
C VAL A 173 -26.76 -17.82 -25.28
N SER A 174 -28.00 -18.30 -25.12
CA SER A 174 -28.35 -19.28 -24.11
C SER A 174 -27.66 -20.62 -24.40
N ARG A 175 -27.42 -20.92 -25.67
CA ARG A 175 -26.71 -22.16 -26.04
C ARG A 175 -25.27 -22.08 -25.55
N HIS A 176 -24.63 -20.95 -25.84
CA HIS A 176 -23.22 -20.76 -25.50
C HIS A 176 -22.98 -20.58 -24.01
N PHE A 177 -23.65 -19.63 -23.41
CA PHE A 177 -23.33 -19.27 -22.03
C PHE A 177 -24.34 -19.76 -21.02
N SER A 178 -25.44 -20.28 -21.53
CA SER A 178 -26.54 -20.81 -20.71
C SER A 178 -27.08 -19.76 -19.73
N ILE A 179 -27.16 -18.53 -20.17
CA ILE A 179 -27.63 -17.46 -19.33
C ILE A 179 -29.03 -17.09 -19.72
N GLN A 180 -29.83 -16.73 -18.75
CA GLN A 180 -31.23 -16.45 -18.97
C GLN A 180 -31.44 -15.06 -19.50
N LEU A 181 -31.53 -14.95 -20.78
CA LEU A 181 -31.83 -13.70 -21.43
C LEU A 181 -32.95 -13.92 -22.41
N ALA A 182 -34.14 -13.53 -22.04
CA ALA A 182 -35.28 -13.64 -22.94
C ALA A 182 -35.27 -12.49 -23.96
N ALA A 183 -36.19 -12.50 -24.90
CA ALA A 183 -36.25 -11.45 -25.93
C ALA A 183 -36.52 -10.09 -25.31
N ASP A 184 -37.33 -10.10 -24.27
CA ASP A 184 -37.75 -8.88 -23.58
C ASP A 184 -36.60 -8.18 -22.86
N ALA A 185 -35.46 -8.85 -22.78
CA ALA A 185 -34.28 -8.27 -22.14
C ALA A 185 -33.69 -7.14 -22.96
N ILE A 186 -34.10 -7.00 -24.22
CA ILE A 186 -33.59 -5.92 -25.07
C ILE A 186 -34.02 -4.54 -24.58
N TYR A 187 -35.05 -4.50 -23.74
CA TYR A 187 -35.56 -3.23 -23.23
C TYR A 187 -34.92 -2.91 -21.90
N THR A 188 -34.04 -3.78 -21.49
CA THR A 188 -33.31 -3.62 -20.28
C THR A 188 -32.02 -2.84 -20.59
N TRP A 189 -31.74 -2.66 -21.89
CA TRP A 189 -30.53 -2.01 -22.34
C TRP A 189 -30.92 -0.94 -23.36
N PRO A 190 -30.15 0.15 -23.45
CA PRO A 190 -30.38 1.22 -24.41
C PRO A 190 -29.99 0.83 -25.84
N THR A 191 -28.90 0.10 -25.94
CA THR A 191 -28.39 -0.35 -27.20
C THR A 191 -27.95 -1.78 -26.97
N LEU A 192 -27.79 -2.52 -28.05
CA LEU A 192 -27.35 -3.90 -27.98
C LEU A 192 -25.86 -4.01 -27.66
N LYS A 193 -25.20 -2.88 -27.51
CA LYS A 193 -23.78 -2.84 -27.20
C LYS A 193 -23.58 -3.17 -25.74
N SER A 194 -24.62 -2.92 -24.96
CA SER A 194 -24.60 -3.20 -23.55
C SER A 194 -24.71 -4.71 -23.26
N LEU A 195 -24.84 -5.51 -24.33
CA LEU A 195 -24.89 -6.95 -24.19
C LEU A 195 -23.52 -7.47 -23.77
N ALA A 196 -22.46 -6.81 -24.22
CA ALA A 196 -21.09 -7.14 -23.80
C ALA A 196 -20.88 -6.88 -22.30
N ASP A 197 -21.62 -5.92 -21.78
CA ASP A 197 -21.55 -5.61 -20.35
C ASP A 197 -22.43 -6.58 -19.58
N GLU A 198 -23.41 -7.11 -20.28
CA GLU A 198 -24.34 -8.06 -19.71
C GLU A 198 -23.69 -9.42 -19.59
N VAL A 199 -23.29 -9.97 -20.75
CA VAL A 199 -22.76 -11.33 -20.87
C VAL A 199 -21.71 -11.65 -19.81
N ASP A 200 -20.71 -10.81 -19.69
CA ASP A 200 -19.58 -11.07 -18.81
C ASP A 200 -20.01 -11.15 -17.37
N ARG A 201 -20.85 -10.20 -16.97
CA ARG A 201 -21.27 -10.10 -15.60
C ARG A 201 -22.34 -11.13 -15.28
N ARG A 202 -23.11 -11.48 -16.30
CA ARG A 202 -24.16 -12.45 -16.16
C ARG A 202 -23.55 -13.84 -15.98
N VAL A 203 -22.48 -14.10 -16.71
CA VAL A 203 -21.79 -15.36 -16.63
C VAL A 203 -20.90 -15.45 -15.39
N GLN A 204 -19.95 -14.57 -15.27
CA GLN A 204 -18.97 -14.67 -14.21
C GLN A 204 -19.15 -13.47 -13.29
N VAL A 22 25.70 -4.55 10.23
CA VAL A 22 24.47 -5.22 10.64
C VAL A 22 23.27 -4.40 10.19
N ALA A 23 23.06 -3.27 10.86
CA ALA A 23 21.94 -2.38 10.65
C ALA A 23 22.01 -1.26 11.67
N ASP A 24 21.05 -0.37 11.67
CA ASP A 24 21.04 0.75 12.64
C ASP A 24 20.97 0.24 14.08
N ASP A 25 20.44 -0.96 14.25
CA ASP A 25 20.31 -1.60 15.56
C ASP A 25 21.69 -1.82 16.22
N GLU A 26 22.76 -1.96 15.41
CA GLU A 26 24.10 -2.20 15.95
C GLU A 26 24.60 -0.96 16.69
N CYS A 27 24.11 0.20 16.28
CA CYS A 27 24.44 1.44 16.94
C CYS A 27 23.83 1.44 18.35
N ALA A 28 22.67 0.81 18.50
CA ALA A 28 22.02 0.71 19.78
C ALA A 28 22.61 -0.44 20.60
N GLN A 29 23.17 -1.45 19.92
CA GLN A 29 23.84 -2.54 20.62
C GLN A 29 25.09 -2.02 21.28
N PHE A 30 25.73 -1.06 20.61
CA PHE A 30 26.91 -0.42 21.16
C PHE A 30 26.53 0.42 22.38
N LEU A 31 25.28 0.93 22.41
CA LEU A 31 24.78 1.67 23.57
C LEU A 31 24.76 0.76 24.78
N ARG A 32 24.27 -0.46 24.58
CA ARG A 32 24.19 -1.46 25.65
C ARG A 32 25.59 -1.77 26.16
N GLN A 33 26.53 -1.85 25.24
CA GLN A 33 27.90 -2.12 25.57
C GLN A 33 28.51 -0.95 26.34
N SER A 34 28.26 0.26 25.83
CA SER A 34 28.73 1.49 26.44
C SER A 34 28.18 1.62 27.88
N LEU A 35 26.89 1.35 28.04
CA LEU A 35 26.23 1.43 29.33
C LEU A 35 26.85 0.46 30.32
N ALA A 36 27.08 -0.75 29.88
CA ALA A 36 27.64 -1.76 30.75
C ALA A 36 29.09 -1.46 31.08
N ALA A 37 29.74 -0.68 30.24
CA ALA A 37 31.11 -0.25 30.51
C ALA A 37 31.10 0.87 31.54
N MET A 38 29.98 1.57 31.61
CA MET A 38 29.81 2.66 32.56
C MET A 38 29.53 2.09 33.94
N LEU A 39 28.65 1.09 33.97
CA LEU A 39 28.27 0.47 35.23
C LEU A 39 29.07 -0.79 35.54
N TYR A 40 30.06 -1.06 34.69
CA TYR A 40 31.02 -2.17 34.83
C TYR A 40 30.36 -3.53 35.00
N CYS A 41 29.37 -3.77 34.18
CA CYS A 41 28.62 -4.99 34.21
C CYS A 41 28.65 -5.59 32.81
N GLU A 42 27.91 -6.65 32.60
CA GLU A 42 27.82 -7.26 31.30
C GLU A 42 26.45 -6.94 30.72
N PRO A 43 26.38 -6.53 29.43
CA PRO A 43 25.10 -6.18 28.76
C PRO A 43 24.17 -7.39 28.60
N GLY A 44 24.70 -8.58 28.84
CA GLY A 44 23.91 -9.79 28.81
C GLY A 44 23.23 -10.04 30.14
N GLN A 45 23.51 -9.19 31.10
CA GLN A 45 22.89 -9.23 32.40
C GLN A 45 21.85 -8.14 32.46
N ILE A 46 21.08 -8.08 33.56
CA ILE A 46 20.03 -7.09 33.74
C ILE A 46 18.83 -7.37 32.82
N ARG A 47 17.64 -7.18 33.32
CA ARG A 47 16.46 -7.41 32.52
C ARG A 47 16.28 -6.29 31.53
N ASP A 48 16.24 -6.64 30.27
CA ASP A 48 16.12 -5.65 29.19
C ASP A 48 14.75 -5.00 29.12
N GLY A 49 13.78 -5.65 29.73
CA GLY A 49 12.43 -5.10 29.78
C GLY A 49 12.20 -4.34 31.07
N SER A 50 13.27 -4.18 31.80
CA SER A 50 13.24 -3.54 33.07
C SER A 50 13.71 -2.09 32.92
N ARG A 51 13.56 -1.34 33.98
CA ARG A 51 13.87 0.05 34.01
C ARG A 51 15.30 0.27 34.49
N PHE A 52 15.83 1.45 34.17
CA PHE A 52 17.20 1.87 34.48
C PHE A 52 17.50 1.82 35.98
N LEU A 53 16.44 1.82 36.79
CA LEU A 53 16.55 1.71 38.24
C LEU A 53 17.17 0.37 38.65
N GLU A 54 16.97 -0.67 37.85
CA GLU A 54 17.51 -2.00 38.15
C GLU A 54 19.03 -1.97 38.09
N LEU A 55 19.55 -1.18 37.17
CA LEU A 55 20.98 -1.08 36.98
C LEU A 55 21.56 -0.08 37.96
N GLY A 56 20.68 0.61 38.65
CA GLY A 56 21.07 1.61 39.60
C GLY A 56 21.66 2.80 38.93
N LEU A 57 21.16 3.14 37.76
CA LEU A 57 21.67 4.26 37.01
C LEU A 57 21.29 5.56 37.70
N ASP A 58 22.28 6.24 38.18
CA ASP A 58 22.08 7.50 38.88
C ASP A 58 21.95 8.62 37.90
N SER A 59 21.32 9.71 38.27
CA SER A 59 21.09 10.81 37.37
C SER A 59 22.42 11.34 36.77
N VAL A 60 23.46 11.42 37.60
CA VAL A 60 24.78 11.90 37.17
C VAL A 60 25.34 11.03 36.04
N ILE A 61 25.28 9.72 36.24
CA ILE A 61 25.82 8.78 35.27
C ILE A 61 24.99 8.85 33.98
N ALA A 62 23.68 8.99 34.14
CA ALA A 62 22.76 9.10 33.02
C ALA A 62 23.08 10.33 32.20
N ALA A 63 23.35 11.44 32.90
CA ALA A 63 23.69 12.72 32.28
C ALA A 63 24.97 12.61 31.45
N GLN A 64 25.92 11.85 31.96
CA GLN A 64 27.15 11.62 31.26
C GLN A 64 26.96 10.71 30.05
N TRP A 65 26.26 9.61 30.27
CA TRP A 65 25.99 8.66 29.25
C TRP A 65 25.18 9.27 28.10
N ILE A 66 24.12 10.00 28.44
CA ILE A 66 23.27 10.63 27.43
C ILE A 66 24.09 11.61 26.57
N ARG A 67 25.08 12.24 27.19
CA ARG A 67 25.96 13.18 26.51
C ARG A 67 26.82 12.46 25.46
N GLU A 68 27.17 11.20 25.73
CA GLU A 68 27.93 10.41 24.78
C GLU A 68 26.98 9.96 23.65
N ILE A 69 25.73 9.75 24.01
CA ILE A 69 24.68 9.42 23.04
C ILE A 69 24.51 10.57 22.04
N ASN A 70 24.67 11.80 22.55
CA ASN A 70 24.63 13.02 21.72
C ASN A 70 25.72 12.97 20.66
N LYS A 71 26.82 12.33 21.00
CA LYS A 71 27.95 12.20 20.12
C LYS A 71 27.70 11.09 19.11
N HIS A 72 27.19 9.96 19.58
CA HIS A 72 26.95 8.78 18.73
C HIS A 72 25.88 9.03 17.67
N TYR A 73 24.78 9.63 18.05
CA TYR A 73 23.69 9.84 17.11
C TYR A 73 23.65 11.26 16.57
N GLN A 74 24.61 12.06 17.04
CA GLN A 74 24.82 13.43 16.64
C GLN A 74 23.53 14.28 16.77
N LEU A 75 22.88 14.09 17.89
CA LEU A 75 21.62 14.72 18.18
C LEU A 75 21.64 15.28 19.57
N LYS A 76 21.02 16.43 19.74
CA LYS A 76 20.94 17.11 21.02
C LYS A 76 19.86 16.40 21.87
N ILE A 77 20.20 15.25 22.41
CA ILE A 77 19.29 14.50 23.23
C ILE A 77 19.48 14.80 24.71
N PRO A 78 18.42 15.30 25.37
CA PRO A 78 18.42 15.50 26.81
C PRO A 78 18.06 14.20 27.52
N ALA A 79 18.32 14.15 28.81
CA ALA A 79 18.09 12.97 29.64
C ALA A 79 16.61 12.71 29.87
N ASP A 80 15.74 13.59 29.38
CA ASP A 80 14.32 13.40 29.54
C ASP A 80 13.83 12.22 28.73
N GLY A 81 14.59 11.84 27.68
CA GLY A 81 14.27 10.62 26.96
C GLY A 81 14.34 9.40 27.88
N ILE A 82 15.22 9.47 28.87
CA ILE A 82 15.44 8.40 29.84
C ILE A 82 14.34 8.43 30.92
N TYR A 83 13.70 9.57 31.07
CA TYR A 83 12.63 9.72 32.03
C TYR A 83 11.32 9.25 31.41
N THR A 84 11.07 9.69 30.18
CA THR A 84 9.87 9.33 29.45
C THR A 84 9.91 7.83 29.09
N TYR A 85 11.05 7.35 28.63
CA TYR A 85 11.24 5.95 28.31
C TYR A 85 12.29 5.37 29.26
N PRO A 86 11.87 4.90 30.44
CA PRO A 86 12.78 4.43 31.48
C PRO A 86 13.21 2.98 31.29
N VAL A 87 12.98 2.46 30.12
CA VAL A 87 13.34 1.09 29.77
C VAL A 87 14.20 1.19 28.52
N PHE A 88 15.45 0.70 28.60
CA PHE A 88 16.41 0.82 27.49
C PHE A 88 15.95 0.20 26.18
N LYS A 89 15.18 -0.87 26.28
CA LYS A 89 14.57 -1.49 25.09
C LYS A 89 13.48 -0.62 24.45
N ALA A 90 12.88 0.24 25.23
CA ALA A 90 11.89 1.16 24.69
C ALA A 90 12.60 2.38 24.16
N PHE A 91 13.61 2.79 24.88
CA PHE A 91 14.43 3.95 24.55
C PHE A 91 15.16 3.79 23.20
N THR A 92 15.47 2.57 22.82
CA THR A 92 16.07 2.34 21.54
C THR A 92 15.06 2.61 20.40
N GLN A 93 13.78 2.46 20.72
CA GLN A 93 12.70 2.72 19.77
C GLN A 93 12.43 4.23 19.77
N TRP A 94 12.71 4.86 20.90
CA TRP A 94 12.61 6.31 21.09
C TRP A 94 13.55 6.99 20.08
N VAL A 95 14.79 6.53 20.08
CA VAL A 95 15.79 7.00 19.20
C VAL A 95 15.49 6.59 17.76
N GLY A 96 15.01 5.37 17.59
CA GLY A 96 14.68 4.87 16.27
C GLY A 96 13.62 5.70 15.58
N THR A 97 12.63 6.12 16.34
CA THR A 97 11.54 6.89 15.80
C THR A 97 12.00 8.30 15.35
N GLN A 98 12.94 8.89 16.08
CA GLN A 98 13.40 10.23 15.74
C GLN A 98 14.32 10.20 14.52
N LEU A 99 14.85 9.03 14.22
CA LEU A 99 15.69 8.84 13.06
C LEU A 99 14.84 8.61 11.81
N GLN A 100 13.59 8.25 12.00
CA GLN A 100 12.72 7.93 10.88
C GLN A 100 11.55 8.91 10.85
N PRO A 101 11.69 10.03 10.07
CA PRO A 101 10.65 11.07 9.94
C PRO A 101 9.30 10.48 9.53
N THR A 102 8.31 10.72 10.37
CA THR A 102 6.98 10.14 10.25
C THR A 102 6.21 10.64 8.99
N GLN A 103 6.63 11.75 8.43
CA GLN A 103 5.95 12.28 7.25
C GLN A 103 6.75 12.04 5.98
N ALA A 104 7.93 11.47 6.14
CA ALA A 104 8.80 11.23 4.99
C ALA A 104 8.50 9.88 4.36
N THR A 105 7.82 9.04 5.10
CA THR A 105 7.51 7.70 4.67
C THR A 105 6.32 7.65 3.69
N ALA A 106 6.50 8.22 2.54
CA ALA A 106 5.51 8.18 1.49
C ALA A 106 5.87 7.06 0.54
N ALA A 107 4.90 6.28 0.13
CA ALA A 107 5.17 5.20 -0.78
C ALA A 107 5.24 5.75 -2.19
N PRO A 108 6.34 5.48 -2.92
CA PRO A 108 6.52 5.97 -4.28
C PRO A 108 5.44 5.44 -5.21
N VAL A 109 4.64 6.33 -5.74
CA VAL A 109 3.58 5.96 -6.63
C VAL A 109 4.01 6.27 -8.05
N GLN A 110 4.10 5.25 -8.88
CA GLN A 110 4.56 5.42 -10.24
C GLN A 110 3.51 6.11 -11.10
N ARG A 111 3.90 7.20 -11.72
CA ARG A 111 3.03 7.98 -12.57
C ARG A 111 3.67 8.18 -13.92
N GLU A 112 4.29 7.15 -14.40
CA GLU A 112 4.99 7.18 -15.65
C GLU A 112 4.03 6.88 -16.79
N PRO A 113 3.87 7.82 -17.76
CA PRO A 113 2.97 7.63 -18.91
C PRO A 113 3.52 6.61 -19.92
N VAL A 114 3.59 5.38 -19.50
CA VAL A 114 4.08 4.30 -20.32
C VAL A 114 2.94 3.36 -20.67
N ALA A 115 2.71 3.18 -21.94
CA ALA A 115 1.67 2.29 -22.42
C ALA A 115 2.30 1.26 -23.37
N THR A 116 3.62 1.12 -23.28
CA THR A 116 4.43 0.22 -24.10
C THR A 116 4.61 0.78 -25.54
N ALA A 117 3.51 1.19 -26.15
CA ALA A 117 3.49 1.77 -27.47
C ALA A 117 4.25 3.09 -27.44
N PRO A 118 5.02 3.38 -28.51
CA PRO A 118 5.83 4.61 -28.62
C PRO A 118 5.02 5.91 -28.57
N GLN A 119 3.72 5.79 -28.69
CA GLN A 119 2.83 6.90 -28.53
C GLN A 119 1.75 6.53 -27.52
N PRO A 120 1.93 6.88 -26.24
CA PRO A 120 0.95 6.62 -25.21
C PRO A 120 -0.19 7.63 -25.28
N GLY A 121 -1.24 7.26 -25.97
CA GLY A 121 -2.36 8.13 -26.11
C GLY A 121 -3.64 7.52 -25.59
N ALA A 122 -4.62 8.38 -25.33
CA ALA A 122 -5.91 7.98 -24.81
C ALA A 122 -6.56 6.95 -25.71
N GLN A 123 -6.82 7.31 -26.94
CA GLN A 123 -7.47 6.42 -27.88
C GLN A 123 -6.55 5.30 -28.37
N ALA A 124 -5.28 5.41 -28.07
CA ALA A 124 -4.32 4.41 -28.49
C ALA A 124 -4.48 3.12 -27.71
N SER A 125 -4.70 3.23 -26.41
CA SER A 125 -4.85 2.02 -25.59
C SER A 125 -5.82 2.22 -24.41
N ALA A 126 -5.87 3.43 -23.85
CA ALA A 126 -6.69 3.70 -22.67
C ALA A 126 -8.18 3.61 -22.97
N GLN A 127 -8.60 4.15 -24.10
CA GLN A 127 -10.01 4.17 -24.53
C GLN A 127 -10.62 2.76 -24.48
N ARG A 128 -9.92 1.80 -25.04
CA ARG A 128 -10.37 0.42 -25.06
C ARG A 128 -10.34 -0.17 -23.65
N GLU A 129 -9.26 0.14 -22.95
CA GLU A 129 -9.00 -0.42 -21.64
C GLU A 129 -10.01 0.05 -20.61
N SER A 130 -10.33 1.34 -20.62
CA SER A 130 -11.29 1.92 -19.68
C SER A 130 -12.66 1.25 -19.85
N ILE A 131 -13.04 0.97 -21.08
CA ILE A 131 -14.31 0.33 -21.35
C ILE A 131 -14.27 -1.13 -20.89
N GLN A 132 -13.24 -1.84 -21.34
CA GLN A 132 -13.08 -3.26 -21.04
C GLN A 132 -13.00 -3.50 -19.53
N ASP A 133 -12.31 -2.61 -18.84
CA ASP A 133 -12.15 -2.71 -17.38
C ASP A 133 -13.48 -2.47 -16.68
N TYR A 134 -14.27 -1.57 -17.20
CA TYR A 134 -15.59 -1.30 -16.64
C TYR A 134 -16.52 -2.49 -16.91
N LEU A 135 -16.43 -3.00 -18.12
CA LEU A 135 -17.20 -4.14 -18.59
C LEU A 135 -16.86 -5.38 -17.71
N LYS A 136 -15.57 -5.50 -17.41
CA LYS A 136 -15.01 -6.55 -16.55
C LYS A 136 -15.71 -6.57 -15.19
N GLN A 137 -15.74 -5.42 -14.55
CA GLN A 137 -16.39 -5.28 -13.25
C GLN A 137 -17.89 -5.45 -13.37
N SER A 138 -18.47 -4.84 -14.38
CA SER A 138 -19.91 -4.87 -14.60
C SER A 138 -20.44 -6.31 -14.69
N LEU A 139 -19.85 -7.12 -15.57
CA LEU A 139 -20.33 -8.49 -15.75
C LEU A 139 -19.98 -9.35 -14.54
N GLY A 140 -18.82 -9.10 -13.95
CA GLY A 140 -18.41 -9.84 -12.76
C GLY A 140 -19.39 -9.64 -11.63
N GLU A 141 -19.69 -8.39 -11.39
CA GLU A 141 -20.65 -7.96 -10.37
C GLU A 141 -22.03 -8.58 -10.61
N LEU A 142 -22.43 -8.54 -11.86
CA LEU A 142 -23.73 -9.03 -12.29
C LEU A 142 -23.87 -10.55 -12.13
N LEU A 143 -22.88 -11.26 -12.61
CA LEU A 143 -22.95 -12.70 -12.68
C LEU A 143 -22.32 -13.37 -11.46
N PHE A 144 -21.90 -12.53 -10.52
CA PHE A 144 -21.30 -12.93 -9.23
C PHE A 144 -20.00 -13.74 -9.49
N LEU A 145 -19.25 -13.30 -10.45
CA LEU A 145 -17.98 -13.89 -10.77
C LEU A 145 -16.93 -12.90 -10.41
N ASP A 146 -15.73 -13.36 -10.13
CA ASP A 146 -14.64 -12.44 -9.82
C ASP A 146 -14.24 -11.75 -11.11
N PRO A 147 -14.38 -10.40 -11.19
CA PRO A 147 -14.08 -9.61 -12.40
C PRO A 147 -12.73 -9.99 -13.03
N GLY A 148 -12.84 -10.64 -14.15
CA GLY A 148 -11.66 -11.15 -14.87
C GLY A 148 -11.77 -12.65 -15.13
N GLN A 149 -12.35 -13.39 -14.20
CA GLN A 149 -12.48 -14.85 -14.25
C GLN A 149 -13.73 -15.21 -15.03
N LEU A 150 -13.89 -14.51 -16.08
CA LEU A 150 -15.02 -14.66 -16.96
C LEU A 150 -14.60 -14.59 -18.43
N ARG A 151 -13.33 -14.27 -18.64
CA ARG A 151 -12.81 -14.13 -20.00
C ARG A 151 -12.17 -15.43 -20.45
N SER A 152 -12.06 -16.37 -19.53
CA SER A 152 -11.48 -17.65 -19.81
C SER A 152 -12.41 -18.43 -20.73
N GLY A 153 -13.69 -18.20 -20.52
CA GLY A 153 -14.67 -18.76 -21.40
C GLY A 153 -15.04 -17.74 -22.41
N ALA A 154 -15.62 -16.63 -21.93
CA ALA A 154 -16.03 -15.48 -22.74
C ALA A 154 -17.08 -15.90 -23.77
N GLN A 155 -17.79 -16.94 -23.41
CA GLN A 155 -18.80 -17.52 -24.25
C GLN A 155 -20.15 -17.01 -23.84
N PHE A 156 -20.96 -16.75 -24.83
CA PHE A 156 -22.33 -16.26 -24.61
C PHE A 156 -23.18 -17.39 -24.02
N LEU A 157 -22.64 -18.60 -24.07
CA LEU A 157 -23.28 -19.76 -23.51
C LEU A 157 -23.17 -19.74 -21.99
N ASP A 158 -22.10 -19.18 -21.50
CA ASP A 158 -21.80 -19.22 -20.08
C ASP A 158 -22.16 -17.90 -19.43
N LEU A 159 -21.81 -16.83 -20.10
CA LEU A 159 -22.07 -15.48 -19.59
C LEU A 159 -23.52 -15.10 -19.83
N GLY A 160 -24.13 -15.76 -20.80
CA GLY A 160 -25.51 -15.52 -21.12
C GLY A 160 -26.36 -16.63 -20.56
N MET A 161 -26.05 -17.00 -19.32
CA MET A 161 -26.75 -18.07 -18.60
C MET A 161 -28.23 -17.74 -18.45
N ASP A 162 -28.51 -16.52 -18.10
CA ASP A 162 -29.87 -16.03 -18.01
C ASP A 162 -29.97 -14.79 -18.83
N SER A 163 -30.85 -14.85 -19.81
CA SER A 163 -31.03 -13.79 -20.77
C SER A 163 -31.50 -12.50 -20.11
N VAL A 164 -32.38 -12.59 -19.12
CA VAL A 164 -32.92 -11.40 -18.46
C VAL A 164 -31.82 -10.70 -17.66
N THR A 165 -30.96 -11.50 -17.05
CA THR A 165 -29.80 -10.98 -16.32
C THR A 165 -28.95 -10.11 -17.26
N GLY A 166 -28.68 -10.62 -18.46
CA GLY A 166 -27.88 -9.86 -19.40
C GLY A 166 -28.67 -8.72 -20.01
N THR A 167 -30.00 -8.84 -20.00
CA THR A 167 -30.87 -7.78 -20.49
C THR A 167 -30.72 -6.53 -19.63
N GLN A 168 -30.78 -6.72 -18.31
CA GLN A 168 -30.60 -5.64 -17.35
C GLN A 168 -29.23 -4.99 -17.53
N TRP A 169 -28.25 -5.83 -17.75
CA TRP A 169 -26.88 -5.44 -17.94
C TRP A 169 -26.66 -4.68 -19.24
N MET A 170 -27.10 -5.26 -20.33
CA MET A 170 -26.88 -4.66 -21.64
C MET A 170 -27.63 -3.36 -21.80
N ARG A 171 -28.81 -3.27 -21.21
CA ARG A 171 -29.54 -2.01 -21.20
C ARG A 171 -28.77 -0.98 -20.36
N GLY A 172 -28.14 -1.45 -19.29
CA GLY A 172 -27.29 -0.59 -18.47
C GLY A 172 -26.10 -0.09 -19.28
N VAL A 173 -25.50 -1.00 -20.03
CA VAL A 173 -24.40 -0.70 -20.95
C VAL A 173 -24.87 0.38 -21.95
N SER A 174 -26.06 0.18 -22.48
CA SER A 174 -26.68 1.10 -23.43
C SER A 174 -26.84 2.49 -22.80
N ARG A 175 -27.23 2.53 -21.54
CA ARG A 175 -27.41 3.79 -20.84
C ARG A 175 -26.07 4.47 -20.56
N HIS A 176 -25.12 3.71 -20.06
CA HIS A 176 -23.81 4.27 -19.69
C HIS A 176 -23.00 4.74 -20.87
N PHE A 177 -23.17 4.10 -22.01
CA PHE A 177 -22.43 4.51 -23.19
C PHE A 177 -23.27 5.34 -24.14
N SER A 178 -24.53 5.54 -23.73
CA SER A 178 -25.52 6.34 -24.46
C SER A 178 -25.73 5.84 -25.89
N ILE A 179 -25.87 4.54 -26.03
CA ILE A 179 -26.06 3.91 -27.32
C ILE A 179 -27.25 3.00 -27.25
N GLN A 180 -27.84 2.73 -28.38
CA GLN A 180 -28.94 1.81 -28.47
C GLN A 180 -28.37 0.43 -28.71
N LEU A 181 -28.42 -0.40 -27.71
CA LEU A 181 -27.94 -1.75 -27.85
C LEU A 181 -28.99 -2.72 -27.32
N ALA A 182 -29.59 -3.44 -28.22
CA ALA A 182 -30.63 -4.39 -27.87
C ALA A 182 -30.04 -5.57 -27.13
N ALA A 183 -30.70 -5.97 -26.06
CA ALA A 183 -30.27 -7.07 -25.19
C ALA A 183 -30.24 -8.42 -25.90
N ASP A 184 -30.74 -8.45 -27.10
CA ASP A 184 -30.73 -9.66 -27.92
C ASP A 184 -29.35 -9.84 -28.50
N ALA A 185 -28.49 -8.81 -28.37
CA ALA A 185 -27.12 -8.85 -28.86
C ALA A 185 -26.28 -9.92 -28.15
N ILE A 186 -26.80 -10.46 -27.03
CA ILE A 186 -26.12 -11.54 -26.33
C ILE A 186 -26.17 -12.83 -27.18
N TYR A 187 -27.00 -12.80 -28.22
CA TYR A 187 -27.11 -13.91 -29.16
C TYR A 187 -26.70 -13.42 -30.55
N THR A 188 -25.99 -12.31 -30.56
CA THR A 188 -25.49 -11.74 -31.78
C THR A 188 -23.96 -11.94 -31.86
N TRP A 189 -23.34 -12.06 -30.71
CA TRP A 189 -21.91 -12.29 -30.65
C TRP A 189 -21.67 -13.55 -29.88
N PRO A 190 -20.68 -14.35 -30.26
CA PRO A 190 -20.33 -15.55 -29.52
C PRO A 190 -19.22 -15.27 -28.47
N THR A 191 -18.70 -14.07 -28.51
CA THR A 191 -17.59 -13.67 -27.68
C THR A 191 -17.90 -12.34 -26.97
N LEU A 192 -17.42 -12.25 -25.74
CA LEU A 192 -17.66 -11.10 -24.86
C LEU A 192 -16.92 -9.86 -25.33
N LYS A 193 -15.76 -10.06 -25.93
CA LYS A 193 -14.94 -8.96 -26.41
C LYS A 193 -15.67 -8.19 -27.53
N SER A 194 -16.64 -8.84 -28.13
CA SER A 194 -17.39 -8.25 -29.19
C SER A 194 -18.31 -7.14 -28.68
N LEU A 195 -18.55 -7.12 -27.37
CA LEU A 195 -19.27 -6.02 -26.77
C LEU A 195 -18.37 -4.80 -26.75
N ALA A 196 -17.12 -5.03 -26.34
CA ALA A 196 -16.09 -3.99 -26.38
C ALA A 196 -15.83 -3.52 -27.81
N ASP A 197 -15.88 -4.43 -28.76
CA ASP A 197 -15.73 -4.04 -30.16
C ASP A 197 -16.95 -3.33 -30.70
N GLU A 198 -18.08 -3.49 -30.05
CA GLU A 198 -19.32 -2.84 -30.47
C GLU A 198 -19.27 -1.37 -30.10
N VAL A 199 -18.97 -1.09 -28.84
CA VAL A 199 -18.85 0.26 -28.34
C VAL A 199 -17.71 1.00 -29.05
N ASP A 200 -16.60 0.31 -29.24
CA ASP A 200 -15.44 0.87 -29.93
C ASP A 200 -15.81 1.27 -31.36
N ARG A 201 -16.59 0.42 -32.01
CA ARG A 201 -17.03 0.60 -33.39
C ARG A 201 -18.03 1.76 -33.54
N ARG A 202 -19.10 1.74 -32.76
CA ARG A 202 -20.15 2.73 -32.97
C ARG A 202 -19.93 4.06 -32.27
N VAL A 203 -19.29 4.05 -31.12
CA VAL A 203 -19.04 5.30 -30.43
C VAL A 203 -17.97 6.11 -31.15
N GLN A 204 -16.95 5.43 -31.64
CA GLN A 204 -15.90 6.11 -32.35
C GLN A 204 -16.06 5.89 -33.85
N VAL A 22 23.32 -7.89 9.80
CA VAL A 22 22.15 -7.25 10.43
C VAL A 22 22.42 -5.76 10.73
N ALA A 23 22.61 -4.97 9.68
CA ALA A 23 22.99 -3.55 9.82
C ALA A 23 21.91 -2.73 10.52
N ASP A 24 20.68 -2.99 10.18
CA ASP A 24 19.52 -2.29 10.75
C ASP A 24 19.38 -2.57 12.26
N ASP A 25 19.91 -3.67 12.72
CA ASP A 25 19.88 -3.96 14.15
C ASP A 25 21.22 -3.59 14.79
N GLU A 26 22.26 -3.47 13.96
CA GLU A 26 23.58 -3.15 14.43
C GLU A 26 23.64 -1.75 15.03
N CYS A 27 22.94 -0.82 14.42
CA CYS A 27 22.85 0.54 14.96
C CYS A 27 22.15 0.54 16.33
N ALA A 28 21.21 -0.39 16.52
CA ALA A 28 20.53 -0.53 17.78
C ALA A 28 21.44 -1.19 18.80
N GLN A 29 22.21 -2.21 18.36
CA GLN A 29 23.19 -2.91 19.21
C GLN A 29 24.17 -1.92 19.81
N PHE A 30 24.63 -0.99 18.99
CA PHE A 30 25.55 0.05 19.42
C PHE A 30 24.96 0.87 20.58
N LEU A 31 23.68 1.18 20.49
CA LEU A 31 23.01 1.95 21.52
C LEU A 31 22.79 1.12 22.77
N ARG A 32 22.50 -0.17 22.57
CA ARG A 32 22.34 -1.13 23.68
C ARG A 32 23.65 -1.20 24.46
N GLN A 33 24.76 -1.30 23.73
CA GLN A 33 26.11 -1.32 24.29
C GLN A 33 26.37 -0.05 25.08
N SER A 34 26.17 1.08 24.41
CA SER A 34 26.44 2.39 24.96
C SER A 34 25.67 2.65 26.29
N LEU A 35 24.41 2.26 26.32
CA LEU A 35 23.61 2.43 27.53
C LEU A 35 24.06 1.47 28.61
N ALA A 36 24.14 0.19 28.28
CA ALA A 36 24.46 -0.84 29.24
C ALA A 36 25.85 -0.66 29.83
N ALA A 37 26.76 -0.11 29.06
CA ALA A 37 28.13 0.14 29.51
C ALA A 37 28.17 1.17 30.64
N MET A 38 27.29 2.16 30.56
CA MET A 38 27.26 3.22 31.58
C MET A 38 26.62 2.73 32.86
N LEU A 39 25.68 1.84 32.73
CA LEU A 39 24.92 1.35 33.86
C LEU A 39 25.47 0.02 34.39
N TYR A 40 26.49 -0.48 33.70
CA TYR A 40 27.17 -1.74 34.02
C TYR A 40 26.20 -2.91 34.01
N CYS A 41 25.37 -2.92 33.01
CA CYS A 41 24.34 -3.93 32.85
C CYS A 41 24.61 -4.66 31.54
N GLU A 42 23.82 -5.66 31.25
CA GLU A 42 23.97 -6.41 30.04
C GLU A 42 23.02 -5.90 28.96
N PRO A 43 23.52 -5.71 27.73
CA PRO A 43 22.69 -5.26 26.61
C PRO A 43 22.01 -6.43 25.90
N GLY A 44 21.92 -7.52 26.59
CA GLY A 44 21.33 -8.71 26.08
C GLY A 44 19.86 -8.81 26.31
N GLN A 45 19.49 -9.63 27.27
CA GLN A 45 18.10 -9.92 27.56
C GLN A 45 17.45 -8.93 28.52
N ILE A 46 17.30 -7.71 28.06
CA ILE A 46 16.62 -6.68 28.82
C ILE A 46 15.14 -6.72 28.46
N ARG A 47 14.32 -6.10 29.27
CA ARG A 47 12.90 -6.10 29.00
C ARG A 47 12.58 -5.03 27.97
N ASP A 48 11.79 -5.46 26.99
CA ASP A 48 11.36 -4.69 25.82
C ASP A 48 10.74 -3.35 26.21
N GLY A 49 9.98 -3.36 27.27
CA GLY A 49 9.24 -2.18 27.68
C GLY A 49 9.92 -1.35 28.74
N SER A 50 11.16 -1.68 29.06
CA SER A 50 11.86 -0.96 30.11
C SER A 50 12.19 0.48 29.69
N ARG A 51 11.64 1.38 30.47
CA ARG A 51 11.86 2.81 30.32
C ARG A 51 13.27 3.17 30.72
N PHE A 52 13.76 4.28 30.25
CA PHE A 52 15.11 4.76 30.63
C PHE A 52 15.28 4.82 32.16
N LEU A 53 14.30 5.41 32.84
CA LEU A 53 14.28 5.51 34.29
C LEU A 53 14.33 4.13 34.93
N GLU A 54 13.59 3.20 34.35
CA GLU A 54 13.53 1.82 34.82
C GLU A 54 14.88 1.15 34.64
N LEU A 55 15.49 1.34 33.48
CA LEU A 55 16.80 0.79 33.17
C LEU A 55 17.84 1.28 34.15
N GLY A 56 17.70 2.51 34.57
CA GLY A 56 18.61 3.04 35.55
C GLY A 56 19.20 4.35 35.14
N LEU A 57 18.56 5.06 34.25
CA LEU A 57 19.03 6.35 33.84
C LEU A 57 18.64 7.39 34.85
N ASP A 58 19.23 8.53 34.71
CA ASP A 58 18.97 9.65 35.56
C ASP A 58 18.74 10.83 34.68
N SER A 59 17.99 11.82 35.10
CA SER A 59 17.65 12.95 34.23
C SER A 59 18.92 13.65 33.69
N VAL A 60 19.90 13.79 34.55
CA VAL A 60 21.17 14.38 34.17
C VAL A 60 21.91 13.45 33.20
N ILE A 61 22.04 12.20 33.58
CA ILE A 61 22.78 11.19 32.82
C ILE A 61 22.15 10.94 31.44
N ALA A 62 20.82 10.98 31.38
CA ALA A 62 20.08 10.76 30.14
C ALA A 62 20.37 11.88 29.14
N ALA A 63 20.65 13.07 29.69
CA ALA A 63 20.95 14.24 28.89
C ALA A 63 22.29 14.09 28.17
N GLN A 64 23.25 13.46 28.84
CA GLN A 64 24.56 13.21 28.20
C GLN A 64 24.41 12.15 27.15
N TRP A 65 23.68 11.13 27.50
CA TRP A 65 23.40 10.01 26.64
C TRP A 65 22.78 10.47 25.32
N ILE A 66 21.68 11.22 25.40
CA ILE A 66 20.99 11.71 24.20
C ILE A 66 21.91 12.63 23.39
N ARG A 67 22.78 13.36 24.08
CA ARG A 67 23.70 14.27 23.41
C ARG A 67 24.74 13.46 22.62
N GLU A 68 25.12 12.32 23.17
CA GLU A 68 26.07 11.43 22.52
C GLU A 68 25.49 10.76 21.30
N ILE A 69 24.18 10.69 21.22
CA ILE A 69 23.51 10.12 20.06
C ILE A 69 23.80 10.99 18.85
N ASN A 70 23.65 12.30 19.05
CA ASN A 70 23.91 13.30 17.99
C ASN A 70 25.34 13.25 17.56
N LYS A 71 26.23 12.98 18.48
CA LYS A 71 27.65 13.03 18.21
C LYS A 71 28.11 11.77 17.49
N HIS A 72 27.59 10.64 17.90
CA HIS A 72 27.99 9.36 17.30
C HIS A 72 27.30 9.12 15.96
N TYR A 73 26.11 9.68 15.78
CA TYR A 73 25.38 9.45 14.54
C TYR A 73 25.33 10.65 13.62
N GLN A 74 25.88 11.77 14.12
CA GLN A 74 26.02 13.06 13.41
C GLN A 74 24.76 13.45 12.67
N LEU A 75 23.65 13.35 13.34
CA LEU A 75 22.35 13.59 12.77
C LEU A 75 21.47 14.22 13.83
N LYS A 76 20.51 15.01 13.42
CA LYS A 76 19.60 15.63 14.33
C LYS A 76 18.53 14.60 14.73
N ILE A 77 18.30 14.43 16.01
CA ILE A 77 17.36 13.48 16.50
C ILE A 77 16.35 14.18 17.41
N PRO A 78 15.14 13.62 17.54
CA PRO A 78 14.14 14.17 18.43
C PRO A 78 14.42 13.74 19.87
N ALA A 79 15.09 14.61 20.62
CA ALA A 79 15.41 14.36 22.01
C ALA A 79 14.14 14.30 22.84
N ASP A 80 13.10 14.91 22.29
CA ASP A 80 11.77 14.97 22.90
C ASP A 80 11.13 13.58 23.01
N GLY A 81 11.78 12.59 22.40
CA GLY A 81 11.32 11.24 22.48
C GLY A 81 11.43 10.68 23.89
N ILE A 82 12.46 11.07 24.62
CA ILE A 82 12.67 10.57 25.98
C ILE A 82 11.65 11.22 26.93
N TYR A 83 11.24 12.41 26.58
CA TYR A 83 10.38 13.22 27.42
C TYR A 83 8.91 12.87 27.22
N THR A 84 8.64 11.99 26.31
CA THR A 84 7.28 11.57 26.06
C THR A 84 7.09 10.12 26.51
N TYR A 85 7.63 9.18 25.75
CA TYR A 85 7.54 7.77 26.09
C TYR A 85 8.90 7.09 25.87
N PRO A 86 9.74 7.11 26.91
CA PRO A 86 11.13 6.65 26.85
C PRO A 86 11.28 5.13 26.96
N VAL A 87 10.74 4.43 26.02
CA VAL A 87 10.91 2.98 25.95
C VAL A 87 12.10 2.76 25.04
N PHE A 88 13.05 1.94 25.51
CA PHE A 88 14.33 1.81 24.86
C PHE A 88 14.21 1.08 23.54
N LYS A 89 13.35 0.08 23.48
CA LYS A 89 13.12 -0.68 22.26
C LYS A 89 12.43 0.21 21.21
N ALA A 90 11.62 1.14 21.67
CA ALA A 90 10.96 2.07 20.79
C ALA A 90 11.92 3.16 20.37
N PHE A 91 12.81 3.50 21.28
CA PHE A 91 13.79 4.52 21.04
C PHE A 91 14.88 4.04 20.07
N THR A 92 15.18 2.77 20.10
CA THR A 92 16.06 2.21 19.11
C THR A 92 15.42 2.28 17.71
N GLN A 93 14.08 2.33 17.66
CA GLN A 93 13.35 2.49 16.42
C GLN A 93 13.40 3.98 16.00
N TRP A 94 13.41 4.88 16.99
CA TRP A 94 13.50 6.35 16.79
C TRP A 94 14.67 6.67 15.86
N VAL A 95 15.87 6.28 16.27
CA VAL A 95 17.04 6.52 15.55
C VAL A 95 17.13 5.58 14.34
N GLY A 96 16.62 4.37 14.50
CA GLY A 96 16.64 3.38 13.44
C GLY A 96 15.90 3.82 12.18
N THR A 97 14.79 4.51 12.36
CA THR A 97 14.02 4.99 11.25
C THR A 97 14.63 6.30 10.70
N GLN A 98 15.44 6.98 11.53
CA GLN A 98 16.14 8.17 11.09
C GLN A 98 17.32 7.79 10.23
N LEU A 99 17.78 6.58 10.42
CA LEU A 99 18.84 6.02 9.63
C LEU A 99 18.26 5.39 8.37
N GLN A 100 17.64 6.21 7.60
CA GLN A 100 17.07 5.84 6.35
C GLN A 100 18.06 6.24 5.28
N PRO A 101 18.53 5.30 4.45
CA PRO A 101 19.53 5.60 3.43
C PRO A 101 18.93 6.32 2.20
N THR A 102 18.48 7.54 2.42
CA THR A 102 17.92 8.37 1.39
C THR A 102 19.07 8.97 0.55
N GLN A 103 19.66 8.12 -0.23
CA GLN A 103 20.74 8.49 -1.10
C GLN A 103 20.58 7.74 -2.40
N ALA A 104 20.41 6.44 -2.27
CA ALA A 104 20.24 5.56 -3.42
C ALA A 104 18.78 5.53 -3.86
N THR A 105 17.95 6.19 -3.09
CA THR A 105 16.53 6.29 -3.32
C THR A 105 16.23 6.94 -4.67
N ALA A 106 15.67 6.17 -5.57
CA ALA A 106 15.23 6.67 -6.85
C ALA A 106 13.72 6.62 -6.88
N ALA A 107 13.12 7.34 -5.96
CA ALA A 107 11.68 7.36 -5.79
C ALA A 107 11.04 8.05 -6.97
N PRO A 108 10.10 7.37 -7.65
CA PRO A 108 9.38 7.91 -8.79
C PRO A 108 8.63 9.20 -8.44
N VAL A 109 9.11 10.30 -8.98
CA VAL A 109 8.51 11.62 -8.73
C VAL A 109 7.13 11.79 -9.44
N GLN A 110 6.12 11.17 -8.83
CA GLN A 110 4.73 11.21 -9.28
C GLN A 110 4.62 10.82 -10.77
N ARG A 111 5.00 9.59 -11.07
CA ARG A 111 4.97 9.10 -12.44
C ARG A 111 3.56 8.98 -12.93
N GLU A 112 2.85 8.02 -12.40
CA GLU A 112 1.47 7.82 -12.73
C GLU A 112 0.61 8.54 -11.70
N PRO A 113 -0.02 9.66 -12.06
CA PRO A 113 -0.85 10.41 -11.13
C PRO A 113 -2.17 9.70 -10.85
N VAL A 114 -2.54 8.83 -11.76
CA VAL A 114 -3.74 8.06 -11.68
C VAL A 114 -3.67 6.88 -12.64
N ALA A 115 -3.92 5.71 -12.13
CA ALA A 115 -3.93 4.50 -12.95
C ALA A 115 -5.26 3.75 -12.79
N THR A 116 -6.06 4.23 -11.85
CA THR A 116 -7.37 3.68 -11.48
C THR A 116 -7.72 4.34 -10.16
N ALA A 117 -6.66 4.65 -9.46
CA ALA A 117 -6.63 5.34 -8.22
C ALA A 117 -5.35 6.16 -8.31
N PRO A 118 -5.13 7.15 -7.42
CA PRO A 118 -3.91 8.00 -7.44
C PRO A 118 -2.63 7.27 -6.97
N GLN A 119 -2.47 6.05 -7.42
CA GLN A 119 -1.32 5.24 -7.13
C GLN A 119 -0.84 4.66 -8.45
N PRO A 120 0.47 4.38 -8.59
CA PRO A 120 1.02 3.87 -9.84
C PRO A 120 0.78 2.36 -10.02
N GLY A 121 -0.48 1.98 -10.02
CA GLY A 121 -0.88 0.62 -10.20
C GLY A 121 -2.29 0.54 -10.71
N ALA A 122 -2.46 0.13 -11.95
CA ALA A 122 -3.77 0.02 -12.57
C ALA A 122 -4.45 -1.27 -12.12
N GLN A 123 -3.65 -2.27 -11.93
CA GLN A 123 -4.11 -3.54 -11.49
C GLN A 123 -4.21 -3.56 -9.96
N ALA A 124 -5.11 -2.76 -9.45
CA ALA A 124 -5.42 -2.78 -8.04
C ALA A 124 -6.41 -3.90 -7.82
N SER A 125 -7.27 -4.04 -8.80
CA SER A 125 -8.24 -5.06 -8.87
C SER A 125 -7.72 -6.17 -9.79
N ALA A 126 -6.95 -7.08 -9.20
CA ALA A 126 -6.26 -8.15 -9.91
C ALA A 126 -7.20 -9.03 -10.70
N GLN A 127 -8.18 -9.62 -10.02
CA GLN A 127 -9.15 -10.53 -10.67
C GLN A 127 -9.89 -9.82 -11.79
N ARG A 128 -10.27 -8.58 -11.50
CA ARG A 128 -11.05 -7.76 -12.41
C ARG A 128 -10.26 -7.43 -13.67
N GLU A 129 -8.96 -7.20 -13.56
CA GLU A 129 -8.18 -6.86 -14.72
C GLU A 129 -8.01 -8.08 -15.64
N SER A 130 -7.90 -9.26 -15.04
CA SER A 130 -7.88 -10.49 -15.81
C SER A 130 -9.22 -10.63 -16.56
N ILE A 131 -10.30 -10.30 -15.84
CA ILE A 131 -11.65 -10.29 -16.40
C ILE A 131 -11.73 -9.39 -17.62
N GLN A 132 -11.13 -8.20 -17.51
CA GLN A 132 -11.14 -7.19 -18.58
C GLN A 132 -10.64 -7.73 -19.91
N ASP A 133 -9.73 -8.70 -19.87
CA ASP A 133 -9.19 -9.30 -21.09
C ASP A 133 -10.24 -10.15 -21.78
N TYR A 134 -10.90 -10.99 -21.01
CA TYR A 134 -11.91 -11.87 -21.55
C TYR A 134 -13.18 -11.09 -21.87
N LEU A 135 -13.36 -10.01 -21.15
CA LEU A 135 -14.45 -9.10 -21.39
C LEU A 135 -14.22 -8.43 -22.74
N LYS A 136 -12.97 -8.07 -22.98
CA LYS A 136 -12.55 -7.47 -24.23
C LYS A 136 -12.80 -8.42 -25.38
N GLN A 137 -12.50 -9.69 -25.14
CA GLN A 137 -12.73 -10.74 -26.13
C GLN A 137 -14.22 -11.00 -26.36
N SER A 138 -15.05 -10.58 -25.42
CA SER A 138 -16.47 -10.74 -25.57
C SER A 138 -17.02 -9.58 -26.42
N LEU A 139 -16.58 -8.34 -26.09
CA LEU A 139 -16.93 -7.14 -26.87
C LEU A 139 -16.37 -7.27 -28.28
N GLY A 140 -15.15 -7.76 -28.35
CA GLY A 140 -14.48 -7.98 -29.60
C GLY A 140 -15.22 -8.93 -30.49
N GLU A 141 -15.60 -10.07 -29.96
CA GLU A 141 -16.29 -11.12 -30.73
C GLU A 141 -17.65 -10.62 -31.25
N LEU A 142 -18.24 -9.70 -30.50
CA LEU A 142 -19.52 -9.08 -30.87
C LEU A 142 -19.40 -8.34 -32.20
N LEU A 143 -18.31 -7.64 -32.37
CA LEU A 143 -18.08 -6.87 -33.56
C LEU A 143 -17.13 -7.65 -34.48
N PHE A 144 -15.85 -7.63 -34.11
CA PHE A 144 -14.71 -8.28 -34.76
C PHE A 144 -13.49 -8.06 -33.86
N LEU A 145 -13.34 -6.81 -33.41
CA LEU A 145 -12.35 -6.39 -32.46
C LEU A 145 -12.77 -4.99 -32.05
N ASP A 146 -12.47 -4.59 -30.84
CA ASP A 146 -12.76 -3.23 -30.43
C ASP A 146 -11.49 -2.41 -30.62
N PRO A 147 -11.55 -1.20 -31.19
CA PRO A 147 -10.36 -0.36 -31.38
C PRO A 147 -10.02 0.49 -30.15
N GLY A 148 -10.36 0.00 -28.99
CA GLY A 148 -10.09 0.75 -27.77
C GLY A 148 -11.35 1.39 -27.26
N GLN A 149 -12.35 0.57 -27.01
CA GLN A 149 -13.63 1.06 -26.53
C GLN A 149 -13.72 0.98 -25.03
N LEU A 150 -12.85 0.18 -24.47
CA LEU A 150 -12.80 -0.04 -23.05
C LEU A 150 -12.36 1.22 -22.33
N ARG A 151 -13.28 1.79 -21.55
CA ARG A 151 -13.08 3.00 -20.75
C ARG A 151 -13.10 4.26 -21.61
N SER A 152 -13.50 4.11 -22.85
CA SER A 152 -13.56 5.22 -23.78
C SER A 152 -15.03 5.66 -23.97
N GLY A 153 -15.84 5.40 -22.97
CA GLY A 153 -17.23 5.79 -23.04
C GLY A 153 -18.11 4.63 -23.42
N ALA A 154 -18.57 3.90 -22.42
CA ALA A 154 -19.46 2.77 -22.64
C ALA A 154 -20.75 3.02 -21.88
N GLN A 155 -21.73 3.55 -22.56
CA GLN A 155 -22.96 3.98 -21.94
C GLN A 155 -24.16 3.19 -22.51
N PHE A 156 -25.14 2.96 -21.62
CA PHE A 156 -26.37 2.19 -21.90
C PHE A 156 -27.22 2.84 -23.00
N LEU A 157 -26.93 4.09 -23.31
CA LEU A 157 -27.64 4.80 -24.34
C LEU A 157 -27.31 4.21 -25.70
N ASP A 158 -26.08 3.75 -25.83
CA ASP A 158 -25.61 3.17 -27.08
C ASP A 158 -25.64 1.66 -27.00
N LEU A 159 -25.18 1.13 -25.89
CA LEU A 159 -25.14 -0.32 -25.68
C LEU A 159 -26.55 -0.90 -25.55
N GLY A 160 -27.48 -0.05 -25.17
CA GLY A 160 -28.84 -0.45 -25.02
C GLY A 160 -29.72 0.15 -26.08
N MET A 161 -29.10 0.63 -27.14
CA MET A 161 -29.86 1.16 -28.28
C MET A 161 -30.36 -0.03 -29.09
N ASP A 162 -29.65 -1.11 -28.93
CA ASP A 162 -29.99 -2.39 -29.46
C ASP A 162 -29.94 -3.32 -28.31
N SER A 163 -30.86 -4.23 -28.26
CA SER A 163 -30.86 -5.25 -27.26
C SER A 163 -29.88 -6.34 -27.68
N VAL A 164 -29.63 -6.39 -29.00
CA VAL A 164 -28.74 -7.37 -29.66
C VAL A 164 -27.33 -7.29 -29.10
N THR A 165 -26.83 -6.09 -28.93
CA THR A 165 -25.51 -5.85 -28.41
C THR A 165 -25.34 -6.43 -27.02
N GLY A 166 -26.37 -6.29 -26.20
CA GLY A 166 -26.31 -6.80 -24.86
C GLY A 166 -26.40 -8.31 -24.84
N THR A 167 -27.32 -8.84 -25.66
CA THR A 167 -27.56 -10.27 -25.78
C THR A 167 -26.25 -11.01 -26.09
N GLN A 168 -25.55 -10.55 -27.08
CA GLN A 168 -24.34 -11.20 -27.50
C GLN A 168 -23.14 -10.91 -26.58
N TRP A 169 -23.06 -9.71 -26.00
CA TRP A 169 -21.93 -9.38 -25.15
C TRP A 169 -22.01 -10.17 -23.86
N MET A 170 -23.14 -10.11 -23.19
CA MET A 170 -23.27 -10.76 -21.89
C MET A 170 -23.27 -12.26 -22.00
N ARG A 171 -23.78 -12.80 -23.10
CA ARG A 171 -23.70 -14.24 -23.34
C ARG A 171 -22.23 -14.64 -23.51
N GLY A 172 -21.46 -13.76 -24.11
CA GLY A 172 -20.04 -13.97 -24.25
C GLY A 172 -19.39 -14.03 -22.89
N VAL A 173 -19.74 -13.05 -22.05
CA VAL A 173 -19.26 -12.96 -20.67
C VAL A 173 -19.65 -14.24 -19.90
N SER A 174 -20.91 -14.60 -20.00
CA SER A 174 -21.48 -15.75 -19.35
C SER A 174 -20.70 -17.03 -19.73
N ARG A 175 -20.49 -17.24 -21.03
CA ARG A 175 -19.77 -18.40 -21.53
C ARG A 175 -18.30 -18.37 -21.10
N HIS A 176 -17.64 -17.24 -21.32
CA HIS A 176 -16.20 -17.11 -21.06
C HIS A 176 -15.84 -17.29 -19.60
N PHE A 177 -16.70 -16.85 -18.71
CA PHE A 177 -16.40 -16.94 -17.29
C PHE A 177 -17.10 -18.10 -16.61
N SER A 178 -17.94 -18.81 -17.38
CA SER A 178 -18.71 -19.96 -16.90
C SER A 178 -19.71 -19.51 -15.81
N ILE A 179 -20.22 -18.31 -15.97
CA ILE A 179 -21.11 -17.73 -14.98
C ILE A 179 -22.52 -17.71 -15.52
N GLN A 180 -23.48 -17.69 -14.65
CA GLN A 180 -24.86 -17.76 -15.04
C GLN A 180 -25.51 -16.40 -15.05
N LEU A 181 -25.57 -15.80 -16.22
CA LEU A 181 -26.24 -14.53 -16.42
C LEU A 181 -27.26 -14.71 -17.52
N ALA A 182 -28.50 -14.52 -17.19
CA ALA A 182 -29.59 -14.77 -18.12
C ALA A 182 -30.20 -13.47 -18.60
N ALA A 183 -31.04 -13.61 -19.63
CA ALA A 183 -31.66 -12.51 -20.36
C ALA A 183 -32.57 -11.60 -19.52
N ASP A 184 -32.81 -11.95 -18.29
CA ASP A 184 -33.63 -11.11 -17.42
C ASP A 184 -32.75 -10.19 -16.60
N ALA A 185 -31.51 -10.58 -16.40
CA ALA A 185 -30.58 -9.74 -15.64
C ALA A 185 -29.65 -9.03 -16.60
N ILE A 186 -29.85 -9.29 -17.86
CA ILE A 186 -28.98 -8.84 -18.91
C ILE A 186 -29.17 -7.33 -19.16
N TYR A 187 -30.25 -6.81 -18.63
CA TYR A 187 -30.60 -5.44 -18.83
C TYR A 187 -30.35 -4.66 -17.54
N THR A 188 -29.76 -5.34 -16.58
CA THR A 188 -29.47 -4.74 -15.30
C THR A 188 -28.12 -4.03 -15.35
N TRP A 189 -27.19 -4.57 -16.13
CA TRP A 189 -25.86 -3.99 -16.21
C TRP A 189 -25.50 -3.74 -17.68
N PRO A 190 -26.08 -2.70 -18.31
CA PRO A 190 -25.86 -2.41 -19.72
C PRO A 190 -24.74 -1.39 -19.93
N THR A 191 -23.73 -1.48 -19.11
CA THR A 191 -22.60 -0.60 -19.16
C THR A 191 -21.34 -1.38 -18.91
N LEU A 192 -20.20 -0.83 -19.25
CA LEU A 192 -18.95 -1.53 -19.09
C LEU A 192 -18.64 -1.73 -17.61
N LYS A 193 -18.62 -0.63 -16.88
CA LYS A 193 -18.23 -0.65 -15.49
C LYS A 193 -19.14 -1.52 -14.63
N SER A 194 -20.46 -1.41 -14.81
CA SER A 194 -21.41 -2.14 -13.98
C SER A 194 -21.32 -3.64 -14.25
N LEU A 195 -20.97 -4.00 -15.49
CA LEU A 195 -20.82 -5.39 -15.87
C LEU A 195 -19.54 -5.90 -15.20
N ALA A 196 -18.48 -5.11 -15.29
CA ALA A 196 -17.19 -5.45 -14.70
C ALA A 196 -17.29 -5.55 -13.18
N ASP A 197 -18.02 -4.62 -12.56
CA ASP A 197 -18.25 -4.64 -11.11
C ASP A 197 -19.01 -5.88 -10.71
N GLU A 198 -19.89 -6.31 -11.59
CA GLU A 198 -20.73 -7.45 -11.30
C GLU A 198 -19.91 -8.72 -11.27
N VAL A 199 -19.22 -8.99 -12.36
CA VAL A 199 -18.42 -10.19 -12.47
C VAL A 199 -17.32 -10.24 -11.38
N ASP A 200 -16.76 -9.09 -11.04
CA ASP A 200 -15.75 -8.99 -9.97
C ASP A 200 -16.32 -9.45 -8.63
N ARG A 201 -17.58 -9.11 -8.39
CA ARG A 201 -18.25 -9.51 -7.16
C ARG A 201 -18.69 -10.96 -7.20
N ARG A 202 -19.05 -11.42 -8.37
CA ARG A 202 -19.53 -12.79 -8.51
C ARG A 202 -18.40 -13.80 -8.38
N VAL A 203 -17.29 -13.52 -9.03
CA VAL A 203 -16.11 -14.40 -8.99
C VAL A 203 -15.57 -14.56 -7.57
N GLN A 204 -15.33 -13.46 -6.89
CA GLN A 204 -14.75 -13.54 -5.57
C GLN A 204 -15.60 -12.78 -4.56
N VAL A 22 8.21 -10.60 11.80
CA VAL A 22 8.20 -9.46 10.89
C VAL A 22 9.65 -9.05 10.63
N ALA A 23 9.94 -8.62 9.42
CA ALA A 23 11.30 -8.23 9.04
C ALA A 23 11.44 -6.72 8.85
N ASP A 24 10.36 -6.04 8.57
CA ASP A 24 10.42 -4.59 8.37
C ASP A 24 10.19 -3.85 9.67
N ASP A 25 9.28 -4.35 10.47
CA ASP A 25 8.94 -3.75 11.76
C ASP A 25 9.74 -4.41 12.87
N GLU A 26 10.61 -5.38 12.50
CA GLU A 26 11.48 -6.07 13.48
C GLU A 26 12.30 -5.11 14.34
N CYS A 27 12.72 -4.00 13.75
CA CYS A 27 13.43 -2.96 14.48
C CYS A 27 12.56 -2.35 15.58
N ALA A 28 11.29 -2.09 15.25
CA ALA A 28 10.35 -1.54 16.20
C ALA A 28 10.06 -2.58 17.28
N GLN A 29 10.00 -3.85 16.89
CA GLN A 29 9.82 -4.97 17.82
C GLN A 29 10.89 -4.95 18.89
N PHE A 30 12.14 -4.87 18.45
CA PHE A 30 13.29 -4.90 19.32
C PHE A 30 13.27 -3.73 20.30
N LEU A 31 12.98 -2.55 19.78
CA LEU A 31 12.95 -1.35 20.60
C LEU A 31 11.78 -1.38 21.58
N ARG A 32 10.66 -1.91 21.12
CA ARG A 32 9.45 -2.04 21.92
C ARG A 32 9.74 -2.95 23.11
N GLN A 33 10.45 -4.04 22.84
CA GLN A 33 10.84 -4.98 23.86
C GLN A 33 11.84 -4.37 24.83
N SER A 34 12.89 -3.76 24.28
CA SER A 34 13.96 -3.17 25.10
C SER A 34 13.44 -2.03 26.00
N LEU A 35 12.47 -1.26 25.50
CA LEU A 35 11.87 -0.16 26.25
C LEU A 35 11.15 -0.74 27.47
N ALA A 36 10.24 -1.66 27.19
CA ALA A 36 9.40 -2.24 28.21
C ALA A 36 10.20 -3.05 29.22
N ALA A 37 11.23 -3.75 28.73
CA ALA A 37 12.09 -4.56 29.59
C ALA A 37 12.76 -3.72 30.67
N MET A 38 13.15 -2.49 30.30
CA MET A 38 13.82 -1.60 31.26
C MET A 38 12.85 -1.04 32.28
N LEU A 39 11.58 -1.05 31.95
CA LEU A 39 10.57 -0.46 32.83
C LEU A 39 9.69 -1.53 33.48
N TYR A 40 10.11 -2.79 33.37
CA TYR A 40 9.41 -3.94 33.99
C TYR A 40 7.98 -4.06 33.41
N CYS A 41 7.86 -3.84 32.13
CA CYS A 41 6.61 -3.91 31.44
C CYS A 41 6.70 -4.94 30.33
N GLU A 42 5.59 -5.50 29.93
CA GLU A 42 5.55 -6.45 28.86
C GLU A 42 5.24 -5.73 27.55
N PRO A 43 6.04 -6.00 26.49
CA PRO A 43 5.99 -5.26 25.21
C PRO A 43 4.66 -5.31 24.47
N GLY A 44 3.83 -6.29 24.76
CA GLY A 44 2.53 -6.34 24.12
C GLY A 44 1.49 -5.51 24.84
N GLN A 45 1.88 -4.96 25.99
CA GLN A 45 0.98 -4.18 26.82
C GLN A 45 1.44 -2.73 26.88
N ILE A 46 2.21 -2.32 25.90
CA ILE A 46 2.69 -0.96 25.83
C ILE A 46 1.91 -0.24 24.71
N ARG A 47 1.77 1.04 24.79
CA ARG A 47 1.08 1.78 23.77
C ARG A 47 2.05 2.60 22.95
N ASP A 48 2.00 2.37 21.66
CA ASP A 48 2.88 3.02 20.68
C ASP A 48 2.49 4.48 20.48
N GLY A 49 1.28 4.81 20.81
CA GLY A 49 0.82 6.19 20.62
C GLY A 49 1.03 7.05 21.85
N SER A 50 1.67 6.51 22.85
CA SER A 50 1.94 7.23 24.06
C SER A 50 3.29 7.92 23.98
N ARG A 51 3.44 8.95 24.77
CA ARG A 51 4.63 9.73 24.81
C ARG A 51 5.68 9.08 25.69
N PHE A 52 6.94 9.23 25.36
CA PHE A 52 8.03 8.52 26.08
C PHE A 52 7.99 8.78 27.59
N LEU A 53 7.77 10.03 27.96
CA LEU A 53 7.68 10.44 29.37
C LEU A 53 6.50 9.77 30.05
N GLU A 54 5.45 9.52 29.29
CA GLU A 54 4.23 8.91 29.80
C GLU A 54 4.46 7.39 29.94
N LEU A 55 5.30 6.86 29.09
CA LEU A 55 5.66 5.45 29.12
C LEU A 55 6.54 5.15 30.31
N GLY A 56 7.31 6.14 30.74
CA GLY A 56 8.16 5.97 31.88
C GLY A 56 9.61 6.27 31.57
N LEU A 57 9.88 6.72 30.38
CA LEU A 57 11.23 7.04 29.99
C LEU A 57 11.60 8.44 30.49
N ASP A 58 12.75 8.53 31.12
CA ASP A 58 13.28 9.78 31.69
C ASP A 58 14.56 10.12 30.99
N SER A 59 15.07 11.34 31.13
CA SER A 59 16.32 11.75 30.48
C SER A 59 17.49 10.79 30.83
N VAL A 60 17.55 10.40 32.11
CA VAL A 60 18.54 9.46 32.61
C VAL A 60 18.44 8.12 31.87
N ILE A 61 17.22 7.64 31.71
CA ILE A 61 16.97 6.39 31.02
C ILE A 61 17.25 6.55 29.53
N ALA A 62 16.86 7.71 29.00
CA ALA A 62 17.03 8.03 27.58
C ALA A 62 18.48 7.93 27.17
N ALA A 63 19.34 8.53 27.99
CA ALA A 63 20.79 8.54 27.76
C ALA A 63 21.34 7.13 27.62
N GLN A 64 20.80 6.25 28.41
CA GLN A 64 21.22 4.88 28.43
C GLN A 64 20.61 4.10 27.24
N TRP A 65 19.32 4.28 27.05
CA TRP A 65 18.52 3.64 26.01
C TRP A 65 19.03 4.02 24.62
N ILE A 66 19.23 5.32 24.41
CA ILE A 66 19.62 5.87 23.11
C ILE A 66 21.00 5.31 22.68
N ARG A 67 21.80 4.99 23.68
CA ARG A 67 23.12 4.50 23.46
C ARG A 67 23.06 3.03 23.05
N GLU A 68 22.10 2.30 23.61
CA GLU A 68 21.95 0.88 23.32
C GLU A 68 21.36 0.65 21.93
N ILE A 69 20.51 1.56 21.47
CA ILE A 69 19.94 1.39 20.14
C ILE A 69 21.03 1.60 19.08
N ASN A 70 21.93 2.56 19.37
CA ASN A 70 23.09 2.83 18.52
C ASN A 70 24.05 1.67 18.53
N LYS A 71 24.02 0.95 19.61
CA LYS A 71 24.89 -0.15 19.84
C LYS A 71 24.42 -1.37 19.05
N HIS A 72 23.12 -1.63 19.10
CA HIS A 72 22.56 -2.79 18.40
C HIS A 72 22.59 -2.60 16.89
N TYR A 73 22.31 -1.41 16.42
CA TYR A 73 22.19 -1.22 14.99
C TYR A 73 23.47 -0.80 14.31
N GLN A 74 24.52 -0.60 15.14
CA GLN A 74 25.86 -0.18 14.69
C GLN A 74 25.73 1.12 13.90
N LEU A 75 25.00 2.02 14.46
CA LEU A 75 24.65 3.25 13.82
C LEU A 75 24.75 4.33 14.85
N LYS A 76 24.98 5.53 14.43
CA LYS A 76 25.00 6.66 15.32
C LYS A 76 23.85 7.59 14.96
N ILE A 77 22.69 7.37 15.54
CA ILE A 77 21.55 8.22 15.28
C ILE A 77 21.66 9.56 16.01
N PRO A 78 21.12 10.64 15.40
CA PRO A 78 21.02 11.93 16.06
C PRO A 78 20.12 11.84 17.30
N ALA A 79 20.68 12.20 18.43
CA ALA A 79 20.04 12.04 19.74
C ALA A 79 18.84 12.99 19.99
N ASP A 80 18.49 13.80 19.02
CA ASP A 80 17.37 14.74 19.17
C ASP A 80 16.05 14.08 18.74
N GLY A 81 16.12 12.80 18.42
CA GLY A 81 14.96 12.04 17.96
C GLY A 81 13.78 12.06 18.94
N ILE A 82 13.96 11.44 20.09
CA ILE A 82 12.94 11.36 21.17
C ILE A 82 12.48 12.77 21.63
N TYR A 83 13.37 13.73 21.47
CA TYR A 83 13.11 15.09 21.86
C TYR A 83 12.19 15.78 20.85
N THR A 84 12.40 15.49 19.59
CA THR A 84 11.62 16.05 18.52
C THR A 84 10.31 15.27 18.31
N TYR A 85 10.41 13.96 18.34
CA TYR A 85 9.27 13.07 18.19
C TYR A 85 9.05 12.32 19.49
N PRO A 86 8.25 12.88 20.41
CA PRO A 86 8.03 12.30 21.73
C PRO A 86 6.94 11.21 21.74
N VAL A 87 6.72 10.59 20.60
CA VAL A 87 5.71 9.53 20.44
C VAL A 87 6.41 8.35 19.81
N PHE A 88 6.32 7.19 20.49
CA PHE A 88 7.03 5.97 20.12
C PHE A 88 6.73 5.52 18.71
N LYS A 89 5.47 5.62 18.31
CA LYS A 89 5.04 5.26 16.97
C LYS A 89 5.67 6.17 15.92
N ALA A 90 5.94 7.39 16.30
CA ALA A 90 6.55 8.33 15.40
C ALA A 90 8.06 8.16 15.39
N PHE A 91 8.57 7.63 16.49
CA PHE A 91 9.99 7.40 16.62
C PHE A 91 10.40 6.09 15.94
N THR A 92 9.52 5.12 15.93
CA THR A 92 9.78 3.91 15.20
C THR A 92 9.76 4.21 13.71
N GLN A 93 8.86 5.12 13.34
CA GLN A 93 8.77 5.63 12.00
C GLN A 93 10.06 6.40 11.67
N TRP A 94 10.53 7.17 12.63
CA TRP A 94 11.76 7.98 12.54
C TRP A 94 12.92 7.08 12.11
N VAL A 95 13.16 6.01 12.87
CA VAL A 95 14.19 5.08 12.60
C VAL A 95 13.92 4.34 11.28
N GLY A 96 12.66 3.95 11.07
CA GLY A 96 12.27 3.22 9.86
C GLY A 96 12.39 4.04 8.59
N THR A 97 12.47 5.35 8.74
CA THR A 97 12.65 6.24 7.61
C THR A 97 14.13 6.26 7.21
N GLN A 98 14.99 6.06 8.19
CA GLN A 98 16.42 6.06 7.95
C GLN A 98 16.89 4.66 7.55
N LEU A 99 16.40 3.68 8.27
CA LEU A 99 16.72 2.30 8.01
C LEU A 99 15.64 1.67 7.15
N GLN A 100 15.82 1.78 5.86
CA GLN A 100 14.87 1.28 4.87
C GLN A 100 14.95 -0.24 4.69
N PRO A 101 13.85 -0.95 4.95
CA PRO A 101 13.75 -2.37 4.65
C PRO A 101 13.33 -2.56 3.18
N THR A 102 13.62 -3.69 2.61
CA THR A 102 13.29 -3.90 1.23
C THR A 102 11.93 -4.60 1.09
N GLN A 103 10.94 -3.81 0.77
CA GLN A 103 9.60 -4.28 0.51
C GLN A 103 9.64 -4.92 -0.88
N ALA A 104 8.98 -6.07 -1.00
CA ALA A 104 9.03 -6.96 -2.17
C ALA A 104 8.71 -6.27 -3.48
N THR A 105 7.73 -5.39 -3.49
CA THR A 105 7.36 -4.70 -4.71
C THR A 105 8.00 -3.31 -4.77
N ALA A 106 9.11 -3.21 -4.12
CA ALA A 106 9.93 -2.01 -4.09
C ALA A 106 11.36 -2.47 -4.21
N ALA A 107 11.55 -3.42 -5.10
CA ALA A 107 12.84 -4.00 -5.36
C ALA A 107 13.79 -2.94 -5.92
N PRO A 108 15.05 -2.91 -5.42
CA PRO A 108 16.05 -1.92 -5.85
C PRO A 108 16.30 -1.97 -7.34
N VAL A 109 16.40 -0.79 -7.95
CA VAL A 109 16.63 -0.59 -9.37
C VAL A 109 15.44 -1.06 -10.20
N GLN A 110 14.62 -0.13 -10.60
CA GLN A 110 13.44 -0.45 -11.39
C GLN A 110 13.85 -0.94 -12.75
N ARG A 111 13.40 -2.12 -13.10
CA ARG A 111 13.67 -2.69 -14.40
C ARG A 111 12.49 -2.45 -15.32
N GLU A 112 11.53 -1.72 -14.79
CA GLU A 112 10.35 -1.31 -15.53
C GLU A 112 10.71 -0.06 -16.33
N PRO A 113 10.71 -0.15 -17.67
CA PRO A 113 11.06 0.96 -18.53
C PRO A 113 9.96 2.01 -18.62
N VAL A 114 10.35 3.22 -18.93
CA VAL A 114 9.41 4.31 -19.06
C VAL A 114 8.86 4.37 -20.49
N ALA A 115 8.45 3.23 -20.99
CA ALA A 115 7.96 3.10 -22.36
C ALA A 115 6.60 3.77 -22.53
N THR A 116 5.96 4.06 -21.42
CA THR A 116 4.69 4.73 -21.40
C THR A 116 4.84 6.25 -21.57
N ALA A 117 6.05 6.74 -21.39
CA ALA A 117 6.32 8.16 -21.49
C ALA A 117 6.16 8.70 -22.93
N PRO A 118 6.82 8.09 -23.98
CA PRO A 118 6.70 8.58 -25.38
C PRO A 118 5.37 8.18 -26.03
N GLN A 119 4.41 7.77 -25.25
CA GLN A 119 3.14 7.37 -25.77
C GLN A 119 2.13 8.48 -25.58
N PRO A 120 1.68 9.12 -26.68
CA PRO A 120 0.64 10.13 -26.62
C PRO A 120 -0.69 9.50 -26.19
N GLY A 121 -1.15 9.86 -25.02
CA GLY A 121 -2.37 9.31 -24.51
C GLY A 121 -3.20 10.37 -23.85
N ALA A 122 -3.22 11.53 -24.45
CA ALA A 122 -3.95 12.65 -23.90
C ALA A 122 -5.38 12.67 -24.41
N GLN A 123 -5.65 11.86 -25.41
CA GLN A 123 -6.99 11.74 -25.97
C GLN A 123 -7.79 10.73 -25.17
N ALA A 124 -9.09 10.68 -25.47
CA ALA A 124 -10.11 9.94 -24.69
C ALA A 124 -9.92 8.42 -24.56
N SER A 125 -8.88 7.90 -25.23
CA SER A 125 -8.51 6.49 -25.20
C SER A 125 -9.41 5.63 -26.11
N ALA A 126 -8.95 5.45 -27.35
CA ALA A 126 -9.67 4.71 -28.37
C ALA A 126 -9.52 3.21 -28.16
N GLN A 127 -8.42 2.79 -27.52
CA GLN A 127 -8.21 1.39 -27.19
C GLN A 127 -9.31 0.99 -26.22
N ARG A 128 -9.47 1.84 -25.20
CA ARG A 128 -10.51 1.74 -24.20
C ARG A 128 -11.88 1.59 -24.82
N GLU A 129 -12.18 2.40 -25.82
CA GLU A 129 -13.49 2.39 -26.47
C GLU A 129 -13.78 1.04 -27.12
N SER A 130 -12.82 0.48 -27.81
CA SER A 130 -12.96 -0.81 -28.44
C SER A 130 -13.16 -1.90 -27.38
N ILE A 131 -12.31 -1.86 -26.35
CA ILE A 131 -12.35 -2.83 -25.26
C ILE A 131 -13.64 -2.74 -24.48
N GLN A 132 -14.05 -1.52 -24.19
CA GLN A 132 -15.25 -1.23 -23.41
C GLN A 132 -16.50 -1.82 -24.06
N ASP A 133 -16.52 -1.84 -25.39
CA ASP A 133 -17.68 -2.36 -26.10
C ASP A 133 -17.69 -3.89 -26.03
N TYR A 134 -16.50 -4.51 -25.97
CA TYR A 134 -16.40 -5.97 -25.78
C TYR A 134 -16.80 -6.29 -24.35
N LEU A 135 -16.24 -5.51 -23.42
CA LEU A 135 -16.49 -5.61 -21.99
C LEU A 135 -17.99 -5.47 -21.73
N LYS A 136 -18.61 -4.56 -22.47
CA LYS A 136 -20.05 -4.33 -22.44
C LYS A 136 -20.81 -5.61 -22.73
N GLN A 137 -20.41 -6.30 -23.78
CA GLN A 137 -21.08 -7.52 -24.21
C GLN A 137 -20.82 -8.64 -23.20
N SER A 138 -19.62 -8.67 -22.70
CA SER A 138 -19.22 -9.63 -21.70
C SER A 138 -20.03 -9.42 -20.40
N LEU A 139 -20.24 -8.16 -20.05
CA LEU A 139 -21.02 -7.78 -18.87
C LEU A 139 -22.50 -8.04 -19.13
N GLY A 140 -22.94 -7.73 -20.34
CA GLY A 140 -24.32 -7.93 -20.76
C GLY A 140 -24.76 -9.38 -20.67
N GLU A 141 -23.81 -10.28 -20.80
CA GLU A 141 -24.07 -11.72 -20.68
C GLU A 141 -24.54 -12.04 -19.24
N LEU A 142 -24.09 -11.26 -18.29
CA LEU A 142 -24.44 -11.47 -16.89
C LEU A 142 -25.69 -10.70 -16.51
N LEU A 143 -25.91 -9.59 -17.19
CA LEU A 143 -27.03 -8.72 -16.87
C LEU A 143 -28.28 -9.20 -17.58
N PHE A 144 -28.07 -9.82 -18.75
CA PHE A 144 -29.14 -10.34 -19.63
C PHE A 144 -29.84 -9.21 -20.39
N LEU A 145 -30.07 -8.12 -19.71
CA LEU A 145 -30.66 -6.95 -20.29
C LEU A 145 -29.63 -5.84 -20.29
N ASP A 146 -29.57 -5.13 -21.38
CA ASP A 146 -28.63 -4.03 -21.53
C ASP A 146 -29.15 -2.83 -20.85
N PRO A 147 -28.29 -2.14 -20.09
CA PRO A 147 -28.60 -0.84 -19.52
C PRO A 147 -28.88 0.16 -20.64
N GLY A 148 -28.29 -0.10 -21.80
CA GLY A 148 -28.54 0.69 -23.00
C GLY A 148 -27.46 1.70 -23.23
N GLN A 149 -27.11 2.37 -22.19
CA GLN A 149 -26.13 3.43 -22.27
C GLN A 149 -24.84 3.01 -21.58
N LEU A 150 -24.99 2.50 -20.37
CA LEU A 150 -23.89 2.13 -19.49
C LEU A 150 -23.08 3.36 -19.11
N ARG A 151 -21.95 3.13 -18.42
CA ARG A 151 -21.04 4.19 -17.90
C ARG A 151 -21.66 4.93 -16.70
N SER A 152 -22.87 5.36 -16.87
CA SER A 152 -23.64 5.98 -15.86
C SER A 152 -24.41 4.87 -15.13
N GLY A 153 -24.09 4.66 -13.89
CA GLY A 153 -24.70 3.57 -13.15
C GLY A 153 -23.87 2.34 -13.36
N ALA A 154 -22.59 2.49 -13.13
CA ALA A 154 -21.64 1.43 -13.36
C ALA A 154 -21.31 0.70 -12.07
N GLN A 155 -22.16 0.86 -11.09
CA GLN A 155 -22.00 0.17 -9.85
C GLN A 155 -22.88 -1.07 -9.89
N PHE A 156 -22.35 -2.12 -10.48
CA PHE A 156 -23.08 -3.37 -10.58
C PHE A 156 -22.98 -4.14 -9.28
N LEU A 157 -22.16 -3.60 -8.37
CA LEU A 157 -21.98 -4.09 -7.00
C LEU A 157 -23.34 -4.10 -6.28
N ASP A 158 -24.23 -3.24 -6.76
CA ASP A 158 -25.55 -3.01 -6.16
C ASP A 158 -26.54 -4.14 -6.50
N LEU A 159 -26.11 -5.06 -7.35
CA LEU A 159 -26.96 -6.18 -7.76
C LEU A 159 -26.88 -7.32 -6.74
N GLY A 160 -26.28 -7.05 -5.62
CA GLY A 160 -26.20 -8.02 -4.56
C GLY A 160 -25.03 -8.96 -4.71
N MET A 161 -25.29 -10.13 -5.28
CA MET A 161 -24.27 -11.15 -5.43
C MET A 161 -23.43 -10.87 -6.66
N ASP A 162 -22.72 -9.83 -6.57
CA ASP A 162 -21.91 -9.33 -7.65
C ASP A 162 -20.49 -9.86 -7.58
N SER A 163 -19.88 -9.80 -6.40
CA SER A 163 -18.49 -10.21 -6.22
C SER A 163 -18.27 -11.69 -6.59
N VAL A 164 -19.27 -12.51 -6.31
CA VAL A 164 -19.19 -13.94 -6.61
C VAL A 164 -19.15 -14.17 -8.12
N THR A 165 -20.10 -13.60 -8.83
CA THR A 165 -20.16 -13.78 -10.27
C THR A 165 -19.01 -12.99 -10.94
N GLY A 166 -18.59 -11.89 -10.29
CA GLY A 166 -17.54 -11.07 -10.80
C GLY A 166 -16.23 -11.79 -10.83
N THR A 167 -16.06 -12.75 -9.92
CA THR A 167 -14.86 -13.54 -9.89
C THR A 167 -14.68 -14.33 -11.20
N GLN A 168 -15.76 -14.97 -11.62
CA GLN A 168 -15.79 -15.75 -12.85
C GLN A 168 -15.55 -14.82 -14.06
N TRP A 169 -16.30 -13.73 -14.09
CA TRP A 169 -16.21 -12.72 -15.14
C TRP A 169 -14.81 -12.13 -15.24
N MET A 170 -14.26 -11.71 -14.11
CA MET A 170 -12.95 -11.06 -14.03
C MET A 170 -11.87 -11.93 -14.63
N ARG A 171 -11.84 -13.19 -14.25
CA ARG A 171 -10.84 -14.09 -14.76
C ARG A 171 -11.05 -14.39 -16.24
N GLY A 172 -12.31 -14.48 -16.64
CA GLY A 172 -12.63 -14.74 -18.03
C GLY A 172 -12.18 -13.61 -18.95
N VAL A 173 -12.49 -12.37 -18.57
CA VAL A 173 -12.16 -11.22 -19.39
C VAL A 173 -10.65 -10.97 -19.41
N SER A 174 -10.02 -11.11 -18.27
CA SER A 174 -8.60 -10.84 -18.17
C SER A 174 -7.79 -11.79 -19.05
N ARG A 175 -8.22 -13.05 -19.12
CA ARG A 175 -7.56 -14.05 -19.97
C ARG A 175 -7.75 -13.72 -21.45
N HIS A 176 -8.82 -13.00 -21.76
CA HIS A 176 -9.08 -12.60 -23.13
C HIS A 176 -8.21 -11.41 -23.50
N PHE A 177 -7.91 -10.56 -22.53
CA PHE A 177 -7.06 -9.39 -22.78
C PHE A 177 -5.59 -9.70 -22.44
N SER A 178 -5.35 -10.97 -22.12
CA SER A 178 -4.02 -11.51 -21.80
C SER A 178 -3.38 -10.77 -20.61
N ILE A 179 -4.19 -10.47 -19.62
CA ILE A 179 -3.74 -9.73 -18.43
C ILE A 179 -4.21 -10.47 -17.18
N GLN A 180 -3.54 -10.25 -16.09
CA GLN A 180 -3.88 -10.89 -14.83
C GLN A 180 -4.62 -9.91 -13.92
N LEU A 181 -5.90 -10.14 -13.74
CA LEU A 181 -6.74 -9.27 -12.91
C LEU A 181 -7.45 -10.07 -11.86
N ALA A 182 -7.27 -9.68 -10.62
CA ALA A 182 -7.94 -10.31 -9.49
C ALA A 182 -9.30 -9.67 -9.31
N ALA A 183 -10.28 -10.48 -8.93
CA ALA A 183 -11.68 -10.03 -8.81
C ALA A 183 -11.88 -9.11 -7.63
N ASP A 184 -10.88 -9.04 -6.78
CA ASP A 184 -10.86 -8.15 -5.64
C ASP A 184 -10.76 -6.70 -6.12
N ALA A 185 -10.44 -6.54 -7.40
CA ALA A 185 -10.30 -5.24 -8.05
C ALA A 185 -11.63 -4.50 -8.14
N ILE A 186 -12.77 -5.20 -7.95
CA ILE A 186 -14.07 -4.51 -7.98
C ILE A 186 -14.25 -3.64 -6.73
N TYR A 187 -13.30 -3.73 -5.83
CA TYR A 187 -13.28 -2.94 -4.62
C TYR A 187 -12.18 -1.90 -4.70
N THR A 188 -11.47 -1.91 -5.81
CA THR A 188 -10.40 -0.99 -6.06
C THR A 188 -10.95 0.19 -6.88
N TRP A 189 -12.04 -0.06 -7.59
CA TRP A 189 -12.68 0.95 -8.39
C TRP A 189 -14.13 1.06 -7.96
N PRO A 190 -14.68 2.29 -7.86
CA PRO A 190 -16.08 2.51 -7.42
C PRO A 190 -17.09 2.10 -8.51
N THR A 191 -16.60 1.94 -9.71
CA THR A 191 -17.40 1.56 -10.82
C THR A 191 -16.68 0.51 -11.63
N LEU A 192 -17.43 -0.43 -12.17
CA LEU A 192 -16.88 -1.56 -12.93
C LEU A 192 -16.29 -1.08 -14.26
N LYS A 193 -16.80 0.04 -14.74
CA LYS A 193 -16.34 0.67 -15.99
C LYS A 193 -14.86 1.06 -15.92
N SER A 194 -14.35 1.18 -14.71
CA SER A 194 -13.00 1.60 -14.47
C SER A 194 -11.98 0.53 -14.88
N LEU A 195 -12.45 -0.69 -15.16
CA LEU A 195 -11.57 -1.72 -15.69
C LEU A 195 -11.11 -1.29 -17.07
N ALA A 196 -12.04 -0.74 -17.84
CA ALA A 196 -11.74 -0.24 -19.16
C ALA A 196 -10.80 0.96 -19.08
N ASP A 197 -10.78 1.64 -17.96
CA ASP A 197 -9.93 2.81 -17.80
C ASP A 197 -8.48 2.40 -17.51
N GLU A 198 -8.32 1.22 -16.93
CA GLU A 198 -7.00 0.70 -16.57
C GLU A 198 -6.42 -0.10 -17.76
N VAL A 199 -7.32 -0.75 -18.50
CA VAL A 199 -6.97 -1.70 -19.55
C VAL A 199 -5.99 -1.16 -20.61
N ASP A 200 -6.08 0.13 -20.96
CA ASP A 200 -5.18 0.71 -21.99
C ASP A 200 -3.73 0.51 -21.60
N ARG A 201 -3.43 0.89 -20.38
CA ARG A 201 -2.08 0.82 -19.84
C ARG A 201 -1.66 -0.63 -19.57
N ARG A 202 -2.63 -1.47 -19.37
CA ARG A 202 -2.34 -2.84 -19.02
C ARG A 202 -2.09 -3.68 -20.28
N VAL A 203 -2.94 -3.54 -21.28
CA VAL A 203 -2.80 -4.28 -22.54
C VAL A 203 -1.76 -3.65 -23.48
N GLN A 204 -1.76 -2.35 -23.57
CA GLN A 204 -0.84 -1.64 -24.44
C GLN A 204 0.32 -1.12 -23.63
N VAL A 22 -2.21 11.25 23.35
CA VAL A 22 -1.74 10.56 22.14
C VAL A 22 -2.11 11.38 20.94
N ALA A 23 -1.82 10.85 19.77
CA ALA A 23 -2.13 11.43 18.50
C ALA A 23 -1.96 10.34 17.49
N ASP A 24 -2.08 10.61 16.22
CA ASP A 24 -1.84 9.57 15.19
C ASP A 24 -0.42 9.04 15.32
N ASP A 25 0.47 9.95 15.62
CA ASP A 25 1.88 9.68 15.78
C ASP A 25 2.19 9.27 17.22
N GLU A 26 1.23 8.61 17.87
CA GLU A 26 1.40 8.13 19.24
C GLU A 26 2.52 7.10 19.32
N CYS A 27 2.71 6.40 18.21
CA CYS A 27 3.69 5.36 18.10
C CYS A 27 5.08 5.95 18.33
N ALA A 28 5.41 6.97 17.56
CA ALA A 28 6.71 7.61 17.67
C ALA A 28 6.87 8.28 19.02
N GLN A 29 5.85 8.97 19.47
CA GLN A 29 5.88 9.65 20.77
C GLN A 29 6.19 8.67 21.90
N PHE A 30 5.45 7.55 21.95
CA PHE A 30 5.65 6.56 23.01
C PHE A 30 7.04 5.94 22.92
N LEU A 31 7.49 5.69 21.71
CA LEU A 31 8.79 5.09 21.48
C LEU A 31 9.91 6.05 21.89
N ARG A 32 9.75 7.32 21.56
CA ARG A 32 10.72 8.35 21.97
C ARG A 32 10.67 8.53 23.49
N GLN A 33 9.46 8.49 24.04
CA GLN A 33 9.19 8.63 25.47
C GLN A 33 9.89 7.53 26.28
N SER A 34 9.62 6.29 25.91
CA SER A 34 10.16 5.14 26.62
C SER A 34 11.68 5.04 26.50
N LEU A 35 12.18 5.26 25.29
CA LEU A 35 13.60 5.19 25.03
C LEU A 35 14.35 6.27 25.79
N ALA A 36 13.81 7.48 25.76
CA ALA A 36 14.41 8.57 26.49
C ALA A 36 14.39 8.30 28.00
N ALA A 37 13.26 7.79 28.49
CA ALA A 37 13.09 7.50 29.91
C ALA A 37 14.13 6.48 30.39
N MET A 38 14.25 5.40 29.66
CA MET A 38 15.20 4.33 30.04
C MET A 38 16.65 4.76 29.90
N LEU A 39 16.92 5.71 29.01
CA LEU A 39 18.28 6.20 28.81
C LEU A 39 18.53 7.46 29.65
N TYR A 40 17.56 7.82 30.49
CA TYR A 40 17.62 8.96 31.40
C TYR A 40 17.81 10.28 30.63
N CYS A 41 17.09 10.41 29.57
CA CYS A 41 17.15 11.56 28.70
C CYS A 41 15.74 12.09 28.44
N GLU A 42 15.66 13.23 27.82
CA GLU A 42 14.41 13.83 27.43
C GLU A 42 14.26 13.73 25.93
N PRO A 43 13.06 13.34 25.44
CA PRO A 43 12.79 13.17 24.01
C PRO A 43 12.82 14.48 23.24
N GLY A 44 12.82 15.58 23.95
CA GLY A 44 12.95 16.87 23.34
C GLY A 44 14.40 17.28 23.19
N GLN A 45 15.29 16.58 23.89
CA GLN A 45 16.70 16.93 23.83
C GLN A 45 17.45 16.07 22.83
N ILE A 46 17.20 14.79 22.82
CA ILE A 46 17.86 13.94 21.85
C ILE A 46 17.23 14.17 20.47
N ARG A 47 18.07 14.22 19.47
CA ARG A 47 17.67 14.74 18.16
C ARG A 47 17.25 13.63 17.20
N ASP A 48 16.56 14.07 16.14
CA ASP A 48 16.05 13.22 15.04
C ASP A 48 17.19 12.57 14.25
N GLY A 49 18.39 13.01 14.52
CA GLY A 49 19.56 12.43 13.91
C GLY A 49 20.43 11.66 14.91
N SER A 50 19.97 11.49 16.15
CA SER A 50 20.74 10.76 17.15
C SER A 50 20.77 9.26 16.84
N ARG A 51 21.96 8.76 16.63
CA ARG A 51 22.15 7.35 16.35
C ARG A 51 22.32 6.54 17.63
N PHE A 52 21.89 5.28 17.64
CA PHE A 52 21.89 4.42 18.86
C PHE A 52 23.21 4.46 19.61
N LEU A 53 24.28 4.42 18.84
CA LEU A 53 25.65 4.42 19.32
C LEU A 53 25.92 5.62 20.24
N GLU A 54 25.37 6.77 19.91
CA GLU A 54 25.60 7.96 20.70
C GLU A 54 24.51 8.16 21.74
N LEU A 55 23.49 7.35 21.67
CA LEU A 55 22.41 7.39 22.64
C LEU A 55 22.74 6.51 23.83
N GLY A 56 23.71 5.64 23.64
CA GLY A 56 24.15 4.75 24.68
C GLY A 56 23.24 3.55 24.78
N LEU A 57 22.63 3.19 23.68
CA LEU A 57 21.75 2.05 23.65
C LEU A 57 22.61 0.80 23.54
N ASP A 58 22.21 -0.27 24.19
CA ASP A 58 22.99 -1.50 24.18
C ASP A 58 22.06 -2.64 23.82
N SER A 59 22.59 -3.82 23.51
CA SER A 59 21.80 -4.96 23.16
C SER A 59 20.79 -5.27 24.27
N VAL A 60 21.26 -5.24 25.54
CA VAL A 60 20.36 -5.48 26.68
C VAL A 60 19.20 -4.50 26.73
N ILE A 61 19.55 -3.25 26.73
CA ILE A 61 18.62 -2.14 26.77
C ILE A 61 17.64 -2.21 25.58
N ALA A 62 18.18 -2.46 24.39
CA ALA A 62 17.40 -2.56 23.16
C ALA A 62 16.48 -3.76 23.22
N ALA A 63 16.97 -4.87 23.75
CA ALA A 63 16.22 -6.11 23.87
C ALA A 63 14.96 -5.93 24.68
N GLN A 64 15.05 -5.13 25.71
CA GLN A 64 13.91 -4.85 26.54
C GLN A 64 12.88 -4.00 25.80
N TRP A 65 13.37 -2.96 25.17
CA TRP A 65 12.60 -2.03 24.42
C TRP A 65 11.92 -2.67 23.20
N ILE A 66 12.70 -3.41 22.40
CA ILE A 66 12.20 -4.01 21.18
C ILE A 66 11.05 -5.00 21.50
N ARG A 67 11.18 -5.72 22.60
CA ARG A 67 10.15 -6.63 23.03
C ARG A 67 8.93 -5.88 23.59
N GLU A 68 9.12 -4.67 24.12
CA GLU A 68 8.00 -3.83 24.59
C GLU A 68 7.20 -3.37 23.36
N ILE A 69 7.94 -3.10 22.29
CA ILE A 69 7.36 -2.74 21.01
C ILE A 69 6.48 -3.89 20.50
N ASN A 70 7.03 -5.09 20.53
CA ASN A 70 6.31 -6.32 20.11
C ASN A 70 5.08 -6.54 20.96
N LYS A 71 5.22 -6.23 22.22
CA LYS A 71 4.24 -6.43 23.26
C LYS A 71 3.03 -5.53 23.05
N HIS A 72 3.26 -4.26 23.03
CA HIS A 72 2.15 -3.33 22.94
C HIS A 72 1.68 -3.08 21.50
N TYR A 73 2.56 -3.21 20.54
CA TYR A 73 2.18 -2.92 19.16
C TYR A 73 1.73 -4.16 18.41
N GLN A 74 1.78 -5.33 19.11
CA GLN A 74 1.39 -6.66 18.59
C GLN A 74 1.94 -6.91 17.19
N LEU A 75 3.18 -6.55 17.00
CA LEU A 75 3.81 -6.59 15.70
C LEU A 75 4.98 -7.56 15.75
N LYS A 76 4.97 -8.50 14.83
CA LYS A 76 5.98 -9.52 14.74
C LYS A 76 7.16 -9.02 13.88
N ILE A 77 8.21 -8.49 14.50
CA ILE A 77 9.35 -8.02 13.78
C ILE A 77 10.62 -8.71 14.30
N PRO A 78 11.67 -8.82 13.48
CA PRO A 78 12.97 -9.37 13.93
C PRO A 78 13.60 -8.41 14.94
N ALA A 79 13.97 -8.96 16.10
CA ALA A 79 14.50 -8.19 17.22
C ALA A 79 15.77 -7.43 16.87
N ASP A 80 16.58 -8.00 15.99
CA ASP A 80 17.83 -7.32 15.60
C ASP A 80 17.59 -6.36 14.45
N GLY A 81 16.38 -6.35 13.93
CA GLY A 81 15.99 -5.48 12.83
C GLY A 81 15.97 -4.02 13.22
N ILE A 82 16.03 -3.75 14.52
CA ILE A 82 16.07 -2.43 15.04
C ILE A 82 17.30 -1.65 14.50
N TYR A 83 18.37 -2.37 14.20
CA TYR A 83 19.62 -1.76 13.74
C TYR A 83 19.59 -1.41 12.25
N THR A 84 18.47 -1.69 11.58
CA THR A 84 18.34 -1.36 10.18
C THR A 84 18.20 0.17 10.01
N TYR A 85 17.70 0.81 11.04
CA TYR A 85 17.63 2.24 11.12
C TYR A 85 18.38 2.65 12.36
N PRO A 86 19.63 3.11 12.22
CA PRO A 86 20.50 3.43 13.37
C PRO A 86 20.04 4.64 14.18
N VAL A 87 18.97 5.26 13.75
CA VAL A 87 18.42 6.43 14.39
C VAL A 87 17.03 6.06 14.90
N PHE A 88 16.86 6.19 16.22
CA PHE A 88 15.66 5.77 16.95
C PHE A 88 14.38 6.40 16.40
N LYS A 89 14.44 7.67 16.05
CA LYS A 89 13.29 8.36 15.58
C LYS A 89 12.95 7.95 14.13
N ALA A 90 13.96 7.57 13.37
CA ALA A 90 13.76 7.17 11.97
C ALA A 90 13.22 5.74 11.91
N PHE A 91 13.59 4.94 12.90
CA PHE A 91 13.18 3.54 13.02
C PHE A 91 11.64 3.35 13.02
N THR A 92 10.89 4.39 13.40
CA THR A 92 9.43 4.32 13.43
C THR A 92 8.82 3.94 12.08
N GLN A 93 9.57 4.19 10.99
CA GLN A 93 9.16 3.82 9.65
C GLN A 93 8.80 2.34 9.59
N TRP A 94 9.53 1.52 10.36
CA TRP A 94 9.28 0.07 10.46
C TRP A 94 7.84 -0.20 10.81
N VAL A 95 7.42 0.33 11.94
CA VAL A 95 6.14 0.12 12.46
C VAL A 95 5.10 0.83 11.58
N GLY A 96 5.39 2.07 11.21
CA GLY A 96 4.48 2.88 10.41
C GLY A 96 4.07 2.21 9.11
N THR A 97 5.03 1.68 8.37
CA THR A 97 4.72 1.07 7.10
C THR A 97 4.15 -0.35 7.27
N GLN A 98 4.35 -0.95 8.45
CA GLN A 98 3.80 -2.28 8.66
C GLN A 98 2.39 -2.23 9.24
N LEU A 99 2.00 -1.06 9.71
CA LEU A 99 0.62 -0.83 10.12
C LEU A 99 -0.24 -0.81 8.86
N GLN A 100 0.24 -0.07 7.90
CA GLN A 100 -0.35 0.03 6.59
C GLN A 100 0.74 0.55 5.68
N PRO A 101 0.96 -0.06 4.47
CA PRO A 101 2.09 0.27 3.55
C PRO A 101 2.34 1.78 3.44
N THR A 102 1.24 2.53 3.32
CA THR A 102 1.23 3.98 3.28
C THR A 102 2.22 4.59 2.31
N GLN A 103 2.00 4.32 1.03
CA GLN A 103 2.82 4.88 0.00
C GLN A 103 2.14 6.14 -0.54
N ALA A 104 2.26 7.20 0.21
CA ALA A 104 1.67 8.46 -0.19
C ALA A 104 2.69 9.30 -0.93
N THR A 105 3.93 8.88 -0.87
CA THR A 105 5.00 9.56 -1.50
C THR A 105 5.08 9.16 -2.98
N ALA A 106 4.23 9.77 -3.76
CA ALA A 106 4.17 9.51 -5.18
C ALA A 106 5.41 10.08 -5.84
N ALA A 107 6.05 9.28 -6.64
CA ALA A 107 7.22 9.68 -7.35
C ALA A 107 6.83 10.70 -8.40
N PRO A 108 7.59 11.79 -8.56
CA PRO A 108 7.28 12.86 -9.53
C PRO A 108 7.54 12.44 -10.98
N VAL A 109 6.97 11.33 -11.35
CA VAL A 109 7.13 10.74 -12.63
C VAL A 109 5.93 9.80 -12.92
N GLN A 110 5.13 10.18 -13.88
CA GLN A 110 3.91 9.44 -14.17
C GLN A 110 3.93 8.86 -15.58
N ARG A 111 5.08 8.86 -16.17
CA ARG A 111 5.27 8.33 -17.48
C ARG A 111 6.70 7.92 -17.62
N GLU A 112 7.03 7.36 -18.73
CA GLU A 112 8.38 7.02 -19.02
C GLU A 112 8.98 8.17 -19.79
N PRO A 113 10.22 8.60 -19.47
CA PRO A 113 10.92 9.60 -20.26
C PRO A 113 11.04 9.09 -21.69
N VAL A 114 10.31 9.74 -22.60
CA VAL A 114 10.15 9.28 -23.97
C VAL A 114 9.28 8.03 -23.94
N ALA A 115 8.00 8.24 -23.82
CA ALA A 115 7.07 7.15 -23.65
C ALA A 115 6.60 6.63 -24.99
N THR A 116 7.21 5.56 -25.42
CA THR A 116 6.84 4.92 -26.64
C THR A 116 5.66 3.99 -26.38
N ALA A 117 4.48 4.51 -26.52
CA ALA A 117 3.28 3.79 -26.22
C ALA A 117 2.14 4.30 -27.09
N PRO A 118 1.67 3.48 -28.03
CA PRO A 118 0.58 3.86 -28.92
C PRO A 118 -0.79 3.68 -28.26
N GLN A 119 -0.85 3.94 -26.98
CA GLN A 119 -2.04 3.78 -26.20
C GLN A 119 -2.46 5.13 -25.63
N PRO A 120 -3.65 5.63 -26.03
CA PRO A 120 -4.19 6.90 -25.54
C PRO A 120 -4.34 6.92 -24.02
N GLY A 121 -3.52 7.70 -23.36
CA GLY A 121 -3.58 7.79 -21.92
C GLY A 121 -2.35 7.26 -21.26
N ALA A 122 -1.67 6.34 -21.94
CA ALA A 122 -0.51 5.68 -21.38
C ALA A 122 0.70 6.59 -21.31
N GLN A 123 0.73 7.60 -22.16
CA GLN A 123 1.83 8.55 -22.13
C GLN A 123 1.54 9.64 -21.10
N ALA A 124 0.26 9.87 -20.86
CA ALA A 124 -0.16 10.89 -19.93
C ALA A 124 0.09 10.45 -18.51
N SER A 125 -0.49 9.34 -18.12
CA SER A 125 -0.33 8.82 -16.80
C SER A 125 -0.34 7.30 -16.84
N ALA A 126 0.81 6.74 -16.58
CA ALA A 126 1.06 5.31 -16.65
C ALA A 126 0.16 4.48 -15.75
N GLN A 127 -0.17 5.02 -14.55
CA GLN A 127 -0.96 4.29 -13.56
C GLN A 127 -2.35 3.91 -14.10
N ARG A 128 -2.85 4.68 -15.07
CA ARG A 128 -4.20 4.47 -15.59
C ARG A 128 -4.28 3.21 -16.43
N GLU A 129 -3.33 3.07 -17.35
CA GLU A 129 -3.29 1.96 -18.29
C GLU A 129 -3.05 0.64 -17.54
N SER A 130 -2.37 0.76 -16.41
CA SER A 130 -2.10 -0.36 -15.53
C SER A 130 -3.40 -0.93 -14.92
N ILE A 131 -4.42 -0.09 -14.75
CA ILE A 131 -5.67 -0.57 -14.20
C ILE A 131 -6.48 -1.22 -15.31
N GLN A 132 -6.32 -0.68 -16.50
CA GLN A 132 -7.02 -1.12 -17.70
C GLN A 132 -6.77 -2.62 -17.95
N ASP A 133 -5.48 -3.01 -18.01
CA ASP A 133 -5.14 -4.42 -18.24
C ASP A 133 -5.52 -5.26 -17.05
N TYR A 134 -5.38 -4.71 -15.86
CA TYR A 134 -5.72 -5.42 -14.64
C TYR A 134 -7.19 -5.81 -14.65
N LEU A 135 -8.03 -4.87 -15.01
CA LEU A 135 -9.46 -5.07 -15.05
C LEU A 135 -9.81 -6.16 -16.05
N LYS A 136 -9.26 -6.05 -17.26
CA LYS A 136 -9.50 -7.01 -18.34
C LYS A 136 -9.06 -8.42 -17.92
N GLN A 137 -7.88 -8.52 -17.36
CA GLN A 137 -7.33 -9.81 -16.94
C GLN A 137 -8.07 -10.38 -15.75
N SER A 138 -8.52 -9.52 -14.85
CA SER A 138 -9.29 -9.98 -13.70
C SER A 138 -10.65 -10.50 -14.12
N LEU A 139 -11.17 -9.97 -15.22
CA LEU A 139 -12.39 -10.48 -15.78
C LEU A 139 -12.13 -11.86 -16.40
N GLY A 140 -11.03 -11.99 -17.14
CA GLY A 140 -10.66 -13.29 -17.74
C GLY A 140 -10.45 -14.35 -16.67
N GLU A 141 -9.80 -13.93 -15.60
CA GLU A 141 -9.55 -14.71 -14.39
C GLU A 141 -10.86 -15.32 -13.87
N LEU A 142 -11.88 -14.52 -13.90
CA LEU A 142 -13.18 -14.89 -13.38
C LEU A 142 -13.98 -15.66 -14.43
N LEU A 143 -13.81 -15.31 -15.67
CA LEU A 143 -14.56 -15.85 -16.76
C LEU A 143 -14.18 -17.27 -17.09
N PHE A 144 -12.90 -17.60 -16.83
CA PHE A 144 -12.30 -18.88 -17.22
C PHE A 144 -12.20 -18.99 -18.73
N LEU A 145 -12.41 -17.88 -19.39
CA LEU A 145 -12.28 -17.77 -20.80
C LEU A 145 -11.21 -16.76 -21.06
N ASP A 146 -10.80 -16.63 -22.27
CA ASP A 146 -9.76 -15.68 -22.61
C ASP A 146 -10.26 -14.28 -22.46
N PRO A 147 -9.51 -13.41 -21.75
CA PRO A 147 -9.91 -12.02 -21.52
C PRO A 147 -9.85 -11.18 -22.81
N GLY A 148 -9.48 -11.82 -23.89
CA GLY A 148 -9.41 -11.14 -25.18
C GLY A 148 -10.63 -11.48 -26.03
N GLN A 149 -11.60 -12.17 -25.44
CA GLN A 149 -12.84 -12.50 -26.15
C GLN A 149 -13.74 -11.26 -26.25
N LEU A 150 -13.45 -10.27 -25.43
CA LEU A 150 -14.19 -9.04 -25.45
C LEU A 150 -13.67 -8.08 -26.51
N ARG A 151 -14.46 -7.08 -26.81
CA ARG A 151 -14.14 -6.11 -27.84
C ARG A 151 -13.31 -4.98 -27.25
N SER A 152 -12.02 -5.27 -27.05
CA SER A 152 -11.00 -4.36 -26.48
C SER A 152 -11.24 -4.11 -24.98
N GLY A 153 -12.47 -3.80 -24.64
CA GLY A 153 -12.89 -3.60 -23.26
C GLY A 153 -14.34 -3.19 -23.26
N ALA A 154 -15.12 -3.80 -24.13
CA ALA A 154 -16.50 -3.41 -24.30
C ALA A 154 -17.35 -4.55 -24.83
N GLN A 155 -17.95 -5.29 -23.92
CA GLN A 155 -18.86 -6.36 -24.27
C GLN A 155 -19.60 -6.84 -23.02
N PHE A 156 -20.90 -6.97 -23.13
CA PHE A 156 -21.76 -7.37 -22.02
C PHE A 156 -21.80 -8.88 -21.76
N LEU A 157 -21.19 -9.65 -22.64
CA LEU A 157 -21.25 -11.11 -22.55
C LEU A 157 -20.26 -11.66 -21.52
N ASP A 158 -19.14 -11.03 -21.43
CA ASP A 158 -18.03 -11.49 -20.60
C ASP A 158 -18.15 -11.05 -19.16
N LEU A 159 -18.63 -9.83 -18.94
CA LEU A 159 -18.74 -9.25 -17.58
C LEU A 159 -19.55 -10.08 -16.56
N GLY A 160 -20.34 -11.02 -17.06
CA GLY A 160 -21.08 -11.88 -16.16
C GLY A 160 -22.51 -12.04 -16.57
N MET A 161 -23.05 -13.22 -16.39
CA MET A 161 -24.43 -13.48 -16.73
C MET A 161 -25.30 -13.42 -15.48
N ASP A 162 -24.66 -13.30 -14.33
CA ASP A 162 -25.37 -13.23 -13.08
C ASP A 162 -24.60 -12.40 -12.06
N SER A 163 -25.39 -11.77 -11.20
CA SER A 163 -24.97 -10.81 -10.19
C SER A 163 -23.81 -11.30 -9.30
N VAL A 164 -23.79 -12.61 -8.98
CA VAL A 164 -22.78 -13.17 -8.06
C VAL A 164 -21.36 -12.91 -8.52
N THR A 165 -21.08 -13.18 -9.79
CA THR A 165 -19.75 -13.02 -10.31
C THR A 165 -19.36 -11.55 -10.35
N GLY A 166 -20.34 -10.70 -10.63
CA GLY A 166 -20.09 -9.28 -10.72
C GLY A 166 -19.77 -8.69 -9.37
N THR A 167 -20.57 -9.04 -8.39
CA THR A 167 -20.37 -8.59 -7.03
C THR A 167 -18.98 -9.01 -6.50
N GLN A 168 -18.62 -10.27 -6.71
CA GLN A 168 -17.32 -10.79 -6.28
C GLN A 168 -16.16 -10.07 -7.00
N TRP A 169 -16.37 -9.77 -8.27
CA TRP A 169 -15.41 -9.06 -9.09
C TRP A 169 -15.27 -7.60 -8.60
N MET A 170 -16.40 -6.95 -8.36
CA MET A 170 -16.42 -5.59 -7.80
C MET A 170 -15.65 -5.52 -6.50
N ARG A 171 -15.93 -6.46 -5.60
CA ARG A 171 -15.26 -6.54 -4.30
C ARG A 171 -13.75 -6.72 -4.49
N GLY A 172 -13.37 -7.55 -5.46
CA GLY A 172 -11.97 -7.79 -5.76
C GLY A 172 -11.25 -6.54 -6.24
N VAL A 173 -11.87 -5.79 -7.12
CA VAL A 173 -11.29 -4.56 -7.64
C VAL A 173 -11.25 -3.51 -6.50
N SER A 174 -12.33 -3.47 -5.74
CA SER A 174 -12.48 -2.54 -4.63
C SER A 174 -11.38 -2.73 -3.58
N ARG A 175 -11.14 -3.98 -3.15
CA ARG A 175 -10.12 -4.26 -2.12
C ARG A 175 -8.70 -4.06 -2.66
N HIS A 176 -8.55 -4.10 -3.96
CA HIS A 176 -7.24 -3.97 -4.55
C HIS A 176 -6.87 -2.51 -4.67
N PHE A 177 -7.73 -1.72 -5.24
CA PHE A 177 -7.40 -0.32 -5.51
C PHE A 177 -7.87 0.61 -4.41
N SER A 178 -8.54 0.04 -3.40
CA SER A 178 -9.02 0.77 -2.23
C SER A 178 -10.06 1.84 -2.62
N ILE A 179 -10.90 1.47 -3.56
CA ILE A 179 -11.92 2.35 -4.09
C ILE A 179 -13.28 1.81 -3.71
N GLN A 180 -14.27 2.66 -3.71
CA GLN A 180 -15.62 2.29 -3.35
C GLN A 180 -16.35 1.81 -4.59
N LEU A 181 -16.56 0.52 -4.69
CA LEU A 181 -17.30 -0.03 -5.80
C LEU A 181 -18.50 -0.80 -5.34
N ALA A 182 -19.62 -0.26 -5.66
CA ALA A 182 -20.89 -0.84 -5.38
C ALA A 182 -21.09 -2.04 -6.31
N ALA A 183 -21.88 -3.00 -5.85
CA ALA A 183 -22.16 -4.23 -6.61
C ALA A 183 -23.05 -3.90 -7.81
N ASP A 184 -23.59 -2.71 -7.78
CA ASP A 184 -24.38 -2.11 -8.84
C ASP A 184 -23.53 -1.76 -10.06
N ALA A 185 -22.19 -1.89 -9.93
CA ALA A 185 -21.24 -1.47 -10.98
C ALA A 185 -21.39 -2.16 -12.35
N ILE A 186 -22.33 -3.05 -12.47
CA ILE A 186 -22.64 -3.65 -13.77
C ILE A 186 -23.82 -2.93 -14.44
N TYR A 187 -24.35 -1.88 -13.82
CA TYR A 187 -25.56 -1.23 -14.36
C TYR A 187 -25.28 -0.05 -15.27
N THR A 188 -24.91 1.11 -14.71
CA THR A 188 -24.70 2.31 -15.54
C THR A 188 -23.33 2.28 -16.25
N TRP A 189 -22.71 1.13 -16.24
CA TRP A 189 -21.43 0.96 -16.80
C TRP A 189 -21.59 -0.10 -17.89
N PRO A 190 -21.88 0.33 -19.13
CA PRO A 190 -22.20 -0.59 -20.22
C PRO A 190 -21.00 -1.37 -20.73
N THR A 191 -19.84 -0.79 -20.61
CA THR A 191 -18.65 -1.42 -21.08
C THR A 191 -17.63 -1.48 -19.96
N LEU A 192 -16.52 -2.15 -20.20
CA LEU A 192 -15.48 -2.25 -19.19
C LEU A 192 -14.70 -0.95 -19.15
N LYS A 193 -14.79 -0.24 -20.26
CA LYS A 193 -14.14 1.05 -20.48
C LYS A 193 -14.68 2.09 -19.52
N SER A 194 -15.97 1.97 -19.20
CA SER A 194 -16.64 2.89 -18.31
C SER A 194 -16.00 2.83 -16.92
N LEU A 195 -15.76 1.62 -16.44
CA LEU A 195 -15.20 1.42 -15.13
C LEU A 195 -13.73 1.86 -15.12
N ALA A 196 -13.01 1.55 -16.19
CA ALA A 196 -11.61 1.97 -16.36
C ALA A 196 -11.48 3.50 -16.42
N ASP A 197 -12.50 4.15 -16.93
CA ASP A 197 -12.49 5.59 -17.01
C ASP A 197 -12.87 6.19 -15.64
N GLU A 198 -13.67 5.46 -14.90
CA GLU A 198 -14.18 5.93 -13.64
C GLU A 198 -13.18 5.73 -12.50
N VAL A 199 -12.45 4.62 -12.53
CA VAL A 199 -11.43 4.35 -11.51
C VAL A 199 -10.39 5.49 -11.45
N ASP A 200 -9.96 5.96 -12.60
CA ASP A 200 -8.97 7.03 -12.68
C ASP A 200 -9.58 8.34 -12.26
N ARG A 201 -10.87 8.48 -12.48
CA ARG A 201 -11.60 9.68 -12.11
C ARG A 201 -11.65 9.77 -10.57
N ARG A 202 -11.58 8.61 -9.95
CA ARG A 202 -11.56 8.46 -8.49
C ARG A 202 -10.13 8.66 -7.96
N VAL A 203 -9.18 7.97 -8.58
CA VAL A 203 -7.77 8.01 -8.16
C VAL A 203 -7.10 9.37 -8.45
N GLN A 204 -7.35 9.91 -9.61
CA GLN A 204 -6.74 11.15 -10.04
C GLN A 204 -7.79 12.24 -10.10
N VAL A 22 11.37 14.43 4.07
CA VAL A 22 11.01 15.75 3.56
C VAL A 22 10.82 16.75 4.75
N ALA A 23 10.76 16.21 5.99
CA ALA A 23 10.63 16.99 7.25
C ALA A 23 9.25 17.66 7.40
N ASP A 24 8.33 17.28 6.56
CA ASP A 24 6.96 17.81 6.62
C ASP A 24 6.02 16.79 7.26
N ASP A 25 6.59 15.85 8.07
CA ASP A 25 5.81 14.80 8.78
C ASP A 25 5.20 13.83 7.77
N GLU A 26 5.77 13.79 6.55
CA GLU A 26 5.23 13.00 5.47
C GLU A 26 5.30 11.51 5.79
N CYS A 27 6.41 11.09 6.38
CA CYS A 27 6.61 9.71 6.73
C CYS A 27 5.55 9.24 7.72
N ALA A 28 5.26 10.07 8.71
CA ALA A 28 4.22 9.73 9.68
C ALA A 28 2.87 9.68 8.99
N GLN A 29 2.63 10.63 8.07
CA GLN A 29 1.37 10.67 7.31
C GLN A 29 1.15 9.38 6.56
N PHE A 30 2.14 8.99 5.79
CA PHE A 30 2.06 7.79 4.99
C PHE A 30 1.92 6.55 5.85
N LEU A 31 2.73 6.44 6.89
CA LEU A 31 2.71 5.27 7.74
C LEU A 31 1.40 5.13 8.52
N ARG A 32 0.81 6.25 8.93
CA ARG A 32 -0.51 6.20 9.59
C ARG A 32 -1.55 5.64 8.65
N GLN A 33 -1.56 6.14 7.43
CA GLN A 33 -2.51 5.71 6.41
C GLN A 33 -2.28 4.24 6.05
N SER A 34 -1.03 3.88 5.94
CA SER A 34 -0.60 2.53 5.64
C SER A 34 -1.13 1.51 6.67
N LEU A 35 -0.75 1.72 7.93
CA LEU A 35 -1.09 0.79 8.98
C LEU A 35 -2.58 0.81 9.30
N ALA A 36 -3.16 2.00 9.33
CA ALA A 36 -4.57 2.12 9.66
C ALA A 36 -5.47 1.49 8.62
N ALA A 37 -5.03 1.50 7.36
CA ALA A 37 -5.85 0.91 6.30
C ALA A 37 -5.97 -0.60 6.47
N MET A 38 -4.88 -1.22 6.89
CA MET A 38 -4.86 -2.69 7.03
C MET A 38 -5.63 -3.14 8.28
N LEU A 39 -5.64 -2.31 9.32
CA LEU A 39 -6.33 -2.66 10.56
C LEU A 39 -7.77 -2.14 10.54
N TYR A 40 -8.03 -1.30 9.55
CA TYR A 40 -9.30 -0.64 9.30
C TYR A 40 -9.63 0.31 10.46
N CYS A 41 -8.66 1.10 10.81
CA CYS A 41 -8.81 2.10 11.82
C CYS A 41 -8.53 3.44 11.16
N GLU A 42 -8.70 4.51 11.88
CA GLU A 42 -8.57 5.82 11.33
C GLU A 42 -7.16 6.39 11.53
N PRO A 43 -6.53 6.90 10.44
CA PRO A 43 -5.16 7.47 10.49
C PRO A 43 -5.08 8.80 11.23
N GLY A 44 -6.22 9.47 11.39
CA GLY A 44 -6.26 10.70 12.14
C GLY A 44 -6.50 10.43 13.59
N GLN A 45 -7.32 9.44 13.84
CA GLN A 45 -7.66 9.03 15.19
C GLN A 45 -6.63 8.01 15.67
N ILE A 46 -5.44 8.51 15.93
CA ILE A 46 -4.32 7.71 16.35
C ILE A 46 -3.56 8.51 17.41
N ARG A 47 -2.89 7.83 18.30
CA ARG A 47 -2.11 8.49 19.31
C ARG A 47 -0.64 8.14 19.07
N ASP A 48 0.21 9.15 19.08
CA ASP A 48 1.64 8.99 18.77
C ASP A 48 2.40 8.41 19.95
N GLY A 49 1.84 8.54 21.12
CA GLY A 49 2.47 8.00 22.32
C GLY A 49 1.98 6.61 22.60
N SER A 50 1.19 6.09 21.69
CA SER A 50 0.63 4.78 21.81
C SER A 50 1.73 3.74 21.59
N ARG A 51 1.70 2.72 22.41
CA ARG A 51 2.61 1.64 22.28
C ARG A 51 2.06 0.70 21.23
N PHE A 52 2.97 0.13 20.43
CA PHE A 52 2.61 -0.78 19.32
C PHE A 52 1.78 -1.99 19.77
N LEU A 53 1.79 -2.25 21.06
CA LEU A 53 0.99 -3.33 21.65
C LEU A 53 -0.50 -2.93 21.59
N GLU A 54 -0.73 -1.63 21.75
CA GLU A 54 -2.06 -1.06 21.75
C GLU A 54 -2.57 -0.96 20.31
N LEU A 55 -1.63 -0.91 19.38
CA LEU A 55 -1.96 -0.90 17.97
C LEU A 55 -2.38 -2.31 17.56
N GLY A 56 -1.69 -3.29 18.13
CA GLY A 56 -2.13 -4.65 18.02
C GLY A 56 -1.60 -5.36 16.82
N LEU A 57 -0.48 -4.94 16.32
CA LEU A 57 0.09 -5.60 15.18
C LEU A 57 0.93 -6.79 15.60
N ASP A 58 0.63 -7.91 15.04
CA ASP A 58 1.35 -9.14 15.32
C ASP A 58 2.64 -9.18 14.58
N SER A 59 3.58 -10.01 14.99
CA SER A 59 4.90 -10.03 14.39
C SER A 59 4.80 -10.25 12.86
N VAL A 60 3.83 -11.06 12.43
CA VAL A 60 3.55 -11.27 11.00
C VAL A 60 3.31 -9.96 10.26
N ILE A 61 2.33 -9.22 10.73
CA ILE A 61 1.98 -7.90 10.20
C ILE A 61 3.17 -6.95 10.30
N ALA A 62 3.88 -7.02 11.43
CA ALA A 62 5.04 -6.17 11.67
C ALA A 62 6.12 -6.44 10.63
N ALA A 63 6.41 -7.71 10.37
CA ALA A 63 7.42 -8.14 9.39
C ALA A 63 7.02 -7.67 7.99
N GLN A 64 5.75 -7.71 7.73
CA GLN A 64 5.20 -7.25 6.47
C GLN A 64 5.36 -5.73 6.31
N TRP A 65 4.92 -5.00 7.31
CA TRP A 65 4.93 -3.57 7.33
C TRP A 65 6.36 -3.03 7.31
N ILE A 66 7.21 -3.62 8.14
CA ILE A 66 8.58 -3.16 8.28
C ILE A 66 9.36 -3.28 6.96
N ARG A 67 9.08 -4.31 6.18
CA ARG A 67 9.77 -4.47 4.93
C ARG A 67 9.14 -3.62 3.85
N GLU A 68 7.91 -3.20 4.04
CA GLU A 68 7.30 -2.34 3.09
C GLU A 68 7.76 -0.91 3.24
N ILE A 69 8.08 -0.49 4.46
CA ILE A 69 8.63 0.86 4.63
C ILE A 69 10.01 0.93 3.97
N ASN A 70 10.70 -0.23 3.99
CA ASN A 70 11.99 -0.40 3.29
C ASN A 70 11.83 -0.22 1.81
N LYS A 71 10.76 -0.78 1.29
CA LYS A 71 10.51 -0.78 -0.13
C LYS A 71 9.97 0.57 -0.58
N HIS A 72 8.99 1.07 0.14
CA HIS A 72 8.32 2.32 -0.20
C HIS A 72 9.25 3.51 -0.09
N TYR A 73 10.15 3.47 0.88
CA TYR A 73 11.04 4.60 1.08
C TYR A 73 12.43 4.40 0.52
N GLN A 74 12.76 3.15 0.15
CA GLN A 74 14.10 2.77 -0.32
C GLN A 74 15.11 3.09 0.78
N LEU A 75 14.75 2.72 1.99
CA LEU A 75 15.49 3.12 3.15
C LEU A 75 15.94 1.92 3.94
N LYS A 76 17.07 2.06 4.60
CA LYS A 76 17.65 1.04 5.42
C LYS A 76 17.31 1.34 6.89
N ILE A 77 16.46 0.56 7.51
CA ILE A 77 16.06 0.78 8.84
C ILE A 77 16.31 -0.44 9.70
N PRO A 78 16.59 -0.28 10.99
CA PRO A 78 16.65 -1.39 11.90
C PRO A 78 15.23 -1.88 12.20
N ALA A 79 14.88 -3.01 11.61
CA ALA A 79 13.56 -3.64 11.69
C ALA A 79 13.10 -3.88 13.13
N ASP A 80 14.06 -4.00 14.04
CA ASP A 80 13.77 -4.27 15.46
C ASP A 80 13.23 -3.01 16.16
N GLY A 81 13.18 -1.90 15.42
CA GLY A 81 12.72 -0.63 15.94
C GLY A 81 11.39 -0.72 16.68
N ILE A 82 10.41 -1.37 16.07
CA ILE A 82 9.07 -1.56 16.65
C ILE A 82 9.12 -2.31 18.00
N TYR A 83 10.08 -3.17 18.15
CA TYR A 83 10.18 -4.00 19.32
C TYR A 83 10.99 -3.33 20.42
N THR A 84 12.07 -2.70 20.04
CA THR A 84 12.94 -2.04 20.98
C THR A 84 12.37 -0.65 21.37
N TYR A 85 11.73 0.01 20.43
CA TYR A 85 11.10 1.30 20.61
C TYR A 85 9.61 1.18 20.26
N PRO A 86 8.81 0.60 21.17
CA PRO A 86 7.41 0.30 20.91
C PRO A 86 6.47 1.50 21.08
N VAL A 87 6.92 2.66 20.69
CA VAL A 87 6.11 3.90 20.77
C VAL A 87 6.16 4.55 19.41
N PHE A 88 4.97 4.81 18.84
CA PHE A 88 4.81 5.28 17.46
C PHE A 88 5.59 6.57 17.15
N LYS A 89 5.61 7.49 18.10
CA LYS A 89 6.37 8.71 17.95
C LYS A 89 7.87 8.41 17.89
N ALA A 90 8.30 7.50 18.74
CA ALA A 90 9.69 7.13 18.81
C ALA A 90 10.11 6.38 17.55
N PHE A 91 9.23 5.53 17.05
CA PHE A 91 9.53 4.76 15.86
C PHE A 91 9.52 5.64 14.61
N THR A 92 8.65 6.63 14.54
CA THR A 92 8.65 7.53 13.41
C THR A 92 9.95 8.35 13.35
N GLN A 93 10.56 8.55 14.52
CA GLN A 93 11.86 9.16 14.59
C GLN A 93 12.93 8.15 14.22
N TRP A 94 12.75 6.93 14.67
CA TRP A 94 13.65 5.84 14.38
C TRP A 94 13.73 5.54 12.87
N VAL A 95 12.64 5.78 12.18
CA VAL A 95 12.64 5.62 10.74
C VAL A 95 13.20 6.89 10.10
N GLY A 96 12.76 8.03 10.61
CA GLY A 96 13.15 9.33 10.06
C GLY A 96 14.62 9.66 10.25
N THR A 97 15.24 9.11 11.28
CA THR A 97 16.64 9.37 11.57
C THR A 97 17.55 8.68 10.56
N GLN A 98 17.00 7.70 9.84
CA GLN A 98 17.75 6.98 8.83
C GLN A 98 17.73 7.79 7.54
N LEU A 99 16.71 8.64 7.42
CA LEU A 99 16.54 9.51 6.28
C LEU A 99 17.55 10.62 6.31
N GLN A 100 18.65 10.39 5.67
CA GLN A 100 19.67 11.38 5.54
C GLN A 100 19.80 11.71 4.05
N PRO A 101 19.00 12.67 3.56
CA PRO A 101 18.96 13.02 2.13
C PRO A 101 20.21 13.74 1.66
N THR A 102 20.91 14.35 2.58
CA THR A 102 22.10 15.09 2.26
C THR A 102 23.33 14.15 2.27
N GLN A 103 23.34 13.25 1.32
CA GLN A 103 24.42 12.28 1.15
C GLN A 103 25.49 12.90 0.26
N ALA A 104 26.42 12.10 -0.21
CA ALA A 104 27.45 12.61 -1.10
C ALA A 104 26.80 12.96 -2.44
N THR A 105 26.05 12.01 -2.96
CA THR A 105 25.34 12.18 -4.19
C THR A 105 23.97 12.85 -3.92
N ALA A 106 24.00 14.13 -3.66
CA ALA A 106 22.82 14.89 -3.35
C ALA A 106 22.85 16.21 -4.10
N ALA A 107 22.65 16.14 -5.39
CA ALA A 107 22.70 17.30 -6.22
C ALA A 107 21.34 17.98 -6.27
N PRO A 108 21.25 19.28 -5.91
CA PRO A 108 19.99 20.04 -5.97
C PRO A 108 19.69 20.49 -7.41
N VAL A 109 19.97 19.63 -8.34
CA VAL A 109 19.78 19.89 -9.75
C VAL A 109 19.47 18.57 -10.45
N GLN A 110 19.09 17.59 -9.65
CA GLN A 110 18.81 16.27 -10.16
C GLN A 110 17.34 16.24 -10.61
N ARG A 111 17.07 16.99 -11.64
CA ARG A 111 15.75 17.06 -12.26
C ARG A 111 15.76 16.38 -13.61
N GLU A 112 16.90 15.84 -13.94
CA GLU A 112 17.10 15.19 -15.21
C GLU A 112 16.64 13.75 -15.08
N PRO A 113 15.85 13.25 -16.04
CA PRO A 113 15.45 11.87 -16.05
C PRO A 113 16.67 10.99 -16.21
N VAL A 114 16.80 10.03 -15.33
CA VAL A 114 17.95 9.16 -15.31
C VAL A 114 18.02 8.29 -16.55
N ALA A 115 19.21 8.19 -17.09
CA ALA A 115 19.46 7.39 -18.29
C ALA A 115 19.67 5.95 -17.88
N THR A 116 19.98 5.78 -16.63
CA THR A 116 20.15 4.50 -16.04
C THR A 116 18.79 3.96 -15.58
N ALA A 117 18.60 2.67 -15.65
CA ALA A 117 17.37 2.06 -15.23
C ALA A 117 17.62 0.96 -14.21
N PRO A 118 17.59 1.30 -12.91
CA PRO A 118 17.76 0.32 -11.83
C PRO A 118 16.57 -0.64 -11.82
N GLN A 119 15.46 -0.18 -12.34
CA GLN A 119 14.27 -0.97 -12.51
C GLN A 119 13.96 -1.09 -13.99
N PRO A 120 14.56 -2.05 -14.70
CA PRO A 120 14.31 -2.26 -16.14
C PRO A 120 12.90 -2.81 -16.38
N GLY A 121 12.29 -3.25 -15.31
CA GLY A 121 10.96 -3.73 -15.35
C GLY A 121 10.07 -2.90 -14.47
N ALA A 122 10.23 -1.58 -14.54
CA ALA A 122 9.40 -0.66 -13.76
C ALA A 122 7.98 -0.75 -14.26
N GLN A 123 7.85 -0.92 -15.56
CA GLN A 123 6.57 -1.12 -16.20
C GLN A 123 6.25 -2.62 -16.14
N ALA A 124 6.07 -3.13 -14.94
CA ALA A 124 5.78 -4.55 -14.73
C ALA A 124 4.30 -4.75 -14.66
N SER A 125 3.70 -4.14 -13.68
CA SER A 125 2.29 -4.18 -13.47
C SER A 125 1.81 -2.75 -13.31
N ALA A 126 2.37 -1.90 -14.15
CA ALA A 126 2.08 -0.50 -14.15
C ALA A 126 0.72 -0.25 -14.72
N GLN A 127 0.25 -1.17 -15.56
CA GLN A 127 -1.09 -1.09 -16.08
C GLN A 127 -2.05 -1.26 -14.94
N ARG A 128 -1.77 -2.27 -14.10
CA ARG A 128 -2.51 -2.53 -12.86
C ARG A 128 -2.58 -1.26 -12.01
N GLU A 129 -1.42 -0.67 -11.76
CA GLU A 129 -1.30 0.53 -10.94
C GLU A 129 -2.14 1.69 -11.49
N SER A 130 -2.01 1.93 -12.77
CA SER A 130 -2.78 2.93 -13.48
C SER A 130 -4.29 2.64 -13.39
N ILE A 131 -4.68 1.40 -13.71
CA ILE A 131 -6.08 0.99 -13.68
C ILE A 131 -6.64 1.07 -12.26
N GLN A 132 -5.82 0.71 -11.29
CA GLN A 132 -6.17 0.72 -9.85
C GLN A 132 -6.82 2.04 -9.44
N ASP A 133 -6.28 3.15 -9.92
CA ASP A 133 -6.80 4.46 -9.54
C ASP A 133 -8.20 4.74 -10.12
N TYR A 134 -8.47 4.16 -11.27
CA TYR A 134 -9.77 4.31 -11.93
C TYR A 134 -10.73 3.25 -11.44
N LEU A 135 -10.20 2.07 -11.20
CA LEU A 135 -10.97 0.94 -10.72
C LEU A 135 -11.46 1.26 -9.32
N LYS A 136 -10.59 1.93 -8.57
CA LYS A 136 -10.86 2.44 -7.22
C LYS A 136 -12.16 3.24 -7.20
N GLN A 137 -12.31 4.08 -8.20
CA GLN A 137 -13.50 4.92 -8.35
C GLN A 137 -14.72 4.05 -8.62
N SER A 138 -14.56 3.11 -9.53
CA SER A 138 -15.63 2.24 -9.96
C SER A 138 -16.07 1.31 -8.80
N LEU A 139 -15.11 0.67 -8.13
CA LEU A 139 -15.42 -0.24 -7.04
C LEU A 139 -15.90 0.52 -5.81
N GLY A 140 -15.34 1.71 -5.60
CA GLY A 140 -15.70 2.54 -4.47
C GLY A 140 -17.14 3.01 -4.56
N GLU A 141 -17.53 3.41 -5.76
CA GLU A 141 -18.89 3.81 -6.07
C GLU A 141 -19.85 2.64 -5.82
N LEU A 142 -19.43 1.49 -6.29
CA LEU A 142 -20.23 0.26 -6.22
C LEU A 142 -20.40 -0.19 -4.78
N LEU A 143 -19.31 -0.16 -4.03
CA LEU A 143 -19.29 -0.59 -2.66
C LEU A 143 -19.91 0.47 -1.73
N PHE A 144 -19.97 1.70 -2.27
CA PHE A 144 -20.54 2.89 -1.62
C PHE A 144 -19.75 3.22 -0.35
N LEU A 145 -18.49 2.93 -0.39
CA LEU A 145 -17.60 3.13 0.73
C LEU A 145 -16.53 4.08 0.21
N ASP A 146 -16.03 4.94 1.09
CA ASP A 146 -14.99 5.89 0.74
C ASP A 146 -13.73 5.17 0.27
N PRO A 147 -13.26 5.44 -0.95
CA PRO A 147 -12.09 4.76 -1.52
C PRO A 147 -10.74 5.13 -0.86
N GLY A 148 -10.77 5.89 0.20
CA GLY A 148 -9.54 6.19 0.93
C GLY A 148 -9.46 5.31 2.15
N GLN A 149 -10.47 4.46 2.28
CA GLN A 149 -10.61 3.58 3.39
C GLN A 149 -10.75 2.15 2.85
N LEU A 150 -10.01 1.91 1.79
CA LEU A 150 -9.98 0.61 1.14
C LEU A 150 -9.36 -0.42 2.05
N ARG A 151 -10.09 -1.49 2.31
CA ARG A 151 -9.61 -2.60 3.13
C ARG A 151 -8.40 -3.24 2.42
N SER A 152 -7.42 -3.74 3.15
CA SER A 152 -6.19 -4.25 2.54
C SER A 152 -6.49 -5.38 1.54
N GLY A 153 -7.06 -6.47 2.03
CA GLY A 153 -7.39 -7.58 1.15
C GLY A 153 -8.71 -7.32 0.45
N ALA A 154 -9.73 -7.11 1.28
CA ALA A 154 -11.09 -6.76 0.86
C ALA A 154 -11.81 -7.93 0.22
N GLN A 155 -12.85 -8.39 0.87
CA GLN A 155 -13.68 -9.45 0.36
C GLN A 155 -14.41 -8.97 -0.89
N PHE A 156 -14.09 -9.61 -2.00
CA PHE A 156 -14.60 -9.30 -3.31
C PHE A 156 -16.14 -9.36 -3.33
N LEU A 157 -16.69 -10.34 -2.62
CA LEU A 157 -18.14 -10.58 -2.58
C LEU A 157 -18.87 -9.66 -1.61
N ASP A 158 -18.14 -8.80 -0.91
CA ASP A 158 -18.75 -7.93 0.14
C ASP A 158 -19.58 -6.84 -0.52
N LEU A 159 -19.38 -6.67 -1.81
CA LEU A 159 -20.02 -5.63 -2.61
C LEU A 159 -21.55 -5.79 -2.68
N GLY A 160 -22.05 -6.94 -2.30
CA GLY A 160 -23.46 -7.20 -2.31
C GLY A 160 -23.75 -8.66 -2.20
N MET A 161 -24.89 -9.00 -1.61
CA MET A 161 -25.31 -10.40 -1.50
C MET A 161 -25.75 -10.89 -2.86
N ASP A 162 -26.29 -9.96 -3.63
CA ASP A 162 -26.70 -10.20 -5.00
C ASP A 162 -25.49 -10.33 -5.85
N SER A 163 -25.39 -11.43 -6.57
CA SER A 163 -24.30 -11.67 -7.50
C SER A 163 -24.30 -10.61 -8.61
N VAL A 164 -25.49 -10.01 -8.83
CA VAL A 164 -25.70 -8.99 -9.84
C VAL A 164 -24.78 -7.78 -9.62
N THR A 165 -24.47 -7.47 -8.37
CA THR A 165 -23.62 -6.33 -8.05
C THR A 165 -22.23 -6.51 -8.69
N GLY A 166 -21.70 -7.70 -8.57
CA GLY A 166 -20.40 -7.99 -9.09
C GLY A 166 -20.41 -8.31 -10.57
N THR A 167 -21.46 -9.00 -11.03
CA THR A 167 -21.56 -9.34 -12.43
C THR A 167 -21.74 -8.07 -13.29
N GLN A 168 -22.38 -7.08 -12.69
CA GLN A 168 -22.54 -5.75 -13.28
C GLN A 168 -21.17 -5.12 -13.47
N TRP A 169 -20.36 -5.19 -12.42
CA TRP A 169 -19.01 -4.64 -12.42
C TRP A 169 -18.14 -5.34 -13.48
N MET A 170 -18.25 -6.65 -13.57
CA MET A 170 -17.51 -7.42 -14.58
C MET A 170 -17.94 -6.98 -15.98
N ARG A 171 -19.22 -6.70 -16.13
CA ARG A 171 -19.79 -6.26 -17.39
C ARG A 171 -19.29 -4.84 -17.72
N GLY A 172 -19.15 -4.00 -16.71
CA GLY A 172 -18.62 -2.67 -16.91
C GLY A 172 -17.17 -2.69 -17.33
N VAL A 173 -16.34 -3.41 -16.57
CA VAL A 173 -14.92 -3.55 -16.83
C VAL A 173 -14.64 -4.11 -18.24
N SER A 174 -15.40 -5.13 -18.63
CA SER A 174 -15.22 -5.73 -19.94
C SER A 174 -15.49 -4.73 -21.07
N ARG A 175 -16.51 -3.91 -20.89
CA ARG A 175 -16.86 -2.88 -21.87
C ARG A 175 -15.79 -1.79 -21.89
N HIS A 176 -15.42 -1.35 -20.70
CA HIS A 176 -14.46 -0.27 -20.47
C HIS A 176 -13.13 -0.51 -21.19
N PHE A 177 -12.67 -1.74 -21.17
CA PHE A 177 -11.39 -2.05 -21.79
C PHE A 177 -11.52 -2.76 -23.12
N SER A 178 -12.77 -3.02 -23.51
CA SER A 178 -13.10 -3.76 -24.74
C SER A 178 -12.49 -5.18 -24.69
N ILE A 179 -12.69 -5.84 -23.57
CA ILE A 179 -12.17 -7.19 -23.35
C ILE A 179 -13.32 -8.09 -22.95
N GLN A 180 -13.09 -9.36 -22.92
CA GLN A 180 -14.11 -10.28 -22.54
C GLN A 180 -13.80 -10.84 -21.17
N LEU A 181 -14.40 -10.25 -20.18
CA LEU A 181 -14.23 -10.67 -18.82
C LEU A 181 -15.45 -11.45 -18.41
N ALA A 182 -15.25 -12.66 -17.96
CA ALA A 182 -16.34 -13.51 -17.54
C ALA A 182 -16.91 -12.99 -16.24
N ALA A 183 -18.22 -12.91 -16.17
CA ALA A 183 -18.89 -12.37 -15.00
C ALA A 183 -18.87 -13.36 -13.86
N ASP A 184 -18.59 -14.60 -14.19
CA ASP A 184 -18.52 -15.67 -13.18
C ASP A 184 -17.18 -15.69 -12.50
N ALA A 185 -16.26 -14.86 -12.98
CA ALA A 185 -14.95 -14.71 -12.36
C ALA A 185 -15.04 -14.10 -10.94
N ILE A 186 -16.24 -13.61 -10.57
CA ILE A 186 -16.50 -13.08 -9.22
C ILE A 186 -16.41 -14.20 -8.18
N TYR A 187 -16.44 -15.42 -8.66
CA TYR A 187 -16.40 -16.60 -7.82
C TYR A 187 -15.01 -17.22 -7.89
N THR A 188 -14.08 -16.45 -8.42
CA THR A 188 -12.72 -16.89 -8.57
C THR A 188 -11.77 -16.13 -7.62
N TRP A 189 -12.01 -14.83 -7.42
CA TRP A 189 -11.14 -14.04 -6.56
C TRP A 189 -11.82 -13.74 -5.26
N PRO A 190 -11.20 -14.10 -4.13
CA PRO A 190 -11.73 -13.81 -2.81
C PRO A 190 -11.46 -12.35 -2.41
N THR A 191 -10.40 -11.81 -2.95
CA THR A 191 -9.98 -10.47 -2.66
C THR A 191 -10.27 -9.53 -3.83
N LEU A 192 -10.66 -8.33 -3.47
CA LEU A 192 -11.15 -7.29 -4.37
C LEU A 192 -10.05 -6.75 -5.29
N LYS A 193 -8.85 -6.62 -4.75
CA LYS A 193 -7.71 -6.04 -5.50
C LYS A 193 -7.22 -6.95 -6.62
N SER A 194 -7.56 -8.21 -6.54
CA SER A 194 -7.08 -9.22 -7.45
C SER A 194 -7.58 -9.02 -8.90
N LEU A 195 -8.64 -8.22 -9.07
CA LEU A 195 -9.15 -7.93 -10.40
C LEU A 195 -8.16 -7.03 -11.16
N ALA A 196 -7.46 -6.18 -10.42
CA ALA A 196 -6.53 -5.24 -11.01
C ALA A 196 -5.33 -5.99 -11.58
N ASP A 197 -4.95 -7.07 -10.91
CA ASP A 197 -3.84 -7.93 -11.34
C ASP A 197 -4.24 -8.75 -12.55
N GLU A 198 -5.53 -8.91 -12.74
CA GLU A 198 -6.04 -9.65 -13.87
C GLU A 198 -6.05 -8.75 -15.10
N VAL A 199 -6.74 -7.61 -14.99
CA VAL A 199 -6.88 -6.67 -16.13
C VAL A 199 -5.51 -6.22 -16.70
N ASP A 200 -4.52 -6.12 -15.82
CA ASP A 200 -3.13 -5.77 -16.19
C ASP A 200 -2.60 -6.73 -17.24
N ARG A 201 -2.88 -8.00 -17.04
CA ARG A 201 -2.45 -9.05 -17.93
C ARG A 201 -3.40 -9.20 -19.11
N ARG A 202 -4.69 -8.97 -18.86
CA ARG A 202 -5.72 -9.10 -19.90
C ARG A 202 -5.47 -8.16 -21.06
N VAL A 203 -5.42 -6.88 -20.77
CA VAL A 203 -5.19 -5.90 -21.81
C VAL A 203 -3.73 -5.96 -22.26
N GLN A 204 -2.84 -6.11 -21.26
CA GLN A 204 -1.40 -6.23 -21.46
C GLN A 204 -0.87 -4.97 -22.14
N VAL A 22 28.86 17.37 14.26
CA VAL A 22 29.85 16.30 14.27
C VAL A 22 29.40 15.13 13.41
N ALA A 23 28.33 14.46 13.81
CA ALA A 23 27.82 13.28 13.12
C ALA A 23 26.59 12.78 13.86
N ASP A 24 26.04 11.64 13.48
CA ASP A 24 24.89 11.07 14.22
C ASP A 24 25.36 10.62 15.58
N ASP A 25 26.60 10.16 15.62
CA ASP A 25 27.22 9.61 16.82
C ASP A 25 27.43 10.62 17.92
N GLU A 26 27.23 11.91 17.64
CA GLU A 26 27.43 12.92 18.66
C GLU A 26 26.38 12.77 19.77
N CYS A 27 25.23 12.23 19.40
CA CYS A 27 24.16 11.98 20.34
C CYS A 27 24.55 10.81 21.28
N ALA A 28 25.03 9.72 20.69
CA ALA A 28 25.42 8.53 21.47
C ALA A 28 26.64 8.84 22.33
N GLN A 29 27.52 9.66 21.82
CA GLN A 29 28.70 10.06 22.54
C GLN A 29 28.32 10.92 23.74
N PHE A 30 27.44 11.88 23.52
CA PHE A 30 27.00 12.75 24.60
C PHE A 30 26.20 11.97 25.64
N LEU A 31 25.41 11.03 25.18
CA LEU A 31 24.64 10.20 26.08
C LEU A 31 25.51 9.26 26.88
N ARG A 32 26.58 8.72 26.28
CA ARG A 32 27.48 7.85 27.05
C ARG A 32 28.22 8.67 28.10
N GLN A 33 28.45 9.96 27.78
CA GLN A 33 29.03 10.90 28.73
C GLN A 33 28.02 11.14 29.87
N SER A 34 26.79 11.42 29.49
CA SER A 34 25.72 11.73 30.43
C SER A 34 25.40 10.52 31.35
N LEU A 35 25.53 9.31 30.82
CA LEU A 35 25.32 8.11 31.62
C LEU A 35 26.41 7.98 32.64
N ALA A 36 27.63 8.03 32.17
CA ALA A 36 28.77 7.84 33.00
C ALA A 36 28.91 8.93 34.04
N ALA A 37 28.44 10.12 33.73
CA ALA A 37 28.47 11.21 34.69
C ALA A 37 27.60 10.90 35.90
N MET A 38 26.44 10.35 35.67
CA MET A 38 25.50 10.05 36.74
C MET A 38 25.87 8.78 37.48
N LEU A 39 26.32 7.78 36.76
CA LEU A 39 26.69 6.50 37.38
C LEU A 39 28.17 6.47 37.78
N TYR A 40 28.83 7.62 37.62
CA TYR A 40 30.25 7.85 37.95
C TYR A 40 31.17 6.85 37.25
N CYS A 41 30.80 6.52 36.06
CA CYS A 41 31.51 5.58 35.22
C CYS A 41 32.45 6.39 34.31
N GLU A 42 33.25 5.71 33.55
CA GLU A 42 34.20 6.34 32.68
C GLU A 42 33.56 6.59 31.32
N PRO A 43 33.41 7.87 30.91
CA PRO A 43 32.75 8.24 29.65
C PRO A 43 33.68 8.14 28.44
N GLY A 44 34.42 7.10 28.42
CA GLY A 44 35.36 6.85 27.37
C GLY A 44 34.72 6.08 26.24
N GLN A 45 34.89 4.78 26.26
CA GLN A 45 34.41 3.92 25.19
C GLN A 45 33.64 2.75 25.78
N ILE A 46 32.51 3.05 26.40
CA ILE A 46 31.67 1.99 26.95
C ILE A 46 31.06 1.17 25.81
N ARG A 47 30.86 -0.09 26.08
CA ARG A 47 30.31 -1.05 25.14
C ARG A 47 28.87 -0.69 24.77
N ASP A 48 28.68 -0.33 23.51
CA ASP A 48 27.37 0.06 22.97
C ASP A 48 26.42 -1.11 22.96
N GLY A 49 26.98 -2.31 22.92
CA GLY A 49 26.17 -3.51 22.89
C GLY A 49 25.69 -3.95 24.25
N SER A 50 26.02 -3.19 25.28
CA SER A 50 25.58 -3.50 26.62
C SER A 50 24.10 -3.22 26.81
N ARG A 51 23.45 -4.10 27.53
CA ARG A 51 22.15 -3.86 28.04
C ARG A 51 22.36 -2.93 29.22
N PHE A 52 21.45 -1.97 29.39
CA PHE A 52 21.56 -0.93 30.43
C PHE A 52 21.73 -1.47 31.84
N LEU A 53 21.27 -2.69 32.07
CA LEU A 53 21.49 -3.37 33.34
C LEU A 53 22.99 -3.61 33.55
N GLU A 54 23.69 -3.95 32.47
CA GLU A 54 25.13 -4.21 32.49
C GLU A 54 25.87 -2.89 32.67
N LEU A 55 25.22 -1.81 32.28
CA LEU A 55 25.78 -0.48 32.43
C LEU A 55 25.56 0.03 33.86
N GLY A 56 24.68 -0.62 34.58
CA GLY A 56 24.43 -0.26 35.95
C GLY A 56 23.17 0.56 36.12
N LEU A 57 22.45 0.74 35.05
CA LEU A 57 21.24 1.51 35.08
C LEU A 57 20.10 0.66 35.63
N ASP A 58 19.28 1.28 36.44
CA ASP A 58 18.17 0.62 37.11
C ASP A 58 16.88 1.29 36.70
N SER A 59 15.75 0.67 36.91
CA SER A 59 14.47 1.25 36.52
C SER A 59 14.24 2.64 37.17
N VAL A 60 14.64 2.77 38.45
CA VAL A 60 14.50 4.06 39.15
C VAL A 60 15.45 5.08 38.52
N ILE A 61 16.68 4.65 38.29
CA ILE A 61 17.71 5.50 37.69
C ILE A 61 17.29 5.95 36.27
N ALA A 62 16.59 5.07 35.56
CA ALA A 62 16.10 5.33 34.21
C ALA A 62 15.19 6.55 34.17
N ALA A 63 14.25 6.59 35.11
CA ALA A 63 13.28 7.69 35.20
C ALA A 63 13.97 9.02 35.44
N GLN A 64 15.08 8.98 36.15
CA GLN A 64 15.85 10.16 36.42
C GLN A 64 16.72 10.53 35.22
N TRP A 65 17.44 9.57 34.70
CA TRP A 65 18.35 9.75 33.61
C TRP A 65 17.63 10.24 32.35
N ILE A 66 16.44 9.71 32.09
CA ILE A 66 15.69 10.09 30.92
C ILE A 66 15.29 11.58 30.99
N ARG A 67 15.14 12.09 32.20
CA ARG A 67 14.74 13.46 32.39
C ARG A 67 15.91 14.40 32.01
N GLU A 68 17.13 13.93 32.23
CA GLU A 68 18.32 14.68 31.86
C GLU A 68 18.44 14.72 30.32
N ILE A 69 18.00 13.64 29.70
CA ILE A 69 17.99 13.50 28.26
C ILE A 69 16.92 14.41 27.66
N ASN A 70 15.71 14.30 28.20
CA ASN A 70 14.54 15.10 27.77
C ASN A 70 14.80 16.59 27.88
N LYS A 71 15.66 16.96 28.80
CA LYS A 71 16.04 18.35 28.99
C LYS A 71 16.92 18.80 27.84
N HIS A 72 17.93 18.01 27.58
CA HIS A 72 18.93 18.34 26.55
C HIS A 72 18.40 18.24 25.15
N TYR A 73 17.80 17.13 24.83
CA TYR A 73 17.36 16.89 23.47
C TYR A 73 15.95 17.42 23.21
N GLN A 74 15.31 17.88 24.30
CA GLN A 74 13.99 18.52 24.27
C GLN A 74 12.93 17.65 23.61
N LEU A 75 13.05 16.38 23.83
CA LEU A 75 12.16 15.40 23.29
C LEU A 75 11.32 14.87 24.41
N LYS A 76 10.10 14.53 24.12
CA LYS A 76 9.20 14.03 25.13
C LYS A 76 9.33 12.51 25.17
N ILE A 77 10.37 12.01 25.78
CA ILE A 77 10.56 10.60 25.85
C ILE A 77 10.14 10.06 27.21
N PRO A 78 9.31 9.02 27.21
CA PRO A 78 8.97 8.29 28.41
C PRO A 78 10.11 7.31 28.75
N ALA A 79 10.23 6.96 30.03
CA ALA A 79 11.29 6.06 30.52
C ALA A 79 11.19 4.69 29.86
N ASP A 80 10.06 4.46 29.22
CA ASP A 80 9.79 3.25 28.48
C ASP A 80 10.72 3.05 27.32
N GLY A 81 11.39 4.13 26.83
CA GLY A 81 12.36 3.93 25.77
C GLY A 81 13.45 2.96 26.19
N ILE A 82 13.89 3.09 27.43
CA ILE A 82 14.95 2.26 27.99
C ILE A 82 14.41 0.85 28.31
N TYR A 83 13.10 0.74 28.44
CA TYR A 83 12.49 -0.54 28.75
C TYR A 83 12.24 -1.35 27.49
N THR A 84 11.83 -0.69 26.43
CA THR A 84 11.60 -1.36 25.17
C THR A 84 12.94 -1.66 24.47
N TYR A 85 13.85 -0.71 24.49
CA TYR A 85 15.15 -0.88 23.91
C TYR A 85 16.22 -0.71 24.98
N PRO A 86 16.62 -1.82 25.60
CA PRO A 86 17.52 -1.81 26.74
C PRO A 86 18.99 -1.98 26.37
N VAL A 87 19.33 -1.76 25.12
CA VAL A 87 20.73 -1.89 24.67
C VAL A 87 21.21 -0.51 24.26
N PHE A 88 22.43 -0.14 24.60
CA PHE A 88 22.88 1.25 24.40
C PHE A 88 22.75 1.73 22.94
N LYS A 89 23.23 0.92 21.99
CA LYS A 89 23.13 1.27 20.56
C LYS A 89 21.67 1.31 20.13
N ALA A 90 20.88 0.42 20.69
CA ALA A 90 19.47 0.34 20.36
C ALA A 90 18.72 1.55 20.88
N PHE A 91 19.06 1.99 22.08
CA PHE A 91 18.41 3.12 22.67
C PHE A 91 18.88 4.43 22.04
N THR A 92 20.10 4.48 21.61
CA THR A 92 20.55 5.64 20.89
C THR A 92 19.90 5.69 19.50
N GLN A 93 19.56 4.52 18.95
CA GLN A 93 18.83 4.43 17.70
C GLN A 93 17.34 4.78 17.95
N TRP A 94 16.89 4.57 19.18
CA TRP A 94 15.56 4.94 19.63
C TRP A 94 15.43 6.44 19.49
N VAL A 95 16.38 7.15 20.10
CA VAL A 95 16.46 8.55 20.06
C VAL A 95 16.75 9.01 18.63
N GLY A 96 17.48 8.18 17.89
CA GLY A 96 17.76 8.42 16.48
C GLY A 96 16.49 8.31 15.62
N THR A 97 15.43 7.78 16.20
CA THR A 97 14.15 7.71 15.54
C THR A 97 13.42 9.04 15.77
N GLN A 98 13.67 9.66 16.90
CA GLN A 98 13.05 10.95 17.21
C GLN A 98 13.86 12.03 16.50
N LEU A 99 15.16 11.92 16.59
CA LEU A 99 16.07 12.80 15.90
C LEU A 99 16.25 12.25 14.50
N GLN A 100 15.29 12.58 13.64
CA GLN A 100 15.26 12.08 12.29
C GLN A 100 16.47 12.52 11.49
N PRO A 101 17.17 11.56 10.88
CA PRO A 101 18.33 11.84 10.04
C PRO A 101 17.89 12.50 8.74
N THR A 102 18.19 13.76 8.61
CA THR A 102 17.80 14.46 7.43
C THR A 102 18.94 14.50 6.41
N GLN A 103 18.64 14.04 5.21
CA GLN A 103 19.57 14.06 4.12
C GLN A 103 19.25 15.27 3.26
N ALA A 104 20.15 16.20 3.19
CA ALA A 104 19.93 17.41 2.44
C ALA A 104 20.35 17.24 0.99
N THR A 105 21.43 16.53 0.79
CA THR A 105 21.95 16.28 -0.54
C THR A 105 21.09 15.22 -1.25
N ALA A 106 20.74 15.47 -2.49
CA ALA A 106 20.03 14.49 -3.28
C ALA A 106 20.98 13.38 -3.67
N ALA A 107 20.95 12.31 -2.92
CA ALA A 107 21.75 11.14 -3.19
C ALA A 107 21.25 10.48 -4.47
N PRO A 108 22.16 10.19 -5.43
CA PRO A 108 21.81 9.50 -6.67
C PRO A 108 21.28 8.09 -6.41
N VAL A 109 19.98 8.00 -6.21
CA VAL A 109 19.32 6.75 -5.98
C VAL A 109 18.40 6.47 -7.17
N GLN A 110 18.54 5.29 -7.73
CA GLN A 110 17.73 4.89 -8.84
C GLN A 110 16.61 3.98 -8.36
N ARG A 111 15.74 3.60 -9.28
CA ARG A 111 14.60 2.74 -9.01
C ARG A 111 13.65 3.39 -8.00
N GLU A 112 13.28 4.60 -8.32
CA GLU A 112 12.36 5.36 -7.52
C GLU A 112 10.97 4.75 -7.68
N PRO A 113 10.27 4.48 -6.57
CA PRO A 113 8.93 3.90 -6.60
C PRO A 113 7.95 4.85 -7.29
N VAL A 114 7.55 4.51 -8.48
CA VAL A 114 6.65 5.33 -9.22
C VAL A 114 5.25 4.72 -9.25
N ALA A 115 4.29 5.46 -8.78
CA ALA A 115 2.91 5.02 -8.78
C ALA A 115 2.19 5.68 -9.95
N THR A 116 2.74 5.48 -11.11
CA THR A 116 2.25 6.05 -12.33
C THR A 116 0.93 5.42 -12.74
N ALA A 117 0.87 4.11 -12.65
CA ALA A 117 -0.32 3.36 -13.02
C ALA A 117 -0.81 2.57 -11.83
N PRO A 118 -1.81 3.09 -11.09
CA PRO A 118 -2.41 2.37 -9.95
C PRO A 118 -3.11 1.11 -10.46
N GLN A 119 -3.86 1.27 -11.52
CA GLN A 119 -4.49 0.17 -12.19
C GLN A 119 -3.97 0.14 -13.62
N PRO A 120 -3.30 -0.96 -14.03
CA PRO A 120 -2.72 -1.10 -15.39
C PRO A 120 -3.78 -1.26 -16.51
N GLY A 121 -4.81 -0.45 -16.48
CA GLY A 121 -5.86 -0.52 -17.46
C GLY A 121 -5.57 0.35 -18.65
N ALA A 122 -4.41 0.99 -18.63
CA ALA A 122 -3.97 1.83 -19.74
C ALA A 122 -3.45 0.96 -20.88
N GLN A 123 -3.32 -0.31 -20.61
CA GLN A 123 -2.91 -1.27 -21.60
C GLN A 123 -4.11 -1.63 -22.44
N ALA A 124 -3.93 -1.48 -23.74
CA ALA A 124 -4.94 -1.74 -24.73
C ALA A 124 -5.36 -3.19 -24.72
N SER A 125 -4.38 -4.10 -24.61
CA SER A 125 -4.63 -5.55 -24.59
C SER A 125 -5.42 -6.03 -25.83
N ALA A 126 -4.69 -6.57 -26.79
CA ALA A 126 -5.22 -7.05 -28.06
C ALA A 126 -6.42 -7.99 -27.88
N GLN A 127 -6.35 -8.85 -26.87
CA GLN A 127 -7.43 -9.77 -26.56
C GLN A 127 -8.70 -8.98 -26.18
N ARG A 128 -8.55 -8.10 -25.21
CA ARG A 128 -9.64 -7.24 -24.71
C ARG A 128 -10.20 -6.37 -25.83
N GLU A 129 -9.32 -5.84 -26.66
CA GLU A 129 -9.70 -5.00 -27.76
C GLU A 129 -10.55 -5.77 -28.75
N SER A 130 -10.09 -6.95 -29.12
CA SER A 130 -10.79 -7.83 -30.02
C SER A 130 -12.16 -8.18 -29.44
N ILE A 131 -12.19 -8.36 -28.12
CA ILE A 131 -13.40 -8.63 -27.40
C ILE A 131 -14.41 -7.51 -27.60
N GLN A 132 -13.95 -6.25 -27.51
CA GLN A 132 -14.82 -5.11 -27.65
C GLN A 132 -15.49 -5.06 -29.04
N ASP A 133 -14.74 -5.43 -30.07
CA ASP A 133 -15.28 -5.48 -31.45
C ASP A 133 -16.35 -6.56 -31.55
N TYR A 134 -16.08 -7.74 -31.03
CA TYR A 134 -17.06 -8.80 -31.07
C TYR A 134 -18.23 -8.52 -30.13
N LEU A 135 -17.97 -7.78 -29.07
CA LEU A 135 -19.00 -7.30 -28.15
C LEU A 135 -19.96 -6.43 -28.92
N LYS A 136 -19.37 -5.54 -29.67
CA LYS A 136 -20.06 -4.65 -30.54
C LYS A 136 -20.92 -5.42 -31.54
N GLN A 137 -20.30 -6.37 -32.20
CA GLN A 137 -20.99 -7.17 -33.20
C GLN A 137 -22.10 -8.03 -32.61
N SER A 138 -21.86 -8.62 -31.45
CA SER A 138 -22.84 -9.48 -30.82
C SER A 138 -24.08 -8.70 -30.35
N LEU A 139 -23.90 -7.45 -29.94
CA LEU A 139 -25.04 -6.65 -29.55
C LEU A 139 -25.74 -6.14 -30.79
N GLY A 140 -24.95 -5.70 -31.76
CA GLY A 140 -25.49 -5.17 -33.01
C GLY A 140 -26.27 -6.21 -33.79
N GLU A 141 -25.86 -7.46 -33.67
CA GLU A 141 -26.50 -8.58 -34.36
C GLU A 141 -27.91 -8.82 -33.79
N LEU A 142 -28.09 -8.47 -32.55
CA LEU A 142 -29.37 -8.62 -31.88
C LEU A 142 -30.21 -7.35 -32.04
N LEU A 143 -29.56 -6.21 -31.87
CA LEU A 143 -30.19 -4.92 -31.91
C LEU A 143 -30.60 -4.52 -33.32
N PHE A 144 -29.87 -5.05 -34.31
CA PHE A 144 -30.04 -4.80 -35.76
C PHE A 144 -29.37 -3.47 -36.16
N LEU A 145 -29.45 -2.51 -35.28
CA LEU A 145 -28.84 -1.20 -35.49
C LEU A 145 -27.35 -1.24 -35.17
N ASP A 146 -26.66 -0.16 -35.47
CA ASP A 146 -25.23 -0.07 -35.24
C ASP A 146 -24.91 0.08 -33.78
N PRO A 147 -23.88 -0.61 -33.31
CA PRO A 147 -23.40 -0.49 -31.95
C PRO A 147 -22.32 0.58 -31.84
N GLY A 148 -22.54 1.67 -32.48
CA GLY A 148 -21.57 2.77 -32.49
C GLY A 148 -21.96 3.86 -31.54
N GLN A 149 -23.18 3.78 -31.03
CA GLN A 149 -23.68 4.76 -30.11
C GLN A 149 -23.31 4.39 -28.67
N LEU A 150 -22.88 3.16 -28.48
CA LEU A 150 -22.51 2.68 -27.16
C LEU A 150 -21.10 3.14 -26.75
N ARG A 151 -20.59 2.56 -25.64
CA ARG A 151 -19.33 2.94 -24.98
C ARG A 151 -19.53 4.17 -24.15
N SER A 152 -19.40 3.99 -22.83
CA SER A 152 -19.66 5.02 -21.84
C SER A 152 -21.13 5.44 -21.92
N GLY A 153 -21.96 4.43 -22.13
CA GLY A 153 -23.36 4.62 -22.31
C GLY A 153 -23.92 3.56 -23.24
N ALA A 154 -23.98 2.33 -22.78
CA ALA A 154 -24.52 1.26 -23.59
C ALA A 154 -26.03 1.32 -23.61
N GLN A 155 -26.57 1.62 -22.42
CA GLN A 155 -27.99 1.82 -22.15
C GLN A 155 -28.80 0.58 -22.37
N PHE A 156 -28.19 -0.58 -22.13
CA PHE A 156 -28.86 -1.84 -22.26
C PHE A 156 -30.04 -1.95 -21.27
N LEU A 157 -30.00 -1.11 -20.25
CA LEU A 157 -31.06 -1.05 -19.25
C LEU A 157 -32.33 -0.49 -19.87
N ASP A 158 -32.16 0.27 -20.93
CA ASP A 158 -33.27 0.87 -21.64
C ASP A 158 -33.55 0.15 -22.94
N LEU A 159 -32.50 -0.42 -23.52
CA LEU A 159 -32.65 -1.18 -24.76
C LEU A 159 -33.28 -2.53 -24.50
N GLY A 160 -33.09 -3.04 -23.32
CA GLY A 160 -33.64 -4.30 -22.96
C GLY A 160 -34.65 -4.12 -21.87
N MET A 161 -35.90 -4.13 -22.23
CA MET A 161 -36.96 -3.95 -21.26
C MET A 161 -37.47 -5.30 -20.79
N ASP A 162 -37.14 -6.33 -21.51
CA ASP A 162 -37.48 -7.68 -21.14
C ASP A 162 -36.22 -8.49 -21.03
N SER A 163 -36.15 -9.31 -20.00
CA SER A 163 -34.99 -10.09 -19.65
C SER A 163 -34.53 -11.07 -20.77
N VAL A 164 -35.40 -11.35 -21.75
CA VAL A 164 -35.07 -12.27 -22.86
C VAL A 164 -33.84 -11.77 -23.61
N THR A 165 -33.76 -10.47 -23.73
CA THR A 165 -32.66 -9.82 -24.42
C THR A 165 -31.31 -10.16 -23.80
N GLY A 166 -31.24 -10.12 -22.48
CA GLY A 166 -30.00 -10.37 -21.80
C GLY A 166 -29.62 -11.82 -21.86
N THR A 167 -30.57 -12.70 -21.57
CA THR A 167 -30.35 -14.13 -21.55
C THR A 167 -29.84 -14.62 -22.91
N GLN A 168 -30.59 -14.29 -23.95
CA GLN A 168 -30.28 -14.70 -25.31
C GLN A 168 -28.92 -14.17 -25.75
N TRP A 169 -28.67 -12.92 -25.45
CA TRP A 169 -27.43 -12.29 -25.82
C TRP A 169 -26.25 -12.89 -25.06
N MET A 170 -26.36 -12.99 -23.76
CA MET A 170 -25.26 -13.48 -22.94
C MET A 170 -24.89 -14.93 -23.24
N ARG A 171 -25.87 -15.74 -23.58
CA ARG A 171 -25.57 -17.11 -24.00
C ARG A 171 -24.81 -17.09 -25.32
N GLY A 172 -25.19 -16.17 -26.20
CA GLY A 172 -24.50 -15.99 -27.46
C GLY A 172 -23.08 -15.50 -27.25
N VAL A 173 -22.92 -14.61 -26.27
CA VAL A 173 -21.62 -14.13 -25.83
C VAL A 173 -20.76 -15.30 -25.36
N SER A 174 -21.36 -16.15 -24.56
CA SER A 174 -20.66 -17.31 -24.02
C SER A 174 -20.21 -18.23 -25.16
N ARG A 175 -21.07 -18.38 -26.14
CA ARG A 175 -20.80 -19.25 -27.25
C ARG A 175 -19.72 -18.67 -28.17
N HIS A 176 -19.91 -17.42 -28.62
CA HIS A 176 -19.01 -16.80 -29.60
C HIS A 176 -17.63 -16.57 -29.02
N PHE A 177 -17.58 -16.10 -27.79
CA PHE A 177 -16.31 -15.82 -27.14
C PHE A 177 -15.72 -17.09 -26.55
N SER A 178 -16.53 -18.15 -26.57
CA SER A 178 -16.17 -19.49 -26.12
C SER A 178 -15.80 -19.50 -24.64
N ILE A 179 -16.40 -18.60 -23.89
CA ILE A 179 -16.17 -18.48 -22.47
C ILE A 179 -17.35 -19.07 -21.74
N GLN A 180 -17.09 -19.59 -20.59
CA GLN A 180 -18.14 -20.10 -19.78
C GLN A 180 -18.63 -18.95 -18.92
N LEU A 181 -19.66 -18.32 -19.38
CA LEU A 181 -20.23 -17.19 -18.70
C LEU A 181 -21.60 -17.56 -18.19
N ALA A 182 -21.75 -17.48 -16.90
CA ALA A 182 -22.99 -17.78 -16.23
C ALA A 182 -24.11 -16.88 -16.72
N ALA A 183 -25.25 -17.48 -17.00
CA ALA A 183 -26.43 -16.76 -17.49
C ALA A 183 -27.00 -15.87 -16.42
N ASP A 184 -26.67 -16.18 -15.17
CA ASP A 184 -27.11 -15.38 -14.01
C ASP A 184 -26.45 -14.01 -14.03
N ALA A 185 -25.38 -13.88 -14.82
CA ALA A 185 -24.65 -12.64 -14.91
C ALA A 185 -25.49 -11.52 -15.54
N ILE A 186 -26.61 -11.87 -16.18
CA ILE A 186 -27.52 -10.87 -16.74
C ILE A 186 -28.20 -10.10 -15.60
N TYR A 187 -28.24 -10.73 -14.43
CA TYR A 187 -28.83 -10.12 -13.26
C TYR A 187 -27.72 -9.62 -12.36
N THR A 188 -26.52 -10.09 -12.61
CA THR A 188 -25.36 -9.67 -11.89
C THR A 188 -24.92 -8.29 -12.40
N TRP A 189 -24.87 -8.15 -13.72
CA TRP A 189 -24.42 -6.93 -14.36
C TRP A 189 -24.80 -6.88 -15.86
N PRO A 190 -25.97 -6.32 -16.19
CA PRO A 190 -26.41 -6.17 -17.58
C PRO A 190 -25.77 -4.93 -18.24
N THR A 191 -24.51 -4.73 -17.97
CA THR A 191 -23.77 -3.61 -18.43
C THR A 191 -22.55 -4.06 -19.24
N LEU A 192 -22.28 -3.27 -20.28
CA LEU A 192 -21.27 -3.52 -21.30
C LEU A 192 -19.88 -3.49 -20.69
N LYS A 193 -19.66 -2.52 -19.85
CA LYS A 193 -18.38 -2.32 -19.18
C LYS A 193 -18.05 -3.51 -18.27
N SER A 194 -19.06 -4.04 -17.63
CA SER A 194 -18.91 -5.09 -16.67
C SER A 194 -18.74 -6.43 -17.37
N LEU A 195 -19.38 -6.59 -18.51
CA LEU A 195 -19.25 -7.80 -19.30
C LEU A 195 -17.79 -7.87 -19.79
N ALA A 196 -17.28 -6.73 -20.24
CA ALA A 196 -15.90 -6.63 -20.68
C ALA A 196 -14.94 -6.86 -19.52
N ASP A 197 -15.35 -6.42 -18.36
CA ASP A 197 -14.56 -6.61 -17.14
C ASP A 197 -14.52 -8.08 -16.75
N GLU A 198 -15.58 -8.79 -17.09
CA GLU A 198 -15.71 -10.20 -16.79
C GLU A 198 -14.90 -11.06 -17.77
N VAL A 199 -15.20 -10.93 -19.06
CA VAL A 199 -14.56 -11.76 -20.11
C VAL A 199 -13.02 -11.65 -20.09
N ASP A 200 -12.53 -10.43 -19.96
CA ASP A 200 -11.08 -10.17 -19.94
C ASP A 200 -10.43 -10.90 -18.78
N ARG A 201 -11.07 -10.83 -17.63
CA ARG A 201 -10.62 -11.47 -16.42
C ARG A 201 -10.81 -13.00 -16.49
N ARG A 202 -11.84 -13.44 -17.21
CA ARG A 202 -12.09 -14.87 -17.40
C ARG A 202 -10.96 -15.49 -18.21
N VAL A 203 -10.57 -14.80 -19.25
CA VAL A 203 -9.48 -15.26 -20.10
C VAL A 203 -8.14 -15.13 -19.37
N GLN A 204 -7.87 -13.96 -18.86
CA GLN A 204 -6.63 -13.68 -18.18
C GLN A 204 -6.84 -13.02 -16.85
N VAL A 22 27.30 3.59 4.77
CA VAL A 22 26.71 4.91 4.90
C VAL A 22 26.09 5.05 6.27
N ALA A 23 25.66 6.24 6.61
CA ALA A 23 24.99 6.49 7.87
C ALA A 23 23.89 7.52 7.66
N ASP A 24 23.35 7.51 6.47
CA ASP A 24 22.36 8.47 6.07
C ASP A 24 20.96 7.97 6.35
N ASP A 25 20.42 7.18 5.45
CA ASP A 25 19.06 6.71 5.55
C ASP A 25 19.01 5.22 5.87
N GLU A 26 20.15 4.68 6.28
CA GLU A 26 20.27 3.27 6.62
C GLU A 26 19.49 2.92 7.89
N CYS A 27 19.52 3.82 8.83
CA CYS A 27 18.75 3.73 10.05
C CYS A 27 17.25 3.62 9.76
N ALA A 28 16.81 4.30 8.72
CA ALA A 28 15.43 4.22 8.29
C ALA A 28 15.17 2.84 7.71
N GLN A 29 16.12 2.35 6.92
CA GLN A 29 16.05 1.02 6.32
C GLN A 29 15.93 -0.04 7.38
N PHE A 30 16.83 0.01 8.35
CA PHE A 30 16.90 -0.95 9.45
C PHE A 30 15.56 -1.09 10.18
N LEU A 31 14.96 0.02 10.50
CA LEU A 31 13.70 0.02 11.22
C LEU A 31 12.56 -0.46 10.32
N ARG A 32 12.63 -0.08 9.05
CA ARG A 32 11.65 -0.46 8.05
C ARG A 32 11.74 -1.97 7.78
N GLN A 33 12.97 -2.46 7.68
CA GLN A 33 13.28 -3.86 7.45
C GLN A 33 12.69 -4.70 8.57
N SER A 34 12.87 -4.25 9.79
CA SER A 34 12.40 -4.95 10.97
C SER A 34 10.87 -4.90 11.06
N LEU A 35 10.29 -3.80 10.58
CA LEU A 35 8.83 -3.61 10.57
C LEU A 35 8.24 -4.63 9.61
N ALA A 36 8.72 -4.59 8.38
CA ALA A 36 8.24 -5.42 7.32
C ALA A 36 8.42 -6.90 7.62
N ALA A 37 9.53 -7.25 8.26
CA ALA A 37 9.82 -8.65 8.60
C ALA A 37 8.79 -9.21 9.57
N MET A 38 8.35 -8.39 10.49
CA MET A 38 7.40 -8.82 11.50
C MET A 38 6.00 -8.91 10.96
N LEU A 39 5.61 -7.97 10.11
CA LEU A 39 4.25 -7.96 9.56
C LEU A 39 4.16 -8.78 8.27
N TYR A 40 5.31 -9.31 7.88
CA TYR A 40 5.49 -10.12 6.67
C TYR A 40 5.13 -9.30 5.44
N CYS A 41 5.79 -8.20 5.31
CA CYS A 41 5.61 -7.29 4.21
C CYS A 41 6.97 -7.09 3.57
N GLU A 42 7.02 -6.52 2.41
CA GLU A 42 8.26 -6.29 1.73
C GLU A 42 8.61 -4.82 1.72
N PRO A 43 9.75 -4.46 2.32
CA PRO A 43 10.13 -3.07 2.58
C PRO A 43 10.36 -2.22 1.32
N GLY A 44 10.68 -2.86 0.21
CA GLY A 44 10.96 -2.13 -1.02
C GLY A 44 9.73 -1.46 -1.61
N GLN A 45 8.55 -1.87 -1.18
CA GLN A 45 7.32 -1.33 -1.71
C GLN A 45 6.42 -0.84 -0.58
N ILE A 46 7.00 -0.65 0.60
CA ILE A 46 6.21 -0.26 1.75
C ILE A 46 5.72 1.18 1.56
N ARG A 47 4.50 1.42 1.94
CA ARG A 47 3.93 2.73 1.87
C ARG A 47 4.46 3.56 3.03
N ASP A 48 5.48 4.33 2.74
CA ASP A 48 6.19 5.14 3.75
C ASP A 48 5.32 6.25 4.31
N GLY A 49 4.24 6.52 3.63
CA GLY A 49 3.30 7.51 4.12
C GLY A 49 2.15 6.89 4.90
N SER A 50 2.23 5.58 5.12
CA SER A 50 1.21 4.91 5.90
C SER A 50 1.56 4.98 7.39
N ARG A 51 0.56 4.75 8.21
CA ARG A 51 0.68 4.81 9.64
C ARG A 51 0.78 3.43 10.29
N PHE A 52 1.61 3.34 11.35
CA PHE A 52 1.96 2.08 12.06
C PHE A 52 0.77 1.15 12.32
N LEU A 53 -0.19 1.65 13.04
CA LEU A 53 -1.33 0.85 13.48
C LEU A 53 -2.19 0.40 12.31
N GLU A 54 -2.22 1.20 11.26
CA GLU A 54 -3.03 0.90 10.09
C GLU A 54 -2.34 -0.13 9.19
N LEU A 55 -1.06 -0.38 9.43
CA LEU A 55 -0.33 -1.42 8.72
C LEU A 55 -0.66 -2.77 9.33
N GLY A 56 -1.11 -2.73 10.56
CA GLY A 56 -1.41 -3.94 11.28
C GLY A 56 -0.37 -4.20 12.34
N LEU A 57 0.29 -3.15 12.80
CA LEU A 57 1.28 -3.29 13.85
C LEU A 57 0.60 -3.52 15.16
N ASP A 58 0.80 -4.69 15.69
CA ASP A 58 0.21 -5.08 16.95
C ASP A 58 1.01 -4.55 18.10
N SER A 59 0.38 -4.40 19.25
CA SER A 59 1.05 -3.93 20.45
C SER A 59 2.24 -4.84 20.78
N VAL A 60 2.03 -6.14 20.65
CA VAL A 60 3.06 -7.15 20.88
C VAL A 60 4.26 -6.95 19.95
N ILE A 61 3.97 -6.77 18.68
CA ILE A 61 5.01 -6.58 17.68
C ILE A 61 5.75 -5.26 17.90
N ALA A 62 5.02 -4.23 18.28
CA ALA A 62 5.58 -2.91 18.57
C ALA A 62 6.54 -2.99 19.76
N ALA A 63 6.18 -3.81 20.72
CA ALA A 63 6.95 -4.03 21.92
C ALA A 63 8.29 -4.68 21.58
N GLN A 64 8.27 -5.58 20.64
CA GLN A 64 9.47 -6.27 20.20
C GLN A 64 10.39 -5.34 19.42
N TRP A 65 9.79 -4.55 18.59
CA TRP A 65 10.42 -3.57 17.75
C TRP A 65 11.14 -2.49 18.60
N ILE A 66 10.44 -1.97 19.60
CA ILE A 66 10.97 -0.87 20.42
C ILE A 66 12.24 -1.31 21.21
N ARG A 67 12.27 -2.56 21.62
CA ARG A 67 13.45 -3.10 22.33
C ARG A 67 14.69 -3.08 21.43
N GLU A 68 14.50 -3.39 20.15
CA GLU A 68 15.58 -3.43 19.18
C GLU A 68 16.18 -2.03 19.00
N ILE A 69 15.28 -1.04 18.99
CA ILE A 69 15.66 0.37 18.85
C ILE A 69 16.57 0.79 19.99
N ASN A 70 16.17 0.44 21.19
CA ASN A 70 16.94 0.79 22.40
C ASN A 70 18.32 0.17 22.36
N LYS A 71 18.38 -1.07 21.95
CA LYS A 71 19.59 -1.84 21.96
C LYS A 71 20.55 -1.36 20.86
N HIS A 72 20.08 -1.42 19.64
CA HIS A 72 20.92 -1.10 18.49
C HIS A 72 21.30 0.36 18.40
N TYR A 73 20.47 1.25 18.88
CA TYR A 73 20.76 2.67 18.76
C TYR A 73 21.41 3.25 20.01
N GLN A 74 21.57 2.38 21.02
CA GLN A 74 22.20 2.72 22.31
C GLN A 74 21.43 3.86 22.97
N LEU A 75 20.12 3.76 22.98
CA LEU A 75 19.28 4.83 23.48
C LEU A 75 18.26 4.29 24.43
N LYS A 76 17.63 5.18 25.16
CA LYS A 76 16.57 4.83 26.07
C LYS A 76 15.26 5.41 25.53
N ILE A 77 14.76 4.82 24.45
CA ILE A 77 13.57 5.29 23.80
C ILE A 77 12.37 4.41 24.17
N PRO A 78 11.39 4.97 24.87
CA PRO A 78 10.15 4.26 25.19
C PRO A 78 9.21 4.27 23.98
N ALA A 79 8.13 3.50 24.07
CA ALA A 79 7.14 3.35 23.00
C ALA A 79 6.33 4.62 22.79
N ASP A 80 6.62 5.62 23.62
CA ASP A 80 5.98 6.95 23.57
C ASP A 80 6.25 7.63 22.24
N GLY A 81 7.42 7.33 21.66
CA GLY A 81 7.77 7.88 20.36
C GLY A 81 6.78 7.48 19.28
N ILE A 82 6.37 6.22 19.31
CA ILE A 82 5.38 5.66 18.36
C ILE A 82 4.04 6.39 18.52
N TYR A 83 3.74 6.81 19.73
CA TYR A 83 2.52 7.51 20.00
C TYR A 83 2.63 8.98 19.62
N THR A 84 3.85 9.44 19.45
CA THR A 84 4.10 10.80 19.07
C THR A 84 3.98 10.92 17.53
N TYR A 85 4.64 10.01 16.81
CA TYR A 85 4.59 9.99 15.37
C TYR A 85 4.04 8.68 14.86
N PRO A 86 2.91 8.71 14.13
CA PRO A 86 2.26 7.51 13.64
C PRO A 86 2.80 7.06 12.27
N VAL A 87 3.69 7.85 11.72
CA VAL A 87 4.25 7.55 10.39
C VAL A 87 5.70 7.17 10.60
N PHE A 88 6.05 5.95 10.21
CA PHE A 88 7.38 5.40 10.43
C PHE A 88 8.46 6.19 9.74
N LYS A 89 8.15 6.74 8.59
CA LYS A 89 9.09 7.56 7.82
C LYS A 89 9.48 8.82 8.61
N ALA A 90 8.52 9.41 9.31
CA ALA A 90 8.78 10.59 10.11
C ALA A 90 9.42 10.20 11.44
N PHE A 91 9.16 8.97 11.83
CA PHE A 91 9.64 8.43 13.07
C PHE A 91 11.11 7.96 12.95
N THR A 92 11.52 7.51 11.79
CA THR A 92 12.91 7.16 11.60
C THR A 92 13.75 8.44 11.68
N GLN A 93 13.17 9.54 11.21
CA GLN A 93 13.79 10.84 11.27
C GLN A 93 13.81 11.34 12.73
N TRP A 94 12.80 10.91 13.48
CA TRP A 94 12.65 11.21 14.90
C TRP A 94 13.88 10.69 15.66
N VAL A 95 14.28 9.47 15.32
CA VAL A 95 15.41 8.84 15.87
C VAL A 95 16.69 9.41 15.26
N GLY A 96 16.70 9.55 13.93
CA GLY A 96 17.86 10.01 13.18
C GLY A 96 18.35 11.39 13.62
N THR A 97 17.43 12.25 13.99
CA THR A 97 17.78 13.57 14.42
C THR A 97 18.32 13.54 15.87
N GLN A 98 17.97 12.49 16.61
CA GLN A 98 18.45 12.33 17.98
C GLN A 98 19.84 11.72 18.00
N LEU A 99 20.32 11.40 16.83
CA LEU A 99 21.68 10.96 16.65
C LEU A 99 22.44 12.22 16.31
N GLN A 100 23.22 12.72 17.25
CA GLN A 100 23.91 14.00 17.12
C GLN A 100 24.73 14.09 15.83
N PRO A 101 24.34 15.02 14.93
CA PRO A 101 25.00 15.20 13.65
C PRO A 101 26.44 15.63 13.83
N THR A 102 27.32 14.71 13.63
CA THR A 102 28.71 14.94 13.79
C THR A 102 29.31 15.30 12.44
N GLN A 103 29.79 16.51 12.33
CA GLN A 103 30.33 17.01 11.10
C GLN A 103 31.76 16.52 10.88
N ALA A 104 31.91 15.21 10.85
CA ALA A 104 33.18 14.54 10.59
C ALA A 104 33.33 14.34 9.09
N THR A 105 32.31 14.71 8.39
CA THR A 105 32.25 14.64 6.98
C THR A 105 31.35 15.80 6.51
N ALA A 106 31.75 16.45 5.44
CA ALA A 106 31.02 17.57 4.91
C ALA A 106 30.45 17.21 3.56
N ALA A 107 29.15 17.09 3.49
CA ALA A 107 28.48 16.73 2.28
C ALA A 107 27.97 17.98 1.57
N PRO A 108 28.39 18.21 0.30
CA PRO A 108 27.91 19.36 -0.50
C PRO A 108 26.52 19.11 -1.09
N VAL A 109 25.88 18.05 -0.60
CA VAL A 109 24.53 17.63 -0.94
C VAL A 109 24.42 17.25 -2.43
N GLN A 110 25.26 16.32 -2.83
CA GLN A 110 25.25 15.84 -4.20
C GLN A 110 24.86 14.37 -4.24
N ARG A 111 23.88 14.03 -3.44
CA ARG A 111 23.32 12.69 -3.41
C ARG A 111 21.92 12.76 -4.00
N GLU A 112 21.82 13.52 -5.06
CA GLU A 112 20.59 13.80 -5.72
C GLU A 112 20.14 12.59 -6.53
N PRO A 113 18.98 12.01 -6.19
CA PRO A 113 18.42 10.88 -6.91
C PRO A 113 17.87 11.31 -8.26
N VAL A 114 17.75 10.39 -9.17
CA VAL A 114 17.18 10.70 -10.45
C VAL A 114 15.73 10.23 -10.46
N ALA A 115 14.87 11.04 -11.00
CA ALA A 115 13.48 10.70 -11.09
C ALA A 115 13.28 10.04 -12.41
N THR A 116 12.93 8.79 -12.39
CA THR A 116 12.76 8.08 -13.61
C THR A 116 11.40 8.39 -14.20
N ALA A 117 10.46 8.67 -13.33
CA ALA A 117 9.16 9.11 -13.73
C ALA A 117 9.08 10.60 -13.49
N PRO A 118 9.09 11.41 -14.59
CA PRO A 118 9.02 12.87 -14.54
C PRO A 118 7.84 13.37 -13.73
N GLN A 119 6.75 12.63 -13.75
CA GLN A 119 5.61 12.97 -12.95
C GLN A 119 5.87 12.58 -11.50
N PRO A 120 5.83 13.55 -10.57
CA PRO A 120 6.08 13.29 -9.15
C PRO A 120 4.83 12.73 -8.45
N GLY A 121 4.34 11.62 -8.96
CA GLY A 121 3.18 10.99 -8.41
C GLY A 121 3.35 9.49 -8.38
N ALA A 122 2.85 8.87 -7.34
CA ALA A 122 3.03 7.44 -7.15
C ALA A 122 1.82 6.65 -7.70
N GLN A 123 0.98 7.31 -8.47
CA GLN A 123 -0.17 6.67 -9.06
C GLN A 123 0.23 5.87 -10.29
N ALA A 124 0.79 4.72 -10.04
CA ALA A 124 1.24 3.85 -11.11
C ALA A 124 0.06 3.10 -11.71
N SER A 125 -0.98 2.96 -10.87
CA SER A 125 -2.25 2.32 -11.21
C SER A 125 -2.04 0.88 -11.69
N ALA A 126 -1.04 0.23 -11.10
CA ALA A 126 -0.62 -1.11 -11.48
C ALA A 126 -1.75 -2.11 -11.37
N GLN A 127 -2.58 -1.95 -10.36
CA GLN A 127 -3.73 -2.80 -10.19
C GLN A 127 -4.77 -2.49 -11.22
N ARG A 128 -5.14 -1.21 -11.35
CA ARG A 128 -6.15 -0.75 -12.32
C ARG A 128 -5.84 -1.29 -13.72
N GLU A 129 -4.61 -1.10 -14.17
CA GLU A 129 -4.20 -1.49 -15.51
C GLU A 129 -4.27 -3.01 -15.69
N SER A 130 -3.73 -3.73 -14.75
CA SER A 130 -3.69 -5.19 -14.80
C SER A 130 -5.09 -5.79 -14.69
N ILE A 131 -5.89 -5.27 -13.79
CA ILE A 131 -7.23 -5.77 -13.59
C ILE A 131 -8.12 -5.35 -14.76
N GLN A 132 -7.74 -4.29 -15.45
CA GLN A 132 -8.47 -3.84 -16.63
C GLN A 132 -8.37 -4.92 -17.72
N ASP A 133 -7.17 -5.49 -17.88
CA ASP A 133 -6.98 -6.59 -18.84
C ASP A 133 -7.72 -7.82 -18.37
N TYR A 134 -7.67 -8.03 -17.06
CA TYR A 134 -8.40 -9.11 -16.41
C TYR A 134 -9.89 -8.99 -16.70
N LEU A 135 -10.41 -7.78 -16.50
CA LEU A 135 -11.81 -7.42 -16.74
C LEU A 135 -12.27 -7.83 -18.11
N LYS A 136 -11.42 -7.59 -19.07
CA LYS A 136 -11.70 -7.84 -20.45
C LYS A 136 -11.98 -9.34 -20.66
N GLN A 137 -11.14 -10.16 -20.06
CA GLN A 137 -11.26 -11.62 -20.21
C GLN A 137 -12.32 -12.16 -19.25
N SER A 138 -12.56 -11.42 -18.20
CA SER A 138 -13.51 -11.77 -17.19
C SER A 138 -14.92 -11.60 -17.69
N LEU A 139 -15.26 -10.41 -18.17
CA LEU A 139 -16.59 -10.13 -18.62
C LEU A 139 -16.78 -10.66 -20.06
N GLY A 140 -15.68 -10.69 -20.81
CA GLY A 140 -15.71 -11.20 -22.17
C GLY A 140 -16.07 -12.68 -22.21
N GLU A 141 -15.90 -13.33 -21.09
CA GLU A 141 -16.23 -14.73 -20.92
C GLU A 141 -17.75 -14.91 -20.89
N LEU A 142 -18.45 -13.85 -20.52
CA LEU A 142 -19.91 -13.87 -20.42
C LEU A 142 -20.53 -13.43 -21.74
N LEU A 143 -19.79 -12.68 -22.52
CA LEU A 143 -20.27 -12.23 -23.81
C LEU A 143 -20.00 -13.27 -24.86
N PHE A 144 -18.94 -14.05 -24.61
CA PHE A 144 -18.50 -15.17 -25.46
C PHE A 144 -17.82 -14.72 -26.75
N LEU A 145 -18.29 -13.63 -27.31
CA LEU A 145 -17.72 -13.09 -28.51
C LEU A 145 -17.50 -11.60 -28.28
N ASP A 146 -16.32 -11.15 -28.58
CA ASP A 146 -15.96 -9.75 -28.50
C ASP A 146 -15.54 -9.25 -29.87
N PRO A 147 -16.28 -8.28 -30.41
CA PRO A 147 -16.04 -7.77 -31.75
C PRO A 147 -15.04 -6.60 -31.76
N GLY A 148 -14.49 -6.31 -30.63
CA GLY A 148 -13.56 -5.20 -30.55
C GLY A 148 -12.54 -5.36 -29.47
N GLN A 149 -12.94 -5.10 -28.24
CA GLN A 149 -12.04 -5.09 -27.09
C GLN A 149 -12.82 -4.70 -25.82
N LEU A 150 -14.15 -4.95 -25.84
CA LEU A 150 -15.08 -4.44 -24.82
C LEU A 150 -14.86 -2.94 -24.55
N ARG A 151 -15.29 -2.47 -23.38
CA ARG A 151 -15.09 -1.09 -22.89
C ARG A 151 -16.05 -0.09 -23.57
N SER A 152 -16.31 -0.29 -24.85
CA SER A 152 -17.29 0.49 -25.57
C SER A 152 -18.68 0.09 -25.05
N GLY A 153 -18.86 -1.21 -24.95
CA GLY A 153 -20.04 -1.75 -24.34
C GLY A 153 -19.69 -2.15 -22.96
N ALA A 154 -19.85 -1.23 -22.05
CA ALA A 154 -19.55 -1.48 -20.66
C ALA A 154 -20.79 -1.38 -19.79
N GLN A 155 -21.85 -0.83 -20.33
CA GLN A 155 -23.10 -0.69 -19.62
C GLN A 155 -23.74 -2.05 -19.42
N PHE A 156 -24.17 -2.29 -18.19
CA PHE A 156 -24.77 -3.58 -17.80
C PHE A 156 -26.08 -3.79 -18.53
N LEU A 157 -26.62 -2.69 -19.02
CA LEU A 157 -27.87 -2.67 -19.77
C LEU A 157 -27.77 -3.45 -21.07
N ASP A 158 -26.57 -3.59 -21.58
CA ASP A 158 -26.39 -4.31 -22.83
C ASP A 158 -25.81 -5.69 -22.58
N LEU A 159 -24.97 -5.77 -21.59
CA LEU A 159 -24.19 -6.97 -21.36
C LEU A 159 -24.88 -7.93 -20.39
N GLY A 160 -25.71 -7.41 -19.51
CA GLY A 160 -26.30 -8.22 -18.48
C GLY A 160 -27.76 -8.51 -18.69
N MET A 161 -28.05 -9.45 -19.56
CA MET A 161 -29.41 -9.88 -19.77
C MET A 161 -29.76 -10.86 -18.67
N ASP A 162 -28.82 -11.71 -18.36
CA ASP A 162 -28.96 -12.68 -17.30
C ASP A 162 -28.27 -12.17 -16.08
N SER A 163 -29.04 -11.88 -15.08
CA SER A 163 -28.55 -11.33 -13.87
C SER A 163 -27.79 -12.38 -13.07
N VAL A 164 -28.29 -13.62 -13.08
CA VAL A 164 -27.72 -14.73 -12.29
C VAL A 164 -26.30 -15.09 -12.76
N THR A 165 -26.04 -14.93 -14.03
CA THR A 165 -24.72 -15.23 -14.51
C THR A 165 -23.75 -14.08 -14.14
N GLY A 166 -24.29 -12.85 -14.00
CA GLY A 166 -23.45 -11.74 -13.69
C GLY A 166 -23.21 -11.64 -12.19
N THR A 167 -24.15 -12.12 -11.41
CA THR A 167 -23.99 -12.18 -9.97
C THR A 167 -22.88 -13.19 -9.63
N GLN A 168 -22.92 -14.33 -10.31
CA GLN A 168 -21.88 -15.35 -10.24
C GLN A 168 -20.53 -14.72 -10.61
N TRP A 169 -20.54 -14.03 -11.73
CA TRP A 169 -19.38 -13.32 -12.23
C TRP A 169 -18.81 -12.33 -11.19
N MET A 170 -19.67 -11.46 -10.69
CA MET A 170 -19.30 -10.43 -9.73
C MET A 170 -18.65 -11.05 -8.49
N ARG A 171 -19.30 -12.07 -7.95
CA ARG A 171 -18.79 -12.73 -6.76
C ARG A 171 -17.46 -13.41 -7.05
N GLY A 172 -17.32 -13.95 -8.26
CA GLY A 172 -16.06 -14.59 -8.67
C GLY A 172 -14.91 -13.60 -8.67
N VAL A 173 -15.16 -12.42 -9.21
CA VAL A 173 -14.17 -11.35 -9.24
C VAL A 173 -13.84 -10.91 -7.81
N SER A 174 -14.88 -10.78 -7.00
CA SER A 174 -14.76 -10.41 -5.61
C SER A 174 -13.88 -11.45 -4.87
N ARG A 175 -14.17 -12.71 -5.11
CA ARG A 175 -13.46 -13.83 -4.54
C ARG A 175 -11.99 -13.82 -4.96
N HIS A 176 -11.76 -13.67 -6.25
CA HIS A 176 -10.42 -13.70 -6.85
C HIS A 176 -9.48 -12.64 -6.26
N PHE A 177 -10.02 -11.55 -5.78
CA PHE A 177 -9.19 -10.49 -5.22
C PHE A 177 -9.29 -10.42 -3.71
N SER A 178 -10.02 -11.35 -3.11
CA SER A 178 -10.26 -11.41 -1.67
C SER A 178 -10.92 -10.11 -1.15
N ILE A 179 -11.73 -9.52 -2.00
CA ILE A 179 -12.41 -8.28 -1.69
C ILE A 179 -13.87 -8.57 -1.45
N GLN A 180 -14.59 -7.65 -0.88
CA GLN A 180 -15.97 -7.88 -0.59
C GLN A 180 -16.88 -7.03 -1.44
N LEU A 181 -17.31 -7.61 -2.52
CA LEU A 181 -18.29 -7.02 -3.41
C LEU A 181 -19.37 -8.02 -3.63
N ALA A 182 -20.51 -7.75 -3.06
CA ALA A 182 -21.67 -8.58 -3.18
C ALA A 182 -22.14 -8.61 -4.63
N ALA A 183 -22.81 -9.67 -4.96
CA ALA A 183 -23.25 -9.95 -6.32
C ALA A 183 -24.26 -8.91 -6.84
N ASP A 184 -24.84 -8.16 -5.92
CA ASP A 184 -25.79 -7.10 -6.29
C ASP A 184 -25.07 -5.86 -6.77
N ALA A 185 -23.74 -5.85 -6.67
CA ALA A 185 -22.92 -4.71 -7.13
C ALA A 185 -23.00 -4.53 -8.66
N ILE A 186 -23.56 -5.52 -9.37
CA ILE A 186 -23.74 -5.45 -10.83
C ILE A 186 -24.69 -4.32 -11.23
N TYR A 187 -25.41 -3.79 -10.25
CA TYR A 187 -26.36 -2.73 -10.50
C TYR A 187 -25.87 -1.43 -9.90
N THR A 188 -24.73 -1.50 -9.24
CA THR A 188 -24.18 -0.35 -8.56
C THR A 188 -23.38 0.51 -9.53
N TRP A 189 -22.78 -0.11 -10.52
CA TRP A 189 -21.99 0.61 -11.48
C TRP A 189 -22.65 0.47 -12.83
N PRO A 190 -23.24 1.59 -13.35
CA PRO A 190 -23.90 1.65 -14.66
C PRO A 190 -23.05 1.06 -15.78
N THR A 191 -21.76 1.30 -15.71
CA THR A 191 -20.88 0.70 -16.65
C THR A 191 -19.81 -0.03 -15.86
N LEU A 192 -19.43 -1.19 -16.34
CA LEU A 192 -18.44 -2.01 -15.67
C LEU A 192 -17.02 -1.58 -15.96
N LYS A 193 -16.88 -0.55 -16.81
CA LYS A 193 -15.57 0.03 -17.11
C LYS A 193 -15.03 0.68 -15.84
N SER A 194 -15.97 1.08 -14.99
CA SER A 194 -15.72 1.75 -13.76
C SER A 194 -15.20 0.80 -12.68
N LEU A 195 -15.41 -0.50 -12.87
CA LEU A 195 -15.04 -1.53 -11.89
C LEU A 195 -13.53 -1.50 -11.64
N ALA A 196 -12.76 -1.22 -12.70
CA ALA A 196 -11.31 -1.13 -12.61
C ALA A 196 -10.86 -0.06 -11.62
N ASP A 197 -11.58 1.05 -11.58
CA ASP A 197 -11.26 2.14 -10.66
C ASP A 197 -11.67 1.79 -9.25
N GLU A 198 -12.74 1.02 -9.14
CA GLU A 198 -13.28 0.62 -7.85
C GLU A 198 -12.34 -0.37 -7.18
N VAL A 199 -11.93 -1.38 -7.93
CA VAL A 199 -11.05 -2.40 -7.41
C VAL A 199 -9.66 -1.84 -7.08
N ASP A 200 -9.15 -0.95 -7.95
CA ASP A 200 -7.83 -0.32 -7.76
C ASP A 200 -7.80 0.46 -6.45
N ARG A 201 -8.92 1.08 -6.16
CA ARG A 201 -9.09 1.86 -4.96
C ARG A 201 -9.06 0.95 -3.72
N ARG A 202 -9.78 -0.16 -3.80
CA ARG A 202 -9.87 -1.12 -2.70
C ARG A 202 -8.55 -1.82 -2.45
N VAL A 203 -7.95 -2.31 -3.52
CA VAL A 203 -6.69 -3.03 -3.41
C VAL A 203 -5.59 -2.09 -2.92
N GLN A 204 -5.44 -0.95 -3.61
CA GLN A 204 -4.49 0.10 -3.26
C GLN A 204 -3.05 -0.44 -3.13
N VAL A 22 24.71 9.16 5.78
CA VAL A 22 23.83 9.93 6.66
C VAL A 22 23.72 9.28 8.04
N ALA A 23 24.81 9.36 8.81
CA ALA A 23 24.97 8.68 10.11
C ALA A 23 23.79 8.81 11.07
N ASP A 24 23.31 10.04 11.27
CA ASP A 24 22.22 10.27 12.21
C ASP A 24 20.85 9.95 11.64
N ASP A 25 20.64 10.23 10.36
CA ASP A 25 19.34 9.99 9.72
C ASP A 25 19.14 8.49 9.54
N GLU A 26 20.23 7.81 9.22
CA GLU A 26 20.24 6.39 9.06
C GLU A 26 19.95 5.71 10.40
N CYS A 27 20.50 6.26 11.48
CA CYS A 27 20.27 5.78 12.82
C CYS A 27 18.76 5.85 13.11
N ALA A 28 18.14 6.97 12.74
CA ALA A 28 16.71 7.15 12.93
C ALA A 28 15.92 6.15 12.09
N GLN A 29 16.32 5.97 10.84
CA GLN A 29 15.67 5.01 9.95
C GLN A 29 15.79 3.59 10.46
N PHE A 30 16.93 3.25 11.04
CA PHE A 30 17.14 1.93 11.61
C PHE A 30 16.22 1.72 12.81
N LEU A 31 16.08 2.73 13.61
CA LEU A 31 15.24 2.63 14.76
C LEU A 31 13.76 2.66 14.36
N ARG A 32 13.45 3.40 13.30
CA ARG A 32 12.09 3.44 12.72
C ARG A 32 11.66 2.04 12.26
N GLN A 33 12.53 1.40 11.48
CA GLN A 33 12.22 0.08 10.92
C GLN A 33 12.12 -0.98 12.01
N SER A 34 12.77 -0.73 13.13
CA SER A 34 12.72 -1.64 14.24
C SER A 34 11.44 -1.40 15.07
N LEU A 35 11.20 -0.13 15.42
CA LEU A 35 10.05 0.27 16.24
C LEU A 35 8.74 -0.06 15.53
N ALA A 36 8.62 0.39 14.28
CA ALA A 36 7.38 0.24 13.54
C ALA A 36 7.11 -1.21 13.18
N ALA A 37 8.14 -2.02 13.12
CA ALA A 37 7.97 -3.43 12.79
C ALA A 37 7.22 -4.14 13.91
N MET A 38 7.60 -3.81 15.13
CA MET A 38 6.99 -4.43 16.30
C MET A 38 5.58 -3.92 16.56
N LEU A 39 5.34 -2.70 16.14
CA LEU A 39 4.01 -2.11 16.28
C LEU A 39 3.16 -2.30 15.03
N TYR A 40 3.71 -3.05 14.06
CA TYR A 40 3.04 -3.38 12.78
C TYR A 40 2.57 -2.16 12.03
N CYS A 41 3.41 -1.15 12.07
CA CYS A 41 3.15 0.11 11.43
C CYS A 41 4.09 0.22 10.25
N GLU A 42 3.72 1.01 9.28
CA GLU A 42 4.52 1.20 8.07
C GLU A 42 5.76 2.03 8.42
N PRO A 43 6.98 1.48 8.23
CA PRO A 43 8.21 2.16 8.60
C PRO A 43 8.59 3.31 7.69
N GLY A 44 8.21 3.24 6.44
CA GLY A 44 8.48 4.32 5.53
C GLY A 44 7.41 5.38 5.64
N GLN A 45 6.19 4.95 5.77
CA GLN A 45 5.05 5.84 5.87
C GLN A 45 4.77 6.22 7.33
N ILE A 46 5.65 7.02 7.87
CA ILE A 46 5.53 7.51 9.23
C ILE A 46 6.20 8.89 9.31
N ARG A 47 5.72 9.75 10.17
CA ARG A 47 6.24 11.09 10.31
C ARG A 47 7.49 11.10 11.17
N ASP A 48 8.57 11.67 10.63
CA ASP A 48 9.87 11.76 11.31
C ASP A 48 9.81 12.63 12.56
N GLY A 49 8.85 13.52 12.60
CA GLY A 49 8.71 14.44 13.71
C GLY A 49 7.71 13.99 14.76
N SER A 50 7.19 12.77 14.64
CA SER A 50 6.22 12.27 15.60
C SER A 50 6.83 12.10 17.00
N ARG A 51 5.97 12.19 18.00
CA ARG A 51 6.38 12.20 19.40
C ARG A 51 6.38 10.79 19.95
N PHE A 52 7.19 10.48 20.96
CA PHE A 52 7.27 9.10 21.48
C PHE A 52 5.92 8.58 21.97
N LEU A 53 5.26 9.37 22.80
CA LEU A 53 3.94 9.00 23.34
C LEU A 53 2.85 9.03 22.27
N GLU A 54 3.21 9.55 21.11
CA GLU A 54 2.31 9.60 19.98
C GLU A 54 2.51 8.36 19.12
N LEU A 55 3.76 7.93 19.01
CA LEU A 55 4.14 6.73 18.25
C LEU A 55 3.50 5.49 18.82
N GLY A 56 3.34 5.48 20.13
CA GLY A 56 2.81 4.33 20.79
C GLY A 56 3.80 3.79 21.77
N LEU A 57 4.84 4.53 22.00
CA LEU A 57 5.84 4.17 22.95
C LEU A 57 5.48 4.78 24.29
N ASP A 58 5.64 3.99 25.32
CA ASP A 58 5.32 4.37 26.70
C ASP A 58 6.46 3.99 27.59
N SER A 59 6.47 4.50 28.82
CA SER A 59 7.52 4.26 29.82
C SER A 59 7.99 2.78 29.86
N VAL A 60 7.07 1.85 30.05
CA VAL A 60 7.41 0.43 30.13
C VAL A 60 7.95 -0.09 28.79
N ILE A 61 7.32 0.33 27.71
CA ILE A 61 7.70 -0.09 26.37
C ILE A 61 9.10 0.44 26.02
N ALA A 62 9.38 1.65 26.49
CA ALA A 62 10.65 2.33 26.28
C ALA A 62 11.79 1.50 26.82
N ALA A 63 11.59 0.97 28.02
CA ALA A 63 12.57 0.15 28.73
C ALA A 63 12.94 -1.08 27.92
N GLN A 64 11.95 -1.62 27.24
CA GLN A 64 12.13 -2.78 26.42
C GLN A 64 12.85 -2.44 25.12
N TRP A 65 12.47 -1.34 24.55
CA TRP A 65 13.09 -0.84 23.36
C TRP A 65 14.56 -0.47 23.60
N ILE A 66 14.82 0.16 24.75
CA ILE A 66 16.18 0.49 25.19
C ILE A 66 17.05 -0.78 25.21
N ARG A 67 16.47 -1.87 25.69
CA ARG A 67 17.14 -3.17 25.77
C ARG A 67 17.59 -3.64 24.36
N GLU A 68 16.84 -3.25 23.34
CA GLU A 68 17.16 -3.62 21.96
C GLU A 68 18.25 -2.73 21.39
N ILE A 69 18.11 -1.41 21.58
CA ILE A 69 19.08 -0.46 21.03
C ILE A 69 20.44 -0.65 21.71
N ASN A 70 20.42 -1.05 23.00
CA ASN A 70 21.64 -1.35 23.76
C ASN A 70 22.38 -2.48 23.11
N LYS A 71 21.62 -3.44 22.64
CA LYS A 71 22.15 -4.66 22.09
C LYS A 71 22.75 -4.42 20.71
N HIS A 72 22.03 -3.75 19.83
CA HIS A 72 22.53 -3.57 18.47
C HIS A 72 23.66 -2.55 18.41
N TYR A 73 23.60 -1.52 19.24
CA TYR A 73 24.62 -0.48 19.21
C TYR A 73 25.82 -0.78 20.12
N GLN A 74 25.67 -1.88 20.89
CA GLN A 74 26.69 -2.39 21.80
C GLN A 74 27.08 -1.32 22.85
N LEU A 75 26.09 -0.64 23.35
CA LEU A 75 26.28 0.40 24.32
C LEU A 75 25.18 0.32 25.31
N LYS A 76 25.49 0.44 26.56
CA LYS A 76 24.51 0.43 27.61
C LYS A 76 23.92 1.83 27.78
N ILE A 77 23.41 2.34 26.67
CA ILE A 77 22.80 3.65 26.57
C ILE A 77 21.57 3.75 27.53
N PRO A 78 21.45 4.85 28.27
CA PRO A 78 20.32 5.06 29.18
C PRO A 78 19.07 5.52 28.44
N ALA A 79 17.94 5.37 29.11
CA ALA A 79 16.63 5.69 28.57
C ALA A 79 16.34 7.19 28.64
N ASP A 80 17.32 7.94 29.13
CA ASP A 80 17.19 9.40 29.31
C ASP A 80 16.97 10.13 28.00
N GLY A 81 17.30 9.47 26.90
CA GLY A 81 17.04 10.05 25.61
C GLY A 81 15.55 10.25 25.36
N ILE A 82 14.74 9.28 25.79
CA ILE A 82 13.28 9.35 25.61
C ILE A 82 12.68 10.22 26.74
N TYR A 83 13.51 10.47 27.70
CA TYR A 83 13.19 11.30 28.82
C TYR A 83 13.28 12.78 28.42
N THR A 84 14.34 13.14 27.73
CA THR A 84 14.51 14.52 27.34
C THR A 84 13.95 14.82 25.94
N TYR A 85 13.99 13.86 25.03
CA TYR A 85 13.49 14.09 23.70
C TYR A 85 12.08 13.60 23.55
N PRO A 86 11.18 14.47 23.11
CA PRO A 86 9.82 14.08 22.81
C PRO A 86 9.68 13.57 21.37
N VAL A 87 10.64 13.91 20.55
CA VAL A 87 10.65 13.55 19.13
C VAL A 87 11.71 12.48 18.94
N PHE A 88 11.36 11.41 18.21
CA PHE A 88 12.23 10.24 18.10
C PHE A 88 13.44 10.50 17.23
N LYS A 89 13.26 11.31 16.18
CA LYS A 89 14.36 11.66 15.31
C LYS A 89 15.35 12.60 16.02
N ALA A 90 14.89 13.27 17.06
CA ALA A 90 15.77 14.12 17.85
C ALA A 90 16.61 13.27 18.83
N PHE A 91 16.06 12.11 19.18
CA PHE A 91 16.72 11.17 20.09
C PHE A 91 17.97 10.55 19.46
N THR A 92 17.97 10.42 18.16
CA THR A 92 19.12 9.91 17.46
C THR A 92 20.33 10.83 17.59
N GLN A 93 20.09 12.11 17.89
CA GLN A 93 21.18 13.05 18.12
C GLN A 93 21.95 12.66 19.40
N TRP A 94 21.25 12.01 20.31
CA TRP A 94 21.83 11.53 21.55
C TRP A 94 22.70 10.30 21.26
N VAL A 95 22.18 9.40 20.46
CA VAL A 95 22.89 8.24 20.08
C VAL A 95 24.08 8.63 19.20
N GLY A 96 23.85 9.56 18.29
CA GLY A 96 24.85 10.02 17.38
C GLY A 96 25.99 10.75 18.05
N THR A 97 25.72 11.39 19.19
CA THR A 97 26.76 12.07 19.90
C THR A 97 27.59 11.11 20.76
N GLN A 98 26.93 10.13 21.38
CA GLN A 98 27.66 9.16 22.19
C GLN A 98 28.42 8.20 21.29
N LEU A 99 27.74 7.70 20.30
CA LEU A 99 28.31 6.78 19.35
C LEU A 99 28.46 7.46 18.01
N GLN A 100 29.54 8.18 17.85
CA GLN A 100 29.81 8.87 16.63
C GLN A 100 30.89 8.11 15.86
N PRO A 101 30.49 7.33 14.85
CA PRO A 101 31.43 6.50 14.10
C PRO A 101 32.24 7.31 13.10
N THR A 102 33.44 6.87 12.84
CA THR A 102 34.30 7.50 11.89
C THR A 102 33.95 7.04 10.47
N GLN A 103 32.74 7.36 10.07
CA GLN A 103 32.21 6.97 8.79
C GLN A 103 31.91 8.23 7.97
N ALA A 104 32.94 8.99 7.67
CA ALA A 104 32.78 10.18 6.86
C ALA A 104 33.03 9.82 5.41
N THR A 105 34.24 9.37 5.12
CA THR A 105 34.63 8.96 3.79
C THR A 105 34.29 7.50 3.58
N ALA A 106 33.10 7.15 4.01
CA ALA A 106 32.59 5.81 3.94
C ALA A 106 31.08 5.89 3.89
N ALA A 107 30.61 6.91 3.19
CA ALA A 107 29.20 7.16 3.05
C ALA A 107 28.55 6.11 2.16
N PRO A 108 27.56 5.40 2.68
CA PRO A 108 26.85 4.41 1.90
C PRO A 108 25.69 5.02 1.12
N VAL A 109 25.45 4.53 -0.07
CA VAL A 109 24.36 5.02 -0.88
C VAL A 109 23.15 4.14 -0.65
N GLN A 110 22.31 4.60 0.23
CA GLN A 110 21.14 3.89 0.64
C GLN A 110 19.92 4.61 0.12
N ARG A 111 19.91 4.73 -1.17
CA ARG A 111 18.88 5.41 -1.88
C ARG A 111 18.17 4.42 -2.76
N GLU A 112 17.00 4.00 -2.33
CA GLU A 112 16.19 3.10 -3.12
C GLU A 112 15.87 3.75 -4.44
N PRO A 113 16.20 3.11 -5.57
CA PRO A 113 15.92 3.64 -6.91
C PRO A 113 14.47 3.38 -7.31
N VAL A 114 13.60 3.56 -6.36
CA VAL A 114 12.21 3.34 -6.55
C VAL A 114 11.60 4.51 -7.32
N ALA A 115 11.52 4.34 -8.62
CA ALA A 115 11.01 5.38 -9.52
C ALA A 115 9.52 5.53 -9.32
N THR A 116 8.91 4.49 -8.83
CA THR A 116 7.49 4.45 -8.57
C THR A 116 7.09 5.42 -7.41
N ALA A 117 8.08 5.87 -6.62
CA ALA A 117 7.81 6.76 -5.51
C ALA A 117 7.66 8.24 -5.97
N PRO A 118 8.69 8.87 -6.63
CA PRO A 118 8.55 10.24 -7.15
C PRO A 118 7.66 10.28 -8.39
N GLN A 119 7.53 9.16 -9.04
CA GLN A 119 6.70 9.06 -10.22
C GLN A 119 5.58 8.03 -9.97
N PRO A 120 4.45 8.44 -9.38
CA PRO A 120 3.32 7.56 -9.16
C PRO A 120 2.43 7.48 -10.42
N GLY A 121 3.07 7.62 -11.56
CA GLY A 121 2.41 7.57 -12.83
C GLY A 121 3.22 6.75 -13.80
N ALA A 122 3.74 5.66 -13.32
CA ALA A 122 4.52 4.74 -14.13
C ALA A 122 3.58 3.82 -14.89
N GLN A 123 2.44 3.59 -14.29
CA GLN A 123 1.39 2.78 -14.87
C GLN A 123 0.63 3.63 -15.88
N ALA A 124 0.39 3.08 -17.04
CA ALA A 124 -0.26 3.81 -18.11
C ALA A 124 -1.77 3.71 -18.04
N SER A 125 -2.23 2.55 -17.52
CA SER A 125 -3.64 2.25 -17.29
C SER A 125 -4.49 2.29 -18.58
N ALA A 126 -3.87 2.05 -19.71
CA ALA A 126 -4.56 2.11 -20.98
C ALA A 126 -5.45 0.90 -21.22
N GLN A 127 -5.11 -0.20 -20.57
CA GLN A 127 -5.88 -1.44 -20.72
C GLN A 127 -7.29 -1.29 -20.16
N ARG A 128 -7.42 -0.55 -19.04
CA ARG A 128 -8.71 -0.38 -18.31
C ARG A 128 -9.82 0.10 -19.26
N GLU A 129 -9.57 1.23 -19.91
CA GLU A 129 -10.51 1.85 -20.82
C GLU A 129 -10.81 0.91 -21.99
N SER A 130 -9.75 0.32 -22.53
CA SER A 130 -9.85 -0.58 -23.66
C SER A 130 -10.73 -1.80 -23.33
N ILE A 131 -10.54 -2.36 -22.13
CA ILE A 131 -11.34 -3.50 -21.63
C ILE A 131 -12.82 -3.15 -21.65
N GLN A 132 -13.14 -2.02 -21.06
CA GLN A 132 -14.49 -1.57 -20.97
C GLN A 132 -15.05 -1.30 -22.36
N ASP A 133 -14.22 -0.72 -23.21
CA ASP A 133 -14.59 -0.41 -24.60
C ASP A 133 -14.94 -1.69 -25.39
N TYR A 134 -14.26 -2.78 -25.09
CA TYR A 134 -14.59 -4.06 -25.71
C TYR A 134 -15.93 -4.55 -25.21
N LEU A 135 -16.06 -4.60 -23.90
CA LEU A 135 -17.26 -5.09 -23.24
C LEU A 135 -18.48 -4.20 -23.56
N LYS A 136 -18.18 -2.94 -23.84
CA LYS A 136 -19.14 -1.93 -24.25
C LYS A 136 -19.78 -2.33 -25.57
N GLN A 137 -18.96 -2.77 -26.50
CA GLN A 137 -19.45 -3.23 -27.78
C GLN A 137 -20.18 -4.54 -27.62
N SER A 138 -19.73 -5.36 -26.68
CA SER A 138 -20.35 -6.63 -26.43
C SER A 138 -21.80 -6.44 -25.93
N LEU A 139 -22.00 -5.47 -25.03
CA LEU A 139 -23.35 -5.18 -24.55
C LEU A 139 -24.16 -4.49 -25.65
N GLY A 140 -23.51 -3.58 -26.36
CA GLY A 140 -24.15 -2.86 -27.44
C GLY A 140 -24.70 -3.79 -28.50
N GLU A 141 -23.87 -4.70 -28.94
CA GLU A 141 -24.24 -5.67 -29.97
C GLU A 141 -25.29 -6.65 -29.43
N LEU A 142 -25.30 -6.83 -28.14
CA LEU A 142 -26.24 -7.73 -27.49
C LEU A 142 -27.64 -7.13 -27.55
N LEU A 143 -27.72 -5.85 -27.20
CA LEU A 143 -28.97 -5.15 -27.21
C LEU A 143 -29.38 -4.83 -28.65
N PHE A 144 -28.81 -3.77 -29.19
CA PHE A 144 -29.11 -3.28 -30.55
C PHE A 144 -27.94 -2.43 -31.02
N LEU A 145 -27.48 -1.55 -30.14
CA LEU A 145 -26.40 -0.65 -30.36
C LEU A 145 -26.08 -0.09 -28.99
N ASP A 146 -24.88 0.41 -28.78
CA ASP A 146 -24.52 0.96 -27.49
C ASP A 146 -24.79 2.46 -27.44
N PRO A 147 -25.69 2.91 -26.55
CA PRO A 147 -26.00 4.33 -26.39
C PRO A 147 -24.98 5.04 -25.51
N GLY A 148 -24.10 4.26 -24.90
CA GLY A 148 -23.08 4.83 -24.01
C GLY A 148 -23.58 4.92 -22.59
N GLN A 149 -24.86 4.69 -22.42
CA GLN A 149 -25.54 4.81 -21.13
C GLN A 149 -25.50 3.50 -20.39
N LEU A 150 -24.40 2.85 -20.53
CA LEU A 150 -24.16 1.57 -19.90
C LEU A 150 -23.04 1.67 -18.87
N ARG A 151 -22.42 2.83 -18.80
CA ARG A 151 -21.29 3.01 -17.93
C ARG A 151 -21.75 3.38 -16.55
N SER A 152 -21.36 2.55 -15.59
CA SER A 152 -21.79 2.62 -14.20
C SER A 152 -23.28 2.24 -14.02
N GLY A 153 -24.16 3.06 -14.55
CA GLY A 153 -25.59 2.86 -14.38
C GLY A 153 -26.19 1.97 -15.43
N ALA A 154 -26.07 0.69 -15.22
CA ALA A 154 -26.65 -0.31 -16.08
C ALA A 154 -27.13 -1.46 -15.22
N GLN A 155 -28.42 -1.71 -15.22
CA GLN A 155 -29.03 -2.68 -14.32
C GLN A 155 -29.61 -3.81 -15.21
N PHE A 156 -29.94 -4.97 -14.62
CA PHE A 156 -30.45 -6.16 -15.36
C PHE A 156 -31.48 -5.81 -16.43
N LEU A 157 -32.44 -4.98 -16.06
CA LEU A 157 -33.53 -4.59 -16.96
C LEU A 157 -33.04 -3.97 -18.26
N ASP A 158 -31.94 -3.27 -18.18
CA ASP A 158 -31.37 -2.63 -19.34
C ASP A 158 -30.16 -3.38 -19.88
N LEU A 159 -29.78 -4.46 -19.22
CA LEU A 159 -28.69 -5.32 -19.69
C LEU A 159 -29.25 -6.47 -20.52
N GLY A 160 -30.48 -6.82 -20.22
CA GLY A 160 -31.15 -7.87 -20.94
C GLY A 160 -32.44 -8.22 -20.26
N MET A 161 -33.53 -8.20 -21.01
CA MET A 161 -34.85 -8.49 -20.46
C MET A 161 -34.99 -9.95 -20.09
N ASP A 162 -34.29 -10.78 -20.81
CA ASP A 162 -34.28 -12.21 -20.56
C ASP A 162 -32.95 -12.58 -19.94
N SER A 163 -33.01 -13.21 -18.80
CA SER A 163 -31.85 -13.56 -18.01
C SER A 163 -30.90 -14.54 -18.76
N VAL A 164 -31.45 -15.37 -19.64
CA VAL A 164 -30.66 -16.38 -20.33
C VAL A 164 -29.84 -15.74 -21.43
N THR A 165 -30.31 -14.63 -21.94
CA THR A 165 -29.57 -13.92 -22.95
C THR A 165 -28.30 -13.29 -22.34
N GLY A 166 -28.37 -12.96 -21.04
CA GLY A 166 -27.23 -12.40 -20.39
C GLY A 166 -26.28 -13.50 -19.94
N THR A 167 -26.83 -14.72 -19.82
CA THR A 167 -26.02 -15.90 -19.50
C THR A 167 -25.11 -16.19 -20.71
N GLN A 168 -25.71 -16.12 -21.89
CA GLN A 168 -25.04 -16.28 -23.18
C GLN A 168 -23.95 -15.20 -23.33
N TRP A 169 -24.33 -13.98 -23.01
CA TRP A 169 -23.46 -12.83 -23.01
C TRP A 169 -22.27 -13.04 -22.06
N MET A 170 -22.56 -13.50 -20.85
CA MET A 170 -21.55 -13.73 -19.81
C MET A 170 -20.41 -14.63 -20.31
N ARG A 171 -20.75 -15.82 -20.81
CA ARG A 171 -19.72 -16.75 -21.27
C ARG A 171 -18.94 -16.18 -22.47
N GLY A 172 -19.61 -15.36 -23.27
CA GLY A 172 -18.96 -14.74 -24.40
C GLY A 172 -17.89 -13.76 -23.96
N VAL A 173 -18.28 -12.88 -23.04
CA VAL A 173 -17.39 -11.86 -22.48
C VAL A 173 -16.22 -12.53 -21.75
N SER A 174 -16.54 -13.59 -21.04
CA SER A 174 -15.58 -14.39 -20.32
C SER A 174 -14.45 -14.87 -21.25
N ARG A 175 -14.83 -15.59 -22.29
CA ARG A 175 -13.85 -16.15 -23.19
C ARG A 175 -13.17 -15.06 -24.05
N HIS A 176 -13.87 -13.95 -24.24
CA HIS A 176 -13.34 -12.85 -25.03
C HIS A 176 -12.05 -12.30 -24.41
N PHE A 177 -11.98 -12.29 -23.09
CA PHE A 177 -10.76 -11.83 -22.41
C PHE A 177 -9.91 -12.99 -21.96
N SER A 178 -10.32 -14.20 -22.36
CA SER A 178 -9.65 -15.45 -22.03
C SER A 178 -9.55 -15.64 -20.51
N ILE A 179 -10.64 -15.35 -19.85
CA ILE A 179 -10.74 -15.50 -18.43
C ILE A 179 -11.89 -16.43 -18.17
N GLN A 180 -11.81 -17.22 -17.14
CA GLN A 180 -12.82 -18.21 -16.92
C GLN A 180 -13.87 -17.72 -15.92
N LEU A 181 -14.94 -17.20 -16.44
CA LEU A 181 -16.04 -16.73 -15.62
C LEU A 181 -17.20 -17.66 -15.81
N ALA A 182 -17.87 -17.94 -14.73
CA ALA A 182 -19.03 -18.80 -14.72
C ALA A 182 -20.21 -18.06 -15.32
N ALA A 183 -20.98 -18.76 -16.13
CA ALA A 183 -22.13 -18.21 -16.82
C ALA A 183 -23.20 -17.74 -15.83
N ASP A 184 -23.20 -18.32 -14.65
CA ASP A 184 -24.15 -17.98 -13.60
C ASP A 184 -23.64 -16.82 -12.74
N ALA A 185 -22.47 -16.27 -13.08
CA ALA A 185 -21.92 -15.16 -12.30
C ALA A 185 -22.73 -13.88 -12.47
N ILE A 186 -23.60 -13.85 -13.49
CA ILE A 186 -24.49 -12.69 -13.76
C ILE A 186 -25.43 -12.43 -12.59
N TYR A 187 -25.60 -13.41 -11.74
CA TYR A 187 -26.58 -13.32 -10.65
C TYR A 187 -25.99 -12.57 -9.47
N THR A 188 -24.71 -12.29 -9.55
CA THR A 188 -23.98 -11.62 -8.51
C THR A 188 -23.84 -10.11 -8.82
N TRP A 189 -23.99 -9.74 -10.08
CA TRP A 189 -23.74 -8.37 -10.47
C TRP A 189 -25.01 -7.70 -10.99
N PRO A 190 -25.69 -6.90 -10.13
CA PRO A 190 -26.92 -6.20 -10.52
C PRO A 190 -26.66 -5.05 -11.47
N THR A 191 -25.50 -4.47 -11.35
CA THR A 191 -25.10 -3.38 -12.18
C THR A 191 -23.75 -3.68 -12.82
N LEU A 192 -23.63 -3.26 -14.07
CA LEU A 192 -22.49 -3.52 -14.95
C LEU A 192 -21.16 -3.08 -14.36
N LYS A 193 -21.22 -2.09 -13.48
CA LYS A 193 -20.04 -1.56 -12.80
C LYS A 193 -19.33 -2.66 -11.99
N SER A 194 -20.10 -3.62 -11.53
CA SER A 194 -19.59 -4.69 -10.70
C SER A 194 -18.84 -5.71 -11.57
N LEU A 195 -19.27 -5.85 -12.82
CA LEU A 195 -18.64 -6.74 -13.77
C LEU A 195 -17.35 -6.11 -14.26
N ALA A 196 -17.44 -4.85 -14.71
CA ALA A 196 -16.29 -4.07 -15.15
C ALA A 196 -15.15 -4.11 -14.12
N ASP A 197 -15.48 -3.89 -12.84
CA ASP A 197 -14.48 -3.89 -11.75
C ASP A 197 -13.88 -5.29 -11.57
N GLU A 198 -14.68 -6.31 -11.84
CA GLU A 198 -14.25 -7.69 -11.68
C GLU A 198 -13.22 -8.04 -12.73
N VAL A 199 -13.45 -7.55 -13.96
CA VAL A 199 -12.53 -7.79 -15.07
C VAL A 199 -11.17 -7.20 -14.72
N ASP A 200 -11.20 -6.00 -14.14
CA ASP A 200 -9.98 -5.32 -13.65
C ASP A 200 -9.19 -6.21 -12.71
N ARG A 201 -9.90 -6.94 -11.87
CA ARG A 201 -9.29 -7.83 -10.90
C ARG A 201 -8.73 -9.04 -11.61
N ARG A 202 -9.54 -9.61 -12.49
CA ARG A 202 -9.19 -10.82 -13.24
C ARG A 202 -7.98 -10.59 -14.16
N VAL A 203 -7.92 -9.43 -14.80
CA VAL A 203 -6.80 -9.11 -15.66
C VAL A 203 -5.55 -8.79 -14.81
N GLN A 204 -5.78 -8.19 -13.64
CA GLN A 204 -4.74 -7.80 -12.70
C GLN A 204 -3.85 -6.71 -13.28
#